data_4NZF
#
_entry.id   4NZF
#
_cell.length_a   107.600
_cell.length_b   201.505
_cell.length_c   286.911
_cell.angle_alpha   90.00
_cell.angle_beta   90.00
_cell.angle_gamma   90.00
#
_symmetry.space_group_name_H-M   'P 21 21 21'
#
loop_
_entity.id
_entity.type
_entity.pdbx_description
1 polymer 'Abp, a GH27 beta-L-arabinopyranosidase'
2 non-polymer GLYCEROL
3 non-polymer beta-L-arabinopyranose
4 non-polymer 'SULFATE ION'
5 non-polymer 'CITRIC ACID'
6 water water
#
_entity_poly.entity_id   1
_entity_poly.type   'polypeptide(L)'
_entity_poly.pdbx_seq_one_letter_code
;MSSYSNKDVQRGDASMHHYQWAKTPPMGWNSWDCYGASVTEDEVKGNAEYMAKYLKPFGWEYVVVDIQWYEPGANSSIYR
PFVPLEMDEYSRLMPAVNRFPSAKGGKGFKPLADYIHNLGLKFGIHIMRGIPRQAVHQNTPILGTNVGARDIADTNSICP
WNTDMYGVDHRKEGAQAYYDSLFQLYAQWGVDFVKVADIVASKLYGTHTEEIKMIRKAIDRCGRPIVLSLSPGPAPLDHA
TLFVENANMWRMTDDFWDRWELLYDMFEQCYKWCKLVGLGHWPDADMLPLGHIGIRSVDGGGTDRMTRFTKDEQRTMMTL
WIIFRSPLMFGGELRDNDEWTLSLLTNEEVLHVHQNGYGARQVYRENDHVVWTSQDAEGNQFVAMFNISEKRSVVSVSLK
DLGCMEPMKARDLWAKEDLGLVKHQLAFELGPHQSILVKLSPAVGKGL
;
_entity_poly.pdbx_strand_id   A,B,C,D,E,F,G,H
#
# COMPACT_ATOMS: atom_id res chain seq x y z
N ALA A 14 19.55 8.27 40.64
CA ALA A 14 18.91 6.94 40.70
C ALA A 14 17.46 6.96 40.12
N SER A 15 17.33 7.34 38.84
CA SER A 15 16.07 7.21 38.03
C SER A 15 15.99 5.96 37.10
N MET A 16 17.14 5.57 36.55
CA MET A 16 17.27 4.43 35.67
C MET A 16 17.82 3.25 36.45
N HIS A 17 17.11 2.13 36.51
CA HIS A 17 17.61 0.96 37.25
C HIS A 17 19.09 0.55 36.84
N HIS A 18 19.38 0.61 35.54
CA HIS A 18 20.64 0.17 35.04
C HIS A 18 21.84 1.00 35.55
N TYR A 19 21.56 2.16 36.13
CA TYR A 19 22.62 2.90 36.82
C TYR A 19 23.33 2.17 37.87
N GLN A 20 22.60 1.31 38.57
CA GLN A 20 23.21 0.52 39.65
C GLN A 20 24.11 -0.56 39.12
N TRP A 21 24.13 -0.78 37.80
CA TRP A 21 25.09 -1.79 37.25
C TRP A 21 26.44 -1.17 37.12
N ALA A 22 26.56 0.17 37.27
CA ALA A 22 27.90 0.82 37.17
C ALA A 22 28.05 2.00 38.16
N LYS A 23 28.01 1.63 39.40
CA LYS A 23 27.96 2.63 40.47
C LYS A 23 29.26 3.50 40.53
N THR A 24 30.38 2.86 40.15
CA THR A 24 31.64 3.50 39.92
C THR A 24 32.05 3.20 38.44
N PRO A 25 33.05 3.95 37.93
CA PRO A 25 33.28 3.88 36.50
C PRO A 25 33.88 2.54 36.23
N PRO A 26 33.31 1.80 35.28
CA PRO A 26 33.87 0.52 34.87
C PRO A 26 35.35 0.48 34.63
N MET A 27 35.97 -0.58 35.16
CA MET A 27 37.37 -0.76 35.05
C MET A 27 37.66 -2.14 34.51
N GLY A 28 38.66 -2.22 33.64
CA GLY A 28 38.94 -3.50 32.98
C GLY A 28 40.05 -3.40 31.92
N TRP A 29 39.98 -4.35 30.98
CA TRP A 29 40.97 -4.50 29.85
C TRP A 29 40.18 -4.74 28.58
N ASN A 30 40.66 -4.24 27.46
CA ASN A 30 40.05 -4.35 26.18
C ASN A 30 41.13 -4.67 25.13
N SER A 31 40.80 -5.63 24.26
CA SER A 31 41.79 -6.19 23.34
C SER A 31 42.19 -5.29 22.12
N TRP A 32 41.53 -4.15 21.92
CA TRP A 32 41.71 -3.43 20.70
C TRP A 32 43.10 -2.87 20.49
N ASP A 33 43.62 -2.23 21.52
CA ASP A 33 44.82 -1.49 21.32
C ASP A 33 45.96 -2.45 21.12
N CYS A 34 45.85 -3.64 21.67
CA CYS A 34 46.95 -4.56 21.57
C CYS A 34 46.76 -5.53 20.36
N TYR A 35 45.55 -6.00 20.10
CA TYR A 35 45.30 -7.03 19.12
C TYR A 35 44.34 -6.64 18.00
N GLY A 36 43.99 -5.38 17.90
CA GLY A 36 43.04 -4.98 16.85
C GLY A 36 41.75 -5.78 16.88
N ALA A 37 41.30 -6.20 15.68
CA ALA A 37 40.19 -7.06 15.50
C ALA A 37 40.41 -8.48 15.74
N SER A 38 41.60 -8.83 16.28
CA SER A 38 42.07 -10.22 16.05
C SER A 38 42.44 -11.06 17.24
N VAL A 39 42.02 -10.67 18.43
CA VAL A 39 42.41 -11.41 19.60
C VAL A 39 41.97 -12.87 19.56
N THR A 40 42.76 -13.73 20.19
CA THR A 40 42.41 -15.13 20.34
C THR A 40 41.99 -15.45 21.80
N GLU A 41 41.30 -16.56 21.96
CA GLU A 41 40.92 -17.08 23.28
C GLU A 41 42.10 -17.10 24.21
N ASP A 42 43.21 -17.66 23.77
CA ASP A 42 44.32 -17.76 24.72
C ASP A 42 44.85 -16.43 25.17
N GLU A 43 44.82 -15.43 24.30
CA GLU A 43 45.19 -14.12 24.66
C GLU A 43 44.23 -13.51 25.68
N VAL A 44 42.92 -13.68 25.51
CA VAL A 44 41.96 -13.20 26.43
C VAL A 44 42.19 -13.83 27.79
N LYS A 45 42.40 -15.14 27.78
CA LYS A 45 42.57 -15.84 29.01
C LYS A 45 43.83 -15.36 29.68
N GLY A 46 44.95 -15.25 28.96
CA GLY A 46 46.16 -14.75 29.61
C GLY A 46 45.98 -13.39 30.31
N ASN A 47 45.25 -12.50 29.66
CA ASN A 47 45.00 -11.21 30.22
C ASN A 47 44.10 -11.28 31.44
N ALA A 48 43.12 -12.16 31.39
CA ALA A 48 42.22 -12.30 32.51
C ALA A 48 42.94 -12.92 33.68
N GLU A 49 43.81 -13.88 33.45
CA GLU A 49 44.59 -14.44 34.54
CA GLU A 49 44.55 -14.43 34.59
C GLU A 49 45.45 -13.39 35.26
N TYR A 50 46.08 -12.54 34.47
CA TYR A 50 46.96 -11.48 35.00
C TYR A 50 46.04 -10.55 35.78
N MET A 51 44.85 -10.22 35.26
CA MET A 51 44.00 -9.30 35.94
C MET A 51 43.56 -9.87 37.30
N ALA A 52 43.18 -11.15 37.30
CA ALA A 52 42.71 -11.81 38.48
C ALA A 52 43.82 -11.81 39.46
N LYS A 53 45.06 -11.98 39.04
CA LYS A 53 46.11 -12.12 40.00
C LYS A 53 46.57 -10.75 40.54
N TYR A 54 46.71 -9.73 39.71
CA TYR A 54 47.42 -8.54 40.11
C TYR A 54 46.52 -7.37 40.28
N LEU A 55 45.34 -7.38 39.68
CA LEU A 55 44.57 -6.18 39.55
C LEU A 55 43.18 -6.24 40.17
N LYS A 56 42.62 -7.43 40.24
CA LYS A 56 41.22 -7.55 40.61
C LYS A 56 40.80 -6.86 41.96
N PRO A 57 41.57 -7.04 43.02
CA PRO A 57 41.30 -6.38 44.29
C PRO A 57 41.39 -4.87 44.25
N PHE A 58 41.94 -4.31 43.17
CA PHE A 58 42.03 -2.83 43.02
C PHE A 58 40.86 -2.32 42.24
N GLY A 59 39.98 -3.21 41.79
CA GLY A 59 38.75 -2.80 41.11
C GLY A 59 38.65 -3.24 39.66
N TRP A 60 39.71 -3.80 39.10
CA TRP A 60 39.78 -4.01 37.65
C TRP A 60 39.04 -5.28 37.39
N GLU A 61 37.97 -5.26 36.63
CA GLU A 61 37.23 -6.53 36.54
C GLU A 61 36.73 -6.96 35.19
N TYR A 62 36.55 -6.04 34.24
CA TYR A 62 35.98 -6.40 33.01
C TYR A 62 37.12 -6.89 32.05
N VAL A 63 36.88 -7.98 31.39
CA VAL A 63 37.77 -8.51 30.32
C VAL A 63 36.99 -8.42 29.05
N VAL A 64 37.28 -7.48 28.21
CA VAL A 64 36.45 -7.19 27.06
C VAL A 64 37.13 -7.57 25.73
N VAL A 65 36.50 -8.50 25.03
CA VAL A 65 36.82 -8.85 23.68
C VAL A 65 36.31 -7.82 22.70
N ASP A 66 37.21 -7.18 21.97
CA ASP A 66 36.78 -6.08 21.10
C ASP A 66 36.34 -6.59 19.70
N ILE A 67 36.32 -5.70 18.73
CA ILE A 67 35.55 -5.88 17.54
C ILE A 67 35.96 -7.15 16.71
N GLN A 68 34.96 -7.70 16.04
CA GLN A 68 35.15 -8.72 15.04
C GLN A 68 35.64 -10.06 15.53
N TRP A 69 35.20 -10.44 16.72
CA TRP A 69 35.41 -11.79 17.22
C TRP A 69 34.68 -12.81 16.30
N TYR A 70 33.77 -12.34 15.45
CA TYR A 70 33.05 -13.13 14.52
C TYR A 70 33.72 -13.22 13.11
N GLU A 71 34.95 -12.72 12.91
CA GLU A 71 35.56 -12.63 11.60
C GLU A 71 36.75 -13.47 11.70
N PRO A 72 36.67 -14.75 11.21
CA PRO A 72 37.72 -15.77 11.46
C PRO A 72 39.10 -15.39 10.91
N GLY A 73 39.16 -14.52 9.90
CA GLY A 73 40.38 -14.19 9.26
C GLY A 73 40.95 -12.87 9.76
N ALA A 74 40.33 -12.21 10.76
CA ALA A 74 40.80 -10.90 11.21
C ALA A 74 42.27 -10.96 11.61
N ASN A 75 43.06 -9.97 11.22
CA ASN A 75 44.48 -10.05 11.53
C ASN A 75 45.17 -8.78 11.89
N SER A 76 44.40 -7.71 12.06
CA SER A 76 44.95 -6.39 12.32
C SER A 76 43.81 -5.48 12.82
N SER A 77 44.05 -4.21 12.87
CA SER A 77 43.05 -3.21 13.15
C SER A 77 42.39 -2.78 11.86
N ILE A 78 42.95 -3.16 10.73
CA ILE A 78 42.37 -2.91 9.38
C ILE A 78 41.48 -4.06 9.05
N TYR A 79 40.23 -3.77 8.75
CA TYR A 79 39.24 -4.78 8.58
C TYR A 79 39.43 -5.30 7.09
N ARG A 80 39.06 -6.58 6.91
CA ARG A 80 38.96 -7.26 5.63
C ARG A 80 37.52 -7.08 5.18
N PRO A 81 37.29 -6.26 4.15
CA PRO A 81 35.97 -5.85 3.79
C PRO A 81 35.22 -6.86 3.03
N PHE A 82 33.89 -6.81 3.19
CA PHE A 82 32.95 -7.69 2.50
C PHE A 82 33.26 -9.17 2.64
N VAL A 83 33.89 -9.60 3.72
CA VAL A 83 34.17 -11.00 3.87
C VAL A 83 33.06 -11.73 4.64
N PRO A 84 32.98 -13.04 4.50
CA PRO A 84 31.97 -13.79 5.28
C PRO A 84 32.24 -13.77 6.75
N LEU A 85 31.18 -13.87 7.52
CA LEU A 85 31.23 -13.73 8.96
C LEU A 85 30.51 -14.91 9.57
N GLU A 86 31.00 -15.43 10.68
CA GLU A 86 30.27 -16.45 11.41
C GLU A 86 28.96 -15.92 11.95
N MET A 87 27.90 -16.68 11.76
CA MET A 87 26.58 -16.27 12.09
C MET A 87 25.78 -17.50 12.43
N ASP A 88 24.76 -17.35 13.29
CA ASP A 88 23.95 -18.54 13.57
C ASP A 88 22.84 -18.63 12.56
N GLU A 89 21.77 -19.34 12.86
CA GLU A 89 20.65 -19.46 11.95
C GLU A 89 19.55 -18.44 12.20
N TYR A 90 19.84 -17.45 13.10
CA TYR A 90 18.92 -16.35 13.31
C TYR A 90 19.55 -15.01 13.05
N SER A 91 20.42 -14.97 12.07
CA SER A 91 21.08 -13.70 11.68
C SER A 91 22.00 -13.07 12.77
N ARG A 92 22.42 -13.87 13.72
CA ARG A 92 23.24 -13.37 14.79
C ARG A 92 24.72 -13.81 14.70
N LEU A 93 25.61 -12.84 14.80
CA LEU A 93 27.01 -13.09 14.74
C LEU A 93 27.44 -13.99 15.88
N MET A 94 28.35 -14.91 15.55
CA MET A 94 28.92 -15.82 16.49
C MET A 94 30.45 -15.77 16.49
N PRO A 95 31.09 -16.31 17.54
CA PRO A 95 32.50 -16.30 17.55
C PRO A 95 33.12 -17.28 16.61
N ALA A 96 34.23 -16.86 16.00
CA ALA A 96 35.10 -17.69 15.17
C ALA A 96 35.77 -18.73 15.96
N VAL A 97 35.40 -19.94 15.67
CA VAL A 97 35.94 -21.12 16.40
C VAL A 97 37.44 -21.29 16.24
N ASN A 98 38.03 -20.92 15.10
CA ASN A 98 39.49 -20.99 15.00
C ASN A 98 40.17 -20.10 16.03
N ARG A 99 39.64 -18.89 16.23
CA ARG A 99 40.18 -18.00 17.24
C ARG A 99 39.71 -18.29 18.63
N PHE A 100 38.50 -18.84 18.77
CA PHE A 100 37.91 -19.17 20.08
C PHE A 100 37.49 -20.64 20.15
N PRO A 101 38.46 -21.48 20.42
CA PRO A 101 38.08 -22.89 20.11
C PRO A 101 37.01 -23.45 21.06
N SER A 102 36.90 -22.91 22.27
CA SER A 102 35.84 -23.35 23.20
C SER A 102 34.42 -23.05 22.70
N ALA A 103 34.31 -22.23 21.67
CA ALA A 103 33.01 -21.98 21.09
C ALA A 103 32.51 -23.10 20.15
N LYS A 104 33.33 -24.11 19.95
CA LYS A 104 32.99 -25.23 19.04
C LYS A 104 31.61 -25.75 19.45
N GLY A 105 30.83 -26.12 18.46
CA GLY A 105 29.54 -26.76 18.68
C GLY A 105 28.52 -25.81 19.15
N GLY A 106 28.56 -24.57 18.66
CA GLY A 106 27.41 -23.68 18.96
C GLY A 106 27.36 -23.07 20.37
N LYS A 107 28.38 -23.25 21.16
CA LYS A 107 28.41 -22.72 22.53
C LYS A 107 28.75 -21.23 22.67
N GLY A 108 29.29 -20.60 21.61
CA GLY A 108 29.53 -19.18 21.60
C GLY A 108 30.50 -18.87 22.70
N PHE A 109 30.24 -17.79 23.42
CA PHE A 109 31.20 -17.37 24.45
C PHE A 109 30.91 -17.90 25.85
N LYS A 110 29.96 -18.80 25.97
CA LYS A 110 29.63 -19.24 27.32
C LYS A 110 30.76 -19.94 28.01
N PRO A 111 31.49 -20.79 27.29
CA PRO A 111 32.62 -21.38 28.05
C PRO A 111 33.68 -20.37 28.46
N LEU A 112 33.94 -19.39 27.61
CA LEU A 112 35.05 -18.42 27.94
C LEU A 112 34.53 -17.48 29.04
N ALA A 113 33.27 -17.04 28.92
CA ALA A 113 32.63 -16.26 29.99
C ALA A 113 32.64 -17.03 31.37
N ASP A 114 32.36 -18.33 31.33
CA ASP A 114 32.43 -19.12 32.57
C ASP A 114 33.83 -19.11 33.19
N TYR A 115 34.84 -19.23 32.35
CA TYR A 115 36.19 -19.28 32.84
C TYR A 115 36.55 -17.97 33.55
N ILE A 116 36.08 -16.89 32.94
CA ILE A 116 36.37 -15.55 33.41
C ILE A 116 35.57 -15.27 34.68
N HIS A 117 34.30 -15.63 34.68
CA HIS A 117 33.54 -15.57 35.93
C HIS A 117 34.17 -16.40 37.02
N ASN A 118 34.75 -17.54 36.69
CA ASN A 118 35.32 -18.33 37.75
CA ASN A 118 35.36 -18.35 37.73
C ASN A 118 36.64 -17.72 38.31
N LEU A 119 37.21 -16.72 37.64
CA LEU A 119 38.41 -16.00 38.18
C LEU A 119 37.89 -14.84 39.04
N GLY A 120 36.57 -14.67 39.17
CA GLY A 120 36.06 -13.53 39.94
C GLY A 120 35.90 -12.26 39.03
N LEU A 121 35.80 -12.45 37.72
CA LEU A 121 35.93 -11.32 36.78
C LEU A 121 34.66 -11.24 35.99
N LYS A 122 34.52 -10.23 35.16
CA LYS A 122 33.35 -10.07 34.35
C LYS A 122 33.75 -10.04 32.88
N PHE A 123 32.77 -10.26 32.00
CA PHE A 123 33.09 -10.53 30.63
C PHE A 123 32.42 -9.57 29.79
N GLY A 124 33.15 -9.02 28.79
CA GLY A 124 32.58 -7.99 27.89
C GLY A 124 32.79 -8.34 26.41
N ILE A 125 31.90 -7.88 25.52
CA ILE A 125 32.13 -8.00 24.11
C ILE A 125 31.81 -6.71 23.38
N HIS A 126 32.45 -6.53 22.23
CA HIS A 126 32.09 -5.48 21.30
C HIS A 126 31.11 -5.99 20.31
N ILE A 127 30.16 -5.17 19.93
CA ILE A 127 29.33 -5.41 18.81
C ILE A 127 29.26 -4.17 17.90
N MET A 128 28.99 -4.43 16.63
CA MET A 128 28.74 -3.40 15.68
C MET A 128 27.26 -3.16 15.65
N ARG A 129 26.85 -1.90 15.63
CA ARG A 129 25.48 -1.57 15.48
C ARG A 129 24.90 -2.27 14.24
N GLY A 130 23.65 -2.69 14.37
CA GLY A 130 22.85 -3.18 13.25
C GLY A 130 22.79 -4.70 13.12
N ILE A 131 22.60 -5.11 11.85
CA ILE A 131 22.42 -6.51 11.44
C ILE A 131 23.33 -6.84 10.26
N PRO A 132 23.87 -8.09 10.20
CA PRO A 132 24.92 -8.33 9.16
C PRO A 132 24.46 -8.14 7.76
N ARG A 133 25.27 -7.50 6.95
CA ARG A 133 24.88 -7.40 5.51
C ARG A 133 24.55 -8.77 4.88
N GLN A 134 25.28 -9.79 5.25
CA GLN A 134 25.08 -11.07 4.62
C GLN A 134 23.71 -11.59 5.02
N ALA A 135 23.21 -11.22 6.22
CA ALA A 135 21.92 -11.67 6.62
C ALA A 135 20.84 -10.95 5.83
N VAL A 136 21.04 -9.69 5.57
CA VAL A 136 20.08 -8.93 4.75
C VAL A 136 20.06 -9.44 3.30
N HIS A 137 21.23 -9.70 2.73
CA HIS A 137 21.25 -10.19 1.37
C HIS A 137 20.71 -11.57 1.22
N GLN A 138 21.04 -12.48 2.13
CA GLN A 138 20.52 -13.85 2.10
C GLN A 138 19.05 -13.89 2.66
N ASN A 139 18.58 -12.82 3.30
CA ASN A 139 17.32 -12.79 4.06
C ASN A 139 17.16 -13.93 5.03
N THR A 140 18.13 -14.14 5.88
CA THR A 140 18.06 -15.16 6.87
C THR A 140 17.06 -14.76 8.01
N PRO A 141 16.74 -15.71 8.86
CA PRO A 141 15.62 -15.46 9.76
C PRO A 141 16.01 -14.58 10.96
N ILE A 142 15.00 -14.09 11.65
CA ILE A 142 15.12 -13.49 12.96
C ILE A 142 14.37 -14.33 13.99
N LEU A 143 14.98 -14.54 15.16
CA LEU A 143 14.37 -15.31 16.19
C LEU A 143 13.14 -14.55 16.70
N GLY A 144 12.04 -15.26 16.91
CA GLY A 144 10.84 -14.67 17.54
C GLY A 144 9.96 -13.97 16.57
N THR A 145 10.31 -14.01 15.29
CA THR A 145 9.38 -13.47 14.30
C THR A 145 9.55 -14.12 12.93
N ASN A 146 8.62 -13.81 12.04
CA ASN A 146 8.62 -14.41 10.74
C ASN A 146 8.85 -13.38 9.62
N VAL A 147 9.33 -12.17 9.91
CA VAL A 147 9.95 -11.35 8.87
C VAL A 147 11.42 -11.77 8.82
N GLY A 148 12.00 -11.57 7.67
CA GLY A 148 13.42 -11.92 7.58
C GLY A 148 14.29 -10.72 7.88
N ALA A 149 15.58 -10.95 8.03
CA ALA A 149 16.56 -9.87 8.17
C ALA A 149 16.43 -8.78 7.11
N ARG A 150 16.04 -9.16 5.91
CA ARG A 150 16.08 -8.19 4.88
C ARG A 150 15.00 -7.13 5.17
N ASP A 151 13.92 -7.50 5.88
CA ASP A 151 12.80 -6.60 6.03
C ASP A 151 12.99 -5.59 7.16
N ILE A 152 14.00 -5.77 8.00
CA ILE A 152 14.23 -4.86 9.12
C ILE A 152 15.37 -3.94 8.90
N ALA A 153 16.09 -4.12 7.79
CA ALA A 153 17.22 -3.29 7.53
C ALA A 153 16.82 -1.92 7.08
N ASP A 154 17.58 -0.93 7.55
CA ASP A 154 17.60 0.35 6.93
C ASP A 154 18.23 0.35 5.54
N THR A 155 17.64 1.08 4.61
CA THR A 155 18.15 1.09 3.24
C THR A 155 19.22 2.12 2.97
N ASN A 156 19.46 2.99 3.90
CA ASN A 156 20.43 3.99 3.79
C ASN A 156 21.12 4.18 5.15
N SER A 157 21.72 3.10 5.63
CA SER A 157 22.52 3.21 6.84
C SER A 157 23.59 2.15 6.87
N ILE A 158 24.82 2.63 6.82
CA ILE A 158 26.02 1.85 6.96
C ILE A 158 26.99 2.53 7.93
N CYS A 159 28.03 1.83 8.26
CA CYS A 159 29.16 2.36 8.98
C CYS A 159 30.15 2.76 7.85
N PRO A 160 30.68 4.00 7.88
CA PRO A 160 31.68 4.44 6.88
C PRO A 160 33.01 3.77 6.99
N TRP A 161 33.31 3.10 8.07
CA TRP A 161 34.61 2.58 8.28
C TRP A 161 34.65 1.07 8.53
N ASN A 162 33.52 0.41 8.28
CA ASN A 162 33.37 -1.05 8.49
C ASN A 162 32.15 -1.51 7.73
N THR A 163 32.34 -2.65 7.02
CA THR A 163 31.36 -3.13 6.04
C THR A 163 30.47 -4.27 6.47
N ASP A 164 30.61 -4.66 7.74
CA ASP A 164 29.98 -5.87 8.25
C ASP A 164 28.46 -5.81 8.28
N MET A 165 27.89 -4.65 8.61
CA MET A 165 26.46 -4.55 8.94
C MET A 165 25.77 -3.51 8.15
N TYR A 166 24.44 -3.57 8.18
CA TYR A 166 23.58 -2.47 7.85
C TYR A 166 22.85 -2.04 9.15
N GLY A 167 22.46 -0.79 9.21
CA GLY A 167 21.65 -0.32 10.29
C GLY A 167 20.29 -1.00 10.28
N VAL A 168 19.71 -1.16 11.47
CA VAL A 168 18.34 -1.63 11.64
C VAL A 168 17.35 -0.49 11.81
N ASP A 169 16.23 -0.56 11.11
CA ASP A 169 15.22 0.46 11.08
C ASP A 169 14.17 0.17 12.15
N HIS A 170 14.14 0.99 13.19
CA HIS A 170 13.24 0.79 14.32
C HIS A 170 11.78 0.88 13.95
N ARG A 171 11.47 1.48 12.83
CA ARG A 171 10.07 1.55 12.36
C ARG A 171 9.57 0.22 11.77
N LYS A 172 10.42 -0.77 11.58
CA LYS A 172 10.01 -2.00 10.98
C LYS A 172 9.72 -3.03 12.02
N GLU A 173 8.66 -3.80 11.79
CA GLU A 173 8.36 -4.90 12.65
C GLU A 173 9.53 -5.84 12.51
N GLY A 174 10.03 -6.34 13.63
CA GLY A 174 11.11 -7.32 13.68
C GLY A 174 12.39 -6.67 14.16
N ALA A 175 12.45 -5.35 14.06
CA ALA A 175 13.67 -4.66 14.49
C ALA A 175 13.97 -4.89 15.98
N GLN A 176 12.96 -4.69 16.83
CA GLN A 176 13.24 -4.82 18.25
C GLN A 176 13.38 -6.28 18.52
N ALA A 177 12.63 -7.12 17.83
CA ALA A 177 12.83 -8.58 18.07
C ALA A 177 14.26 -8.99 17.83
N TYR A 178 14.86 -8.48 16.78
CA TYR A 178 16.26 -8.84 16.48
C TYR A 178 17.21 -8.39 17.64
N TYR A 179 17.12 -7.11 18.02
CA TYR A 179 17.98 -6.63 19.17
C TYR A 179 17.70 -7.42 20.47
N ASP A 180 16.43 -7.74 20.67
CA ASP A 180 16.08 -8.55 21.81
C ASP A 180 16.77 -9.87 21.74
N SER A 181 16.80 -10.50 20.56
CA SER A 181 17.46 -11.80 20.40
C SER A 181 18.94 -11.76 20.60
N LEU A 182 19.55 -10.66 20.22
CA LEU A 182 20.99 -10.51 20.46
C LEU A 182 21.27 -10.51 21.91
N PHE A 183 20.54 -9.67 22.66
CA PHE A 183 20.77 -9.64 24.10
C PHE A 183 20.32 -10.88 24.84
N GLN A 184 19.34 -11.61 24.33
CA GLN A 184 19.11 -12.96 24.87
C GLN A 184 20.29 -13.85 24.76
N LEU A 185 20.92 -13.85 23.58
CA LEU A 185 22.15 -14.66 23.38
C LEU A 185 23.33 -14.26 24.25
N TYR A 186 23.51 -12.97 24.31
CA TYR A 186 24.60 -12.44 25.13
C TYR A 186 24.36 -12.79 26.59
N ALA A 187 23.12 -12.67 27.04
CA ALA A 187 22.79 -13.04 28.43
C ALA A 187 22.97 -14.56 28.66
N GLN A 188 22.60 -15.38 27.66
CA GLN A 188 22.81 -16.84 27.73
CA GLN A 188 22.82 -16.83 27.80
C GLN A 188 24.29 -17.09 27.91
N TRP A 189 25.12 -16.33 27.16
CA TRP A 189 26.57 -16.50 27.23
C TRP A 189 27.15 -16.09 28.57
N GLY A 190 26.48 -15.14 29.21
CA GLY A 190 26.94 -14.56 30.46
C GLY A 190 27.75 -13.27 30.33
N VAL A 191 27.48 -12.55 29.25
CA VAL A 191 28.07 -11.26 28.99
C VAL A 191 27.59 -10.28 30.09
N ASP A 192 28.51 -9.48 30.63
CA ASP A 192 28.23 -8.48 31.65
C ASP A 192 28.37 -7.04 31.19
N PHE A 193 28.82 -6.87 29.94
CA PHE A 193 29.26 -5.56 29.39
C PHE A 193 29.29 -5.70 27.88
N VAL A 194 28.73 -4.70 27.23
CA VAL A 194 28.77 -4.63 25.79
C VAL A 194 29.19 -3.23 25.37
N LYS A 195 30.16 -3.19 24.48
CA LYS A 195 30.59 -1.97 23.84
C LYS A 195 30.02 -1.98 22.43
N VAL A 196 29.19 -1.03 22.09
CA VAL A 196 28.57 -0.95 20.81
C VAL A 196 29.32 0.09 20.05
N ALA A 197 29.56 -0.22 18.78
CA ALA A 197 30.27 0.66 17.85
C ALA A 197 29.42 1.17 16.77
N ASP A 198 29.89 2.19 16.06
CA ASP A 198 29.13 2.88 14.98
C ASP A 198 27.76 3.34 15.46
N ILE A 199 27.79 4.00 16.60
CA ILE A 199 26.52 4.39 17.19
C ILE A 199 26.44 5.81 17.74
N VAL A 200 27.55 6.39 18.15
CA VAL A 200 27.63 7.73 18.72
C VAL A 200 27.99 8.79 17.71
N ALA A 201 29.02 8.54 16.95
CA ALA A 201 29.43 9.49 15.94
C ALA A 201 29.54 8.67 14.63
N SER A 202 29.32 9.34 13.52
CA SER A 202 29.36 8.76 12.21
C SER A 202 29.52 9.97 11.31
N LYS A 203 30.60 9.97 10.53
CA LYS A 203 30.80 10.96 9.50
C LYS A 203 29.58 11.11 8.58
N LEU A 204 28.97 10.01 8.18
CA LEU A 204 27.78 10.10 7.30
C LEU A 204 26.46 10.43 7.98
N TYR A 205 26.23 9.94 9.19
CA TYR A 205 24.86 9.98 9.76
C TYR A 205 24.68 10.59 11.14
N GLY A 206 25.74 10.96 11.82
CA GLY A 206 25.57 11.41 13.20
C GLY A 206 25.24 10.22 14.10
N THR A 207 24.63 10.56 15.23
CA THR A 207 24.29 9.62 16.29
C THR A 207 23.07 8.81 15.93
N HIS A 208 23.16 7.52 16.09
CA HIS A 208 22.10 6.64 15.88
C HIS A 208 21.25 6.42 17.15
N THR A 209 20.37 7.40 17.37
CA THR A 209 19.60 7.52 18.64
C THR A 209 18.57 6.42 18.76
N GLU A 210 17.95 6.09 17.64
CA GLU A 210 16.82 5.09 17.68
C GLU A 210 17.36 3.69 18.01
N GLU A 211 18.56 3.40 17.50
CA GLU A 211 19.20 2.14 17.85
C GLU A 211 19.72 2.08 19.25
N ILE A 212 20.11 3.23 19.75
CA ILE A 212 20.51 3.30 21.13
C ILE A 212 19.31 2.92 21.98
N LYS A 213 18.16 3.45 21.63
CA LYS A 213 16.95 3.13 22.41
C LYS A 213 16.55 1.71 22.30
N MET A 214 16.72 1.12 21.10
CA MET A 214 16.34 -0.28 20.92
C MET A 214 17.25 -1.16 21.72
N ILE A 215 18.51 -0.78 21.78
CA ILE A 215 19.47 -1.60 22.57
C ILE A 215 19.20 -1.47 24.06
N ARG A 216 18.86 -0.26 24.50
CA ARG A 216 18.51 -0.06 25.95
C ARG A 216 17.39 -1.04 26.34
N LYS A 217 16.34 -1.05 25.53
CA LYS A 217 15.20 -1.88 25.76
C LYS A 217 15.62 -3.33 25.73
N ALA A 218 16.48 -3.70 24.77
CA ALA A 218 16.84 -5.09 24.65
C ALA A 218 17.61 -5.57 25.85
N ILE A 219 18.50 -4.74 26.35
CA ILE A 219 19.21 -5.06 27.57
C ILE A 219 18.20 -5.23 28.76
N ASP A 220 17.35 -4.27 28.91
CA ASP A 220 16.32 -4.31 29.99
C ASP A 220 15.47 -5.56 29.86
N ARG A 221 15.23 -6.08 28.66
CA ARG A 221 14.41 -7.23 28.55
C ARG A 221 15.16 -8.54 28.73
N CYS A 222 16.50 -8.56 28.77
CA CYS A 222 17.19 -9.88 28.71
C CYS A 222 17.33 -10.52 30.03
N GLY A 223 17.13 -9.72 31.07
CA GLY A 223 17.08 -10.24 32.43
C GLY A 223 18.43 -10.43 33.09
N ARG A 224 19.49 -9.86 32.49
CA ARG A 224 20.82 -9.88 33.12
C ARG A 224 21.36 -8.45 33.14
N PRO A 225 22.08 -8.08 34.19
CA PRO A 225 22.76 -6.82 34.16
C PRO A 225 23.85 -6.84 33.06
N ILE A 226 23.68 -5.98 32.06
CA ILE A 226 24.69 -5.73 31.01
C ILE A 226 24.93 -4.24 30.91
N VAL A 227 26.13 -3.86 31.33
CA VAL A 227 26.62 -2.51 31.25
C VAL A 227 26.77 -2.14 29.77
N LEU A 228 26.29 -0.96 29.43
CA LEU A 228 26.22 -0.49 28.07
C LEU A 228 27.25 0.62 27.77
N SER A 229 28.17 0.36 26.83
CA SER A 229 29.23 1.32 26.42
C SER A 229 29.05 1.69 24.94
N LEU A 230 29.08 2.99 24.66
CA LEU A 230 28.89 3.48 23.34
C LEU A 230 30.16 4.11 22.76
N SER A 231 30.35 3.87 21.46
CA SER A 231 31.56 4.29 20.66
C SER A 231 31.25 4.42 19.17
N PRO A 232 32.14 5.06 18.41
CA PRO A 232 33.21 5.88 18.84
C PRO A 232 32.68 7.30 19.08
N GLY A 233 33.48 8.16 19.66
CA GLY A 233 33.14 9.58 19.75
C GLY A 233 33.65 10.32 18.50
N PRO A 234 33.46 11.64 18.45
CA PRO A 234 32.99 12.47 19.58
C PRO A 234 31.51 12.41 19.84
N ALA A 235 31.15 12.29 21.11
CA ALA A 235 29.78 12.39 21.52
C ALA A 235 29.27 13.82 21.42
N PRO A 236 28.21 14.06 20.72
CA PRO A 236 27.69 15.39 20.80
C PRO A 236 26.91 15.74 22.11
N LEU A 237 27.25 16.87 22.74
CA LEU A 237 26.50 17.40 23.87
C LEU A 237 25.02 17.54 23.55
N ASP A 238 24.68 17.70 22.30
CA ASP A 238 23.32 17.72 21.95
C ASP A 238 22.53 16.50 22.39
N HIS A 239 23.18 15.36 22.51
CA HIS A 239 22.47 14.14 22.93
C HIS A 239 22.70 13.75 24.37
N ALA A 240 23.14 14.71 25.16
CA ALA A 240 23.58 14.43 26.54
C ALA A 240 22.52 13.70 27.34
N THR A 241 21.29 14.14 27.23
CA THR A 241 20.19 13.49 27.97
C THR A 241 20.03 12.03 27.55
N LEU A 242 19.91 11.84 26.24
CA LEU A 242 19.88 10.47 25.69
C LEU A 242 21.00 9.59 26.21
N PHE A 243 22.23 10.07 26.16
CA PHE A 243 23.33 9.27 26.63
C PHE A 243 23.19 9.00 28.11
N VAL A 244 22.95 10.09 28.86
CA VAL A 244 22.79 9.99 30.30
C VAL A 244 21.74 8.94 30.76
N GLU A 245 20.60 8.84 30.08
CA GLU A 245 19.54 8.03 30.49
C GLU A 245 19.72 6.64 29.91
N ASN A 246 20.48 6.50 28.83
CA ASN A 246 20.52 5.21 28.16
C ASN A 246 21.78 4.42 28.21
N ALA A 247 22.91 5.04 28.44
CA ALA A 247 24.13 4.32 28.45
C ALA A 247 24.82 4.52 29.76
N ASN A 248 25.62 3.55 30.18
CA ASN A 248 26.50 3.66 31.28
C ASN A 248 27.84 4.34 30.98
N MET A 249 28.26 4.37 29.72
CA MET A 249 29.42 5.04 29.28
C MET A 249 29.28 5.32 27.77
N TRP A 250 29.76 6.48 27.37
CA TRP A 250 29.79 6.92 26.03
C TRP A 250 31.02 7.74 25.76
N ARG A 251 31.67 7.42 24.64
CA ARG A 251 32.99 7.98 24.23
C ARG A 251 32.92 9.43 23.87
N MET A 252 33.71 10.21 24.56
CA MET A 252 33.78 11.64 24.33
C MET A 252 34.57 11.97 23.05
N THR A 253 35.32 11.01 22.55
CA THR A 253 36.38 11.28 21.56
C THR A 253 36.42 10.18 20.53
N ASP A 254 36.88 10.50 19.30
CA ASP A 254 37.27 9.44 18.35
C ASP A 254 38.40 8.67 18.96
N ASP A 255 38.87 7.59 18.33
CA ASP A 255 39.74 6.62 19.01
C ASP A 255 41.00 7.22 19.61
N PHE A 256 41.33 6.87 20.84
CA PHE A 256 42.43 7.50 21.50
C PHE A 256 43.66 6.63 21.38
N TRP A 257 44.82 7.29 21.21
CA TRP A 257 46.06 6.62 21.01
C TRP A 257 47.17 7.39 21.73
N ASP A 258 48.31 6.73 21.82
CA ASP A 258 49.48 7.25 22.48
C ASP A 258 50.21 8.29 21.61
N ARG A 259 49.53 9.42 21.49
CA ARG A 259 50.00 10.60 20.81
C ARG A 259 49.63 11.85 21.68
N TRP A 260 50.63 12.68 22.00
CA TRP A 260 50.48 13.81 22.88
C TRP A 260 49.33 14.66 22.40
N GLU A 261 49.18 14.83 21.12
CA GLU A 261 48.10 15.72 20.65
C GLU A 261 46.65 15.28 21.08
N LEU A 262 46.41 13.97 21.06
CA LEU A 262 45.11 13.41 21.49
C LEU A 262 44.94 13.59 23.01
N LEU A 263 46.02 13.42 23.77
CA LEU A 263 46.00 13.63 25.19
C LEU A 263 45.72 15.13 25.56
N TYR A 264 46.42 16.03 24.89
CA TYR A 264 46.13 17.44 24.98
C TYR A 264 44.71 17.72 24.72
N ASP A 265 44.16 17.12 23.67
CA ASP A 265 42.81 17.47 23.28
C ASP A 265 41.78 16.95 24.33
N MET A 266 42.07 15.85 25.04
CA MET A 266 41.10 15.29 25.99
C MET A 266 40.70 16.32 27.12
N PHE A 267 41.66 17.21 27.50
CA PHE A 267 41.43 18.26 28.50
C PHE A 267 40.16 19.09 28.22
N GLU A 268 39.95 19.40 26.99
CA GLU A 268 38.75 20.16 26.68
C GLU A 268 37.48 19.35 26.76
N GLN A 269 37.56 18.11 26.27
CA GLN A 269 36.40 17.25 26.20
C GLN A 269 35.91 16.94 27.62
N CYS A 270 36.84 16.69 28.52
CA CYS A 270 36.49 16.50 29.92
C CYS A 270 35.78 17.77 30.47
N TYR A 271 36.28 18.93 30.10
CA TYR A 271 35.67 20.16 30.55
C TYR A 271 34.25 20.19 30.04
N LYS A 272 34.07 19.79 28.79
CA LYS A 272 32.77 19.94 28.19
C LYS A 272 31.69 18.98 28.74
N TRP A 273 32.13 17.83 29.22
CA TRP A 273 31.22 16.79 29.65
C TRP A 273 31.15 16.64 31.19
N CYS A 274 31.94 17.41 31.98
CA CYS A 274 32.04 17.19 33.40
C CYS A 274 30.73 17.24 34.19
N LYS A 275 29.71 17.96 33.72
CA LYS A 275 28.52 18.10 34.47
C LYS A 275 27.61 16.95 34.19
N LEU A 276 27.94 16.04 33.28
CA LEU A 276 27.12 14.86 33.06
C LEU A 276 27.67 13.62 33.70
N VAL A 277 28.84 13.69 34.37
CA VAL A 277 29.44 12.55 35.00
C VAL A 277 28.61 12.34 36.28
N GLY A 278 28.20 11.11 36.54
CA GLY A 278 27.49 10.75 37.73
C GLY A 278 27.29 9.24 37.80
N LEU A 279 26.93 8.80 38.99
CA LEU A 279 26.68 7.39 39.21
C LEU A 279 25.87 6.72 38.13
N GLY A 280 26.46 5.68 37.50
CA GLY A 280 25.81 4.92 36.41
C GLY A 280 25.93 5.45 34.98
N HIS A 281 26.49 6.63 34.82
CA HIS A 281 26.49 7.30 33.51
C HIS A 281 27.76 8.14 33.33
N TRP A 282 28.73 7.54 32.63
CA TRP A 282 30.14 7.97 32.67
C TRP A 282 30.67 8.35 31.28
N PRO A 283 30.85 9.64 31.00
CA PRO A 283 31.58 10.06 29.81
C PRO A 283 32.97 9.44 29.76
N ASP A 284 33.36 8.95 28.61
CA ASP A 284 34.46 7.98 28.52
C ASP A 284 35.55 8.59 27.71
N ALA A 285 36.70 8.71 28.35
CA ALA A 285 37.88 9.25 27.70
C ALA A 285 38.63 8.18 26.91
N ASP A 286 38.05 6.99 26.85
CA ASP A 286 38.61 5.83 26.09
C ASP A 286 39.76 5.10 26.81
N MET A 287 40.11 4.02 26.18
CA MET A 287 41.05 3.04 26.63
C MET A 287 42.40 3.64 26.78
N LEU A 288 43.15 3.10 27.70
CA LEU A 288 44.46 3.53 28.08
C LEU A 288 45.54 2.84 27.23
N PRO A 289 46.19 3.60 26.35
CA PRO A 289 47.23 3.00 25.53
C PRO A 289 48.53 2.98 26.27
N LEU A 290 48.63 2.04 27.19
CA LEU A 290 49.83 1.89 28.01
C LEU A 290 50.44 0.58 27.79
N GLY A 291 51.66 0.39 28.27
CA GLY A 291 52.29 -0.88 28.14
C GLY A 291 52.50 -1.30 26.69
N HIS A 292 52.36 -2.60 26.44
CA HIS A 292 52.66 -3.19 25.09
C HIS A 292 51.46 -3.13 24.23
N ILE A 293 51.51 -2.24 23.24
CA ILE A 293 50.40 -2.13 22.33
C ILE A 293 50.85 -2.34 20.89
N GLY A 294 49.89 -2.33 19.99
CA GLY A 294 50.11 -2.43 18.53
C GLY A 294 50.73 -3.73 18.06
N ILE A 295 50.53 -4.81 18.80
CA ILE A 295 50.97 -6.15 18.41
C ILE A 295 50.32 -6.64 17.12
N ARG A 296 49.01 -6.57 17.02
CA ARG A 296 48.37 -6.80 15.72
C ARG A 296 47.43 -5.66 15.48
N SER A 297 47.90 -4.46 15.76
CA SER A 297 47.20 -3.24 15.38
C SER A 297 48.19 -2.30 14.77
N VAL A 298 47.65 -1.50 13.89
CA VAL A 298 48.44 -0.56 13.10
C VAL A 298 47.87 0.85 13.25
N ASP A 299 46.93 1.00 14.19
CA ASP A 299 46.30 2.27 14.33
C ASP A 299 47.17 3.21 15.14
N GLY A 300 46.82 4.48 15.07
CA GLY A 300 47.51 5.47 15.87
C GLY A 300 48.86 5.90 15.33
N GLY A 301 49.15 5.46 14.12
CA GLY A 301 50.40 5.77 13.47
C GLY A 301 51.52 4.89 13.96
N GLY A 302 51.22 3.77 14.62
CA GLY A 302 52.33 3.01 15.21
C GLY A 302 52.28 1.52 14.86
N THR A 303 53.32 0.81 15.28
CA THR A 303 53.33 -0.65 15.13
C THR A 303 53.76 -1.21 16.45
N ASP A 304 54.24 -2.43 16.48
CA ASP A 304 54.36 -3.17 17.67
C ASP A 304 55.25 -2.39 18.62
N ARG A 305 54.77 -2.02 19.80
CA ARG A 305 55.58 -1.09 20.65
C ARG A 305 55.17 -1.07 22.07
N MET A 306 56.03 -0.48 22.87
CA MET A 306 55.68 0.11 24.17
C MET A 306 55.12 1.47 23.92
N THR A 307 54.15 1.86 24.74
CA THR A 307 53.53 3.10 24.55
C THR A 307 54.51 4.19 24.25
N ARG A 308 54.18 5.10 23.32
CA ARG A 308 55.07 6.18 23.03
C ARG A 308 54.87 7.36 24.02
N PHE A 309 53.88 7.29 24.92
CA PHE A 309 53.73 8.31 25.96
C PHE A 309 54.96 8.27 26.90
N THR A 310 55.53 9.41 27.22
CA THR A 310 56.59 9.41 28.24
C THR A 310 55.94 9.09 29.57
N LYS A 311 56.76 8.78 30.54
CA LYS A 311 56.23 8.56 31.88
C LYS A 311 55.41 9.77 32.37
N ASP A 312 55.92 10.96 32.16
CA ASP A 312 55.18 12.14 32.56
C ASP A 312 53.82 12.13 31.84
N GLU A 313 53.79 11.80 30.54
CA GLU A 313 52.50 11.84 29.82
C GLU A 313 51.56 10.71 30.35
N GLN A 314 52.14 9.59 30.71
CA GLN A 314 51.35 8.45 31.14
C GLN A 314 50.69 8.86 32.51
N ARG A 315 51.46 9.53 33.36
CA ARG A 315 50.92 10.04 34.67
C ARG A 315 49.85 11.13 34.43
N THR A 316 50.09 12.00 33.47
CA THR A 316 49.15 13.06 33.11
C THR A 316 47.81 12.45 32.73
N MET A 317 47.84 11.49 31.80
CA MET A 317 46.66 10.79 31.37
C MET A 317 45.93 10.10 32.56
N MET A 318 46.63 9.28 33.34
CA MET A 318 45.99 8.56 34.41
C MET A 318 45.40 9.60 35.40
N THR A 319 46.12 10.67 35.67
CA THR A 319 45.67 11.72 36.54
C THR A 319 44.40 12.34 36.06
N LEU A 320 44.31 12.68 34.78
CA LEU A 320 43.10 13.31 34.32
C LEU A 320 41.95 12.32 34.37
N TRP A 321 42.23 11.08 33.94
CA TRP A 321 41.16 10.14 33.78
C TRP A 321 40.60 9.76 35.22
N ILE A 322 41.53 9.65 36.16
CA ILE A 322 41.17 9.38 37.54
C ILE A 322 40.28 10.50 38.15
N ILE A 323 40.70 11.72 38.09
CA ILE A 323 39.95 12.77 38.78
C ILE A 323 38.64 13.03 38.13
N PHE A 324 38.61 12.96 36.77
CA PHE A 324 37.36 13.20 36.00
C PHE A 324 36.39 12.02 36.18
N ARG A 325 36.93 10.88 36.59
CA ARG A 325 36.12 9.66 36.77
C ARG A 325 35.74 8.99 35.41
N SER A 326 36.70 8.94 34.51
CA SER A 326 36.52 8.13 33.32
C SER A 326 36.55 6.68 33.67
N PRO A 327 35.77 5.88 33.01
CA PRO A 327 36.11 4.45 33.00
C PRO A 327 37.60 4.25 32.64
N LEU A 328 38.17 3.16 33.14
CA LEU A 328 39.50 2.84 33.02
C LEU A 328 39.57 1.45 32.36
N MET A 329 39.95 1.45 31.07
CA MET A 329 40.09 0.21 30.29
C MET A 329 41.50 0.07 29.78
N PHE A 330 42.26 -0.82 30.33
CA PHE A 330 43.66 -0.95 29.95
C PHE A 330 43.74 -1.55 28.54
N GLY A 331 44.54 -0.96 27.66
CA GLY A 331 44.61 -1.39 26.23
C GLY A 331 45.82 -2.24 25.84
N GLY A 332 46.82 -2.24 26.67
CA GLY A 332 47.96 -3.09 26.49
C GLY A 332 47.83 -4.51 26.83
N GLU A 333 48.82 -5.29 26.40
CA GLU A 333 48.91 -6.70 26.75
C GLU A 333 49.45 -6.77 28.16
N LEU A 334 48.59 -7.11 29.09
CA LEU A 334 48.92 -6.98 30.52
C LEU A 334 50.10 -7.77 30.94
N ARG A 335 50.32 -8.94 30.32
CA ARG A 335 51.40 -9.82 30.78
C ARG A 335 52.79 -9.23 30.48
N ASP A 336 52.86 -8.19 29.67
CA ASP A 336 54.10 -7.50 29.37
C ASP A 336 54.26 -6.19 30.16
N ASN A 337 53.44 -5.99 31.19
CA ASN A 337 53.58 -4.82 32.08
C ASN A 337 54.89 -4.87 32.77
N ASP A 338 55.60 -3.78 32.84
CA ASP A 338 56.75 -3.71 33.73
C ASP A 338 56.23 -3.15 35.06
N GLU A 339 57.12 -2.97 36.01
CA GLU A 339 56.76 -2.56 37.37
C GLU A 339 56.16 -1.17 37.32
N TRP A 340 56.78 -0.32 36.51
CA TRP A 340 56.30 1.03 36.36
C TRP A 340 54.84 1.00 35.88
N THR A 341 54.58 0.27 34.83
CA THR A 341 53.27 0.27 34.26
C THR A 341 52.26 -0.31 35.26
N LEU A 342 52.61 -1.36 35.96
CA LEU A 342 51.69 -1.96 36.93
C LEU A 342 51.35 -0.94 38.08
N SER A 343 52.33 -0.07 38.44
CA SER A 343 52.20 0.88 39.51
C SER A 343 51.20 1.94 39.19
N LEU A 344 51.05 2.24 37.93
CA LEU A 344 50.04 3.18 37.51
C LEU A 344 48.62 2.74 37.80
N LEU A 345 48.45 1.43 37.93
CA LEU A 345 47.10 0.80 38.05
C LEU A 345 46.74 0.44 39.46
N THR A 346 47.71 0.52 40.33
CA THR A 346 47.56 -0.06 41.65
C THR A 346 47.96 0.91 42.81
N ASN A 347 47.88 2.22 42.57
CA ASN A 347 48.12 3.15 43.64
C ASN A 347 46.74 3.39 44.38
N GLU A 348 46.62 2.77 45.54
CA GLU A 348 45.40 2.87 46.41
C GLU A 348 44.97 4.32 46.63
N GLU A 349 45.93 5.22 46.85
CA GLU A 349 45.55 6.57 47.21
C GLU A 349 44.95 7.30 46.03
N VAL A 350 45.50 7.01 44.84
CA VAL A 350 45.01 7.58 43.61
C VAL A 350 43.65 7.01 43.28
N LEU A 351 43.48 5.72 43.47
CA LEU A 351 42.23 5.06 43.13
C LEU A 351 41.02 5.58 44.00
N HIS A 352 41.37 6.02 45.21
CA HIS A 352 40.41 6.61 46.12
C HIS A 352 39.72 7.79 45.49
N VAL A 353 40.46 8.59 44.71
CA VAL A 353 39.91 9.76 44.06
C VAL A 353 38.92 9.36 42.98
N HIS A 354 39.22 8.22 42.33
CA HIS A 354 38.35 7.75 41.24
C HIS A 354 37.13 7.08 41.84
N GLN A 355 37.35 6.30 42.89
CA GLN A 355 36.26 5.52 43.44
C GLN A 355 35.28 6.41 44.32
N ASN A 356 35.82 7.35 45.07
CA ASN A 356 35.12 8.04 46.13
C ASN A 356 35.10 9.56 45.95
N GLY A 357 35.75 10.09 44.92
CA GLY A 357 35.62 11.48 44.59
C GLY A 357 34.40 11.82 43.84
N TYR A 358 34.06 13.09 43.84
CA TYR A 358 32.95 13.58 43.07
C TYR A 358 33.10 15.03 42.89
N GLY A 359 32.29 15.58 41.99
CA GLY A 359 32.37 17.00 41.78
C GLY A 359 33.47 17.52 40.90
N ALA A 360 34.19 16.66 40.13
CA ALA A 360 35.30 17.14 39.31
C ALA A 360 34.95 18.29 38.39
N ARG A 361 35.77 19.31 38.44
CA ARG A 361 35.61 20.49 37.64
C ARG A 361 36.97 21.13 37.37
N GLN A 362 37.00 21.87 36.27
CA GLN A 362 38.14 22.64 35.88
C GLN A 362 38.10 23.96 36.66
N VAL A 363 39.13 24.21 37.44
CA VAL A 363 39.20 25.36 38.26
C VAL A 363 39.64 26.46 37.32
N TYR A 364 40.71 26.25 36.53
CA TYR A 364 40.95 27.12 35.36
C TYR A 364 41.79 26.42 34.31
N ARG A 365 41.91 27.09 33.19
CA ARG A 365 42.82 26.72 32.11
C ARG A 365 43.40 28.02 31.51
N GLU A 366 44.70 28.26 31.62
CA GLU A 366 45.29 29.48 31.15
C GLU A 366 46.69 29.23 30.75
N ASN A 367 47.09 29.80 29.60
CA ASN A 367 48.41 29.59 29.02
C ASN A 367 48.83 28.14 29.12
N ASP A 368 47.90 27.24 28.76
CA ASP A 368 48.14 25.84 28.76
C ASP A 368 48.62 25.30 30.10
N HIS A 369 48.15 25.91 31.17
CA HIS A 369 48.23 25.32 32.53
C HIS A 369 46.80 25.06 32.90
N VAL A 370 46.53 23.91 33.48
CA VAL A 370 45.20 23.50 33.83
C VAL A 370 45.17 22.87 35.19
N VAL A 371 44.14 23.27 35.93
CA VAL A 371 43.86 22.76 37.25
C VAL A 371 42.43 22.23 37.37
N TRP A 372 42.33 21.01 37.87
CA TRP A 372 41.09 20.34 38.14
C TRP A 372 41.00 20.10 39.63
N THR A 373 39.80 20.05 40.16
CA THR A 373 39.59 19.63 41.52
C THR A 373 38.28 18.87 41.72
N SER A 374 38.36 17.97 42.72
CA SER A 374 37.21 17.21 43.18
C SER A 374 37.34 17.03 44.69
N GLN A 375 36.40 16.29 45.27
CA GLN A 375 36.47 16.00 46.70
C GLN A 375 35.81 14.71 47.01
N ASP A 376 36.11 14.17 48.18
CA ASP A 376 35.33 13.07 48.77
C ASP A 376 34.36 13.60 49.89
N ALA A 377 33.71 12.69 50.58
CA ALA A 377 32.76 13.06 51.62
C ALA A 377 33.50 13.07 52.93
N GLU A 378 34.79 12.84 52.95
CA GLU A 378 35.59 12.75 54.16
C GLU A 378 36.26 14.05 54.56
N GLY A 379 35.96 15.16 53.89
CA GLY A 379 36.74 16.39 54.13
C GLY A 379 37.91 16.65 53.15
N ASN A 380 38.16 15.77 52.18
CA ASN A 380 39.44 15.84 51.44
C ASN A 380 39.13 16.42 50.13
N GLN A 381 40.03 17.27 49.69
CA GLN A 381 39.90 17.88 48.37
C GLN A 381 41.10 17.44 47.49
N PHE A 382 40.81 17.04 46.26
CA PHE A 382 41.86 16.54 45.35
C PHE A 382 42.09 17.62 44.26
N VAL A 383 43.34 17.93 44.04
CA VAL A 383 43.69 18.86 43.03
C VAL A 383 44.76 18.30 42.06
N ALA A 384 44.39 18.30 40.81
CA ALA A 384 45.24 17.80 39.73
C ALA A 384 45.66 19.00 38.95
N MET A 385 46.98 19.16 38.87
CA MET A 385 47.60 20.32 38.25
C MET A 385 48.48 19.83 37.08
N PHE A 386 48.31 20.49 35.96
CA PHE A 386 48.85 20.04 34.71
C PHE A 386 49.51 21.20 33.97
N ASN A 387 50.74 20.97 33.49
CA ASN A 387 51.37 21.77 32.46
C ASN A 387 51.18 21.07 31.13
N ILE A 388 50.25 21.58 30.32
CA ILE A 388 50.06 21.00 29.00
C ILE A 388 50.72 21.86 27.90
N SER A 389 51.66 22.72 28.30
CA SER A 389 52.43 23.56 27.40
C SER A 389 53.65 22.82 26.98
N GLU A 390 54.40 23.42 26.06
CA GLU A 390 55.68 22.85 25.61
C GLU A 390 56.87 23.30 26.45
N LYS A 391 56.69 24.00 27.57
CA LYS A 391 57.84 24.43 28.37
C LYS A 391 57.66 24.28 29.86
N ARG A 392 58.73 23.95 30.57
CA ARG A 392 58.78 23.89 32.01
C ARG A 392 58.24 25.18 32.59
N SER A 393 57.52 25.11 33.70
CA SER A 393 56.83 26.27 34.25
C SER A 393 56.27 25.86 35.59
N VAL A 394 56.03 26.86 36.41
CA VAL A 394 55.45 26.69 37.72
C VAL A 394 53.99 26.74 37.49
N VAL A 395 53.28 25.76 37.98
CA VAL A 395 51.81 25.84 37.89
C VAL A 395 51.31 25.98 39.33
N SER A 396 50.35 26.86 39.47
CA SER A 396 49.91 27.21 40.79
C SER A 396 48.42 27.49 40.90
N VAL A 397 47.90 27.33 42.11
CA VAL A 397 46.54 27.73 42.35
C VAL A 397 46.40 28.11 43.80
N SER A 398 45.55 29.09 44.08
CA SER A 398 45.41 29.60 45.48
C SER A 398 44.38 28.75 46.18
N LEU A 399 44.60 28.49 47.44
CA LEU A 399 43.56 27.86 48.29
C LEU A 399 42.23 28.50 48.11
N LYS A 400 42.18 29.83 48.01
CA LYS A 400 40.94 30.50 47.83
C LYS A 400 40.21 30.08 46.56
N ASP A 401 40.91 30.03 45.42
CA ASP A 401 40.26 29.57 44.17
C ASP A 401 39.76 28.14 44.29
N LEU A 402 40.41 27.36 45.13
CA LEU A 402 39.89 26.01 45.46
C LEU A 402 38.74 25.99 46.44
N GLY A 403 38.37 27.15 47.00
CA GLY A 403 37.31 27.13 48.03
C GLY A 403 37.74 26.62 49.38
N CYS A 404 39.04 26.65 49.62
CA CYS A 404 39.62 26.30 50.89
C CYS A 404 39.83 27.54 51.75
N MET A 405 39.13 27.60 52.89
CA MET A 405 39.14 28.81 53.71
C MET A 405 40.23 28.91 54.78
N GLU A 406 40.97 27.84 55.03
CA GLU A 406 42.23 27.97 55.82
C GLU A 406 43.32 27.03 55.40
N PRO A 407 44.44 27.04 56.12
CA PRO A 407 45.56 26.18 55.82
C PRO A 407 45.17 24.73 55.72
N MET A 408 45.82 24.02 54.81
CA MET A 408 45.55 22.60 54.58
C MET A 408 46.86 21.79 54.56
N LYS A 409 46.79 20.53 54.98
CA LYS A 409 47.92 19.64 54.80
C LYS A 409 47.81 19.19 53.34
N ALA A 410 48.96 19.08 52.66
CA ALA A 410 49.03 18.71 51.26
C ALA A 410 49.78 17.40 51.16
N ARG A 411 49.27 16.52 50.29
CA ARG A 411 50.03 15.24 50.02
C ARG A 411 50.05 14.86 48.56
N ASP A 412 51.24 14.56 48.07
CA ASP A 412 51.38 14.03 46.69
C ASP A 412 50.97 12.56 46.66
N LEU A 413 49.87 12.27 46.00
CA LEU A 413 49.30 10.92 45.89
C LEU A 413 50.05 9.91 45.05
N TRP A 414 50.59 10.30 43.90
CA TRP A 414 51.41 9.34 43.13
C TRP A 414 52.64 8.94 43.87
N ALA A 415 53.30 9.91 44.49
CA ALA A 415 54.52 9.68 45.20
C ALA A 415 54.27 9.22 46.64
N LYS A 416 53.03 9.35 47.11
CA LYS A 416 52.71 8.99 48.51
C LYS A 416 53.64 9.72 49.52
N GLU A 417 53.63 11.03 49.43
CA GLU A 417 54.59 11.83 50.14
C GLU A 417 53.94 13.10 50.66
N ASP A 418 54.15 13.33 51.94
CA ASP A 418 53.52 14.46 52.62
C ASP A 418 54.33 15.65 52.26
N LEU A 419 53.66 16.73 51.90
CA LEU A 419 54.27 17.92 51.42
C LEU A 419 54.20 19.02 52.49
N GLY A 420 53.65 18.71 53.64
CA GLY A 420 53.43 19.71 54.69
C GLY A 420 52.20 20.61 54.54
N LEU A 421 52.18 21.63 55.38
CA LEU A 421 51.07 22.58 55.50
C LEU A 421 51.20 23.61 54.44
N VAL A 422 50.09 23.98 53.85
CA VAL A 422 50.04 24.98 52.82
C VAL A 422 49.10 26.04 53.34
N LYS A 423 49.55 27.28 53.45
CA LYS A 423 48.67 28.40 53.95
C LYS A 423 48.00 29.30 52.91
N HIS A 424 48.57 29.45 51.70
CA HIS A 424 48.01 30.36 50.67
C HIS A 424 47.77 29.69 49.29
N GLN A 425 48.67 28.82 48.84
CA GLN A 425 48.53 28.25 47.51
C GLN A 425 49.33 26.99 47.33
N LEU A 426 49.03 26.30 46.23
CA LEU A 426 49.83 25.16 45.80
C LEU A 426 50.63 25.58 44.63
N ALA A 427 51.92 25.27 44.60
CA ALA A 427 52.75 25.73 43.50
C ALA A 427 53.82 24.76 43.16
N PHE A 428 53.85 24.30 41.92
CA PHE A 428 54.85 23.28 41.59
C PHE A 428 55.55 23.58 40.27
N GLU A 429 56.83 23.37 40.23
CA GLU A 429 57.52 23.41 39.00
C GLU A 429 57.16 22.17 38.19
N LEU A 430 56.61 22.32 37.00
CA LEU A 430 56.26 21.17 36.25
C LEU A 430 56.87 21.19 34.87
N GLY A 431 57.53 20.10 34.48
CA GLY A 431 57.93 19.92 33.08
C GLY A 431 56.79 20.01 32.06
N PRO A 432 57.16 20.16 30.78
CA PRO A 432 56.15 20.16 29.75
C PRO A 432 55.46 18.83 29.75
N HIS A 433 54.11 18.82 29.68
CA HIS A 433 53.32 17.55 29.70
C HIS A 433 53.25 16.85 31.07
N GLN A 434 53.90 17.42 32.09
CA GLN A 434 53.92 16.90 33.41
C GLN A 434 52.80 17.43 34.32
N SER A 435 52.42 16.62 35.31
CA SER A 435 51.30 16.88 36.17
C SER A 435 51.65 16.44 37.59
N ILE A 436 50.78 16.82 38.52
CA ILE A 436 50.82 16.35 39.87
C ILE A 436 49.40 16.18 40.40
N LEU A 437 49.23 15.17 41.26
CA LEU A 437 47.96 14.99 42.00
C LEU A 437 48.14 15.12 43.53
N VAL A 438 47.49 16.09 44.11
CA VAL A 438 47.64 16.46 45.51
C VAL A 438 46.32 16.29 46.26
N LYS A 439 46.40 15.70 47.43
CA LYS A 439 45.28 15.73 48.33
C LYS A 439 45.52 16.86 49.31
N LEU A 440 44.49 17.67 49.44
CA LEU A 440 44.41 18.65 50.58
C LEU A 440 43.46 18.13 51.67
N SER A 441 43.94 18.13 52.89
CA SER A 441 43.11 17.79 54.03
C SER A 441 43.31 18.82 55.19
N PRO A 442 42.31 18.91 56.09
CA PRO A 442 42.30 19.90 57.20
C PRO A 442 43.57 19.85 58.06
N ALA A 443 44.08 21.00 58.46
CA ALA A 443 45.37 21.08 59.21
C ALA A 443 45.27 20.38 60.56
N VAL A 444 46.25 19.53 60.86
CA VAL A 444 46.18 18.54 61.96
C VAL A 444 45.55 19.15 63.23
N SER B 15 30.58 24.71 43.84
CA SER B 15 31.83 25.39 43.36
C SER B 15 31.72 26.93 43.30
N MET B 16 30.60 27.39 42.73
CA MET B 16 30.42 28.77 42.29
C MET B 16 29.59 29.56 43.31
N HIS B 17 30.11 30.69 43.73
CA HIS B 17 29.49 31.45 44.77
C HIS B 17 28.22 32.15 44.31
N HIS B 18 28.22 32.59 43.06
CA HIS B 18 27.08 33.19 42.50
C HIS B 18 25.91 32.27 42.42
N TYR B 19 26.11 30.99 42.66
CA TYR B 19 24.98 30.07 42.63
C TYR B 19 24.01 30.40 43.72
N GLN B 20 24.55 30.82 44.86
CA GLN B 20 23.72 31.13 46.06
C GLN B 20 22.82 32.31 45.82
N TRP B 21 22.97 33.01 44.68
CA TRP B 21 22.17 34.18 44.44
C TRP B 21 20.91 33.80 43.73
N ALA B 22 20.81 32.55 43.31
CA ALA B 22 19.55 32.08 42.70
C ALA B 22 19.40 30.63 43.09
N LYS B 23 19.16 30.42 44.37
CA LYS B 23 18.94 29.08 44.92
C LYS B 23 17.73 28.40 44.34
N THR B 24 16.76 29.20 43.98
CA THR B 24 15.61 28.66 43.24
C THR B 24 15.48 29.47 41.99
N PRO B 25 14.65 29.01 41.08
CA PRO B 25 14.72 29.76 39.84
C PRO B 25 14.10 31.15 39.99
N PRO B 26 14.70 32.19 39.39
CA PRO B 26 14.16 33.54 39.48
C PRO B 26 12.77 33.67 39.04
N MET B 27 12.04 34.45 39.83
CA MET B 27 10.64 34.79 39.51
C MET B 27 10.45 36.28 39.50
N GLY B 28 9.63 36.74 38.59
CA GLY B 28 9.57 38.12 38.29
C GLY B 28 8.67 38.52 37.19
N TRP B 29 8.95 39.72 36.72
CA TRP B 29 8.16 40.37 35.66
C TRP B 29 9.12 41.04 34.76
N ASN B 30 8.82 41.03 33.45
CA ASN B 30 9.69 41.66 32.46
C ASN B 30 8.89 42.47 31.44
N SER B 31 9.34 43.70 31.15
CA SER B 31 8.50 44.59 30.31
C SER B 31 8.49 44.27 28.82
N TRP B 32 9.22 43.26 28.39
CA TRP B 32 9.33 43.04 26.91
C TRP B 32 8.04 42.67 26.20
N ASP B 33 7.36 41.64 26.70
CA ASP B 33 6.23 41.16 25.94
C ASP B 33 5.06 42.17 25.86
N CYS B 34 4.96 43.09 26.84
CA CYS B 34 3.82 44.01 26.91
C CYS B 34 4.29 45.31 26.26
N TYR B 35 5.51 45.75 26.55
CA TYR B 35 5.96 47.10 26.10
C TYR B 35 7.13 47.15 25.14
N GLY B 36 7.64 46.00 24.70
CA GLY B 36 8.75 46.06 23.72
C GLY B 36 9.94 46.74 24.33
N ALA B 37 10.55 47.67 23.57
CA ALA B 37 11.72 48.40 24.02
C ALA B 37 11.34 49.70 24.78
N SER B 38 10.07 49.93 25.00
CA SER B 38 9.59 51.31 25.25
C SER B 38 8.94 51.57 26.61
N VAL B 39 9.12 50.68 27.59
CA VAL B 39 8.45 50.79 28.88
C VAL B 39 8.82 52.12 29.58
N THR B 40 7.87 52.71 30.29
CA THR B 40 8.13 53.95 31.10
C THR B 40 8.26 53.64 32.58
N GLU B 41 8.85 54.59 33.31
CA GLU B 41 9.02 54.52 34.74
C GLU B 41 7.69 54.24 35.40
N ASP B 42 6.63 54.88 34.91
CA ASP B 42 5.29 54.62 35.44
C ASP B 42 4.83 53.21 35.26
N GLU B 43 5.03 52.62 34.08
CA GLU B 43 4.60 51.26 33.89
C GLU B 43 5.38 50.33 34.78
N VAL B 44 6.65 50.61 34.95
CA VAL B 44 7.43 49.74 35.80
C VAL B 44 6.91 49.80 37.27
N LYS B 45 6.86 51.02 37.81
CA LYS B 45 6.32 51.31 39.17
C LYS B 45 5.00 50.57 39.37
N GLY B 46 4.10 50.67 38.42
CA GLY B 46 2.81 50.05 38.62
C GLY B 46 2.89 48.55 38.62
N ASN B 47 3.75 47.96 37.75
CA ASN B 47 3.87 46.49 37.77
C ASN B 47 4.49 46.07 39.07
N ALA B 48 5.52 46.78 39.52
CA ALA B 48 6.14 46.49 40.79
C ALA B 48 5.13 46.55 41.97
N GLU B 49 4.26 47.56 41.94
CA GLU B 49 3.27 47.76 43.06
C GLU B 49 2.31 46.62 43.01
N TYR B 50 1.92 46.19 41.83
CA TYR B 50 0.99 45.05 41.76
C TYR B 50 1.69 43.81 42.28
N MET B 51 2.96 43.67 41.92
CA MET B 51 3.69 42.48 42.38
C MET B 51 3.81 42.45 43.90
N ALA B 52 4.14 43.59 44.48
CA ALA B 52 4.33 43.68 45.97
C ALA B 52 3.06 43.37 46.67
N LYS B 53 1.97 43.70 46.05
CA LYS B 53 0.71 43.47 46.68
C LYS B 53 0.12 42.09 46.49
N TYR B 54 0.16 41.57 45.29
CA TYR B 54 -0.49 40.32 45.02
C TYR B 54 0.42 39.13 44.89
N LEU B 55 1.72 39.34 44.62
CA LEU B 55 2.57 38.21 44.15
C LEU B 55 3.73 37.87 45.05
N LYS B 56 4.30 38.87 45.72
CA LYS B 56 5.49 38.67 46.56
C LYS B 56 5.37 37.48 47.53
N PRO B 57 4.18 37.28 48.10
CA PRO B 57 4.08 36.14 49.03
C PRO B 57 4.29 34.80 48.32
N PHE B 58 4.15 34.76 47.01
CA PHE B 58 4.32 33.49 46.35
C PHE B 58 5.67 33.34 45.69
N GLY B 59 6.57 34.31 45.91
CA GLY B 59 7.91 34.22 45.42
C GLY B 59 8.25 35.18 44.27
N TRP B 60 7.28 35.84 43.70
CA TRP B 60 7.58 36.78 42.63
C TRP B 60 8.28 38.03 43.18
N GLU B 61 9.49 38.29 42.71
CA GLU B 61 10.29 39.36 43.23
C GLU B 61 11.09 40.26 42.26
N TYR B 62 11.42 39.82 41.04
CA TYR B 62 12.22 40.64 40.12
C TYR B 62 11.36 41.52 39.25
N VAL B 63 11.70 42.79 39.17
CA VAL B 63 10.98 43.69 38.34
C VAL B 63 11.97 44.10 37.29
N VAL B 64 11.84 43.52 36.06
CA VAL B 64 12.93 43.67 35.06
C VAL B 64 12.53 44.63 33.94
N VAL B 65 13.34 45.66 33.82
CA VAL B 65 13.21 46.64 32.75
C VAL B 65 13.97 46.17 31.55
N ASP B 66 13.26 45.84 30.49
CA ASP B 66 13.91 45.17 29.36
C ASP B 66 14.56 46.17 28.40
N ILE B 67 14.75 45.74 27.14
CA ILE B 67 15.77 46.27 26.30
C ILE B 67 15.53 47.76 26.01
N GLN B 68 16.62 48.48 25.97
CA GLN B 68 16.63 49.75 25.32
C GLN B 68 16.04 50.88 26.18
N TRP B 69 16.21 50.77 27.48
CA TRP B 69 15.85 51.87 28.37
C TRP B 69 16.64 53.14 28.08
N TYR B 70 17.66 53.04 27.23
CA TYR B 70 18.60 54.09 27.03
C TYR B 70 18.29 54.79 25.70
N GLU B 71 17.16 54.48 25.11
CA GLU B 71 16.83 54.87 23.74
C GLU B 71 15.58 55.68 23.91
N PRO B 72 15.73 56.98 23.92
CA PRO B 72 14.58 57.83 24.28
C PRO B 72 13.38 57.69 23.38
N GLY B 73 13.62 57.29 22.13
CA GLY B 73 12.54 57.29 21.16
C GLY B 73 11.86 56.00 21.01
N ALA B 74 12.24 55.01 21.85
CA ALA B 74 11.78 53.67 21.55
C ALA B 74 10.29 53.65 21.66
N ASN B 75 9.63 52.81 20.87
CA ASN B 75 8.16 52.85 20.84
C ASN B 75 7.53 51.57 20.37
N SER B 76 8.26 50.49 20.36
CA SER B 76 7.75 49.24 19.79
C SER B 76 8.74 48.15 20.14
N SER B 77 8.50 46.96 19.61
CA SER B 77 9.52 45.92 19.68
C SER B 77 10.51 46.04 18.52
N ILE B 78 10.19 46.84 17.53
CA ILE B 78 11.04 47.08 16.36
C ILE B 78 11.95 48.21 16.73
N TYR B 79 13.26 47.96 16.73
CA TYR B 79 14.22 49.01 17.07
C TYR B 79 14.29 50.12 15.98
N ARG B 80 14.61 51.33 16.41
CA ARG B 80 14.95 52.42 15.53
C ARG B 80 16.44 52.40 15.33
N PRO B 81 16.89 51.99 14.14
CA PRO B 81 18.34 51.77 14.05
C PRO B 81 19.20 52.99 13.91
N PHE B 82 20.43 52.85 14.36
CA PHE B 82 21.45 53.82 14.27
C PHE B 82 21.14 55.15 14.98
N VAL B 83 20.28 55.15 15.98
CA VAL B 83 19.89 56.41 16.65
C VAL B 83 20.81 56.80 17.80
N PRO B 84 20.90 58.10 18.11
CA PRO B 84 21.75 58.45 19.28
C PRO B 84 21.15 57.84 20.57
N LEU B 85 22.00 57.52 21.52
CA LEU B 85 21.51 56.86 22.70
C LEU B 85 21.97 57.68 23.92
N GLU B 86 21.28 57.55 25.04
CA GLU B 86 21.70 58.24 26.26
C GLU B 86 22.87 57.53 26.89
N MET B 87 23.92 58.29 27.22
CA MET B 87 25.21 57.76 27.67
C MET B 87 25.95 58.73 28.60
N ASP B 88 26.71 58.21 29.55
CA ASP B 88 27.52 59.07 30.39
C ASP B 88 28.79 59.49 29.68
N GLU B 89 29.76 59.95 30.44
CA GLU B 89 31.07 60.39 29.91
C GLU B 89 32.09 59.25 29.98
N TYR B 90 31.68 58.02 30.32
CA TYR B 90 32.61 56.89 30.31
C TYR B 90 32.03 55.72 29.47
N SER B 91 31.37 56.10 28.40
CA SER B 91 30.87 55.18 27.43
C SER B 91 29.78 54.27 27.93
N ARG B 92 29.09 54.63 28.99
CA ARG B 92 28.11 53.67 29.59
C ARG B 92 26.75 54.18 29.37
N LEU B 93 25.89 53.35 28.80
CA LEU B 93 24.53 53.76 28.52
C LEU B 93 23.72 54.11 29.80
N MET B 94 22.75 55.04 29.67
CA MET B 94 22.00 55.61 30.83
C MET B 94 20.51 55.63 30.54
N PRO B 95 19.68 55.56 31.59
CA PRO B 95 18.28 55.69 31.29
C PRO B 95 17.91 56.97 30.58
N ALA B 96 16.94 56.85 29.70
CA ALA B 96 16.35 57.97 28.99
C ALA B 96 15.38 58.77 29.92
N VAL B 97 15.78 59.98 30.24
CA VAL B 97 15.06 60.83 31.23
C VAL B 97 13.58 61.07 30.89
N ASN B 98 13.27 61.16 29.62
CA ASN B 98 11.86 61.33 29.23
C ASN B 98 10.98 60.19 29.65
N ARG B 99 11.48 58.97 29.48
CA ARG B 99 10.71 57.80 29.87
C ARG B 99 10.92 57.53 31.35
N PHE B 100 12.09 57.85 31.91
CA PHE B 100 12.40 57.60 33.31
C PHE B 100 12.73 58.94 34.02
N PRO B 101 11.68 59.71 34.39
CA PRO B 101 11.94 61.06 34.91
C PRO B 101 12.82 61.07 36.15
N SER B 102 12.73 60.10 37.04
CA SER B 102 13.62 60.06 38.19
C SER B 102 15.10 59.94 37.93
N ALA B 103 15.49 59.64 36.69
CA ALA B 103 16.91 59.46 36.35
C ALA B 103 17.57 60.79 36.11
N LYS B 104 16.74 61.84 36.00
CA LYS B 104 17.25 63.21 35.82
C LYS B 104 18.48 63.49 36.67
N GLY B 105 19.33 64.37 36.17
CA GLY B 105 20.48 64.77 36.95
C GLY B 105 21.45 63.66 37.22
N GLY B 106 21.56 62.71 36.29
CA GLY B 106 22.58 61.66 36.41
C GLY B 106 22.32 60.60 37.45
N LYS B 107 21.12 60.46 37.95
CA LYS B 107 20.91 59.48 39.00
C LYS B 107 20.67 58.09 38.45
N GLY B 108 20.47 57.97 37.15
CA GLY B 108 20.24 56.67 36.55
C GLY B 108 19.06 55.97 37.18
N PHE B 109 19.23 54.70 37.49
CA PHE B 109 18.10 53.96 37.94
C PHE B 109 18.06 53.87 39.48
N LYS B 110 18.99 54.49 40.18
CA LYS B 110 18.98 54.33 41.63
C LYS B 110 17.63 54.62 42.33
N PRO B 111 16.95 55.67 41.93
CA PRO B 111 15.65 55.94 42.57
C PRO B 111 14.53 54.95 42.27
N LEU B 112 14.41 54.52 41.03
CA LEU B 112 13.43 53.49 40.73
C LEU B 112 13.77 52.21 41.49
N ALA B 113 15.05 51.86 41.55
CA ALA B 113 15.46 50.62 42.15
C ALA B 113 15.13 50.69 43.64
N ASP B 114 15.53 51.81 44.27
CA ASP B 114 15.15 52.13 45.67
C ASP B 114 13.71 51.93 45.94
N TYR B 115 12.89 52.52 45.10
CA TYR B 115 11.48 52.27 45.27
C TYR B 115 11.12 50.82 45.27
N ILE B 116 11.66 50.12 44.27
CA ILE B 116 11.36 48.72 44.12
C ILE B 116 11.89 47.95 45.31
N HIS B 117 13.08 48.28 45.75
CA HIS B 117 13.59 47.66 46.96
C HIS B 117 12.69 47.90 48.21
N ASN B 118 12.21 49.12 48.33
CA ASN B 118 11.37 49.51 49.46
C ASN B 118 10.03 48.83 49.39
N LEU B 119 9.56 48.42 48.19
CA LEU B 119 8.38 47.55 48.17
C LEU B 119 8.69 46.10 48.55
N GLY B 120 9.92 45.75 48.95
CA GLY B 120 10.28 44.38 49.23
C GLY B 120 10.68 43.54 47.98
N LEU B 121 11.02 44.22 46.88
CA LEU B 121 11.26 43.57 45.58
C LEU B 121 12.68 43.74 45.10
N LYS B 122 13.00 43.14 43.94
CA LYS B 122 14.34 43.27 43.36
C LYS B 122 14.22 43.86 42.02
N PHE B 123 15.31 44.41 41.56
CA PHE B 123 15.26 45.17 40.35
C PHE B 123 16.22 44.60 39.29
N GLY B 124 15.74 44.47 38.07
CA GLY B 124 16.64 44.07 37.00
C GLY B 124 16.55 44.88 35.76
N ILE B 125 17.67 44.87 35.02
CA ILE B 125 17.77 45.45 33.70
C ILE B 125 18.33 44.50 32.58
N HIS B 126 17.97 44.83 31.36
CA HIS B 126 18.46 44.23 30.17
C HIS B 126 19.60 45.05 29.70
N ILE B 127 20.73 44.42 29.36
CA ILE B 127 21.74 45.03 28.52
C ILE B 127 22.03 44.25 27.27
N MET B 128 22.49 45.00 26.27
CA MET B 128 23.09 44.44 25.04
C MET B 128 24.56 44.22 25.29
N ARG B 129 25.05 43.04 24.88
CA ARG B 129 26.48 42.79 24.84
C ARG B 129 27.20 43.91 24.10
N GLY B 130 28.34 44.28 24.63
CA GLY B 130 29.28 45.09 23.93
C GLY B 130 29.40 46.54 24.46
N ILE B 131 29.74 47.43 23.54
CA ILE B 131 30.00 48.83 23.86
C ILE B 131 29.32 49.65 22.81
N PRO B 132 28.76 50.79 23.18
CA PRO B 132 27.94 51.47 22.16
C PRO B 132 28.73 51.86 20.92
N ARG B 133 28.13 51.68 19.77
CA ARG B 133 28.80 52.10 18.55
C ARG B 133 29.19 53.62 18.58
N GLN B 134 28.29 54.42 19.11
CA GLN B 134 28.51 55.87 19.17
C GLN B 134 29.71 56.16 20.03
N ALA B 135 30.01 55.31 21.01
CA ALA B 135 31.18 55.53 21.86
C ALA B 135 32.47 55.25 21.13
N VAL B 136 32.37 54.30 20.22
CA VAL B 136 33.54 53.91 19.47
C VAL B 136 33.74 54.96 18.43
N HIS B 137 32.67 55.37 17.78
CA HIS B 137 32.81 56.42 16.78
C HIS B 137 33.37 57.74 17.31
N GLN B 138 32.98 58.06 18.54
CA GLN B 138 33.34 59.32 19.17
C GLN B 138 34.57 59.15 20.01
N ASN B 139 35.05 57.92 20.09
CA ASN B 139 36.16 57.56 20.98
C ASN B 139 36.14 58.15 22.42
N THR B 140 34.99 57.97 23.05
CA THR B 140 34.79 58.37 24.43
C THR B 140 35.54 57.52 25.45
N PRO B 141 35.77 58.07 26.65
CA PRO B 141 36.65 57.36 27.56
C PRO B 141 36.01 56.15 28.24
N ILE B 142 36.89 55.40 28.87
CA ILE B 142 36.58 54.25 29.67
C ILE B 142 37.03 54.56 31.09
N LEU B 143 36.12 54.43 32.05
CA LEU B 143 36.47 54.68 33.42
C LEU B 143 37.64 53.87 33.89
N GLY B 144 38.60 54.50 34.54
CA GLY B 144 39.68 53.73 35.21
C GLY B 144 40.85 53.47 34.32
N THR B 145 40.83 54.07 33.15
CA THR B 145 41.89 53.88 32.18
C THR B 145 42.10 55.13 31.36
N ASN B 146 43.23 55.13 30.69
CA ASN B 146 43.53 56.08 29.63
C ASN B 146 43.21 55.59 28.21
N VAL B 147 42.61 54.41 28.05
CA VAL B 147 42.26 53.95 26.69
C VAL B 147 40.84 54.40 26.42
N GLY B 148 40.49 54.53 25.15
CA GLY B 148 39.15 54.85 24.72
C GLY B 148 38.34 53.71 24.13
N ALA B 149 37.05 53.95 24.00
CA ALA B 149 36.09 52.97 23.55
C ALA B 149 36.57 52.33 22.26
N ARG B 150 37.13 53.14 21.38
CA ARG B 150 37.49 52.64 20.10
C ARG B 150 38.63 51.64 20.20
N ASP B 151 39.48 51.79 21.18
CA ASP B 151 40.60 50.89 21.39
C ASP B 151 40.19 49.49 21.88
N ILE B 152 38.98 49.30 22.38
CA ILE B 152 38.65 48.00 22.92
C ILE B 152 37.66 47.35 22.06
N ALA B 153 37.17 48.03 21.04
CA ALA B 153 36.12 47.41 20.24
C ALA B 153 36.65 46.31 19.31
N ASP B 154 35.82 45.29 19.11
CA ASP B 154 35.96 44.34 18.00
C ASP B 154 35.69 45.03 16.67
N THR B 155 36.54 44.79 15.68
CA THR B 155 36.25 45.24 14.31
C THR B 155 35.27 44.40 13.53
N ASN B 156 34.98 43.21 14.01
CA ASN B 156 34.03 42.29 13.26
C ASN B 156 33.14 41.60 14.27
N SER B 157 32.40 42.38 15.07
CA SER B 157 31.43 41.84 15.96
C SER B 157 30.29 42.80 16.16
N ILE B 158 29.11 42.41 15.64
CA ILE B 158 27.91 43.13 15.77
C ILE B 158 26.78 42.16 16.14
N CYS B 159 25.60 42.71 16.41
CA CYS B 159 24.43 41.89 16.77
C CYS B 159 23.60 42.01 15.53
N PRO B 160 23.06 40.92 15.03
CA PRO B 160 22.41 41.00 13.71
C PRO B 160 21.04 41.59 13.69
N TRP B 161 20.41 41.73 14.85
CA TRP B 161 19.04 42.15 14.92
C TRP B 161 18.94 43.43 15.76
N ASN B 162 20.07 43.97 16.23
CA ASN B 162 20.08 45.31 16.82
C ASN B 162 21.39 46.03 16.58
N THR B 163 21.29 47.34 16.36
CA THR B 163 22.43 48.15 15.96
C THR B 163 23.18 48.95 17.00
N ASP B 164 22.90 48.73 18.30
CA ASP B 164 23.30 49.69 19.34
C ASP B 164 24.79 49.60 19.64
N MET B 165 25.32 48.38 19.56
CA MET B 165 26.66 48.14 20.08
C MET B 165 27.62 47.54 19.06
N TYR B 166 28.89 47.61 19.39
CA TYR B 166 29.92 46.74 18.87
C TYR B 166 30.38 45.85 20.00
N GLY B 167 30.89 44.69 19.61
CA GLY B 167 31.37 43.72 20.59
C GLY B 167 32.67 44.23 21.16
N VAL B 168 33.03 43.75 22.36
CA VAL B 168 34.26 44.12 22.97
C VAL B 168 35.22 42.98 22.90
N ASP B 169 36.48 43.33 22.68
CA ASP B 169 37.54 42.40 22.38
C ASP B 169 38.38 42.20 23.61
N HIS B 170 38.18 41.02 24.23
CA HIS B 170 38.79 40.75 25.49
C HIS B 170 40.30 40.81 25.48
N ARG B 171 40.92 40.79 24.32
CA ARG B 171 42.38 40.88 24.26
C ARG B 171 42.86 42.30 24.40
N LYS B 172 42.00 43.29 24.16
CA LYS B 172 42.50 44.68 24.23
C LYS B 172 42.62 45.14 25.63
N GLU B 173 43.68 45.89 25.89
CA GLU B 173 43.80 46.64 27.16
C GLU B 173 42.64 47.56 27.33
N GLY B 174 42.07 47.49 28.52
CA GLY B 174 40.89 48.22 28.82
C GLY B 174 39.58 47.53 28.64
N ALA B 175 39.51 46.35 27.98
CA ALA B 175 38.22 45.70 27.82
C ALA B 175 37.51 45.30 29.11
N GLN B 176 38.24 44.67 30.01
CA GLN B 176 37.66 44.21 31.27
C GLN B 176 37.33 45.44 32.12
N ALA B 177 38.12 46.51 32.00
CA ALA B 177 37.84 47.74 32.71
C ALA B 177 36.51 48.30 32.32
N TYR B 178 36.19 48.22 31.04
CA TYR B 178 34.90 48.68 30.61
C TYR B 178 33.80 47.88 31.28
N TYR B 179 33.84 46.55 31.18
CA TYR B 179 32.78 45.74 31.74
C TYR B 179 32.74 45.90 33.26
N ASP B 180 33.87 46.00 33.91
CA ASP B 180 33.90 46.32 35.30
C ASP B 180 33.13 47.61 35.59
N SER B 181 33.29 48.61 34.73
CA SER B 181 32.71 49.89 35.02
C SER B 181 31.22 49.86 34.87
N LEU B 182 30.72 48.98 34.00
CA LEU B 182 29.29 48.85 33.87
C LEU B 182 28.69 48.26 35.12
N PHE B 183 29.32 47.23 35.69
CA PHE B 183 28.66 46.59 36.79
C PHE B 183 28.90 47.40 38.09
N GLN B 184 29.94 48.24 38.09
CA GLN B 184 30.05 49.31 39.12
C GLN B 184 28.86 50.25 39.05
N LEU B 185 28.50 50.72 37.90
CA LEU B 185 27.30 51.53 37.76
C LEU B 185 26.04 50.81 38.16
N TYR B 186 25.87 49.58 37.67
CA TYR B 186 24.68 48.81 38.02
C TYR B 186 24.61 48.56 39.51
N ALA B 187 25.75 48.31 40.13
CA ALA B 187 25.71 48.08 41.53
C ALA B 187 25.36 49.39 42.31
N GLN B 188 25.84 50.57 41.85
CA GLN B 188 25.54 51.91 42.43
CA GLN B 188 25.53 51.83 42.54
C GLN B 188 24.06 52.10 42.41
N TRP B 189 23.45 51.76 41.26
CA TRP B 189 21.99 51.86 41.13
C TRP B 189 21.20 50.89 41.99
N GLY B 190 21.84 49.83 42.43
CA GLY B 190 21.13 48.80 43.12
C GLY B 190 20.52 47.68 42.25
N VAL B 191 21.09 47.44 41.08
CA VAL B 191 20.58 46.37 40.18
C VAL B 191 20.74 45.04 40.86
N ASP B 192 19.73 44.17 40.86
CA ASP B 192 19.94 42.81 41.40
C ASP B 192 20.00 41.65 40.37
N PHE B 193 19.79 42.02 39.10
CA PHE B 193 19.56 41.08 38.04
C PHE B 193 19.86 41.74 36.72
N VAL B 194 20.63 41.07 35.89
CA VAL B 194 20.88 41.55 34.52
C VAL B 194 20.62 40.45 33.48
N LYS B 195 19.79 40.80 32.53
CA LYS B 195 19.53 39.96 31.36
C LYS B 195 20.41 40.55 30.24
N VAL B 196 21.43 39.77 29.87
CA VAL B 196 22.30 40.12 28.77
C VAL B 196 21.78 39.55 27.45
N ALA B 197 21.81 40.41 26.41
CA ALA B 197 21.36 39.96 25.11
C ALA B 197 22.50 39.96 24.11
N ASP B 198 22.26 39.34 22.96
CA ASP B 198 23.23 39.11 21.87
C ASP B 198 24.48 38.40 22.35
N ILE B 199 24.28 37.41 23.16
CA ILE B 199 25.39 36.77 23.81
C ILE B 199 25.39 35.23 23.72
N VAL B 200 24.29 34.57 23.42
CA VAL B 200 24.21 33.11 23.52
C VAL B 200 24.17 32.51 22.12
N ALA B 201 23.18 32.90 21.37
CA ALA B 201 23.06 32.46 20.01
C ALA B 201 23.19 33.76 19.17
N SER B 202 23.81 33.64 18.03
CA SER B 202 23.92 34.74 17.06
C SER B 202 23.97 34.06 15.69
N LYS B 203 23.01 34.40 14.82
CA LYS B 203 23.03 33.92 13.46
C LYS B 203 24.45 34.08 12.85
N LEU B 204 25.06 35.24 13.05
CA LEU B 204 26.43 35.50 12.55
C LEU B 204 27.65 34.88 13.26
N TYR B 205 27.66 34.88 14.58
CA TYR B 205 28.84 34.48 15.29
C TYR B 205 28.59 33.36 16.32
N GLY B 206 27.36 32.88 16.48
CA GLY B 206 27.18 31.94 17.60
C GLY B 206 27.45 32.56 18.99
N THR B 207 28.15 31.82 19.86
CA THR B 207 28.12 32.12 21.29
C THR B 207 29.28 32.95 21.63
N HIS B 208 29.03 34.09 22.29
CA HIS B 208 30.10 35.02 22.64
C HIS B 208 30.70 34.71 23.95
N THR B 209 31.54 33.70 23.91
CA THR B 209 32.13 33.05 25.08
C THR B 209 32.98 33.96 25.97
N GLU B 210 33.85 34.71 25.30
CA GLU B 210 34.81 35.53 25.98
C GLU B 210 34.10 36.73 26.62
N GLU B 211 33.00 37.18 26.06
CA GLU B 211 32.26 38.24 26.73
C GLU B 211 31.44 37.68 27.92
N ILE B 212 31.06 36.41 27.89
CA ILE B 212 30.38 35.81 29.03
C ILE B 212 31.41 35.80 30.16
N LYS B 213 32.62 35.44 29.87
CA LYS B 213 33.58 35.40 30.95
C LYS B 213 33.92 36.78 31.51
N MET B 214 33.98 37.81 30.70
CA MET B 214 34.32 39.14 31.21
C MET B 214 33.16 39.66 32.08
N ILE B 215 31.94 39.32 31.72
CA ILE B 215 30.77 39.72 32.45
C ILE B 215 30.72 39.05 33.81
N ARG B 216 30.88 37.74 33.81
CA ARG B 216 31.00 36.99 35.03
C ARG B 216 31.98 37.68 35.98
N LYS B 217 33.11 38.06 35.43
CA LYS B 217 34.14 38.63 36.27
C LYS B 217 33.83 40.07 36.79
N ALA B 218 33.24 40.87 35.92
CA ALA B 218 32.81 42.17 36.26
C ALA B 218 31.73 42.12 37.37
N ILE B 219 30.79 41.20 37.24
CA ILE B 219 29.83 40.94 38.30
C ILE B 219 30.52 40.57 39.61
N ASP B 220 31.43 39.64 39.54
CA ASP B 220 32.06 39.19 40.76
C ASP B 220 32.86 40.31 41.41
N ARG B 221 33.36 41.23 40.65
CA ARG B 221 34.19 42.25 41.21
C ARG B 221 33.35 43.42 41.76
N CYS B 222 32.10 43.55 41.36
CA CYS B 222 31.36 44.77 41.71
C CYS B 222 30.87 44.80 43.17
N GLY B 223 30.99 43.68 43.89
CA GLY B 223 30.64 43.63 45.27
C GLY B 223 29.18 43.46 45.58
N ARG B 224 28.27 43.49 44.63
CA ARG B 224 26.87 43.19 44.90
C ARG B 224 26.39 41.92 44.16
N PRO B 225 25.45 41.16 44.76
CA PRO B 225 24.89 39.99 44.10
C PRO B 225 24.03 40.44 42.92
N ILE B 226 24.47 40.12 41.70
CA ILE B 226 23.68 40.37 40.52
C ILE B 226 23.54 39.04 39.79
N VAL B 227 22.32 38.57 39.71
CA VAL B 227 21.95 37.36 38.98
C VAL B 227 22.16 37.58 37.50
N LEU B 228 22.76 36.60 36.84
CA LEU B 228 23.05 36.74 35.37
C LEU B 228 22.18 35.86 34.51
N SER B 229 21.43 36.53 33.63
CA SER B 229 20.53 35.89 32.72
C SER B 229 21.09 36.15 31.30
N LEU B 230 21.07 35.11 30.43
CA LEU B 230 21.66 35.21 29.07
C LEU B 230 20.60 34.90 28.03
N SER B 231 20.63 35.64 26.93
CA SER B 231 19.63 35.61 25.89
C SER B 231 20.24 36.11 24.55
N PRO B 232 19.55 35.94 23.47
CA PRO B 232 18.45 35.07 23.18
C PRO B 232 19.01 33.67 23.01
N GLY B 233 18.17 32.66 22.90
CA GLY B 233 18.63 31.29 22.60
C GLY B 233 18.43 31.05 21.11
N PRO B 234 18.59 29.80 20.66
CA PRO B 234 18.83 28.59 21.40
C PRO B 234 20.21 28.48 21.88
N ALA B 235 20.38 28.21 23.17
CA ALA B 235 21.67 27.94 23.73
C ALA B 235 22.19 26.60 23.20
N PRO B 236 23.44 26.54 22.79
CA PRO B 236 23.95 25.25 22.35
C PRO B 236 24.39 24.39 23.53
N LEU B 237 24.02 23.12 23.48
CA LEU B 237 24.39 22.16 24.49
C LEU B 237 25.87 22.01 24.57
N ASP B 238 26.58 22.29 23.48
CA ASP B 238 28.02 22.23 23.40
C ASP B 238 28.68 23.14 24.43
N HIS B 239 28.06 24.27 24.77
CA HIS B 239 28.59 25.18 25.78
C HIS B 239 27.91 25.01 27.18
N ALA B 240 27.45 23.80 27.49
CA ALA B 240 26.74 23.53 28.75
C ALA B 240 27.63 23.82 29.97
N THR B 241 28.87 23.41 29.92
CA THR B 241 29.70 23.72 31.05
C THR B 241 29.86 25.20 31.32
N LEU B 242 30.17 25.93 30.26
CA LEU B 242 30.38 27.37 30.33
C LEU B 242 29.14 28.03 30.92
N PHE B 243 27.97 27.71 30.39
CA PHE B 243 26.78 28.30 30.93
C PHE B 243 26.51 27.95 32.42
N VAL B 244 26.60 26.67 32.73
CA VAL B 244 26.33 26.19 34.09
C VAL B 244 27.25 26.87 35.04
N GLU B 245 28.48 27.09 34.63
CA GLU B 245 29.42 27.67 35.55
C GLU B 245 29.41 29.20 35.60
N ASN B 246 28.89 29.85 34.60
CA ASN B 246 28.97 31.29 34.54
C ASN B 246 27.69 32.02 34.69
N ALA B 247 26.57 31.43 34.32
CA ALA B 247 25.35 32.12 34.32
C ALA B 247 24.35 31.49 35.29
N ASN B 248 23.39 32.29 35.76
CA ASN B 248 22.32 31.78 36.59
C ASN B 248 21.18 31.32 35.75
N MET B 249 21.00 31.91 34.56
CA MET B 249 20.04 31.40 33.66
C MET B 249 20.41 31.66 32.23
N TRP B 250 19.98 30.76 31.33
CA TRP B 250 20.32 30.91 29.91
C TRP B 250 19.21 30.37 29.04
N ARG B 251 18.85 31.15 28.04
CA ARG B 251 17.74 30.84 27.18
C ARG B 251 17.89 29.62 26.28
N MET B 252 17.04 28.64 26.47
CA MET B 252 17.03 27.45 25.65
C MET B 252 16.57 27.75 24.22
N THR B 253 15.95 28.89 24.00
CA THR B 253 15.15 29.08 22.82
C THR B 253 15.21 30.54 22.32
N ASP B 254 14.97 30.75 21.05
CA ASP B 254 14.74 32.10 20.56
C ASP B 254 13.40 32.57 21.19
N ASP B 255 13.03 33.82 20.92
CA ASP B 255 12.00 34.49 21.75
C ASP B 255 10.72 33.72 21.76
N PHE B 256 10.21 33.45 22.96
CA PHE B 256 8.99 32.68 23.11
C PHE B 256 7.76 33.55 23.05
N TRP B 257 6.67 33.05 22.46
CA TRP B 257 5.47 33.83 22.25
C TRP B 257 4.23 32.96 22.31
N ASP B 258 3.08 33.61 22.36
CA ASP B 258 1.84 32.93 22.53
C ASP B 258 1.35 32.22 21.26
N ARG B 259 2.10 31.21 20.89
CA ARG B 259 1.80 30.42 19.69
C ARG B 259 1.98 28.97 20.06
N TRP B 260 0.98 28.13 19.83
CA TRP B 260 1.08 26.71 20.18
C TRP B 260 2.33 26.02 19.71
N GLU B 261 2.68 26.27 18.46
CA GLU B 261 3.85 25.62 17.91
C GLU B 261 5.09 25.83 18.79
N LEU B 262 5.28 27.00 19.38
CA LEU B 262 6.46 27.25 20.16
C LEU B 262 6.37 26.58 21.51
N LEU B 263 5.19 26.39 22.03
CA LEU B 263 5.01 25.71 23.28
C LEU B 263 5.17 24.25 23.04
N TYR B 264 4.60 23.76 21.96
CA TYR B 264 4.87 22.37 21.58
C TYR B 264 6.38 22.11 21.58
N ASP B 265 7.13 23.03 20.97
CA ASP B 265 8.55 22.83 20.74
C ASP B 265 9.32 22.82 22.01
N MET B 266 8.79 23.51 23.04
CA MET B 266 9.57 23.63 24.26
C MET B 266 9.73 22.30 24.92
N PHE B 267 8.82 21.36 24.66
CA PHE B 267 8.97 20.03 25.32
C PHE B 267 10.26 19.32 25.03
N GLU B 268 10.77 19.46 23.80
CA GLU B 268 12.00 18.79 23.42
C GLU B 268 13.14 19.52 24.01
N GLN B 269 13.06 20.83 24.07
CA GLN B 269 14.13 21.57 24.66
C GLN B 269 14.30 21.27 26.15
N CYS B 270 13.19 21.19 26.89
CA CYS B 270 13.27 20.82 28.30
C CYS B 270 13.94 19.46 28.45
N TYR B 271 13.52 18.49 27.63
CA TYR B 271 14.18 17.12 27.55
C TYR B 271 15.66 17.26 27.34
N LYS B 272 16.01 18.13 26.39
CA LYS B 272 17.42 18.33 26.02
C LYS B 272 18.27 18.88 27.12
N TRP B 273 17.66 19.79 27.92
CA TRP B 273 18.43 20.47 29.01
C TRP B 273 18.26 19.94 30.41
N CYS B 274 17.40 18.95 30.59
CA CYS B 274 17.01 18.60 31.96
C CYS B 274 18.12 18.22 32.90
N LYS B 275 19.25 17.77 32.36
CA LYS B 275 20.34 17.33 33.23
C LYS B 275 21.26 18.43 33.62
N LEU B 276 21.09 19.63 33.08
CA LEU B 276 21.88 20.74 33.56
C LEU B 276 21.13 21.71 34.53
N VAL B 277 19.87 21.43 34.84
CA VAL B 277 19.09 22.23 35.76
C VAL B 277 19.60 21.97 37.14
N GLY B 278 19.87 23.00 37.89
CA GLY B 278 20.36 22.76 39.29
C GLY B 278 20.46 24.08 39.99
N LEU B 279 20.58 23.97 41.31
CA LEU B 279 20.70 25.10 42.18
C LEU B 279 21.69 26.09 41.58
N GLY B 280 21.23 27.30 41.35
CA GLY B 280 22.07 28.38 40.87
C GLY B 280 22.18 28.55 39.36
N HIS B 281 21.71 27.57 38.61
CA HIS B 281 21.97 27.54 37.20
C HIS B 281 20.83 26.93 36.44
N TRP B 282 20.03 27.80 35.81
CA TRP B 282 18.71 27.43 35.30
C TRP B 282 18.53 27.66 33.80
N PRO B 283 18.47 26.55 33.03
CA PRO B 283 18.05 26.65 31.68
C PRO B 283 16.68 27.27 31.67
N ASP B 284 16.46 28.16 30.69
CA ASP B 284 15.38 29.13 30.74
C ASP B 284 14.44 29.01 29.54
N ALA B 285 13.19 28.71 29.82
CA ALA B 285 12.20 28.52 28.79
C ALA B 285 11.54 29.84 28.37
N ASP B 286 12.10 30.92 28.83
CA ASP B 286 11.68 32.26 28.45
C ASP B 286 10.38 32.75 29.16
N MET B 287 10.03 33.99 28.86
CA MET B 287 8.98 34.73 29.57
C MET B 287 7.61 34.17 29.23
N LEU B 288 6.66 34.41 30.15
CA LEU B 288 5.35 33.89 30.08
C LEU B 288 4.43 34.88 29.41
N PRO B 289 3.97 34.57 28.22
CA PRO B 289 3.17 35.53 27.49
C PRO B 289 1.73 35.25 27.85
N LEU B 290 1.39 35.80 28.99
CA LEU B 290 0.13 35.67 29.64
C LEU B 290 -0.49 37.04 29.84
N GLY B 291 -1.79 37.07 29.99
CA GLY B 291 -2.45 38.33 30.30
C GLY B 291 -2.38 39.25 29.14
N HIS B 292 -2.12 40.52 29.41
CA HIS B 292 -2.26 41.58 28.42
C HIS B 292 -0.92 41.87 27.86
N ILE B 293 -0.75 41.53 26.60
CA ILE B 293 0.55 41.69 25.96
C ILE B 293 0.39 42.47 24.66
N GLY B 294 1.51 42.86 24.10
CA GLY B 294 1.58 43.50 22.80
C GLY B 294 1.01 44.90 22.80
N ILE B 295 1.13 45.59 23.92
CA ILE B 295 0.59 46.92 24.03
C ILE B 295 1.48 47.77 23.16
N ARG B 296 2.79 47.82 23.39
CA ARG B 296 3.67 48.41 22.37
C ARG B 296 4.72 47.37 21.92
N SER B 297 4.24 46.21 21.54
CA SER B 297 5.08 45.19 20.88
C SER B 297 4.31 44.67 19.75
N VAL B 298 5.05 44.32 18.72
CA VAL B 298 4.46 43.85 17.52
C VAL B 298 5.04 42.45 17.18
N ASP B 299 5.80 41.85 18.09
CA ASP B 299 6.44 40.56 17.87
C ASP B 299 5.47 39.39 18.10
N GLY B 300 5.86 38.21 17.66
CA GLY B 300 5.03 37.01 17.81
C GLY B 300 3.85 36.96 16.88
N GLY B 301 3.82 37.86 15.90
CA GLY B 301 2.74 37.87 14.94
C GLY B 301 1.46 38.47 15.50
N GLY B 302 1.56 39.26 16.55
CA GLY B 302 0.35 39.83 17.14
C GLY B 302 0.47 41.25 17.49
N THR B 303 -0.66 41.84 17.90
CA THR B 303 -0.67 43.24 18.40
C THR B 303 -1.38 43.30 19.73
N ASP B 304 -1.88 44.45 20.14
CA ASP B 304 -2.51 44.60 21.43
C ASP B 304 -3.54 43.55 21.71
N ARG B 305 -3.32 42.70 22.71
CA ARG B 305 -4.19 41.57 22.85
C ARG B 305 -4.05 40.96 24.23
N MET B 306 -4.97 40.07 24.55
CA MET B 306 -4.73 39.11 25.66
C MET B 306 -4.10 37.84 25.05
N THR B 307 -3.32 37.12 25.83
CA THR B 307 -2.59 35.97 25.28
C THR B 307 -3.53 35.13 24.46
N ARG B 308 -3.04 34.71 23.32
CA ARG B 308 -3.77 33.81 22.43
C ARG B 308 -3.72 32.35 22.90
N PHE B 309 -2.90 32.02 23.88
CA PHE B 309 -3.00 30.66 24.42
C PHE B 309 -4.38 30.43 25.03
N THR B 310 -4.98 29.28 24.79
CA THR B 310 -6.18 28.91 25.50
C THR B 310 -5.85 28.69 26.98
N LYS B 311 -6.89 28.58 27.80
CA LYS B 311 -6.64 28.36 29.19
C LYS B 311 -5.93 27.05 29.35
N ASP B 312 -6.31 26.04 28.58
CA ASP B 312 -5.58 24.76 28.65
C ASP B 312 -4.09 24.95 28.32
N GLU B 313 -3.81 25.78 27.34
CA GLU B 313 -2.45 25.97 26.88
C GLU B 313 -1.64 26.72 27.92
N GLN B 314 -2.29 27.66 28.57
CA GLN B 314 -1.64 28.41 29.62
C GLN B 314 -1.24 27.52 30.76
N ARG B 315 -2.12 26.63 31.13
CA ARG B 315 -1.86 25.67 32.19
C ARG B 315 -0.77 24.69 31.78
N THR B 316 -0.88 24.17 30.57
CA THR B 316 0.20 23.30 30.01
C THR B 316 1.57 23.99 30.08
N MET B 317 1.63 25.22 29.68
CA MET B 317 2.85 25.93 29.79
C MET B 317 3.27 26.04 31.24
N MET B 318 2.35 26.53 32.09
CA MET B 318 2.77 26.83 33.45
C MET B 318 3.26 25.56 34.07
N THR B 319 2.60 24.47 33.71
CA THR B 319 2.93 23.15 34.28
C THR B 319 4.33 22.62 33.89
N LEU B 320 4.68 22.82 32.63
CA LEU B 320 5.99 22.41 32.12
C LEU B 320 7.04 23.29 32.71
N TRP B 321 6.84 24.62 32.67
CA TRP B 321 7.88 25.50 33.25
C TRP B 321 8.11 25.26 34.71
N ILE B 322 7.02 24.99 35.41
CA ILE B 322 7.06 24.67 36.83
C ILE B 322 7.80 23.41 37.09
N ILE B 323 7.38 22.32 36.45
CA ILE B 323 7.99 21.02 36.87
C ILE B 323 9.42 20.94 36.47
N PHE B 324 9.74 21.56 35.32
CA PHE B 324 11.16 21.65 34.83
C PHE B 324 12.03 22.54 35.63
N ARG B 325 11.40 23.53 36.26
CA ARG B 325 12.11 24.56 37.07
C ARG B 325 12.73 25.68 36.20
N SER B 326 12.03 26.07 35.15
CA SER B 326 12.45 27.24 34.38
C SER B 326 12.25 28.48 35.24
N PRO B 327 13.10 29.48 35.10
CA PRO B 327 12.69 30.75 35.67
C PRO B 327 11.32 31.19 35.21
N LEU B 328 10.62 31.93 36.06
CA LEU B 328 9.26 32.45 35.72
C LEU B 328 9.22 33.98 35.69
N MET B 329 9.12 34.54 34.49
CA MET B 329 9.12 35.96 34.27
C MET B 329 7.85 36.30 33.51
N PHE B 330 6.91 36.91 34.23
CA PHE B 330 5.61 37.18 33.67
C PHE B 330 5.79 38.27 32.69
N GLY B 331 5.19 38.13 31.53
CA GLY B 331 5.39 39.07 30.47
C GLY B 331 4.23 40.00 30.14
N GLY B 332 3.08 39.80 30.77
CA GLY B 332 1.98 40.74 30.64
C GLY B 332 2.03 41.93 31.58
N GLU B 333 1.12 42.85 31.30
CA GLU B 333 0.94 44.07 32.10
C GLU B 333 0.07 43.60 33.27
N LEU B 334 0.70 43.43 34.42
CA LEU B 334 0.04 42.73 35.53
C LEU B 334 -1.27 43.34 35.95
N ARG B 335 -1.33 44.67 35.88
CA ARG B 335 -2.51 45.42 36.37
C ARG B 335 -3.70 45.11 35.57
N ASP B 336 -3.55 44.57 34.36
CA ASP B 336 -4.69 44.15 33.56
C ASP B 336 -5.05 42.69 33.71
N ASN B 337 -4.44 42.01 34.64
CA ASN B 337 -4.82 40.64 34.91
C ASN B 337 -6.28 40.53 35.31
N ASP B 338 -6.94 39.55 34.77
CA ASP B 338 -8.15 39.05 35.33
C ASP B 338 -7.80 38.00 36.35
N GLU B 339 -8.84 37.45 36.93
CA GLU B 339 -8.71 36.60 38.05
C GLU B 339 -8.15 35.22 37.67
N TRP B 340 -8.59 34.68 36.54
CA TRP B 340 -7.97 33.48 35.92
C TRP B 340 -6.46 33.59 35.86
N THR B 341 -5.99 34.68 35.31
CA THR B 341 -4.55 34.88 35.10
C THR B 341 -3.82 35.00 36.42
N LEU B 342 -4.42 35.70 37.37
CA LEU B 342 -3.85 35.77 38.70
C LEU B 342 -3.80 34.43 39.34
N SER B 343 -4.83 33.60 39.17
CA SER B 343 -4.77 32.29 39.77
C SER B 343 -3.57 31.41 39.34
N LEU B 344 -3.04 31.64 38.14
CA LEU B 344 -1.93 30.86 37.63
C LEU B 344 -0.67 31.17 38.41
N LEU B 345 -0.61 32.35 39.04
CA LEU B 345 0.56 32.83 39.75
C LEU B 345 0.61 32.68 41.23
N THR B 346 -0.51 32.22 41.79
CA THR B 346 -0.75 32.34 43.26
C THR B 346 -1.12 31.01 43.84
N ASN B 347 -0.86 29.91 43.14
CA ASN B 347 -1.14 28.56 43.66
C ASN B 347 0.11 27.97 44.26
N GLU B 348 0.11 27.90 45.59
CA GLU B 348 1.31 27.53 46.42
C GLU B 348 1.72 26.10 46.24
N GLU B 349 0.72 25.28 45.98
CA GLU B 349 0.91 23.85 45.91
C GLU B 349 1.73 23.48 44.64
N VAL B 350 1.36 24.15 43.58
CA VAL B 350 2.02 24.05 42.30
C VAL B 350 3.39 24.63 42.40
N LEU B 351 3.51 25.81 43.00
CA LEU B 351 4.79 26.45 43.10
C LEU B 351 5.79 25.74 43.91
N HIS B 352 5.34 24.97 44.88
CA HIS B 352 6.23 24.07 45.64
C HIS B 352 7.04 23.14 44.73
N VAL B 353 6.41 22.67 43.67
CA VAL B 353 7.06 21.78 42.72
C VAL B 353 8.30 22.48 42.07
N HIS B 354 8.17 23.78 41.78
CA HIS B 354 9.19 24.64 41.21
C HIS B 354 10.26 25.00 42.19
N GLN B 355 9.83 25.28 43.41
CA GLN B 355 10.75 25.73 44.43
C GLN B 355 11.51 24.63 45.07
N ASN B 356 10.86 23.52 45.36
CA ASN B 356 11.48 22.47 46.10
C ASN B 356 11.56 21.14 45.39
N GLY B 357 10.99 21.01 44.20
CA GLY B 357 11.19 19.80 43.41
C GLY B 357 12.63 19.67 42.91
N TYR B 358 13.00 18.47 42.52
CA TYR B 358 14.27 18.25 41.88
C TYR B 358 14.19 16.97 41.05
N GLY B 359 15.15 16.77 40.15
CA GLY B 359 15.20 15.52 39.35
C GLY B 359 14.21 15.44 38.21
N ALA B 360 13.56 16.54 37.84
CA ALA B 360 12.66 16.49 36.75
C ALA B 360 13.28 15.77 35.54
N ARG B 361 12.47 14.90 34.95
CA ARG B 361 12.86 14.07 33.84
C ARG B 361 11.59 13.68 33.09
N GLN B 362 11.78 13.44 31.79
CA GLN B 362 10.74 13.01 30.90
C GLN B 362 10.65 11.55 31.09
N VAL B 363 9.47 11.07 31.51
CA VAL B 363 9.32 9.64 31.76
C VAL B 363 9.17 8.99 30.38
N TYR B 364 8.36 9.57 29.53
CA TYR B 364 8.23 9.10 28.14
C TYR B 364 7.56 10.14 27.32
N ARG B 365 7.72 10.01 26.01
CA ARG B 365 7.05 10.80 25.03
C ARG B 365 6.71 9.84 23.89
N GLU B 366 5.44 9.75 23.54
CA GLU B 366 4.96 8.71 22.68
C GLU B 366 3.64 9.21 22.18
N ASN B 367 3.43 9.21 20.87
CA ASN B 367 2.19 9.69 20.25
C ASN B 367 1.76 11.04 20.78
N ASP B 368 2.73 11.87 21.06
CA ASP B 368 2.41 13.21 21.44
C ASP B 368 1.62 13.22 22.77
N HIS B 369 1.88 12.17 23.53
CA HIS B 369 1.65 12.19 24.97
C HIS B 369 2.96 12.22 25.70
N VAL B 370 3.05 13.12 26.69
CA VAL B 370 4.27 13.28 27.43
C VAL B 370 4.01 13.28 28.90
N VAL B 371 4.86 12.52 29.61
CA VAL B 371 4.89 12.56 31.05
C VAL B 371 6.27 12.95 31.63
N TRP B 372 6.29 13.97 32.51
CA TRP B 372 7.39 14.39 33.33
C TRP B 372 7.19 14.04 34.83
N THR B 373 8.28 13.82 35.55
CA THR B 373 8.19 13.54 36.96
C THR B 373 9.35 14.16 37.65
N SER B 374 9.09 14.62 38.88
CA SER B 374 10.11 15.11 39.80
C SER B 374 9.66 14.80 41.23
N GLN B 375 10.46 15.17 42.21
CA GLN B 375 10.16 14.83 43.59
C GLN B 375 10.68 15.89 44.54
N ASP B 376 10.17 15.90 45.79
CA ASP B 376 10.76 16.74 46.80
C ASP B 376 11.45 15.80 47.76
N ALA B 377 12.16 16.33 48.75
CA ALA B 377 12.93 15.55 49.66
C ALA B 377 12.09 14.91 50.76
N GLU B 378 10.81 15.19 50.79
CA GLU B 378 9.91 14.65 51.78
C GLU B 378 9.03 13.55 51.19
N GLY B 379 9.42 13.05 50.06
CA GLY B 379 8.81 11.83 49.62
C GLY B 379 7.75 12.04 48.59
N ASN B 380 7.40 13.26 48.31
CA ASN B 380 6.34 13.48 47.42
C ASN B 380 6.85 13.36 45.98
N GLN B 381 6.03 12.79 45.13
CA GLN B 381 6.31 12.73 43.71
C GLN B 381 5.34 13.51 42.91
N PHE B 382 5.88 14.38 42.05
CA PHE B 382 5.09 15.12 41.16
C PHE B 382 5.12 14.54 39.71
N VAL B 383 3.95 14.50 39.10
CA VAL B 383 3.77 13.97 37.81
C VAL B 383 3.00 14.95 37.02
N ALA B 384 3.61 15.45 35.95
CA ALA B 384 2.94 16.23 34.98
C ALA B 384 2.66 15.48 33.70
N MET B 385 1.39 15.42 33.31
CA MET B 385 0.95 14.57 32.22
C MET B 385 0.36 15.50 31.20
N PHE B 386 0.73 15.25 29.94
CA PHE B 386 0.48 16.18 28.89
C PHE B 386 -0.01 15.48 27.62
N ASN B 387 -1.04 16.00 27.00
CA ASN B 387 -1.50 15.58 25.70
C ASN B 387 -1.15 16.73 24.80
N ILE B 388 -0.04 16.63 24.07
CA ILE B 388 0.31 17.68 23.09
C ILE B 388 -0.12 17.34 21.65
N SER B 389 -0.99 16.35 21.52
CA SER B 389 -1.49 15.91 20.21
C SER B 389 -2.68 16.73 19.97
N GLU B 390 -3.32 16.47 18.83
CA GLU B 390 -4.49 17.27 18.42
C GLU B 390 -5.77 16.52 18.75
N LYS B 391 -5.64 15.35 19.34
CA LYS B 391 -6.76 14.48 19.66
C LYS B 391 -6.89 14.15 21.16
N ARG B 392 -8.12 14.32 21.66
CA ARG B 392 -8.49 13.89 23.01
C ARG B 392 -8.10 12.46 23.24
N SER B 393 -7.50 12.19 24.38
CA SER B 393 -7.14 10.82 24.68
C SER B 393 -6.84 10.62 26.11
N VAL B 394 -6.84 9.37 26.51
CA VAL B 394 -6.34 9.03 27.82
C VAL B 394 -4.80 9.04 27.87
N VAL B 395 -4.22 9.84 28.76
CA VAL B 395 -2.79 9.75 28.95
C VAL B 395 -2.56 9.06 30.26
N SER B 396 -1.72 8.02 30.25
CA SER B 396 -1.46 7.26 31.44
C SER B 396 0.00 6.92 31.63
N VAL B 397 0.32 6.52 32.84
CA VAL B 397 1.64 6.12 33.17
C VAL B 397 1.52 5.21 34.37
N SER B 398 2.35 4.19 34.41
CA SER B 398 2.34 3.26 35.48
C SER B 398 3.17 3.78 36.63
N LEU B 399 2.72 3.44 37.84
CA LEU B 399 3.48 3.76 39.05
C LEU B 399 4.86 3.18 38.98
N LYS B 400 4.93 1.95 38.53
CA LYS B 400 6.23 1.33 38.34
C LYS B 400 7.12 2.21 37.47
N ASP B 401 6.64 2.69 36.31
CA ASP B 401 7.50 3.57 35.52
C ASP B 401 7.86 4.84 36.22
N LEU B 402 7.07 5.23 37.23
CA LEU B 402 7.45 6.38 38.02
C LEU B 402 8.39 6.02 39.15
N GLY B 403 8.67 4.75 39.31
CA GLY B 403 9.47 4.33 40.44
C GLY B 403 8.68 4.17 41.73
N CYS B 404 7.36 4.05 41.66
CA CYS B 404 6.56 3.82 42.87
C CYS B 404 6.11 2.41 42.92
N MET B 405 6.48 1.71 43.99
CA MET B 405 6.32 0.24 44.04
C MET B 405 5.03 -0.28 44.71
N GLU B 406 4.15 0.64 45.16
CA GLU B 406 2.81 0.24 45.63
C GLU B 406 1.89 1.39 45.46
N PRO B 407 0.63 1.19 45.88
CA PRO B 407 -0.35 2.23 45.65
C PRO B 407 -0.05 3.52 46.39
N MET B 408 -0.55 4.59 45.85
CA MET B 408 -0.31 5.88 46.36
C MET B 408 -1.63 6.61 46.33
N LYS B 409 -1.66 7.74 46.98
CA LYS B 409 -2.70 8.70 46.84
C LYS B 409 -2.28 9.75 45.87
N ALA B 410 -3.24 10.31 45.15
CA ALA B 410 -3.03 11.33 44.22
C ALA B 410 -3.81 12.60 44.58
N ARG B 411 -3.24 13.73 44.21
CA ARG B 411 -3.90 14.99 44.37
C ARG B 411 -3.62 15.86 43.16
N ASP B 412 -4.65 16.49 42.63
CA ASP B 412 -4.55 17.43 41.57
C ASP B 412 -4.21 18.77 42.16
N LEU B 413 -3.00 19.18 41.88
CA LEU B 413 -2.44 20.35 42.49
C LEU B 413 -3.03 21.63 41.99
N TRP B 414 -3.32 21.76 40.71
CA TRP B 414 -3.94 23.03 40.24
C TRP B 414 -5.36 23.20 40.82
N ALA B 415 -6.12 22.12 40.76
CA ALA B 415 -7.46 22.04 41.32
C ALA B 415 -7.54 22.06 42.84
N LYS B 416 -6.44 21.78 43.53
CA LYS B 416 -6.46 21.54 44.94
C LYS B 416 -7.50 20.51 45.40
N GLU B 417 -7.52 19.35 44.79
N GLU B 417 -7.42 19.32 44.86
CA GLU B 417 -8.50 18.35 45.17
CA GLU B 417 -8.46 18.36 45.12
C GLU B 417 -7.81 17.03 45.24
C GLU B 417 -7.88 16.98 45.17
N ASP B 418 -8.10 16.29 46.27
CA ASP B 418 -7.71 14.95 46.39
C ASP B 418 -8.44 14.14 45.37
N LEU B 419 -7.76 13.10 44.89
CA LEU B 419 -8.21 12.28 43.78
C LEU B 419 -8.37 10.82 44.24
N GLY B 420 -7.78 10.45 45.35
CA GLY B 420 -7.94 9.11 45.87
C GLY B 420 -6.76 8.18 45.58
N LEU B 421 -6.95 6.93 45.91
CA LEU B 421 -5.98 5.86 45.75
C LEU B 421 -5.68 5.58 44.27
N VAL B 422 -4.41 5.37 43.94
CA VAL B 422 -4.00 4.88 42.63
C VAL B 422 -3.34 3.54 42.84
N LYS B 423 -3.92 2.48 42.32
CA LYS B 423 -3.35 1.12 42.54
C LYS B 423 -2.22 0.74 41.59
N HIS B 424 -2.40 1.04 40.29
CA HIS B 424 -1.46 0.58 39.26
C HIS B 424 -1.02 1.70 38.34
N GLN B 425 -1.94 2.50 37.84
CA GLN B 425 -1.54 3.53 36.96
C GLN B 425 -2.26 4.80 37.23
N LEU B 426 -1.59 5.92 36.95
CA LEU B 426 -2.22 7.23 36.88
C LEU B 426 -2.67 7.37 35.51
N ALA B 427 -3.90 7.79 35.34
CA ALA B 427 -4.47 7.93 34.02
C ALA B 427 -5.60 8.94 34.02
N PHE B 428 -5.61 9.85 33.05
CA PHE B 428 -6.60 10.86 32.87
C PHE B 428 -6.94 11.09 31.39
N GLU B 429 -8.22 11.36 31.13
CA GLU B 429 -8.67 11.97 29.94
C GLU B 429 -8.14 13.39 29.82
N LEU B 430 -7.44 13.65 28.73
CA LEU B 430 -6.94 15.01 28.50
C LEU B 430 -7.27 15.36 27.11
N GLY B 431 -7.76 16.58 26.93
CA GLY B 431 -8.01 17.11 25.63
C GLY B 431 -6.72 17.52 24.92
N PRO B 432 -6.85 17.88 23.64
CA PRO B 432 -5.66 18.25 22.94
C PRO B 432 -5.06 19.43 23.64
N HIS B 433 -3.75 19.44 23.82
CA HIS B 433 -3.09 20.60 24.44
C HIS B 433 -3.35 20.79 25.95
N GLN B 434 -3.92 19.78 26.56
CA GLN B 434 -4.35 19.87 27.94
C GLN B 434 -3.45 19.02 28.81
N SER B 435 -3.22 19.49 30.02
CA SER B 435 -2.36 18.81 30.94
C SER B 435 -2.96 18.66 32.33
N ILE B 436 -2.25 17.94 33.20
CA ILE B 436 -2.66 17.85 34.60
C ILE B 436 -1.39 17.70 35.40
N LEU B 437 -1.34 18.34 36.57
CA LEU B 437 -0.22 18.20 37.51
C LEU B 437 -0.62 17.57 38.84
N VAL B 438 0.02 16.47 39.16
CA VAL B 438 -0.42 15.61 40.20
C VAL B 438 0.65 15.43 41.23
N LYS B 439 0.21 15.31 42.47
CA LYS B 439 1.11 14.90 43.53
C LYS B 439 0.76 13.55 44.03
N LEU B 440 1.76 12.68 44.21
CA LEU B 440 1.58 11.37 44.76
C LEU B 440 2.29 11.26 46.09
N SER B 441 1.63 10.62 47.05
CA SER B 441 2.27 10.32 48.33
C SER B 441 1.68 9.02 48.84
N PRO B 442 2.29 8.43 49.86
CA PRO B 442 1.92 7.09 50.46
C PRO B 442 0.45 6.92 50.85
N ALA B 443 -0.17 5.80 50.51
CA ALA B 443 -1.59 5.58 50.93
C ALA B 443 -1.72 5.06 52.38
N VAL B 444 -2.88 5.35 52.95
CA VAL B 444 -3.24 5.17 54.37
C VAL B 444 -3.10 3.73 54.90
N ASP C 13 30.81 25.65 -26.84
CA ASP C 13 32.14 25.01 -26.65
C ASP C 13 32.27 23.88 -27.72
N ALA C 14 33.49 23.70 -28.27
CA ALA C 14 33.73 22.80 -29.45
C ALA C 14 34.83 21.68 -29.35
N SER C 15 35.61 21.68 -28.26
CA SER C 15 36.73 20.73 -27.95
C SER C 15 36.64 19.16 -28.09
N MET C 16 35.45 18.57 -27.89
CA MET C 16 35.28 17.13 -27.58
C MET C 16 34.51 16.36 -28.66
N HIS C 17 35.06 15.25 -29.13
CA HIS C 17 34.42 14.51 -30.19
C HIS C 17 32.95 14.10 -29.86
N HIS C 18 32.68 13.65 -28.62
CA HIS C 18 31.31 13.25 -28.28
C HIS C 18 30.27 14.32 -28.40
N TYR C 19 30.66 15.60 -28.44
CA TYR C 19 29.68 16.67 -28.69
C TYR C 19 28.92 16.42 -29.97
N GLN C 20 29.61 15.84 -30.96
CA GLN C 20 28.99 15.58 -32.25
C GLN C 20 27.85 14.57 -32.16
N TRP C 21 27.77 13.81 -31.08
CA TRP C 21 26.68 12.88 -30.88
C TRP C 21 25.39 13.50 -30.40
N ALA C 22 25.43 14.77 -29.99
CA ALA C 22 24.25 15.50 -29.48
C ALA C 22 24.25 16.96 -29.94
N LYS C 23 24.22 17.16 -31.25
CA LYS C 23 24.31 18.46 -31.83
C LYS C 23 23.10 19.29 -31.50
N THR C 24 21.95 18.63 -31.34
CA THR C 24 20.75 19.29 -30.80
C THR C 24 20.36 18.47 -29.57
N PRO C 25 19.46 18.98 -28.72
CA PRO C 25 19.33 18.34 -27.42
C PRO C 25 18.56 17.08 -27.64
N PRO C 26 19.03 15.95 -27.10
CA PRO C 26 18.30 14.73 -27.26
C PRO C 26 16.77 14.83 -27.04
N MET C 27 16.03 14.18 -27.95
CA MET C 27 14.60 14.10 -27.88
C MET C 27 14.15 12.63 -27.90
N GLY C 28 13.24 12.25 -27.01
CA GLY C 28 12.89 10.85 -26.93
C GLY C 28 11.82 10.63 -25.86
N TRP C 29 11.71 9.39 -25.40
CA TRP C 29 10.69 8.96 -24.43
C TRP C 29 11.45 8.21 -23.37
N ASN C 30 10.98 8.32 -22.13
CA ASN C 30 11.62 7.62 -21.02
C ASN C 30 10.57 6.93 -20.15
N SER C 31 10.82 5.65 -19.79
CA SER C 31 9.79 4.83 -19.10
C SER C 31 9.52 5.24 -17.63
N TRP C 32 10.24 6.18 -17.08
CA TRP C 32 10.20 6.38 -15.61
C TRP C 32 8.88 6.91 -15.03
N ASP C 33 8.35 7.96 -15.66
CA ASP C 33 7.20 8.70 -15.12
C ASP C 33 5.91 7.87 -15.29
N CYS C 34 5.87 7.02 -16.31
CA CYS C 34 4.75 6.14 -16.46
C CYS C 34 4.89 4.76 -15.78
N TYR C 35 6.03 4.09 -15.84
CA TYR C 35 6.15 2.70 -15.31
C TYR C 35 7.15 2.49 -14.20
N GLY C 36 7.69 3.54 -13.67
CA GLY C 36 8.65 3.39 -12.59
C GLY C 36 9.89 2.63 -13.00
N ALA C 37 10.27 1.67 -12.16
CA ALA C 37 11.31 0.75 -12.46
C ALA C 37 10.84 -0.45 -13.22
N SER C 38 9.60 -0.50 -13.70
CA SER C 38 8.98 -1.77 -13.98
C SER C 38 8.55 -2.06 -15.43
N VAL C 39 9.03 -1.31 -16.41
CA VAL C 39 8.48 -1.39 -17.75
C VAL C 39 8.76 -2.76 -18.29
N THR C 40 7.85 -3.25 -19.13
CA THR C 40 8.06 -4.52 -19.90
C THR C 40 8.51 -4.21 -21.33
N GLU C 41 9.07 -5.23 -21.97
CA GLU C 41 9.39 -5.18 -23.40
C GLU C 41 8.22 -4.73 -24.26
N ASP C 42 7.02 -5.25 -24.03
CA ASP C 42 5.90 -4.83 -24.85
C ASP C 42 5.53 -3.39 -24.69
N GLU C 43 5.68 -2.83 -23.49
CA GLU C 43 5.42 -1.45 -23.32
C GLU C 43 6.48 -0.61 -24.04
N VAL C 44 7.73 -0.99 -23.96
CA VAL C 44 8.76 -0.23 -24.68
C VAL C 44 8.47 -0.25 -26.20
N LYS C 45 8.23 -1.46 -26.69
CA LYS C 45 7.91 -1.62 -28.08
C LYS C 45 6.69 -0.81 -28.52
N GLY C 46 5.66 -0.72 -27.67
CA GLY C 46 4.47 0.06 -28.01
C GLY C 46 4.75 1.53 -28.11
N ASN C 47 5.58 2.04 -27.20
CA ASN C 47 5.89 3.44 -27.21
C ASN C 47 6.81 3.78 -28.36
N ALA C 48 7.74 2.90 -28.66
CA ALA C 48 8.58 3.03 -29.85
C ALA C 48 7.79 3.14 -31.14
N GLU C 49 6.78 2.31 -31.26
CA GLU C 49 5.96 2.26 -32.48
C GLU C 49 5.21 3.54 -32.57
N TYR C 50 4.65 3.98 -31.46
CA TYR C 50 3.95 5.23 -31.50
C TYR C 50 4.89 6.29 -31.97
N MET C 51 6.11 6.25 -31.47
CA MET C 51 7.08 7.34 -31.79
C MET C 51 7.40 7.32 -33.29
N ALA C 52 7.69 6.14 -33.79
CA ALA C 52 8.04 6.00 -35.16
C ALA C 52 6.92 6.55 -36.01
N LYS C 53 5.68 6.35 -35.56
CA LYS C 53 4.53 6.66 -36.37
C LYS C 53 4.14 8.09 -36.33
N TYR C 54 4.12 8.69 -35.14
CA TYR C 54 3.60 10.03 -35.03
C TYR C 54 4.66 11.12 -34.79
N LEU C 55 5.83 10.75 -34.31
CA LEU C 55 6.73 11.77 -33.72
C LEU C 55 8.09 11.88 -34.39
N LYS C 56 8.51 10.80 -35.03
CA LYS C 56 9.83 10.73 -35.57
C LYS C 56 10.15 11.86 -36.57
N PRO C 57 9.17 12.28 -37.39
CA PRO C 57 9.42 13.44 -38.28
C PRO C 57 9.66 14.78 -37.54
N PHE C 58 9.34 14.87 -36.27
CA PHE C 58 9.61 16.09 -35.57
C PHE C 58 10.88 15.99 -34.69
N GLY C 59 11.69 14.95 -34.81
CA GLY C 59 12.96 14.91 -34.07
C GLY C 59 13.00 13.90 -32.91
N TRP C 60 11.84 13.40 -32.49
CA TRP C 60 11.77 12.43 -31.37
C TRP C 60 12.37 11.13 -31.82
N GLU C 61 13.42 10.65 -31.15
CA GLU C 61 14.09 9.45 -31.62
C GLU C 61 14.54 8.46 -30.58
N TYR C 62 14.83 8.90 -29.33
CA TYR C 62 15.36 8.01 -28.29
C TYR C 62 14.19 7.32 -27.54
N VAL C 63 14.31 6.01 -27.41
CA VAL C 63 13.43 5.17 -26.63
C VAL C 63 14.26 4.66 -25.48
N VAL C 64 14.05 5.25 -24.29
CA VAL C 64 14.89 4.95 -23.14
C VAL C 64 14.20 4.07 -22.08
N VAL C 65 14.79 2.92 -21.83
CA VAL C 65 14.40 2.03 -20.77
C VAL C 65 15.04 2.53 -19.48
N ASP C 66 14.20 2.99 -18.54
CA ASP C 66 14.72 3.54 -17.29
C ASP C 66 15.12 2.47 -16.28
N ILE C 67 15.25 2.90 -15.03
CA ILE C 67 15.96 2.15 -14.01
C ILE C 67 15.48 0.77 -13.73
N GLN C 68 16.44 -0.08 -13.44
CA GLN C 68 16.13 -1.41 -12.91
C GLN C 68 15.50 -2.44 -13.86
N TRP C 69 15.84 -2.34 -15.16
CA TRP C 69 15.58 -3.41 -16.13
C TRP C 69 16.17 -4.74 -15.72
N TYR C 70 17.11 -4.72 -14.77
CA TYR C 70 17.78 -5.92 -14.26
C TYR C 70 17.14 -6.52 -12.99
N GLU C 71 16.04 -5.92 -12.53
CA GLU C 71 15.33 -6.29 -11.28
C GLU C 71 13.98 -6.98 -11.68
N PRO C 72 13.95 -8.28 -11.66
CA PRO C 72 12.80 -8.99 -12.28
C PRO C 72 11.49 -8.81 -11.54
N GLY C 73 11.54 -8.42 -10.26
CA GLY C 73 10.32 -8.23 -9.46
C GLY C 73 9.88 -6.78 -9.40
N ALA C 74 10.55 -5.89 -10.07
CA ALA C 74 10.27 -4.53 -9.85
C ALA C 74 8.80 -4.26 -10.24
N ASN C 75 8.15 -3.35 -9.52
CA ASN C 75 6.74 -3.17 -9.67
C ASN C 75 6.27 -1.73 -9.43
N SER C 76 7.18 -0.79 -9.25
CA SER C 76 6.81 0.51 -8.84
C SER C 76 7.97 1.48 -9.05
N SER C 77 7.76 2.72 -8.67
CA SER C 77 8.84 3.65 -8.44
C SER C 77 9.55 3.41 -7.10
N ILE C 78 8.93 2.66 -6.22
CA ILE C 78 9.57 2.23 -4.98
C ILE C 78 10.38 0.92 -5.17
N TYR C 79 11.66 0.99 -4.88
CA TYR C 79 12.54 -0.13 -5.13
C TYR C 79 12.35 -1.15 -4.05
N ARG C 80 12.57 -2.41 -4.40
CA ARG C 80 12.57 -3.49 -3.49
C ARG C 80 14.05 -3.66 -3.14
N PRO C 81 14.45 -3.25 -1.90
CA PRO C 81 15.80 -3.31 -1.52
C PRO C 81 16.39 -4.65 -1.27
N PHE C 82 17.71 -4.68 -1.48
CA PHE C 82 18.55 -5.78 -1.17
C PHE C 82 18.17 -7.06 -1.91
N VAL C 83 17.54 -6.96 -3.07
CA VAL C 83 17.07 -8.15 -3.75
C VAL C 83 18.11 -8.59 -4.78
N PRO C 84 18.20 -9.91 -5.00
CA PRO C 84 19.05 -10.43 -6.11
C PRO C 84 18.67 -9.86 -7.45
N LEU C 85 19.68 -9.59 -8.27
CA LEU C 85 19.50 -8.96 -9.56
C LEU C 85 20.06 -9.86 -10.68
N GLU C 86 19.52 -9.67 -11.86
CA GLU C 86 19.95 -10.47 -13.04
C GLU C 86 21.31 -9.93 -13.46
N MET C 87 22.26 -10.84 -13.67
CA MET C 87 23.66 -10.48 -13.78
C MET C 87 24.39 -11.57 -14.51
N ASP C 88 25.36 -11.20 -15.33
CA ASP C 88 26.21 -12.18 -15.99
C ASP C 88 27.33 -12.60 -15.11
N GLU C 89 28.27 -13.35 -15.70
CA GLU C 89 29.42 -13.92 -14.97
C GLU C 89 30.57 -12.91 -14.87
N TYR C 90 30.39 -11.71 -15.37
CA TYR C 90 31.43 -10.71 -15.31
C TYR C 90 30.97 -9.49 -14.51
N SER C 91 30.08 -9.71 -13.55
CA SER C 91 29.57 -8.66 -12.68
C SER C 91 28.69 -7.62 -13.33
N ARG C 92 28.19 -7.89 -14.54
CA ARG C 92 27.39 -6.95 -15.31
C ARG C 92 25.93 -7.28 -15.29
N LEU C 93 25.15 -6.31 -14.85
CA LEU C 93 23.70 -6.49 -14.82
C LEU C 93 23.14 -6.73 -16.20
N MET C 94 22.12 -7.59 -16.25
CA MET C 94 21.53 -8.06 -17.50
C MET C 94 20.02 -7.84 -17.46
N PRO C 95 19.35 -7.68 -18.63
CA PRO C 95 17.88 -7.65 -18.58
C PRO C 95 17.18 -8.84 -17.95
N ALA C 96 16.15 -8.55 -17.15
CA ALA C 96 15.28 -9.55 -16.59
C ALA C 96 14.45 -10.16 -17.71
N VAL C 97 14.64 -11.44 -17.99
CA VAL C 97 13.96 -12.15 -19.14
C VAL C 97 12.46 -12.24 -18.99
N ASN C 98 11.98 -12.37 -17.75
CA ASN C 98 10.54 -12.27 -17.52
C ASN C 98 9.98 -10.96 -18.08
N ARG C 99 10.65 -9.83 -17.87
CA ARG C 99 10.12 -8.55 -18.36
C ARG C 99 10.50 -8.21 -19.82
N PHE C 100 11.59 -8.82 -20.26
CA PHE C 100 12.16 -8.64 -21.61
C PHE C 100 12.41 -10.03 -22.21
N PRO C 101 11.36 -10.73 -22.71
CA PRO C 101 11.48 -12.12 -23.13
C PRO C 101 12.48 -12.32 -24.30
N SER C 102 12.59 -11.31 -25.14
CA SER C 102 13.53 -11.36 -26.27
C SER C 102 14.96 -11.44 -25.81
N ALA C 103 15.21 -11.12 -24.54
CA ALA C 103 16.55 -11.29 -23.97
C ALA C 103 16.88 -12.71 -23.59
N LYS C 104 15.89 -13.61 -23.65
CA LYS C 104 16.14 -15.03 -23.34
C LYS C 104 17.41 -15.60 -24.04
N GLY C 105 18.25 -16.35 -23.33
CA GLY C 105 19.45 -16.90 -23.94
C GLY C 105 20.69 -16.05 -23.92
N GLY C 106 20.75 -15.09 -23.02
CA GLY C 106 21.91 -14.27 -22.88
C GLY C 106 22.02 -13.20 -23.96
N LYS C 107 20.96 -12.91 -24.66
CA LYS C 107 21.04 -11.94 -25.74
C LYS C 107 20.96 -10.50 -25.29
N GLY C 108 20.52 -10.31 -24.04
CA GLY C 108 20.50 -8.97 -23.49
C GLY C 108 19.54 -8.16 -24.26
N PHE C 109 19.88 -6.90 -24.42
CA PHE C 109 19.01 -5.97 -25.17
C PHE C 109 19.24 -5.92 -26.71
N LYS C 110 20.03 -6.83 -27.27
CA LYS C 110 20.29 -6.68 -28.72
C LYS C 110 19.01 -6.79 -29.53
N PRO C 111 18.18 -7.81 -29.25
CA PRO C 111 16.95 -7.88 -30.04
C PRO C 111 16.10 -6.66 -29.94
N LEU C 112 15.94 -6.13 -28.72
CA LEU C 112 15.06 -5.03 -28.56
C LEU C 112 15.58 -3.80 -29.27
N ALA C 113 16.88 -3.60 -29.20
CA ALA C 113 17.46 -2.43 -29.79
C ALA C 113 17.41 -2.57 -31.34
N ASP C 114 17.66 -3.78 -31.85
CA ASP C 114 17.49 -4.02 -33.30
C ASP C 114 16.08 -3.68 -33.69
N TYR C 115 15.11 -4.03 -32.88
CA TYR C 115 13.74 -3.71 -33.25
C TYR C 115 13.57 -2.21 -33.37
N ILE C 116 14.17 -1.50 -32.42
CA ILE C 116 13.94 -0.08 -32.31
C ILE C 116 14.74 0.62 -33.41
N HIS C 117 15.97 0.17 -33.65
CA HIS C 117 16.75 0.67 -34.82
C HIS C 117 15.96 0.50 -36.14
N ASN C 118 15.21 -0.61 -36.29
CA ASN C 118 14.46 -0.85 -37.55
C ASN C 118 13.31 0.06 -37.70
N LEU C 119 12.82 0.66 -36.62
CA LEU C 119 11.82 1.69 -36.73
C LEU C 119 12.46 3.01 -37.11
N GLY C 120 13.79 3.04 -37.23
CA GLY C 120 14.52 4.29 -37.46
C GLY C 120 14.68 5.08 -36.18
N LEU C 121 14.73 4.39 -35.04
CA LEU C 121 14.84 5.04 -33.77
C LEU C 121 16.14 4.69 -33.10
N LYS C 122 16.41 5.31 -31.97
CA LYS C 122 17.61 4.99 -31.15
C LYS C 122 17.26 4.44 -29.78
N PHE C 123 18.16 3.66 -29.20
CA PHE C 123 17.84 2.93 -27.99
C PHE C 123 18.60 3.49 -26.83
N GLY C 124 17.90 3.72 -25.72
CA GLY C 124 18.55 4.16 -24.46
C GLY C 124 18.31 3.26 -23.25
N ILE C 125 19.27 3.23 -22.33
CA ILE C 125 19.13 2.57 -21.03
C ILE C 125 19.63 3.41 -19.89
N HIS C 126 19.18 3.03 -18.69
CA HIS C 126 19.53 3.68 -17.45
C HIS C 126 20.47 2.76 -16.75
N ILE C 127 21.52 3.28 -16.13
CA ILE C 127 22.35 2.46 -15.27
C ILE C 127 22.58 3.21 -13.92
N MET C 128 22.84 2.43 -12.87
CA MET C 128 23.23 3.01 -11.62
C MET C 128 24.75 3.04 -11.62
N ARG C 129 25.32 4.11 -11.12
CA ARG C 129 26.73 4.18 -10.81
C ARG C 129 27.16 2.95 -10.09
N GLY C 130 28.35 2.47 -10.45
CA GLY C 130 29.01 1.46 -9.64
C GLY C 130 28.97 0.03 -10.14
N ILE C 131 29.20 -0.88 -9.20
CA ILE C 131 29.21 -2.32 -9.45
C ILE C 131 28.22 -2.98 -8.46
N PRO C 132 27.47 -4.04 -8.88
CA PRO C 132 26.44 -4.59 -8.00
C PRO C 132 26.97 -5.11 -6.71
N ARG C 133 26.24 -4.79 -5.63
CA ARG C 133 26.69 -5.28 -4.34
C ARG C 133 26.80 -6.78 -4.36
N GLN C 134 25.89 -7.45 -5.06
CA GLN C 134 25.98 -8.93 -5.04
C GLN C 134 27.27 -9.41 -5.71
N ALA C 135 27.78 -8.67 -6.69
CA ALA C 135 29.07 -9.03 -7.32
C ALA C 135 30.21 -8.91 -6.39
N VAL C 136 30.19 -7.85 -5.58
CA VAL C 136 31.23 -7.62 -4.58
C VAL C 136 31.12 -8.68 -3.48
N HIS C 137 29.89 -9.06 -3.11
CA HIS C 137 29.77 -10.03 -2.05
C HIS C 137 30.20 -11.40 -2.51
N GLN C 138 29.90 -11.74 -3.77
CA GLN C 138 30.29 -13.02 -4.29
C GLN C 138 31.68 -12.94 -4.89
N ASN C 139 32.19 -11.74 -5.10
CA ASN C 139 33.54 -11.58 -5.75
C ASN C 139 33.73 -12.26 -7.11
N THR C 140 32.70 -11.99 -7.92
CA THR C 140 32.62 -12.32 -9.31
C THR C 140 33.70 -11.52 -10.17
N PRO C 141 34.11 -12.12 -11.29
CA PRO C 141 35.21 -11.60 -12.05
C PRO C 141 34.93 -10.30 -12.70
N ILE C 142 35.99 -9.54 -12.91
CA ILE C 142 35.95 -8.43 -13.84
C ILE C 142 36.50 -8.92 -15.19
N LEU C 143 35.71 -8.79 -16.26
CA LEU C 143 36.13 -9.32 -17.59
C LEU C 143 37.49 -8.74 -17.99
N GLY C 144 38.34 -9.62 -18.47
CA GLY C 144 39.57 -9.28 -19.12
C GLY C 144 40.67 -9.16 -18.12
N THR C 145 40.44 -9.59 -16.87
CA THR C 145 41.42 -9.36 -15.84
C THR C 145 41.52 -10.52 -14.96
N ASN C 146 42.53 -10.54 -14.10
CA ASN C 146 42.57 -11.52 -13.05
C ASN C 146 42.07 -10.84 -11.73
N VAL C 147 41.19 -9.81 -11.80
CA VAL C 147 40.70 -9.29 -10.53
C VAL C 147 39.20 -9.47 -10.40
N GLY C 148 38.80 -9.32 -9.16
CA GLY C 148 37.44 -9.56 -8.76
C GLY C 148 36.73 -8.27 -8.39
N ALA C 149 35.41 -8.34 -8.37
CA ALA C 149 34.60 -7.20 -8.10
C ALA C 149 34.89 -6.70 -6.71
N ARG C 150 35.27 -7.59 -5.80
CA ARG C 150 35.49 -7.12 -4.51
C ARG C 150 36.76 -6.26 -4.53
N ASP C 151 37.64 -6.44 -5.50
CA ASP C 151 38.95 -5.78 -5.43
C ASP C 151 38.81 -4.37 -5.89
N ILE C 152 37.72 -4.01 -6.58
CA ILE C 152 37.55 -2.67 -7.13
C ILE C 152 36.49 -1.77 -6.41
N ALA C 153 35.74 -2.31 -5.46
CA ALA C 153 34.67 -1.65 -4.82
C ALA C 153 35.24 -0.64 -3.85
N ASP C 154 34.61 0.48 -3.79
CA ASP C 154 34.75 1.40 -2.64
C ASP C 154 34.09 0.80 -1.37
N THR C 155 34.73 0.92 -0.21
CA THR C 155 34.15 0.45 1.01
C THR C 155 33.25 1.44 1.70
N ASN C 156 33.12 2.66 1.16
CA ASN C 156 32.28 3.67 1.72
C ASN C 156 31.69 4.50 0.62
N SER C 157 30.91 3.89 -0.24
CA SER C 157 30.24 4.65 -1.26
C SER C 157 29.02 3.88 -1.65
N ILE C 158 27.86 4.45 -1.43
CA ILE C 158 26.58 3.90 -1.79
C ILE C 158 25.71 4.97 -2.35
N CYS C 159 24.55 4.60 -2.90
CA CYS C 159 23.50 5.55 -3.29
C CYS C 159 22.53 5.56 -2.07
N PRO C 160 22.18 6.74 -1.58
CA PRO C 160 21.29 6.86 -0.44
C PRO C 160 19.87 6.48 -0.75
N TRP C 161 19.51 6.31 -2.03
CA TRP C 161 18.12 6.00 -2.36
C TRP C 161 17.93 4.73 -3.19
N ASN C 162 18.96 3.92 -3.31
CA ASN C 162 18.91 2.66 -4.02
C ASN C 162 20.02 1.77 -3.55
N THR C 163 19.69 0.51 -3.29
CA THR C 163 20.65 -0.42 -2.72
C THR C 163 21.40 -1.31 -3.72
N ASP C 164 21.28 -1.06 -5.01
CA ASP C 164 21.72 -2.09 -5.98
C ASP C 164 23.23 -2.20 -6.13
N MET C 165 23.96 -1.09 -5.95
CA MET C 165 25.42 -1.07 -6.24
C MET C 165 26.25 -0.58 -5.07
N TYR C 166 27.57 -0.81 -5.15
CA TYR C 166 28.62 -0.09 -4.42
C TYR C 166 29.35 0.75 -5.45
N GLY C 167 29.96 1.84 -5.04
CA GLY C 167 30.81 2.58 -5.92
C GLY C 167 32.08 1.83 -6.26
N VAL C 168 32.60 2.17 -7.43
CA VAL C 168 33.83 1.70 -7.89
C VAL C 168 34.94 2.70 -7.59
N ASP C 169 36.01 2.17 -7.04
CA ASP C 169 37.24 2.92 -6.76
C ASP C 169 38.23 3.02 -7.90
N HIS C 170 38.27 4.18 -8.56
CA HIS C 170 39.13 4.43 -9.71
C HIS C 170 40.61 4.18 -9.48
N ARG C 171 41.06 4.16 -8.24
CA ARG C 171 42.44 3.93 -7.99
C ARG C 171 42.78 2.46 -8.03
N LYS C 172 41.79 1.59 -8.00
CA LYS C 172 42.07 0.15 -8.00
C LYS C 172 42.30 -0.43 -9.44
N GLU C 173 43.29 -1.29 -9.54
CA GLU C 173 43.51 -2.11 -10.76
C GLU C 173 42.21 -2.87 -11.09
N GLY C 174 41.70 -2.64 -12.27
CA GLY C 174 40.52 -3.26 -12.80
C GLY C 174 39.34 -2.36 -12.86
N ALA C 175 39.41 -1.23 -12.15
CA ALA C 175 38.26 -0.38 -12.03
C ALA C 175 37.86 0.08 -13.40
N GLN C 176 38.84 0.58 -14.16
CA GLN C 176 38.49 1.04 -15.53
C GLN C 176 38.06 -0.12 -16.42
N ALA C 177 38.72 -1.27 -16.27
CA ALA C 177 38.33 -2.44 -17.04
C ALA C 177 36.87 -2.81 -16.82
N TYR C 178 36.35 -2.60 -15.60
CA TYR C 178 34.94 -2.90 -15.32
C TYR C 178 34.07 -1.99 -16.09
N TYR C 179 34.30 -0.71 -15.98
CA TYR C 179 33.44 0.20 -16.76
C TYR C 179 33.57 0.00 -18.27
N ASP C 180 34.80 -0.21 -18.73
CA ASP C 180 35.01 -0.54 -20.17
C ASP C 180 34.14 -1.72 -20.58
N SER C 181 34.10 -2.76 -19.74
CA SER C 181 33.34 -3.95 -20.01
C SER C 181 31.87 -3.66 -20.11
N LEU C 182 31.38 -2.72 -19.30
CA LEU C 182 29.96 -2.41 -19.35
C LEU C 182 29.65 -1.82 -20.69
N PHE C 183 30.44 -0.84 -21.09
CA PHE C 183 30.17 -0.15 -22.37
C PHE C 183 30.49 -1.02 -23.63
N GLN C 184 31.35 -2.02 -23.51
CA GLN C 184 31.47 -3.06 -24.53
C GLN C 184 30.16 -3.78 -24.69
N LEU C 185 29.57 -4.24 -23.54
CA LEU C 185 28.25 -4.84 -23.57
C LEU C 185 27.19 -3.95 -24.19
N TYR C 186 27.12 -2.70 -23.74
CA TYR C 186 26.09 -1.81 -24.22
C TYR C 186 26.28 -1.54 -25.74
N ALA C 187 27.53 -1.35 -26.15
CA ALA C 187 27.79 -1.21 -27.58
C ALA C 187 27.38 -2.48 -28.36
N GLN C 188 27.66 -3.70 -27.84
CA GLN C 188 27.29 -4.97 -28.46
CA GLN C 188 27.28 -4.95 -28.49
C GLN C 188 25.78 -4.97 -28.63
N TRP C 189 25.06 -4.48 -27.63
CA TRP C 189 23.61 -4.50 -27.74
C TRP C 189 23.10 -3.51 -28.72
N GLY C 190 23.89 -2.47 -28.99
CA GLY C 190 23.49 -1.37 -29.82
C GLY C 190 22.86 -0.17 -29.12
N VAL C 191 23.25 0.00 -27.87
CA VAL C 191 22.77 1.11 -27.08
C VAL C 191 23.39 2.39 -27.69
N ASP C 192 22.57 3.42 -27.75
CA ASP C 192 22.90 4.72 -28.32
C ASP C 192 22.86 5.86 -27.30
N PHE C 193 22.39 5.53 -26.07
CA PHE C 193 22.18 6.54 -25.03
C PHE C 193 22.17 5.86 -23.65
N VAL C 194 22.91 6.42 -22.69
CA VAL C 194 22.93 5.94 -21.32
C VAL C 194 22.63 7.07 -20.33
N LYS C 195 21.64 6.84 -19.48
CA LYS C 195 21.29 7.72 -18.39
C LYS C 195 21.86 7.09 -17.14
N VAL C 196 22.84 7.76 -16.56
CA VAL C 196 23.54 7.28 -15.39
C VAL C 196 22.97 7.98 -14.18
N ALA C 197 22.73 7.20 -13.14
CA ALA C 197 22.11 7.70 -11.91
C ALA C 197 23.05 7.58 -10.76
N ASP C 198 22.76 8.36 -9.70
CA ASP C 198 23.58 8.42 -8.48
C ASP C 198 25.00 8.87 -8.80
N ILE C 199 25.10 9.93 -9.60
CA ILE C 199 26.37 10.37 -10.06
C ILE C 199 26.59 11.89 -9.93
N VAL C 200 25.55 12.69 -9.89
CA VAL C 200 25.67 14.14 -9.89
C VAL C 200 25.39 14.73 -8.51
N ALA C 201 24.24 14.40 -7.94
CA ALA C 201 24.00 14.83 -6.59
C ALA C 201 23.88 13.58 -5.76
N SER C 202 24.43 13.64 -4.56
CA SER C 202 24.16 12.60 -3.58
C SER C 202 24.11 13.33 -2.26
N LYS C 203 23.05 13.07 -1.46
CA LYS C 203 22.99 13.62 -0.08
C LYS C 203 24.18 13.21 0.78
N LEU C 204 24.68 11.99 0.61
CA LEU C 204 25.88 11.50 1.30
C LEU C 204 27.26 11.92 0.75
N TYR C 205 27.47 11.97 -0.57
CA TYR C 205 28.87 12.09 -1.11
C TYR C 205 29.08 13.18 -2.13
N GLY C 206 28.05 13.95 -2.45
CA GLY C 206 28.19 14.95 -3.52
C GLY C 206 28.50 14.26 -4.87
N THR C 207 29.20 14.97 -5.76
CA THR C 207 29.34 14.56 -7.16
C THR C 207 30.43 13.53 -7.26
N HIS C 208 30.12 12.44 -7.95
CA HIS C 208 31.09 11.34 -8.12
C HIS C 208 31.95 11.57 -9.37
N THR C 209 32.90 12.48 -9.24
CA THR C 209 33.62 13.02 -10.37
C THR C 209 34.52 11.95 -11.04
N GLU C 210 35.14 11.10 -10.26
CA GLU C 210 36.05 10.10 -10.77
C GLU C 210 35.30 9.01 -11.61
N GLU C 211 34.10 8.65 -11.17
CA GLU C 211 33.29 7.71 -11.96
C GLU C 211 32.75 8.36 -13.19
N ILE C 212 32.45 9.65 -13.12
CA ILE C 212 32.12 10.32 -14.35
C ILE C 212 33.25 10.18 -15.39
N LYS C 213 34.48 10.30 -14.95
CA LYS C 213 35.58 10.27 -15.88
C LYS C 213 35.82 8.87 -16.37
N MET C 214 35.65 7.87 -15.51
CA MET C 214 35.81 6.46 -15.94
C MET C 214 34.78 6.11 -16.97
N ILE C 215 33.57 6.63 -16.78
CA ILE C 215 32.51 6.37 -17.70
C ILE C 215 32.71 7.04 -19.06
N ARG C 216 33.18 8.29 -19.02
CA ARG C 216 33.52 9.01 -20.24
C ARG C 216 34.53 8.19 -21.09
N LYS C 217 35.54 7.70 -20.41
CA LYS C 217 36.56 6.97 -21.05
C LYS C 217 36.04 5.61 -21.55
N ALA C 218 35.18 4.96 -20.76
CA ALA C 218 34.69 3.70 -21.19
C ALA C 218 33.88 3.84 -22.48
N ILE C 219 33.11 4.91 -22.53
CA ILE C 219 32.34 5.21 -23.71
C ILE C 219 33.28 5.51 -24.88
N ASP C 220 34.28 6.32 -24.66
CA ASP C 220 35.16 6.66 -25.73
C ASP C 220 35.86 5.37 -26.27
N ARG C 221 36.12 4.42 -25.43
CA ARG C 221 36.80 3.23 -25.84
C ARG C 221 35.91 2.19 -26.50
N CYS C 222 34.60 2.32 -26.41
CA CYS C 222 33.75 1.23 -26.81
C CYS C 222 33.59 1.27 -28.30
N GLY C 223 33.94 2.35 -28.94
CA GLY C 223 33.79 2.32 -30.41
C GLY C 223 32.41 2.73 -30.90
N ARG C 224 31.43 2.96 -30.06
CA ARG C 224 30.09 3.34 -30.65
C ARG C 224 29.71 4.65 -30.02
N PRO C 225 28.93 5.48 -30.73
CA PRO C 225 28.44 6.74 -30.21
C PRO C 225 27.40 6.44 -29.16
N ILE C 226 27.68 6.85 -27.94
CA ILE C 226 26.74 6.73 -26.84
C ILE C 226 26.59 8.02 -26.10
N VAL C 227 25.41 8.58 -26.24
CA VAL C 227 25.10 9.84 -25.58
C VAL C 227 25.04 9.66 -24.02
N LEU C 228 25.80 10.48 -23.26
CA LEU C 228 25.93 10.44 -21.82
C LEU C 228 25.01 11.45 -21.10
N SER C 229 24.04 10.93 -20.37
CA SER C 229 23.06 11.71 -19.57
C SER C 229 23.31 11.39 -18.13
N LEU C 230 23.32 12.45 -17.32
CA LEU C 230 23.65 12.30 -15.90
C LEU C 230 22.47 12.73 -14.98
N SER C 231 22.29 12.02 -13.91
CA SER C 231 21.18 12.15 -13.01
C SER C 231 21.52 11.64 -11.61
N PRO C 232 20.72 12.00 -10.60
CA PRO C 232 19.71 13.05 -10.56
C PRO C 232 20.44 14.30 -10.26
N GLY C 233 19.77 15.44 -10.35
CA GLY C 233 20.36 16.68 -9.88
C GLY C 233 19.88 16.97 -8.47
N PRO C 234 20.07 18.20 -7.97
CA PRO C 234 20.64 19.35 -8.65
C PRO C 234 22.11 19.23 -8.90
N ALA C 235 22.53 19.60 -10.09
CA ALA C 235 23.92 19.58 -10.43
C ALA C 235 24.54 20.84 -9.89
N PRO C 236 25.61 20.72 -9.16
CA PRO C 236 26.22 21.93 -8.71
C PRO C 236 26.99 22.64 -9.81
N LEU C 237 26.77 23.95 -9.90
CA LEU C 237 27.57 24.83 -10.78
C LEU C 237 29.02 24.77 -10.55
N ASP C 238 29.40 24.38 -9.39
CA ASP C 238 30.80 24.25 -9.11
C ASP C 238 31.52 23.27 -10.06
N HIS C 239 30.77 22.32 -10.61
CA HIS C 239 31.35 21.32 -11.47
C HIS C 239 30.92 21.57 -12.90
N ALA C 240 30.53 22.80 -13.27
CA ALA C 240 30.14 23.09 -14.63
C ALA C 240 31.14 22.66 -15.68
N THR C 241 32.45 22.78 -15.41
CA THR C 241 33.41 22.46 -16.44
C THR C 241 33.37 20.94 -16.69
N LEU C 242 33.38 20.21 -15.59
CA LEU C 242 33.41 18.80 -15.65
C LEU C 242 32.20 18.32 -16.44
N PHE C 243 31.03 18.82 -16.10
CA PHE C 243 29.86 18.32 -16.80
C PHE C 243 29.86 18.69 -18.26
N VAL C 244 30.19 19.95 -18.54
CA VAL C 244 30.26 20.44 -19.92
C VAL C 244 31.24 19.62 -20.76
N GLU C 245 32.39 19.27 -20.23
CA GLU C 245 33.34 18.55 -21.02
C GLU C 245 33.06 17.05 -21.07
N ASN C 246 32.42 16.49 -20.07
CA ASN C 246 32.26 15.00 -20.01
C ASN C 246 30.89 14.47 -20.34
N ALA C 247 29.85 15.27 -20.31
CA ALA C 247 28.50 14.74 -20.52
C ALA C 247 27.75 15.49 -21.59
N ASN C 248 26.85 14.78 -22.22
CA ASN C 248 25.95 15.40 -23.15
C ASN C 248 24.80 16.06 -22.51
N MET C 249 24.40 15.54 -21.35
CA MET C 249 23.32 16.14 -20.57
C MET C 249 23.46 15.85 -19.10
N TRP C 250 23.03 16.81 -18.26
CA TRP C 250 23.11 16.65 -16.79
C TRP C 250 21.94 17.38 -16.10
N ARG C 251 21.28 16.66 -15.21
CA ARG C 251 20.11 17.13 -14.54
C ARG C 251 20.35 18.34 -13.65
N MET C 252 19.63 19.41 -13.97
CA MET C 252 19.66 20.63 -13.12
C MET C 252 18.98 20.44 -11.76
N THR C 253 18.15 19.43 -11.60
CA THR C 253 17.14 19.40 -10.53
C THR C 253 16.93 17.95 -10.06
N ASP C 254 16.38 17.78 -8.89
CA ASP C 254 15.97 16.47 -8.42
C ASP C 254 14.77 16.16 -9.25
N ASP C 255 14.29 14.94 -9.13
CA ASP C 255 13.31 14.41 -10.07
C ASP C 255 12.11 15.35 -10.23
N PHE C 256 11.81 15.65 -11.48
CA PHE C 256 10.78 16.57 -11.86
C PHE C 256 9.46 15.84 -11.99
N TRP C 257 8.39 16.53 -11.58
CA TRP C 257 7.03 15.96 -11.55
C TRP C 257 5.98 17.01 -11.87
N ASP C 258 4.77 16.53 -12.12
CA ASP C 258 3.67 17.43 -12.50
C ASP C 258 3.13 18.17 -11.28
N ARG C 259 3.96 18.99 -10.65
CA ARG C 259 3.52 19.90 -9.61
C ARG C 259 4.01 21.31 -9.93
N TRP C 260 3.14 22.30 -9.78
CA TRP C 260 3.47 23.67 -10.17
C TRP C 260 4.73 24.21 -9.51
N GLU C 261 4.89 23.84 -8.28
CA GLU C 261 5.97 24.36 -7.46
C GLU C 261 7.29 24.00 -8.11
N LEU C 262 7.28 22.84 -8.77
CA LEU C 262 8.53 22.33 -9.39
C LEU C 262 8.73 23.03 -10.69
N LEU C 263 7.64 23.26 -11.41
CA LEU C 263 7.75 24.03 -12.66
C LEU C 263 8.25 25.45 -12.35
N TYR C 264 7.59 26.10 -11.41
CA TYR C 264 7.96 27.45 -10.99
C TYR C 264 9.49 27.46 -10.67
N ASP C 265 9.94 26.47 -9.92
CA ASP C 265 11.37 26.43 -9.52
C ASP C 265 12.36 26.31 -10.71
N MET C 266 11.93 25.69 -11.79
CA MET C 266 12.86 25.46 -12.90
C MET C 266 13.35 26.74 -13.52
N PHE C 267 12.55 27.80 -13.40
CA PHE C 267 12.89 29.09 -14.02
C PHE C 267 14.19 29.55 -13.49
N GLU C 268 14.35 29.42 -12.19
CA GLU C 268 15.63 29.87 -11.65
C GLU C 268 16.78 28.94 -12.09
N GLN C 269 16.52 27.65 -12.15
CA GLN C 269 17.61 26.71 -12.58
C GLN C 269 18.10 26.95 -14.01
N CYS C 270 17.20 27.27 -14.92
CA CYS C 270 17.58 27.67 -16.24
C CYS C 270 18.40 28.93 -16.24
N TYR C 271 18.00 29.90 -15.41
CA TYR C 271 18.74 31.13 -15.32
C TYR C 271 20.14 30.84 -14.90
N LYS C 272 20.27 30.02 -13.88
CA LYS C 272 21.59 29.64 -13.39
C LYS C 272 22.52 28.88 -14.40
N TRP C 273 21.90 28.15 -15.34
CA TRP C 273 22.62 27.19 -16.16
C TRP C 273 22.80 27.70 -17.59
N CYS C 274 22.19 28.85 -17.91
CA CYS C 274 21.97 29.26 -19.29
C CYS C 274 23.26 29.51 -20.04
N LYS C 275 24.32 29.87 -19.34
CA LYS C 275 25.59 30.09 -20.03
C LYS C 275 26.37 28.82 -20.34
N LEU C 276 25.96 27.67 -19.84
CA LEU C 276 26.64 26.41 -20.14
C LEU C 276 25.93 25.58 -21.20
N VAL C 277 24.83 26.11 -21.75
CA VAL C 277 24.09 25.40 -22.77
C VAL C 277 24.85 25.59 -24.07
N GLY C 278 25.00 24.53 -24.84
CA GLY C 278 25.63 24.62 -26.13
C GLY C 278 25.78 23.28 -26.81
N LEU C 279 26.14 23.32 -28.08
CA LEU C 279 26.15 22.13 -28.89
C LEU C 279 26.91 20.98 -28.21
N GLY C 280 26.21 19.88 -28.05
CA GLY C 280 26.74 18.66 -27.39
C GLY C 280 26.62 18.52 -25.85
N HIS C 281 26.24 19.59 -25.15
CA HIS C 281 26.31 19.64 -23.66
C HIS C 281 25.15 20.47 -23.11
N TRP C 282 24.10 19.73 -22.73
CA TRP C 282 22.76 20.27 -22.47
C TRP C 282 22.31 20.10 -21.02
N PRO C 283 22.35 21.18 -20.24
CA PRO C 283 21.69 21.18 -18.93
C PRO C 283 20.27 20.68 -19.15
N ASP C 284 19.86 19.79 -18.28
CA ASP C 284 18.66 19.01 -18.46
C ASP C 284 17.62 19.39 -17.36
N ALA C 285 16.44 19.82 -17.79
CA ALA C 285 15.33 20.17 -16.92
C ALA C 285 14.42 18.97 -16.66
N ASP C 286 14.85 17.82 -17.15
CA ASP C 286 14.29 16.52 -16.82
C ASP C 286 13.08 16.25 -17.68
N MET C 287 12.63 15.05 -17.50
CA MET C 287 11.59 14.47 -18.34
C MET C 287 10.29 15.20 -18.15
N LEU C 288 9.41 15.03 -19.13
CA LEU C 288 8.17 15.78 -19.23
C LEU C 288 7.01 14.95 -18.71
N PRO C 289 6.42 15.34 -17.56
CA PRO C 289 5.30 14.58 -17.06
C PRO C 289 4.03 15.01 -17.74
N LEU C 290 3.82 14.43 -18.91
CA LEU C 290 2.65 14.76 -19.68
C LEU C 290 1.88 13.53 -19.96
N GLY C 291 0.62 13.70 -20.28
CA GLY C 291 -0.16 12.52 -20.65
C GLY C 291 -0.38 11.58 -19.48
N HIS C 292 -0.45 10.31 -19.79
CA HIS C 292 -0.72 9.23 -18.83
C HIS C 292 0.56 8.76 -18.13
N ILE C 293 0.64 9.06 -16.85
CA ILE C 293 1.77 8.79 -16.02
C ILE C 293 1.27 8.13 -14.74
N GLY C 294 2.20 7.69 -13.90
CA GLY C 294 1.85 7.11 -12.62
C GLY C 294 1.07 5.82 -12.75
N ILE C 295 1.23 5.12 -13.87
CA ILE C 295 0.59 3.84 -14.07
C ILE C 295 1.24 2.79 -13.14
N ARG C 296 2.58 2.72 -13.08
CA ARG C 296 3.25 1.90 -12.05
C ARG C 296 4.32 2.75 -11.41
N SER C 297 3.92 3.98 -11.10
CA SER C 297 4.77 4.93 -10.38
C SER C 297 3.87 5.56 -9.33
N VAL C 298 4.46 5.91 -8.22
CA VAL C 298 3.75 6.46 -7.08
C VAL C 298 4.45 7.72 -6.64
N ASP C 299 5.38 8.16 -7.48
CA ASP C 299 6.23 9.30 -7.16
C ASP C 299 5.50 10.59 -7.51
N GLY C 300 6.02 11.67 -6.99
CA GLY C 300 5.44 12.99 -7.29
C GLY C 300 4.20 13.31 -6.46
N GLY C 301 3.93 12.49 -5.45
CA GLY C 301 2.69 12.58 -4.73
C GLY C 301 1.46 12.21 -5.52
N GLY C 302 1.58 11.40 -6.57
CA GLY C 302 0.43 10.99 -7.37
C GLY C 302 0.36 9.52 -7.66
N THR C 303 -0.78 9.14 -8.20
CA THR C 303 -1.04 7.78 -8.68
C THR C 303 -1.51 7.79 -10.16
N ASP C 304 -2.06 6.68 -10.64
CA ASP C 304 -2.39 6.56 -12.03
C ASP C 304 -3.21 7.73 -12.48
N ARG C 305 -2.81 8.46 -13.53
CA ARG C 305 -3.42 9.74 -13.80
C ARG C 305 -3.04 10.39 -15.11
N MET C 306 -3.83 11.35 -15.58
CA MET C 306 -3.32 12.22 -16.61
C MET C 306 -2.61 13.32 -15.88
N THR C 307 -1.70 14.01 -16.54
CA THR C 307 -0.88 14.94 -15.82
C THR C 307 -1.76 16.00 -15.12
N ARG C 308 -1.27 16.48 -14.00
CA ARG C 308 -2.00 17.42 -13.15
C ARG C 308 -1.66 18.83 -13.57
N PHE C 309 -0.73 18.95 -14.52
CA PHE C 309 -0.46 20.23 -15.08
C PHE C 309 -1.69 20.69 -15.90
N THR C 310 -2.10 21.94 -15.70
CA THR C 310 -3.15 22.49 -16.54
C THR C 310 -2.53 22.65 -17.90
N LYS C 311 -3.36 22.84 -18.91
CA LYS C 311 -2.88 23.15 -20.24
C LYS C 311 -1.93 24.33 -20.28
N ASP C 312 -2.28 25.39 -19.59
CA ASP C 312 -1.39 26.53 -19.52
C ASP C 312 -0.01 26.13 -18.95
N GLU C 313 -0.04 25.33 -17.91
CA GLU C 313 1.19 24.88 -17.26
C GLU C 313 1.94 23.99 -18.19
N GLN C 314 1.23 23.13 -18.88
CA GLN C 314 1.88 22.27 -19.86
C GLN C 314 2.63 23.07 -20.94
N ARG C 315 1.96 24.08 -21.47
CA ARG C 315 2.54 24.99 -22.44
C ARG C 315 3.66 25.76 -21.84
N THR C 316 3.48 26.19 -20.61
CA THR C 316 4.52 26.98 -19.97
C THR C 316 5.81 26.13 -19.85
N MET C 317 5.67 24.87 -19.48
CA MET C 317 6.78 24.00 -19.37
C MET C 317 7.38 23.75 -20.76
N MET C 318 6.58 23.33 -21.71
CA MET C 318 7.11 23.12 -23.06
C MET C 318 7.89 24.29 -23.59
N THR C 319 7.36 25.48 -23.37
CA THR C 319 7.96 26.71 -23.80
C THR C 319 9.29 27.00 -23.14
N LEU C 320 9.39 26.83 -21.84
CA LEU C 320 10.67 27.08 -21.22
C LEU C 320 11.73 26.05 -21.65
N TRP C 321 11.37 24.77 -21.65
CA TRP C 321 12.26 23.74 -22.10
C TRP C 321 12.67 23.97 -23.54
N ILE C 322 11.71 24.35 -24.38
CA ILE C 322 11.99 24.64 -25.78
C ILE C 322 13.02 25.73 -25.90
N ILE C 323 12.74 26.90 -25.35
CA ILE C 323 13.62 28.05 -25.62
C ILE C 323 14.97 27.94 -24.96
N PHE C 324 15.00 27.38 -23.73
CA PHE C 324 16.25 27.11 -23.01
C PHE C 324 17.06 26.05 -23.71
N ARG C 325 16.37 25.19 -24.46
CA ARG C 325 16.99 24.04 -25.13
C ARG C 325 17.33 22.87 -24.19
N SER C 326 16.40 22.55 -23.29
CA SER C 326 16.62 21.33 -22.48
C SER C 326 16.37 20.15 -23.44
N PRO C 327 17.02 19.03 -23.19
CA PRO C 327 16.49 17.83 -23.81
C PRO C 327 15.01 17.62 -23.52
N LEU C 328 14.34 16.89 -24.41
CA LEU C 328 12.92 16.61 -24.33
C LEU C 328 12.66 15.11 -24.33
N MET C 329 12.24 14.63 -23.17
CA MET C 329 12.04 13.24 -22.95
C MET C 329 10.64 13.05 -22.37
N PHE C 330 9.79 12.46 -23.16
CA PHE C 330 8.39 12.41 -22.81
C PHE C 330 8.32 11.30 -21.78
N GLY C 331 7.65 11.56 -20.66
CA GLY C 331 7.52 10.54 -19.63
C GLY C 331 6.17 9.88 -19.49
N GLY C 332 5.19 10.26 -20.30
CA GLY C 332 3.89 9.56 -20.35
C GLY C 332 3.88 8.31 -21.25
N GLU C 333 2.82 7.51 -21.11
CA GLU C 333 2.57 6.36 -21.94
C GLU C 333 1.98 6.90 -23.24
N LEU C 334 2.77 6.90 -24.29
CA LEU C 334 2.40 7.61 -25.54
C LEU C 334 1.09 7.14 -26.17
N ARG C 335 0.82 5.85 -26.07
CA ARG C 335 -0.34 5.26 -26.74
C ARG C 335 -1.63 5.80 -26.17
N ASP C 336 -1.57 6.51 -25.05
CA ASP C 336 -2.78 7.02 -24.45
C ASP C 336 -2.84 8.51 -24.64
N ASN C 337 -2.10 9.11 -25.57
CA ASN C 337 -2.23 10.56 -25.68
C ASN C 337 -3.57 10.98 -26.31
N ASP C 338 -4.01 12.18 -25.97
CA ASP C 338 -5.09 12.83 -26.67
C ASP C 338 -4.54 13.77 -27.71
N GLU C 339 -5.40 14.45 -28.45
CA GLU C 339 -4.88 15.20 -29.58
CA GLU C 339 -4.99 15.29 -29.58
C GLU C 339 -4.19 16.41 -29.00
N TRP C 340 -4.69 16.90 -27.88
CA TRP C 340 -4.04 17.99 -27.19
C TRP C 340 -2.57 17.61 -26.90
N THR C 341 -2.38 16.45 -26.32
CA THR C 341 -1.05 16.13 -25.84
C THR C 341 -0.11 16.00 -27.02
N LEU C 342 -0.63 15.36 -28.04
CA LEU C 342 0.12 15.15 -29.20
C LEU C 342 0.49 16.48 -29.79
N SER C 343 -0.37 17.47 -29.71
CA SER C 343 -0.09 18.70 -30.41
C SER C 343 1.03 19.38 -29.75
N LEU C 344 1.30 19.07 -28.49
CA LEU C 344 2.50 19.67 -27.83
C LEU C 344 3.83 19.25 -28.44
N LEU C 345 3.83 18.11 -29.13
CA LEU C 345 5.05 17.47 -29.60
C LEU C 345 5.31 17.62 -31.10
N THR C 346 4.32 18.13 -31.83
CA THR C 346 4.31 18.06 -33.27
C THR C 346 4.29 19.43 -33.95
N ASN C 347 4.55 20.49 -33.18
CA ASN C 347 4.55 21.85 -33.74
C ASN C 347 5.95 22.27 -34.17
N GLU C 348 6.20 22.22 -35.49
CA GLU C 348 7.51 22.44 -36.12
C GLU C 348 8.00 23.81 -35.84
N GLU C 349 7.08 24.75 -35.66
CA GLU C 349 7.50 26.15 -35.58
C GLU C 349 8.09 26.40 -34.22
N VAL C 350 7.48 25.81 -33.20
CA VAL C 350 8.02 25.84 -31.87
C VAL C 350 9.36 25.07 -31.77
N LEU C 351 9.42 23.89 -32.36
CA LEU C 351 10.60 23.06 -32.27
C LEU C 351 11.81 23.65 -32.91
N HIS C 352 11.61 24.54 -33.88
CA HIS C 352 12.71 25.23 -34.55
C HIS C 352 13.47 26.05 -33.54
N VAL C 353 12.77 26.67 -32.60
CA VAL C 353 13.44 27.39 -31.52
C VAL C 353 14.39 26.52 -30.67
N HIS C 354 14.02 25.27 -30.50
CA HIS C 354 14.79 24.28 -29.70
C HIS C 354 15.95 23.77 -30.54
N GLN C 355 15.65 23.49 -31.80
CA GLN C 355 16.62 22.94 -32.73
C GLN C 355 17.60 23.95 -33.27
N ASN C 356 17.13 25.15 -33.56
CA ASN C 356 17.98 26.10 -34.28
C ASN C 356 18.27 27.38 -33.48
N GLY C 357 17.62 27.53 -32.32
CA GLY C 357 17.83 28.68 -31.46
C GLY C 357 19.22 28.60 -30.80
N TYR C 358 19.70 29.73 -30.31
CA TYR C 358 20.92 29.82 -29.51
C TYR C 358 20.91 31.12 -28.78
N GLY C 359 21.80 31.24 -27.79
CA GLY C 359 21.87 32.43 -26.91
C GLY C 359 20.72 32.67 -25.92
N ALA C 360 19.83 31.72 -25.74
CA ALA C 360 18.77 31.85 -24.73
C ALA C 360 19.21 32.53 -23.43
N ARG C 361 18.48 33.55 -22.99
CA ARG C 361 18.84 34.30 -21.77
C ARG C 361 17.57 34.83 -21.12
N GLN C 362 17.60 35.03 -19.81
CA GLN C 362 16.49 35.69 -19.16
C GLN C 362 16.67 37.18 -19.38
N VAL C 363 15.69 37.80 -20.03
CA VAL C 363 15.74 39.24 -20.27
C VAL C 363 15.47 39.98 -18.93
N TYR C 364 14.52 39.50 -18.17
CA TYR C 364 14.31 40.00 -16.81
C TYR C 364 13.32 39.08 -16.10
N ARG C 365 13.27 39.24 -14.80
CA ARG C 365 12.34 38.52 -13.98
C ARG C 365 11.88 39.53 -12.93
N GLU C 366 10.60 39.82 -12.89
CA GLU C 366 10.10 40.83 -11.97
C GLU C 366 8.63 40.59 -11.64
N ASN C 367 8.31 40.60 -10.34
CA ASN C 367 6.99 40.26 -9.81
C ASN C 367 6.41 39.05 -10.46
N ASP C 368 7.20 37.97 -10.46
CA ASP C 368 6.74 36.70 -10.95
C ASP C 368 6.34 36.83 -12.40
N HIS C 369 7.01 37.74 -13.08
CA HIS C 369 6.95 37.82 -14.54
C HIS C 369 8.35 37.58 -15.06
N VAL C 370 8.44 36.72 -16.08
CA VAL C 370 9.72 36.37 -16.65
C VAL C 370 9.67 36.40 -18.16
N VAL C 371 10.73 36.91 -18.75
CA VAL C 371 10.88 36.90 -20.18
C VAL C 371 12.22 36.33 -20.57
N TRP C 372 12.19 35.39 -21.50
CA TRP C 372 13.37 34.77 -22.07
C TRP C 372 13.42 35.15 -23.53
N THR C 373 14.62 35.24 -24.09
CA THR C 373 14.73 35.35 -25.53
C THR C 373 15.93 34.60 -26.10
N SER C 374 15.82 34.16 -27.35
CA SER C 374 16.96 33.55 -28.04
C SER C 374 16.87 34.01 -29.50
N GLN C 375 17.74 33.49 -30.36
CA GLN C 375 17.64 33.83 -31.79
C GLN C 375 18.15 32.73 -32.66
N ASP C 376 17.93 32.82 -33.96
CA ASP C 376 18.57 31.88 -34.91
C ASP C 376 19.49 32.59 -35.86
N ALA C 377 20.10 31.81 -36.76
CA ALA C 377 21.11 32.32 -37.66
C ALA C 377 20.49 33.20 -38.74
N GLU C 378 19.20 33.08 -38.98
CA GLU C 378 18.49 33.91 -39.96
C GLU C 378 18.05 35.23 -39.34
N GLY C 379 18.53 35.58 -38.15
CA GLY C 379 18.07 36.80 -37.47
C GLY C 379 16.60 36.88 -37.03
N ASN C 380 15.92 35.74 -36.92
CA ASN C 380 14.67 35.72 -36.15
C ASN C 380 14.94 35.78 -34.66
N GLN C 381 14.02 36.38 -33.93
CA GLN C 381 14.22 36.55 -32.51
C GLN C 381 13.07 35.84 -31.88
N PHE C 382 13.34 34.96 -30.95
CA PHE C 382 12.28 34.22 -30.27
C PHE C 382 12.12 34.77 -28.90
N VAL C 383 10.88 35.05 -28.50
CA VAL C 383 10.66 35.52 -27.16
C VAL C 383 9.59 34.77 -26.44
N ALA C 384 9.92 34.27 -25.23
CA ALA C 384 8.97 33.54 -24.39
C ALA C 384 8.62 34.37 -23.19
N MET C 385 7.34 34.53 -22.92
CA MET C 385 6.94 35.47 -21.90
C MET C 385 6.03 34.73 -20.96
N PHE C 386 6.37 34.78 -19.69
CA PHE C 386 5.75 33.93 -18.70
C PHE C 386 5.15 34.74 -17.57
N ASN C 387 3.92 34.42 -17.23
CA ASN C 387 3.33 34.89 -15.99
C ASN C 387 3.37 33.75 -14.99
N ILE C 388 4.33 33.79 -14.06
CA ILE C 388 4.47 32.69 -13.10
C ILE C 388 3.88 33.08 -11.72
N SER C 389 3.08 34.15 -11.72
CA SER C 389 2.45 34.64 -10.49
C SER C 389 1.10 33.97 -10.39
N GLU C 390 0.40 34.24 -9.29
CA GLU C 390 -0.93 33.67 -9.05
C GLU C 390 -2.08 34.55 -9.57
N LYS C 391 -1.75 35.68 -10.18
CA LYS C 391 -2.70 36.69 -10.67
C LYS C 391 -2.63 36.84 -12.18
N ARG C 392 -3.78 36.94 -12.84
CA ARG C 392 -3.79 37.36 -14.24
C ARG C 392 -3.15 38.74 -14.34
N SER C 393 -2.44 38.99 -15.42
CA SER C 393 -1.66 40.23 -15.59
C SER C 393 -1.08 40.37 -17.00
N VAL C 394 -0.71 41.59 -17.30
CA VAL C 394 -0.10 41.89 -18.57
C VAL C 394 1.40 41.78 -18.38
N VAL C 395 2.02 41.10 -19.31
CA VAL C 395 3.44 40.93 -19.25
C VAL C 395 3.98 41.54 -20.50
N SER C 396 5.07 42.29 -20.36
CA SER C 396 5.57 43.02 -21.47
C SER C 396 7.06 43.11 -21.45
N VAL C 397 7.59 43.44 -22.61
CA VAL C 397 8.99 43.68 -22.74
C VAL C 397 9.19 44.63 -23.94
N SER C 398 10.10 45.58 -23.80
CA SER C 398 10.37 46.56 -24.87
C SER C 398 11.25 45.92 -25.91
N LEU C 399 11.18 46.35 -27.17
CA LEU C 399 12.09 45.81 -28.18
C LEU C 399 13.50 46.31 -27.97
N LYS C 400 13.65 47.45 -27.32
CA LYS C 400 14.98 47.90 -26.94
C LYS C 400 15.67 46.86 -26.08
N ASP C 401 14.92 46.33 -25.09
CA ASP C 401 15.44 45.31 -24.14
C ASP C 401 15.71 43.99 -24.82
N LEU C 402 15.00 43.74 -25.89
CA LEU C 402 15.29 42.60 -26.72
C LEU C 402 16.45 42.86 -27.67
N GLY C 403 16.98 44.08 -27.67
CA GLY C 403 17.99 44.48 -28.64
C GLY C 403 17.51 44.40 -30.08
N CYS C 404 16.22 44.63 -30.30
CA CYS C 404 15.69 44.73 -31.66
C CYS C 404 15.70 46.17 -32.03
N MET C 405 16.46 46.52 -33.05
CA MET C 405 16.75 47.92 -33.29
C MET C 405 15.57 48.71 -33.95
N GLU C 406 14.71 48.01 -34.69
CA GLU C 406 13.55 48.69 -35.26
C GLU C 406 12.35 47.75 -35.32
N PRO C 407 11.22 48.23 -35.86
CA PRO C 407 10.00 47.44 -35.93
C PRO C 407 10.11 46.08 -36.61
N MET C 408 9.26 45.16 -36.13
CA MET C 408 9.37 43.74 -36.38
C MET C 408 8.00 43.13 -36.60
N LYS C 409 7.93 42.14 -37.47
CA LYS C 409 6.77 41.25 -37.56
C LYS C 409 6.74 40.39 -36.30
N ALA C 410 5.54 40.08 -35.81
CA ALA C 410 5.38 39.15 -34.69
C ALA C 410 4.48 37.95 -34.98
N ARG C 411 4.85 36.79 -34.43
CA ARG C 411 4.01 35.61 -34.59
C ARG C 411 3.95 34.67 -33.36
N ASP C 412 2.74 34.35 -32.94
CA ASP C 412 2.48 33.43 -31.86
C ASP C 412 2.74 32.08 -32.43
N LEU C 413 3.81 31.44 -31.95
CA LEU C 413 4.25 30.16 -32.49
C LEU C 413 3.34 28.99 -32.14
N TRP C 414 2.83 28.89 -30.93
CA TRP C 414 1.96 27.75 -30.63
C TRP C 414 0.62 27.84 -31.41
N ALA C 415 0.06 29.05 -31.48
CA ALA C 415 -1.20 29.29 -32.21
C ALA C 415 -1.03 29.33 -33.69
N LYS C 416 0.22 29.51 -34.14
CA LYS C 416 0.56 29.65 -35.54
C LYS C 416 -0.24 30.76 -36.19
N GLU C 417 -0.10 31.95 -35.68
CA GLU C 417 -1.02 33.01 -35.99
C GLU C 417 -0.21 34.30 -35.99
N ASP C 418 -0.22 35.00 -37.12
CA ASP C 418 0.49 36.28 -37.20
C ASP C 418 -0.19 37.28 -36.33
N LEU C 419 0.62 38.15 -35.75
CA LEU C 419 0.16 39.19 -34.84
C LEU C 419 0.41 40.56 -35.46
N GLY C 420 0.94 40.58 -36.67
CA GLY C 420 1.27 41.85 -37.30
C GLY C 420 2.47 42.56 -36.70
N LEU C 421 2.57 43.84 -37.01
CA LEU C 421 3.80 44.60 -36.86
C LEU C 421 3.93 45.04 -35.41
N VAL C 422 5.15 45.02 -34.89
CA VAL C 422 5.40 45.52 -33.55
C VAL C 422 6.52 46.56 -33.63
N LYS C 423 6.27 47.76 -33.09
CA LYS C 423 7.15 48.96 -33.20
C LYS C 423 7.93 49.33 -31.93
N HIS C 424 7.28 49.18 -30.78
CA HIS C 424 7.84 49.59 -29.50
C HIS C 424 8.02 48.39 -28.54
N GLN C 425 6.96 47.63 -28.27
CA GLN C 425 7.03 46.51 -27.33
C GLN C 425 6.09 45.31 -27.52
N LEU C 426 6.42 44.16 -26.91
CA LEU C 426 5.46 43.06 -26.77
C LEU C 426 4.77 43.13 -25.46
N ALA C 427 3.48 42.88 -25.48
CA ALA C 427 2.67 42.93 -24.27
C ALA C 427 1.47 42.02 -24.45
N PHE C 428 1.16 41.23 -23.43
CA PHE C 428 0.03 40.30 -23.51
C PHE C 428 -0.54 40.08 -22.13
N GLU C 429 -1.86 39.91 -22.10
CA GLU C 429 -2.51 39.60 -20.86
C GLU C 429 -2.42 38.08 -20.75
N LEU C 430 -1.81 37.65 -19.67
CA LEU C 430 -1.60 36.22 -19.42
C LEU C 430 -2.25 35.80 -18.12
N GLY C 431 -3.02 34.72 -18.17
CA GLY C 431 -3.48 34.07 -16.93
C GLY C 431 -2.33 33.71 -16.00
N PRO C 432 -2.65 33.37 -14.75
CA PRO C 432 -1.60 32.86 -13.89
C PRO C 432 -1.11 31.53 -14.43
N HIS C 433 0.19 31.39 -14.54
CA HIS C 433 0.84 30.14 -14.97
C HIS C 433 0.89 30.04 -16.49
N GLN C 434 0.50 31.13 -17.14
CA GLN C 434 0.33 31.14 -18.57
C GLN C 434 1.50 31.90 -19.24
N SER C 435 1.80 31.42 -20.44
CA SER C 435 2.93 31.92 -21.18
C SER C 435 2.52 32.05 -22.62
N ILE C 436 3.39 32.71 -23.35
CA ILE C 436 3.27 32.76 -24.79
C ILE C 436 4.66 32.69 -25.43
N LEU C 437 4.71 32.12 -26.63
CA LEU C 437 5.96 32.05 -27.35
C LEU C 437 5.82 32.74 -28.68
N VAL C 438 6.62 33.80 -28.85
CA VAL C 438 6.57 34.63 -30.02
C VAL C 438 7.85 34.62 -30.83
N LYS C 439 7.70 34.68 -32.15
CA LYS C 439 8.82 34.93 -33.05
C LYS C 439 8.71 36.34 -33.66
N LEU C 440 9.78 37.12 -33.54
CA LEU C 440 9.91 38.39 -34.20
C LEU C 440 10.83 38.24 -35.40
N SER C 441 10.40 38.77 -36.55
CA SER C 441 11.24 38.84 -37.75
C SER C 441 11.24 40.27 -38.26
N PRO C 442 12.25 40.62 -39.06
CA PRO C 442 12.31 41.93 -39.70
C PRO C 442 11.04 42.26 -40.47
N ALA C 443 10.74 43.55 -40.60
CA ALA C 443 9.46 44.03 -41.18
C ALA C 443 9.42 44.11 -42.73
N VAL C 444 8.20 44.36 -43.24
CA VAL C 444 7.86 44.38 -44.70
C VAL C 444 7.58 42.95 -45.21
N ALA D 14 27.16 38.48 -26.49
CA ALA D 14 27.23 39.98 -26.67
C ALA D 14 25.83 40.61 -26.68
N SER D 15 25.01 40.25 -25.69
CA SER D 15 23.70 40.88 -25.44
C SER D 15 23.72 42.22 -24.61
N MET D 16 24.74 42.35 -23.75
CA MET D 16 24.88 43.43 -22.74
C MET D 16 25.83 44.52 -23.23
N HIS D 17 25.37 45.76 -23.22
CA HIS D 17 26.11 46.81 -23.90
C HIS D 17 27.48 46.99 -23.27
N HIS D 18 27.55 46.87 -21.94
CA HIS D 18 28.80 47.11 -21.25
C HIS D 18 29.89 46.13 -21.59
N TYR D 19 29.56 45.00 -22.23
CA TYR D 19 30.62 44.10 -22.73
C TYR D 19 31.57 44.83 -23.64
N GLN D 20 31.03 45.67 -24.52
CA GLN D 20 31.88 46.41 -25.47
C GLN D 20 32.96 47.28 -24.84
N TRP D 21 32.86 47.53 -23.53
CA TRP D 21 33.85 48.32 -22.80
C TRP D 21 35.10 47.52 -22.43
N ALA D 22 35.00 46.19 -22.52
CA ALA D 22 36.19 45.34 -22.26
C ALA D 22 36.20 44.15 -23.23
N LYS D 23 36.44 44.48 -24.48
CA LYS D 23 36.50 43.49 -25.57
C LYS D 23 37.61 42.53 -25.37
N THR D 24 38.69 43.00 -24.77
CA THR D 24 39.76 42.17 -24.36
C THR D 24 39.97 42.36 -22.85
N PRO D 25 40.65 41.45 -22.22
CA PRO D 25 40.69 41.57 -20.77
C PRO D 25 41.55 42.78 -20.30
N PRO D 26 41.02 43.58 -19.34
CA PRO D 26 41.65 44.87 -19.04
C PRO D 26 43.02 44.68 -18.61
N MET D 27 43.93 45.56 -19.05
CA MET D 27 45.31 45.51 -18.61
C MET D 27 45.68 46.79 -17.97
N GLY D 28 46.52 46.73 -16.94
CA GLY D 28 46.85 47.89 -16.18
C GLY D 28 47.74 47.71 -15.00
N TRP D 29 47.63 48.67 -14.09
CA TRP D 29 48.42 48.69 -12.86
C TRP D 29 47.55 49.01 -11.68
N ASN D 30 47.84 48.43 -10.49
CA ASN D 30 47.02 48.64 -9.28
C ASN D 30 47.94 48.85 -8.09
N SER D 31 47.66 49.91 -7.30
CA SER D 31 48.47 50.30 -6.16
C SER D 31 48.48 49.33 -4.96
N TRP D 32 47.58 48.34 -4.95
CA TRP D 32 47.41 47.47 -3.74
C TRP D 32 48.66 46.77 -3.32
N ASP D 33 49.30 46.00 -4.23
CA ASP D 33 50.35 45.10 -3.77
C ASP D 33 51.57 45.82 -3.35
N CYS D 34 51.80 47.03 -3.89
CA CYS D 34 53.05 47.83 -3.56
C CYS D 34 52.86 48.83 -2.37
N TYR D 35 51.71 49.47 -2.35
CA TYR D 35 51.35 50.56 -1.47
C TYR D 35 50.20 50.33 -0.48
N GLY D 36 49.59 49.17 -0.55
CA GLY D 36 48.43 48.86 0.25
C GLY D 36 47.34 49.88 0.05
N ALA D 37 46.82 50.39 1.18
CA ALA D 37 45.76 51.39 1.18
C ALA D 37 46.28 52.82 1.01
N SER D 38 47.59 53.00 0.91
CA SER D 38 48.21 54.28 1.27
C SER D 38 48.94 55.05 0.13
N VAL D 39 48.62 54.71 -1.12
CA VAL D 39 49.31 55.27 -2.28
C VAL D 39 49.04 56.79 -2.35
N THR D 40 50.04 57.54 -2.75
CA THR D 40 49.91 59.00 -2.95
C THR D 40 49.78 59.34 -4.45
N GLU D 41 49.32 60.56 -4.70
CA GLU D 41 49.28 61.15 -6.07
C GLU D 41 50.61 61.05 -6.80
N ASP D 42 51.70 61.42 -6.17
CA ASP D 42 52.99 61.32 -6.84
C ASP D 42 53.27 59.85 -7.30
N GLU D 43 52.96 58.87 -6.44
CA GLU D 43 53.24 57.47 -6.81
C GLU D 43 52.32 57.06 -8.00
N VAL D 44 51.06 57.43 -7.96
CA VAL D 44 50.18 57.06 -9.02
C VAL D 44 50.78 57.53 -10.35
N LYS D 45 51.14 58.81 -10.37
CA LYS D 45 51.60 59.48 -11.57
C LYS D 45 52.92 58.93 -12.00
N GLY D 46 53.76 58.56 -11.05
CA GLY D 46 55.01 57.96 -11.42
C GLY D 46 54.74 56.69 -12.25
N ASN D 47 53.76 55.89 -11.79
CA ASN D 47 53.48 54.60 -12.40
C ASN D 47 52.78 54.87 -13.70
N ALA D 48 51.88 55.84 -13.72
CA ALA D 48 51.24 56.16 -14.98
C ALA D 48 52.26 56.60 -16.08
N GLU D 49 53.32 57.29 -15.69
CA GLU D 49 54.25 57.86 -16.65
C GLU D 49 55.00 56.74 -17.25
N TYR D 50 55.40 55.79 -16.38
CA TYR D 50 56.15 54.60 -16.77
C TYR D 50 55.34 53.75 -17.70
N MET D 51 54.07 53.60 -17.38
CA MET D 51 53.21 52.85 -18.25
C MET D 51 53.18 53.53 -19.63
N ALA D 52 52.94 54.85 -19.66
CA ALA D 52 52.71 55.61 -20.90
C ALA D 52 53.85 55.41 -21.88
N LYS D 53 55.03 55.35 -21.33
CA LYS D 53 56.20 55.38 -22.08
C LYS D 53 56.77 54.00 -22.41
N TYR D 54 56.62 52.99 -21.55
CA TYR D 54 57.13 51.63 -21.84
C TYR D 54 56.12 50.52 -22.03
N LEU D 55 54.84 50.78 -21.82
CA LEU D 55 53.88 49.67 -21.74
C LEU D 55 52.66 49.91 -22.55
N LYS D 56 52.33 51.14 -22.78
CA LYS D 56 51.13 51.40 -23.50
C LYS D 56 51.11 50.81 -24.90
N PRO D 57 52.26 50.65 -25.56
CA PRO D 57 52.12 50.07 -26.89
C PRO D 57 51.73 48.60 -26.83
N PHE D 58 51.84 47.97 -25.66
CA PHE D 58 51.50 46.58 -25.52
C PHE D 58 50.15 46.30 -24.93
N GLY D 59 49.27 47.30 -24.80
CA GLY D 59 47.92 47.10 -24.30
C GLY D 59 47.69 47.58 -22.84
N TRP D 60 48.74 47.73 -22.08
CA TRP D 60 48.61 48.23 -20.71
C TRP D 60 48.07 49.68 -20.66
N GLU D 61 46.84 49.89 -20.21
CA GLU D 61 46.24 51.22 -20.15
C GLU D 61 45.52 51.69 -18.85
N TYR D 62 45.18 50.80 -17.91
CA TYR D 62 44.45 51.25 -16.71
C TYR D 62 45.37 51.60 -15.61
N VAL D 63 45.08 52.71 -14.96
CA VAL D 63 45.89 53.08 -13.80
C VAL D 63 44.93 53.16 -12.64
N VAL D 64 45.04 52.19 -11.69
CA VAL D 64 43.96 51.98 -10.68
C VAL D 64 44.43 52.31 -9.28
N VAL D 65 43.76 53.33 -8.71
CA VAL D 65 44.02 53.74 -7.32
C VAL D 65 43.27 52.76 -6.41
N ASP D 66 43.99 51.95 -5.64
CA ASP D 66 43.27 50.90 -4.90
C ASP D 66 42.64 51.45 -3.54
N ILE D 67 42.46 50.58 -2.56
CA ILE D 67 41.49 50.81 -1.52
C ILE D 67 41.84 52.04 -0.67
N GLN D 68 40.83 52.79 -0.28
CA GLN D 68 41.04 53.71 0.91
C GLN D 68 41.79 55.01 0.57
N TRP D 69 41.65 55.41 -0.69
CA TRP D 69 42.07 56.73 -1.11
C TRP D 69 41.37 57.85 -0.33
N TYR D 70 40.28 57.53 0.36
CA TYR D 70 39.54 58.46 1.20
C TYR D 70 40.00 58.47 2.69
N GLU D 71 41.09 57.80 3.01
CA GLU D 71 41.46 57.54 4.39
C GLU D 71 42.79 58.24 4.56
N PRO D 72 42.76 59.52 5.06
CA PRO D 72 43.95 60.43 5.02
C PRO D 72 45.09 59.85 5.71
N GLY D 73 44.85 59.07 6.76
CA GLY D 73 45.99 58.48 7.50
C GLY D 73 46.44 57.05 7.16
N ALA D 74 45.96 56.52 6.07
CA ALA D 74 46.26 55.11 5.79
C ALA D 74 47.73 54.98 5.53
N ASN D 75 48.39 53.94 6.02
CA ASN D 75 49.81 53.80 5.87
C ASN D 75 50.30 52.37 5.69
N SER D 76 49.41 51.53 5.22
CA SER D 76 49.62 50.09 5.24
C SER D 76 48.54 49.35 4.47
N SER D 77 48.67 48.04 4.45
CA SER D 77 47.57 47.13 4.05
C SER D 77 46.64 46.78 5.21
N ILE D 78 47.07 47.09 6.44
CA ILE D 78 46.23 46.97 7.64
C ILE D 78 45.46 48.26 7.83
N TYR D 79 44.13 48.19 7.82
CA TYR D 79 43.28 49.35 7.93
C TYR D 79 43.21 49.92 9.38
N ARG D 80 42.97 51.22 9.53
CA ARG D 80 42.84 51.88 10.83
C ARG D 80 41.36 51.97 11.06
N PRO D 81 40.85 51.21 12.02
CA PRO D 81 39.41 51.07 12.05
C PRO D 81 38.76 52.25 12.75
N PHE D 82 37.53 52.46 12.37
CA PHE D 82 36.70 53.48 12.93
C PHE D 82 37.25 54.91 12.81
N VAL D 83 38.12 55.19 11.83
CA VAL D 83 38.74 56.50 11.70
C VAL D 83 37.91 57.38 10.81
N PRO D 84 38.12 58.73 10.93
CA PRO D 84 37.31 59.65 10.09
C PRO D 84 37.74 59.48 8.63
N LEU D 85 36.78 59.53 7.77
CA LEU D 85 36.99 59.47 6.36
C LEU D 85 36.62 60.76 5.65
N GLU D 86 37.38 61.06 4.60
CA GLU D 86 37.15 62.22 3.77
C GLU D 86 35.89 62.04 2.96
N MET D 87 35.00 63.02 3.03
CA MET D 87 33.66 62.87 2.51
C MET D 87 33.03 64.21 2.09
N ASP D 88 32.05 64.17 1.18
CA ASP D 88 31.42 65.41 0.76
C ASP D 88 30.18 65.63 1.60
N GLU D 89 29.29 66.49 1.15
CA GLU D 89 28.09 66.82 1.89
C GLU D 89 26.95 65.92 1.53
N TYR D 90 27.22 64.98 0.64
CA TYR D 90 26.19 64.08 0.19
C TYR D 90 26.55 62.58 0.46
N SER D 91 27.26 62.34 1.56
CA SER D 91 27.56 61.00 2.00
C SER D 91 28.49 60.24 1.05
N ARG D 92 29.26 60.93 0.23
CA ARG D 92 30.19 60.29 -0.72
C ARG D 92 31.61 60.45 -0.33
N LEU D 93 32.37 59.37 -0.33
CA LEU D 93 33.74 59.55 0.02
C LEU D 93 34.49 60.27 -1.11
N MET D 94 35.62 60.90 -0.74
CA MET D 94 36.39 61.81 -1.56
C MET D 94 37.84 61.58 -1.26
N PRO D 95 38.73 61.94 -2.19
CA PRO D 95 40.10 61.69 -1.98
C PRO D 95 40.65 62.50 -0.87
N ALA D 96 41.57 61.89 -0.15
CA ALA D 96 42.29 62.57 0.89
C ALA D 96 43.25 63.57 0.30
N VAL D 97 43.10 64.83 0.70
CA VAL D 97 43.80 65.90 0.03
C VAL D 97 45.27 65.90 0.43
N ASN D 98 45.60 65.34 1.56
CA ASN D 98 47.02 65.26 1.86
C ASN D 98 47.75 64.29 0.92
N ARG D 99 47.03 63.21 0.52
CA ARG D 99 47.66 62.17 -0.31
C ARG D 99 47.54 62.52 -1.78
N PHE D 100 46.43 63.18 -2.11
CA PHE D 100 46.12 63.65 -3.44
C PHE D 100 45.92 65.18 -3.42
N PRO D 101 47.01 65.94 -3.40
CA PRO D 101 46.83 67.40 -3.24
C PRO D 101 46.02 68.10 -4.36
N SER D 102 45.99 67.51 -5.55
CA SER D 102 45.25 68.10 -6.66
C SER D 102 43.82 68.02 -6.40
N ALA D 103 43.43 67.15 -5.48
CA ALA D 103 42.02 67.07 -5.10
C ALA D 103 41.47 68.30 -4.29
N LYS D 104 42.37 69.13 -3.79
CA LYS D 104 42.02 70.42 -3.13
C LYS D 104 40.85 71.14 -3.78
N GLY D 105 39.95 71.63 -2.96
CA GLY D 105 38.89 72.49 -3.47
C GLY D 105 37.77 71.68 -4.01
N GLY D 106 37.62 70.47 -3.50
CA GLY D 106 36.49 69.66 -3.89
C GLY D 106 36.62 69.18 -5.33
N LYS D 107 37.80 69.24 -5.88
CA LYS D 107 37.96 68.82 -7.26
C LYS D 107 37.91 67.30 -7.43
N GLY D 108 38.29 66.59 -6.36
CA GLY D 108 38.21 65.13 -6.35
C GLY D 108 39.36 64.60 -7.18
N PHE D 109 39.08 63.50 -7.90
CA PHE D 109 40.09 62.86 -8.71
C PHE D 109 40.16 63.45 -10.16
N LYS D 110 39.30 64.41 -10.48
CA LYS D 110 39.29 64.92 -11.84
C LYS D 110 40.65 65.42 -12.32
N PRO D 111 41.36 66.19 -11.50
CA PRO D 111 42.66 66.57 -12.03
C PRO D 111 43.55 65.40 -12.31
N LEU D 112 43.68 64.49 -11.34
CA LEU D 112 44.50 63.30 -11.57
C LEU D 112 44.07 62.47 -12.85
N ALA D 113 42.76 62.33 -13.03
CA ALA D 113 42.21 61.57 -14.07
C ALA D 113 42.54 62.23 -15.41
N ASP D 114 42.39 63.56 -15.44
CA ASP D 114 42.78 64.43 -16.59
C ASP D 114 44.23 64.18 -16.97
N TYR D 115 45.12 64.23 -16.01
CA TYR D 115 46.51 64.00 -16.32
C TYR D 115 46.82 62.60 -16.85
N ILE D 116 46.04 61.64 -16.38
CA ILE D 116 46.23 60.27 -16.82
C ILE D 116 45.68 60.08 -18.24
N HIS D 117 44.49 60.56 -18.46
CA HIS D 117 43.93 60.59 -19.76
C HIS D 117 44.87 61.26 -20.79
N ASN D 118 45.62 62.27 -20.38
CA ASN D 118 46.47 63.00 -21.35
C ASN D 118 47.68 62.23 -21.65
N LEU D 119 47.93 61.19 -20.89
CA LEU D 119 49.02 60.31 -21.20
C LEU D 119 48.58 59.24 -22.17
N GLY D 120 47.33 59.32 -22.58
CA GLY D 120 46.68 58.28 -23.37
C GLY D 120 46.22 57.01 -22.59
N LEU D 121 45.93 57.19 -21.29
CA LEU D 121 45.81 56.09 -20.34
C LEU D 121 44.43 56.11 -19.70
N LYS D 122 44.03 55.08 -18.96
CA LYS D 122 42.70 55.10 -18.37
C LYS D 122 42.73 55.16 -16.87
N PHE D 123 41.69 55.70 -16.28
CA PHE D 123 41.70 55.90 -14.82
C PHE D 123 40.81 54.97 -14.05
N GLY D 124 41.40 54.28 -13.08
CA GLY D 124 40.55 53.49 -12.14
C GLY D 124 40.60 53.73 -10.62
N ILE D 125 39.49 53.47 -9.97
CA ILE D 125 39.46 53.48 -8.53
C ILE D 125 38.78 52.25 -7.89
N HIS D 126 39.26 51.94 -6.70
CA HIS D 126 38.61 50.98 -5.77
C HIS D 126 37.52 51.68 -4.96
N ILE D 127 36.31 51.13 -4.92
CA ILE D 127 35.32 51.45 -3.88
C ILE D 127 34.94 50.23 -2.98
N MET D 128 34.53 50.54 -1.74
CA MET D 128 33.91 49.56 -0.85
C MET D 128 32.41 49.61 -1.06
N ARG D 129 31.81 48.43 -1.12
CA ARG D 129 30.40 48.29 -1.15
C ARG D 129 29.80 49.08 -0.01
N GLY D 130 28.74 49.80 -0.33
CA GLY D 130 27.86 50.37 0.69
C GLY D 130 27.93 51.88 0.86
N ILE D 131 27.54 52.35 2.04
CA ILE D 131 27.53 53.78 2.37
C ILE D 131 28.32 54.00 3.66
N PRO D 132 29.04 55.10 3.79
CA PRO D 132 29.95 55.11 4.94
C PRO D 132 29.22 55.11 6.32
N ARG D 133 29.82 54.47 7.29
CA ARG D 133 29.15 54.35 8.56
C ARG D 133 29.00 55.76 9.18
N GLN D 134 30.01 56.63 9.00
CA GLN D 134 29.96 58.01 9.55
C GLN D 134 28.81 58.73 8.91
N ALA D 135 28.43 58.33 7.71
CA ALA D 135 27.24 58.96 7.09
C ALA D 135 25.93 58.49 7.66
N VAL D 136 25.86 57.21 7.94
CA VAL D 136 24.65 56.66 8.49
C VAL D 136 24.39 57.16 9.93
N HIS D 137 25.43 57.30 10.71
CA HIS D 137 25.32 57.66 12.10
C HIS D 137 24.97 59.16 12.25
N GLN D 138 25.63 60.04 11.50
CA GLN D 138 25.20 61.46 11.43
C GLN D 138 23.87 61.61 10.70
N ASN D 139 23.56 60.68 9.80
CA ASN D 139 22.45 60.80 8.89
C ASN D 139 22.63 62.01 7.93
N THR D 140 23.75 62.04 7.25
CA THR D 140 23.99 62.97 6.16
C THR D 140 23.09 62.76 4.97
N PRO D 141 22.98 63.78 4.12
CA PRO D 141 22.03 63.69 3.08
C PRO D 141 22.55 62.88 1.90
N ILE D 142 21.63 62.57 1.01
CA ILE D 142 21.90 61.90 -0.22
C ILE D 142 21.48 62.79 -1.36
N LEU D 143 22.37 62.98 -2.31
CA LEU D 143 22.01 63.83 -3.49
C LEU D 143 20.80 63.31 -4.20
N GLY D 144 19.93 64.21 -4.59
CA GLY D 144 18.78 63.80 -5.39
C GLY D 144 17.54 63.34 -4.68
N THR D 145 17.54 63.30 -3.35
CA THR D 145 16.36 62.84 -2.57
C THR D 145 16.39 63.54 -1.26
N ASN D 146 15.29 63.39 -0.54
CA ASN D 146 15.18 63.79 0.81
C ASN D 146 15.43 62.71 1.83
N VAL D 147 15.83 61.47 1.47
CA VAL D 147 16.00 60.51 2.51
C VAL D 147 17.41 60.76 2.88
N GLY D 148 17.79 60.41 4.08
CA GLY D 148 19.19 60.58 4.49
C GLY D 148 19.87 59.23 4.50
N ALA D 149 21.18 59.26 4.71
CA ALA D 149 21.99 58.10 4.61
C ALA D 149 21.52 56.99 5.54
N ARG D 150 21.00 57.40 6.69
CA ARG D 150 20.61 56.45 7.69
C ARG D 150 19.45 55.65 7.23
N ASP D 151 18.55 56.25 6.44
CA ASP D 151 17.38 55.53 6.01
C ASP D 151 17.62 54.50 4.87
N ILE D 152 18.82 54.44 4.27
CA ILE D 152 18.98 53.42 3.19
C ILE D 152 19.92 52.31 3.62
N ALA D 153 20.51 52.46 4.80
CA ALA D 153 21.44 51.50 5.34
C ALA D 153 20.73 50.22 5.72
N ASP D 154 21.45 49.15 5.46
CA ASP D 154 21.10 47.83 5.92
C ASP D 154 21.42 47.74 7.40
N THR D 155 20.55 47.16 8.19
CA THR D 155 20.81 47.09 9.61
C THR D 155 21.71 45.93 9.98
N ASN D 156 21.86 44.93 9.07
CA ASN D 156 22.70 43.79 9.32
C ASN D 156 23.59 43.44 8.12
N SER D 157 24.61 44.27 7.86
CA SER D 157 25.45 44.11 6.69
C SER D 157 26.63 45.03 6.78
N ILE D 158 27.75 44.44 7.04
CA ILE D 158 29.02 45.04 7.17
C ILE D 158 30.02 44.16 6.41
N CYS D 159 31.26 44.61 6.38
CA CYS D 159 32.32 43.94 5.76
C CYS D 159 33.10 43.42 6.92
N PRO D 160 33.47 42.13 6.88
CA PRO D 160 34.12 41.58 8.05
C PRO D 160 35.53 42.02 8.27
N TRP D 161 36.16 42.64 7.28
CA TRP D 161 37.61 42.89 7.34
C TRP D 161 37.92 44.39 7.13
N ASN D 162 36.86 45.20 7.09
CA ASN D 162 36.96 46.65 6.98
C ASN D 162 35.79 47.35 7.60
N THR D 163 36.07 48.36 8.42
CA THR D 163 34.96 49.03 9.19
C THR D 163 34.35 50.27 8.56
N ASP D 164 34.64 50.55 7.28
CA ASP D 164 34.36 51.90 6.73
C ASP D 164 32.87 52.11 6.40
N MET D 165 32.22 51.07 5.88
CA MET D 165 30.88 51.17 5.40
C MET D 165 29.87 50.28 6.12
N TYR D 166 28.62 50.54 5.79
CA TYR D 166 27.53 49.60 5.91
C TYR D 166 26.96 49.35 4.53
N GLY D 167 26.40 48.17 4.39
CA GLY D 167 25.64 47.83 3.21
C GLY D 167 24.44 48.69 3.04
N VAL D 168 24.09 48.85 1.77
CA VAL D 168 22.86 49.50 1.37
C VAL D 168 21.76 48.52 0.97
N ASP D 169 20.55 48.87 1.34
CA ASP D 169 19.40 48.03 1.18
C ASP D 169 18.58 48.55 0.02
N HIS D 170 18.55 47.73 -1.01
CA HIS D 170 17.96 48.04 -2.27
C HIS D 170 16.51 48.23 -2.17
N ARG D 171 15.95 47.72 -1.11
CA ARG D 171 14.56 47.81 -0.91
C ARG D 171 14.15 49.17 -0.37
N LYS D 172 15.08 50.00 0.09
CA LYS D 172 14.71 51.29 0.63
C LYS D 172 14.73 52.36 -0.41
N GLU D 173 13.74 53.26 -0.37
CA GLU D 173 13.75 54.48 -1.16
C GLU D 173 15.02 55.18 -0.90
N GLY D 174 15.64 55.66 -1.98
CA GLY D 174 16.92 56.36 -1.96
C GLY D 174 18.21 55.54 -2.04
N ALA D 175 18.08 54.23 -1.95
CA ALA D 175 19.23 53.31 -2.10
C ALA D 175 19.90 53.47 -3.49
N GLN D 176 19.12 53.36 -4.52
CA GLN D 176 19.64 53.53 -5.89
C GLN D 176 20.13 54.93 -6.20
N ALA D 177 19.41 55.91 -5.63
CA ALA D 177 19.78 57.32 -5.72
C ALA D 177 21.15 57.51 -5.21
N TYR D 178 21.45 56.89 -4.08
CA TYR D 178 22.79 56.97 -3.57
C TYR D 178 23.78 56.36 -4.56
N TYR D 179 23.53 55.13 -5.02
CA TYR D 179 24.53 54.50 -5.91
C TYR D 179 24.66 55.29 -7.17
N ASP D 180 23.52 55.74 -7.70
CA ASP D 180 23.54 56.60 -8.88
C ASP D 180 24.42 57.80 -8.66
N SER D 181 24.34 58.39 -7.47
CA SER D 181 25.04 59.63 -7.18
C SER D 181 26.50 59.38 -7.08
N LEU D 182 26.88 58.17 -6.69
CA LEU D 182 28.31 57.86 -6.64
C LEU D 182 28.92 57.79 -8.06
N PHE D 183 28.14 57.26 -8.99
CA PHE D 183 28.66 57.02 -10.32
C PHE D 183 28.57 58.30 -11.18
N GLN D 184 27.66 59.22 -10.83
CA GLN D 184 27.70 60.59 -11.34
C GLN D 184 29.01 61.24 -10.94
N LEU D 185 29.34 61.20 -9.69
CA LEU D 185 30.66 61.72 -9.29
C LEU D 185 31.83 61.13 -10.02
N TYR D 186 31.79 59.80 -10.15
CA TYR D 186 32.94 59.13 -10.73
C TYR D 186 33.00 59.53 -12.21
N ALA D 187 31.85 59.60 -12.82
CA ALA D 187 31.78 59.93 -14.24
C ALA D 187 32.33 61.39 -14.46
N GLN D 188 31.91 62.35 -13.63
CA GLN D 188 32.49 63.71 -13.64
C GLN D 188 33.96 63.71 -13.45
N TRP D 189 34.50 62.83 -12.61
CA TRP D 189 35.95 62.84 -12.44
C TRP D 189 36.66 62.27 -13.66
N GLY D 190 35.89 61.59 -14.52
CA GLY D 190 36.53 60.83 -15.61
C GLY D 190 37.02 59.40 -15.32
N VAL D 191 36.45 58.76 -14.29
CA VAL D 191 36.82 57.38 -13.96
C VAL D 191 36.40 56.48 -15.12
N ASP D 192 37.28 55.57 -15.47
CA ASP D 192 36.98 54.59 -16.56
C ASP D 192 36.78 53.11 -16.11
N PHE D 193 36.97 52.86 -14.81
CA PHE D 193 37.17 51.51 -14.23
C PHE D 193 36.95 51.63 -12.71
N VAL D 194 36.00 50.84 -12.19
CA VAL D 194 35.82 50.64 -10.75
C VAL D 194 35.97 49.19 -10.35
N LYS D 195 36.85 49.00 -9.40
CA LYS D 195 37.00 47.80 -8.65
C LYS D 195 36.20 47.87 -7.31
N VAL D 196 35.03 47.22 -7.26
CA VAL D 196 34.21 47.10 -6.04
C VAL D 196 34.65 45.97 -5.13
N ALA D 197 34.77 46.26 -3.85
CA ALA D 197 35.23 45.28 -2.83
C ALA D 197 34.12 44.98 -1.85
N ASP D 198 34.28 43.90 -1.10
CA ASP D 198 33.30 43.38 -0.20
C ASP D 198 32.01 43.10 -0.89
N ILE D 199 32.08 42.52 -2.06
CA ILE D 199 30.88 42.27 -2.80
C ILE D 199 30.73 40.86 -3.37
N VAL D 200 31.79 40.10 -3.48
CA VAL D 200 31.60 38.78 -4.12
C VAL D 200 31.58 37.70 -3.07
N ALA D 201 32.57 37.79 -2.20
CA ALA D 201 32.74 36.76 -1.20
C ALA D 201 32.80 37.52 0.11
N SER D 202 32.10 37.01 1.11
CA SER D 202 32.08 37.55 2.47
C SER D 202 31.89 36.31 3.35
N LYS D 203 32.87 36.06 4.21
CA LYS D 203 32.66 35.11 5.29
C LYS D 203 31.21 35.20 5.82
N LEU D 204 30.80 36.43 6.19
CA LEU D 204 29.56 36.63 6.92
C LEU D 204 28.31 36.46 6.10
N TYR D 205 28.30 36.95 4.87
CA TYR D 205 27.07 37.04 4.07
C TYR D 205 27.14 36.46 2.70
N GLY D 206 28.28 35.98 2.27
CA GLY D 206 28.38 35.58 0.87
C GLY D 206 28.21 36.75 -0.10
N THR D 207 27.62 36.50 -1.25
CA THR D 207 27.72 37.42 -2.37
C THR D 207 26.61 38.42 -2.23
N HIS D 208 26.95 39.67 -2.45
CA HIS D 208 25.98 40.75 -2.32
C HIS D 208 25.36 41.07 -3.63
N THR D 209 24.35 40.30 -4.00
CA THR D 209 23.88 40.27 -5.35
C THR D 209 23.08 41.49 -5.65
N GLU D 210 22.28 41.90 -4.68
CA GLU D 210 21.40 43.03 -4.92
C GLU D 210 22.21 44.30 -5.12
N GLU D 211 23.32 44.46 -4.39
CA GLU D 211 24.17 45.61 -4.61
C GLU D 211 24.92 45.54 -5.94
N ILE D 212 25.29 44.34 -6.39
CA ILE D 212 25.84 44.22 -7.73
C ILE D 212 24.84 44.76 -8.76
N LYS D 213 23.58 44.40 -8.65
CA LYS D 213 22.58 44.92 -9.58
C LYS D 213 22.43 46.43 -9.53
N MET D 214 22.41 47.01 -8.34
CA MET D 214 22.24 48.44 -8.22
C MET D 214 23.40 49.15 -8.79
N ILE D 215 24.60 48.57 -8.64
CA ILE D 215 25.77 49.17 -9.17
C ILE D 215 25.80 49.13 -10.71
N ARG D 216 25.30 48.04 -11.29
CA ARG D 216 25.32 47.89 -12.78
C ARG D 216 24.38 48.96 -13.28
N LYS D 217 23.25 49.06 -12.61
CA LYS D 217 22.26 50.08 -12.94
C LYS D 217 22.88 51.49 -12.86
N ALA D 218 23.53 51.80 -11.74
CA ALA D 218 24.14 53.10 -11.56
C ALA D 218 25.18 53.43 -12.65
N ILE D 219 26.02 52.46 -12.96
CA ILE D 219 26.93 52.65 -14.09
C ILE D 219 26.16 52.93 -15.40
N ASP D 220 25.12 52.18 -15.67
CA ASP D 220 24.50 52.32 -16.93
C ASP D 220 23.88 53.70 -17.02
N ARG D 221 23.38 54.18 -15.89
CA ARG D 221 22.74 55.48 -15.90
C ARG D 221 23.72 56.63 -15.94
N CYS D 222 24.97 56.44 -15.66
CA CYS D 222 25.78 57.60 -15.54
C CYS D 222 26.29 58.14 -16.86
N GLY D 223 26.09 57.44 -17.98
CA GLY D 223 26.56 57.94 -19.27
C GLY D 223 28.03 57.83 -19.63
N ARG D 224 28.93 57.48 -18.72
CA ARG D 224 30.30 57.22 -19.12
C ARG D 224 30.51 55.70 -19.03
N PRO D 225 31.34 55.16 -19.92
CA PRO D 225 31.73 53.75 -19.88
C PRO D 225 32.67 53.51 -18.73
N ILE D 226 32.27 52.67 -17.80
CA ILE D 226 33.10 52.34 -16.65
C ILE D 226 33.11 50.81 -16.53
N VAL D 227 34.28 50.24 -16.60
CA VAL D 227 34.48 48.83 -16.50
C VAL D 227 34.27 48.46 -15.03
N LEU D 228 33.40 47.45 -14.79
CA LEU D 228 33.09 46.95 -13.43
C LEU D 228 33.86 45.70 -13.08
N SER D 229 34.78 45.85 -12.12
CA SER D 229 35.56 44.77 -11.50
C SER D 229 35.05 44.51 -10.09
N LEU D 230 35.00 43.24 -9.69
CA LEU D 230 34.41 42.84 -8.40
C LEU D 230 35.34 41.94 -7.63
N SER D 231 35.34 42.15 -6.31
CA SER D 231 36.34 41.62 -5.41
C SER D 231 35.75 41.55 -4.01
N PRO D 232 36.41 40.84 -3.12
CA PRO D 232 37.44 39.84 -3.37
C PRO D 232 36.73 38.52 -3.80
N GLY D 233 37.46 37.50 -4.18
CA GLY D 233 36.83 36.18 -4.32
C GLY D 233 37.06 35.33 -3.10
N PRO D 234 36.77 34.02 -3.21
CA PRO D 234 36.36 33.23 -4.33
C PRO D 234 34.95 33.49 -4.80
N ALA D 235 34.80 33.73 -6.07
CA ALA D 235 33.51 33.86 -6.61
C ALA D 235 32.87 32.50 -6.76
N PRO D 236 31.64 32.39 -6.26
CA PRO D 236 30.92 31.16 -6.43
C PRO D 236 30.40 30.99 -7.81
N LEU D 237 30.52 29.77 -8.31
CA LEU D 237 30.05 29.44 -9.64
C LEU D 237 28.59 29.47 -9.68
N ASP D 238 27.98 29.21 -8.53
CA ASP D 238 26.56 29.37 -8.40
C ASP D 238 26.03 30.78 -8.90
N HIS D 239 26.85 31.80 -8.88
CA HIS D 239 26.36 33.09 -9.42
C HIS D 239 26.95 33.42 -10.78
N ALA D 240 27.46 32.40 -11.48
CA ALA D 240 28.02 32.58 -12.80
C ALA D 240 27.18 33.45 -13.67
N THR D 241 25.90 33.17 -13.82
CA THR D 241 25.15 33.94 -14.72
C THR D 241 25.08 35.46 -14.29
N LEU D 242 24.91 35.67 -12.99
CA LEU D 242 24.85 37.02 -12.47
C LEU D 242 26.11 37.68 -12.81
N PHE D 243 27.24 37.03 -12.53
CA PHE D 243 28.53 37.70 -12.80
C PHE D 243 28.72 38.01 -14.28
N VAL D 244 28.37 37.02 -15.11
CA VAL D 244 28.68 37.13 -16.52
C VAL D 244 27.82 38.26 -17.11
N GLU D 245 26.58 38.40 -16.69
CA GLU D 245 25.70 39.42 -17.21
C GLU D 245 25.88 40.84 -16.66
N ASN D 246 26.50 41.00 -15.49
CA ASN D 246 26.59 42.28 -14.77
C ASN D 246 28.03 42.79 -14.59
N ALA D 247 29.03 41.95 -14.55
CA ALA D 247 30.40 42.45 -14.35
C ALA D 247 31.33 42.23 -15.53
N ASN D 248 32.33 43.08 -15.67
CA ASN D 248 33.37 42.84 -16.66
C ASN D 248 34.49 41.97 -16.15
N MET D 249 34.73 42.02 -14.86
CA MET D 249 35.65 41.11 -14.26
C MET D 249 35.11 40.71 -12.89
N TRP D 250 35.39 39.47 -12.47
CA TRP D 250 35.20 39.09 -11.07
C TRP D 250 36.23 38.14 -10.58
N ARG D 251 36.75 38.45 -9.40
CA ARG D 251 37.81 37.70 -8.78
C ARG D 251 37.42 36.26 -8.42
N MET D 252 38.16 35.32 -8.98
CA MET D 252 37.99 33.87 -8.73
C MET D 252 38.50 33.42 -7.35
N THR D 253 39.29 34.24 -6.72
CA THR D 253 40.10 33.83 -5.62
C THR D 253 40.18 34.96 -4.59
N ASP D 254 40.39 34.58 -3.35
CA ASP D 254 40.81 35.54 -2.36
C ASP D 254 42.17 36.12 -2.77
N ASP D 255 42.63 37.13 -2.06
CA ASP D 255 43.74 37.94 -2.50
C ASP D 255 44.90 37.13 -2.91
N PHE D 256 45.43 37.42 -4.11
CA PHE D 256 46.58 36.68 -4.62
C PHE D 256 47.89 37.30 -4.22
N TRP D 257 48.87 36.49 -3.84
CA TRP D 257 50.20 36.96 -3.46
C TRP D 257 51.30 36.09 -4.02
N ASP D 258 52.53 36.50 -3.75
CA ASP D 258 53.70 35.80 -4.27
C ASP D 258 54.11 34.65 -3.40
N ARG D 259 53.31 33.60 -3.48
CA ARG D 259 53.55 32.34 -2.73
C ARG D 259 53.11 31.20 -3.66
N TRP D 260 53.92 30.17 -3.78
CA TRP D 260 53.70 29.11 -4.80
C TRP D 260 52.35 28.43 -4.60
N GLU D 261 52.01 28.23 -3.32
CA GLU D 261 50.77 27.56 -3.00
C GLU D 261 49.57 28.22 -3.64
N LEU D 262 49.55 29.57 -3.72
CA LEU D 262 48.43 30.26 -4.32
C LEU D 262 48.45 30.18 -5.85
N LEU D 263 49.63 30.24 -6.43
CA LEU D 263 49.77 30.07 -7.86
C LEU D 263 49.33 28.63 -8.30
N TYR D 264 49.77 27.63 -7.58
CA TYR D 264 49.34 26.22 -7.75
C TYR D 264 47.84 26.16 -7.72
N ASP D 265 47.26 26.87 -6.75
CA ASP D 265 45.82 26.80 -6.54
C ASP D 265 45.09 27.38 -7.67
N MET D 266 45.71 28.33 -8.37
CA MET D 266 44.95 29.07 -9.41
C MET D 266 44.57 28.18 -10.58
N PHE D 267 45.35 27.14 -10.79
CA PHE D 267 45.07 26.23 -11.92
C PHE D 267 43.69 25.61 -11.85
N GLU D 268 43.31 25.06 -10.69
CA GLU D 268 41.94 24.57 -10.54
C GLU D 268 40.85 25.62 -10.75
N GLN D 269 41.11 26.84 -10.25
CA GLN D 269 40.11 27.91 -10.41
C GLN D 269 39.91 28.27 -11.88
N CYS D 270 41.03 28.34 -12.58
CA CYS D 270 40.95 28.52 -14.06
C CYS D 270 40.15 27.42 -14.72
N TYR D 271 40.42 26.19 -14.27
CA TYR D 271 39.66 25.09 -14.82
C TYR D 271 38.20 25.27 -14.48
N LYS D 272 37.86 25.71 -13.28
CA LYS D 272 36.44 25.74 -12.91
CA LYS D 272 36.45 25.78 -12.88
C LYS D 272 35.69 26.87 -13.62
N TRP D 273 36.39 27.90 -13.98
CA TRP D 273 35.77 29.08 -14.58
C TRP D 273 35.95 29.20 -16.14
N CYS D 274 36.70 28.29 -16.77
CA CYS D 274 37.07 28.51 -18.16
C CYS D 274 35.90 28.63 -19.10
N LYS D 275 34.74 28.08 -18.77
CA LYS D 275 33.66 28.16 -19.70
C LYS D 275 32.87 29.46 -19.60
N LEU D 276 33.20 30.33 -18.65
CA LEU D 276 32.43 31.57 -18.54
C LEU D 276 33.25 32.71 -19.12
N VAL D 277 34.44 32.40 -19.59
CA VAL D 277 35.34 33.41 -20.07
C VAL D 277 34.82 33.80 -21.44
N GLY D 278 34.67 35.09 -21.69
CA GLY D 278 34.24 35.57 -23.00
C GLY D 278 34.34 37.10 -23.10
N LEU D 279 34.08 37.61 -24.31
CA LEU D 279 34.25 38.99 -24.65
C LEU D 279 33.39 39.79 -23.69
N GLY D 280 34.06 40.63 -22.90
CA GLY D 280 33.36 41.54 -22.01
C GLY D 280 33.12 41.02 -20.58
N HIS D 281 33.45 39.75 -20.30
CA HIS D 281 33.14 39.16 -19.02
C HIS D 281 34.21 38.12 -18.66
N TRP D 282 35.18 38.57 -17.85
CA TRP D 282 36.44 37.98 -17.62
C TRP D 282 36.64 37.54 -16.11
N PRO D 283 36.56 36.22 -15.83
CA PRO D 283 37.01 35.79 -14.53
C PRO D 283 38.43 36.27 -14.32
N ASP D 284 38.76 36.61 -13.07
CA ASP D 284 39.95 37.35 -12.74
C ASP D 284 40.83 36.58 -11.73
N ALA D 285 42.03 36.32 -12.20
CA ALA D 285 42.99 35.64 -11.41
C ALA D 285 43.75 36.54 -10.52
N ASP D 286 43.39 37.81 -10.56
CA ASP D 286 43.94 38.80 -9.63
C ASP D 286 45.27 39.36 -10.12
N MET D 287 45.75 40.36 -9.37
CA MET D 287 46.86 41.19 -9.73
C MET D 287 48.15 40.43 -9.63
N LEU D 288 49.12 40.84 -10.43
CA LEU D 288 50.38 40.16 -10.56
C LEU D 288 51.36 40.69 -9.58
N PRO D 289 51.72 39.92 -8.57
CA PRO D 289 52.77 40.29 -7.62
C PRO D 289 54.13 40.16 -8.19
N LEU D 290 54.46 41.07 -9.07
CA LEU D 290 55.78 41.05 -9.70
C LEU D 290 56.59 42.28 -9.33
N GLY D 291 57.89 42.21 -9.50
CA GLY D 291 58.71 43.36 -9.24
C GLY D 291 58.64 43.74 -7.77
N HIS D 292 58.49 45.04 -7.53
CA HIS D 292 58.79 45.62 -6.24
C HIS D 292 57.48 45.78 -5.53
N ILE D 293 57.33 44.98 -4.47
CA ILE D 293 56.09 44.95 -3.71
C ILE D 293 56.30 45.02 -2.21
N GLY D 294 55.22 45.16 -1.48
CA GLY D 294 55.28 45.27 -0.04
C GLY D 294 55.90 46.57 0.48
N ILE D 295 55.86 47.66 -0.31
CA ILE D 295 56.57 48.87 0.08
C ILE D 295 55.84 49.46 1.28
N ARG D 296 54.52 49.56 1.20
CA ARG D 296 53.73 49.84 2.34
C ARG D 296 52.54 48.86 2.44
N SER D 297 52.87 47.56 2.37
CA SER D 297 51.93 46.45 2.48
C SER D 297 52.67 45.45 3.26
N VAL D 298 51.94 44.83 4.15
CA VAL D 298 52.52 43.81 5.01
C VAL D 298 51.78 42.48 4.73
N ASP D 299 50.88 42.48 3.74
CA ASP D 299 50.06 41.33 3.38
C ASP D 299 50.87 40.19 2.67
N GLY D 300 50.26 39.02 2.48
CA GLY D 300 50.98 37.91 1.83
C GLY D 300 52.13 37.30 2.63
N GLY D 301 52.24 37.70 3.88
CA GLY D 301 53.30 37.21 4.76
C GLY D 301 54.65 37.79 4.41
N GLY D 302 54.68 38.91 3.71
CA GLY D 302 55.97 39.55 3.34
C GLY D 302 56.00 41.03 3.67
N THR D 303 57.19 41.61 3.56
CA THR D 303 57.41 43.07 3.62
C THR D 303 58.11 43.59 2.34
N ASP D 304 58.85 44.69 2.44
CA ASP D 304 59.37 45.39 1.29
C ASP D 304 60.26 44.41 0.55
N ARG D 305 59.89 44.05 -0.69
CA ARG D 305 60.63 43.05 -1.44
C ARG D 305 60.42 43.14 -2.91
N MET D 306 61.32 42.48 -3.63
CA MET D 306 61.06 41.96 -4.98
C MET D 306 60.30 40.62 -4.85
N THR D 307 59.43 40.33 -5.82
CA THR D 307 58.51 39.17 -5.73
C THR D 307 59.27 37.92 -5.34
N ARG D 308 58.64 37.14 -4.47
CA ARG D 308 59.26 35.91 -4.03
C ARG D 308 59.10 34.84 -5.07
N PHE D 309 58.29 35.06 -6.09
CA PHE D 309 58.23 34.08 -7.22
C PHE D 309 59.56 34.00 -7.91
N THR D 310 60.07 32.80 -8.14
CA THR D 310 61.22 32.63 -9.02
C THR D 310 60.82 33.02 -10.41
N LYS D 311 61.84 33.19 -11.24
CA LYS D 311 61.61 33.48 -12.65
C LYS D 311 60.71 32.44 -13.33
N ASP D 312 60.89 31.17 -13.05
CA ASP D 312 60.01 30.16 -13.63
C ASP D 312 58.59 30.36 -13.14
N GLU D 313 58.46 30.67 -11.84
CA GLU D 313 57.15 30.91 -11.26
C GLU D 313 56.51 32.13 -11.91
N GLN D 314 57.31 33.16 -12.13
CA GLN D 314 56.76 34.39 -12.76
C GLN D 314 56.27 34.14 -14.19
N ARG D 315 57.10 33.39 -14.94
CA ARG D 315 56.64 32.93 -16.28
C ARG D 315 55.42 32.03 -16.21
N THR D 316 55.42 31.13 -15.24
CA THR D 316 54.30 30.19 -15.12
C THR D 316 53.01 30.94 -14.89
N MET D 317 53.04 31.90 -13.97
CA MET D 317 51.87 32.76 -13.79
C MET D 317 51.47 33.56 -14.99
N MET D 318 52.44 34.22 -15.62
CA MET D 318 52.05 35.04 -16.83
C MET D 318 51.47 34.12 -17.87
N THR D 319 52.02 32.92 -17.96
CA THR D 319 51.55 32.03 -19.01
C THR D 319 50.17 31.58 -18.75
N LEU D 320 49.91 31.15 -17.51
CA LEU D 320 48.50 30.82 -17.24
C LEU D 320 47.53 31.98 -17.41
N TRP D 321 47.85 33.11 -16.81
CA TRP D 321 46.91 34.24 -16.92
C TRP D 321 46.74 34.61 -18.36
N ILE D 322 47.82 34.50 -19.15
CA ILE D 322 47.77 34.91 -20.57
C ILE D 322 46.82 34.01 -21.34
N ILE D 323 46.99 32.69 -21.22
CA ILE D 323 46.21 31.77 -22.04
C ILE D 323 44.79 31.71 -21.57
N PHE D 324 44.60 31.86 -20.25
CA PHE D 324 43.25 31.82 -19.71
C PHE D 324 42.46 33.08 -20.11
N ARG D 325 43.20 34.15 -20.38
CA ARG D 325 42.63 35.48 -20.61
C ARG D 325 42.13 36.18 -19.32
N SER D 326 42.86 36.01 -18.24
CA SER D 326 42.66 36.84 -17.06
C SER D 326 43.03 38.25 -17.40
N PRO D 327 42.31 39.23 -16.79
CA PRO D 327 42.87 40.58 -16.70
C PRO D 327 44.28 40.54 -16.20
N LEU D 328 45.08 41.50 -16.63
CA LEU D 328 46.44 41.63 -16.23
C LEU D 328 46.58 42.98 -15.50
N MET D 329 46.74 42.91 -14.18
CA MET D 329 46.95 44.07 -13.34
C MET D 329 48.21 43.95 -12.61
N PHE D 330 49.22 44.64 -13.10
CA PHE D 330 50.52 44.68 -12.46
C PHE D 330 50.41 45.42 -11.15
N GLY D 331 51.07 44.82 -10.18
CA GLY D 331 50.91 45.14 -8.79
C GLY D 331 52.17 45.68 -8.16
N GLY D 332 53.28 45.61 -8.86
CA GLY D 332 54.50 46.16 -8.38
C GLY D 332 54.62 47.67 -8.69
N GLU D 333 55.60 48.31 -8.00
CA GLU D 333 56.00 49.70 -8.30
C GLU D 333 56.87 49.67 -9.59
N LEU D 334 56.27 50.15 -10.68
CA LEU D 334 56.78 49.88 -12.02
C LEU D 334 58.18 50.47 -12.22
N ARG D 335 58.45 51.61 -11.57
CA ARG D 335 59.68 52.34 -11.82
C ARG D 335 60.83 51.62 -11.29
N ASP D 336 60.59 50.60 -10.47
CA ASP D 336 61.66 49.76 -10.01
C ASP D 336 61.73 48.44 -10.76
N ASN D 337 61.01 48.31 -11.86
CA ASN D 337 61.24 47.15 -12.74
C ASN D 337 62.66 47.10 -13.19
N ASP D 338 63.31 45.96 -13.00
CA ASP D 338 64.47 45.60 -13.83
C ASP D 338 64.07 45.11 -15.25
N GLU D 339 65.06 44.70 -16.03
CA GLU D 339 64.76 44.33 -17.43
C GLU D 339 64.00 43.02 -17.52
N TRP D 340 64.39 42.06 -16.69
CA TRP D 340 63.69 40.81 -16.60
C TRP D 340 62.19 41.08 -16.41
N THR D 341 61.85 41.97 -15.48
CA THR D 341 60.45 42.12 -15.12
C THR D 341 59.74 42.80 -16.25
N LEU D 342 60.43 43.75 -16.85
CA LEU D 342 59.84 44.47 -17.98
C LEU D 342 59.63 43.53 -19.13
N SER D 343 60.56 42.58 -19.31
CA SER D 343 60.38 41.62 -20.42
C SER D 343 59.13 40.81 -20.29
N LEU D 344 58.58 40.66 -19.07
CA LEU D 344 57.38 39.85 -18.89
C LEU D 344 56.20 40.53 -19.46
N LEU D 345 56.29 41.84 -19.63
CA LEU D 345 55.11 42.64 -20.05
C LEU D 345 55.11 43.14 -21.45
N THR D 346 56.25 42.99 -22.12
CA THR D 346 56.45 43.63 -23.41
C THR D 346 56.54 42.64 -24.58
N ASN D 347 56.33 41.35 -24.35
CA ASN D 347 56.37 40.40 -25.44
C ASN D 347 55.04 40.23 -26.15
N GLU D 348 54.97 40.82 -27.34
CA GLU D 348 53.77 40.90 -28.15
C GLU D 348 53.30 39.52 -28.66
N GLU D 349 54.24 38.60 -28.79
CA GLU D 349 53.88 37.30 -29.33
C GLU D 349 53.07 36.53 -28.28
N VAL D 350 53.54 36.58 -27.04
CA VAL D 350 52.75 36.05 -25.91
C VAL D 350 51.42 36.77 -25.81
N LEU D 351 51.43 38.11 -25.88
CA LEU D 351 50.18 38.84 -25.65
C LEU D 351 49.11 38.60 -26.66
N HIS D 352 49.50 38.22 -27.87
CA HIS D 352 48.51 37.84 -28.89
C HIS D 352 47.61 36.73 -28.38
N VAL D 353 48.14 35.85 -27.58
CA VAL D 353 47.37 34.72 -27.06
C VAL D 353 46.26 35.26 -26.15
N HIS D 354 46.61 36.18 -25.26
CA HIS D 354 45.65 36.95 -24.46
C HIS D 354 44.60 37.79 -25.24
N GLN D 355 45.06 38.53 -26.25
CA GLN D 355 44.15 39.45 -27.02
C GLN D 355 43.28 38.79 -28.06
N ASN D 356 43.84 37.84 -28.80
CA ASN D 356 43.15 37.20 -29.89
C ASN D 356 42.85 35.71 -29.71
N GLY D 357 43.50 35.05 -28.79
CA GLY D 357 43.07 33.73 -28.42
C GLY D 357 41.64 33.64 -27.91
N TYR D 358 41.10 32.40 -27.94
CA TYR D 358 39.79 32.10 -27.47
C TYR D 358 39.63 30.62 -27.36
N GLY D 359 38.68 30.19 -26.54
CA GLY D 359 38.43 28.77 -26.35
C GLY D 359 39.35 28.10 -25.35
N ALA D 360 40.08 28.84 -24.56
CA ALA D 360 41.07 28.17 -23.71
C ALA D 360 40.46 27.05 -22.87
N ARG D 361 41.21 25.97 -22.66
CA ARG D 361 40.68 24.76 -22.01
C ARG D 361 41.80 23.97 -21.47
N GLN D 362 41.56 23.24 -20.38
CA GLN D 362 42.54 22.35 -19.84
C GLN D 362 42.49 21.07 -20.68
N VAL D 363 43.59 20.73 -21.34
CA VAL D 363 43.61 19.49 -22.13
C VAL D 363 43.64 18.32 -21.12
N TYR D 364 44.51 18.41 -20.13
CA TYR D 364 44.51 17.45 -19.07
C TYR D 364 45.29 17.97 -17.91
N ARG D 365 45.16 17.27 -16.79
CA ARG D 365 45.97 17.51 -15.64
C ARG D 365 46.21 16.16 -14.93
N GLU D 366 47.45 15.78 -14.77
CA GLU D 366 47.74 14.46 -14.27
C GLU D 366 49.10 14.48 -13.69
N ASN D 367 49.25 13.86 -12.53
CA ASN D 367 50.52 13.87 -11.80
C ASN D 367 51.16 15.25 -11.78
N ASP D 368 50.34 16.27 -11.56
CA ASP D 368 50.85 17.60 -11.40
C ASP D 368 51.55 18.16 -12.64
N HIS D 369 51.11 17.67 -13.79
CA HIS D 369 51.45 18.21 -15.09
C HIS D 369 50.17 18.70 -15.72
N VAL D 370 50.17 19.90 -16.31
CA VAL D 370 48.95 20.45 -16.83
C VAL D 370 49.19 21.01 -18.20
N VAL D 371 48.17 20.93 -19.07
CA VAL D 371 48.33 21.50 -20.38
C VAL D 371 47.03 22.17 -20.73
N TRP D 372 47.14 23.39 -21.19
CA TRP D 372 45.99 24.17 -21.65
C TRP D 372 46.21 24.47 -23.11
N THR D 373 45.15 24.73 -23.83
CA THR D 373 45.31 25.13 -25.16
C THR D 373 44.20 26.07 -25.53
N SER D 374 44.47 26.97 -26.46
CA SER D 374 43.45 27.84 -27.02
C SER D 374 43.86 28.10 -28.47
N GLN D 375 43.08 28.88 -29.21
CA GLN D 375 43.44 29.16 -30.58
C GLN D 375 43.04 30.59 -30.97
N ASP D 376 43.56 31.07 -32.11
CA ASP D 376 43.07 32.31 -32.74
C ASP D 376 42.30 31.98 -33.95
N ALA D 377 41.79 33.02 -34.59
CA ALA D 377 40.90 32.89 -35.76
C ALA D 377 41.65 32.59 -37.06
N GLU D 378 42.96 32.77 -37.04
CA GLU D 378 43.83 32.48 -38.16
C GLU D 378 44.38 31.06 -38.09
N GLY D 379 43.80 30.19 -37.28
CA GLY D 379 44.24 28.81 -37.24
C GLY D 379 45.56 28.55 -36.56
N ASN D 380 46.06 29.47 -35.76
CA ASN D 380 47.19 29.13 -34.89
C ASN D 380 46.64 28.51 -33.62
N GLN D 381 47.43 27.71 -32.94
CA GLN D 381 46.91 27.05 -31.78
C GLN D 381 47.96 27.18 -30.72
N PHE D 382 47.53 27.62 -29.55
CA PHE D 382 48.49 27.92 -28.50
C PHE D 382 48.38 26.84 -27.49
N VAL D 383 49.54 26.43 -27.01
CA VAL D 383 49.59 25.47 -26.01
C VAL D 383 50.57 25.82 -24.92
N ALA D 384 50.03 25.74 -23.69
CA ALA D 384 50.73 26.13 -22.52
C ALA D 384 50.88 24.90 -21.70
N MET D 385 52.10 24.57 -21.33
CA MET D 385 52.40 23.33 -20.72
C MET D 385 53.17 23.58 -19.43
N PHE D 386 52.73 22.94 -18.36
CA PHE D 386 53.17 23.30 -17.03
C PHE D 386 53.53 22.07 -16.24
N ASN D 387 54.63 22.16 -15.54
CA ASN D 387 55.01 21.22 -14.54
C ASN D 387 54.84 21.93 -13.20
N ILE D 388 53.76 21.61 -12.50
CA ILE D 388 53.42 22.21 -11.21
C ILE D 388 53.69 21.27 -10.07
N SER D 389 54.51 20.27 -10.35
CA SER D 389 55.03 19.37 -9.35
C SER D 389 56.31 19.89 -8.75
N GLU D 390 56.83 19.08 -7.82
CA GLU D 390 58.04 19.36 -7.18
C GLU D 390 59.19 18.69 -7.87
N LYS D 391 59.03 18.02 -9.01
CA LYS D 391 60.26 17.49 -9.66
C LYS D 391 60.36 17.75 -11.12
N ARG D 392 61.60 17.82 -11.57
CA ARG D 392 61.93 17.89 -13.01
C ARG D 392 61.28 16.72 -13.70
N SER D 393 60.67 16.96 -14.84
CA SER D 393 60.02 15.90 -15.58
C SER D 393 59.66 16.39 -16.98
N VAL D 394 59.41 15.46 -17.89
CA VAL D 394 59.02 15.78 -19.23
C VAL D 394 57.54 15.89 -19.19
N VAL D 395 57.03 16.95 -19.78
CA VAL D 395 55.62 17.10 -19.89
C VAL D 395 55.35 17.04 -21.35
N SER D 396 54.27 16.37 -21.74
CA SER D 396 53.94 16.24 -23.13
C SER D 396 52.49 16.19 -23.43
N VAL D 397 52.21 16.43 -24.69
CA VAL D 397 50.87 16.28 -25.18
C VAL D 397 50.90 15.89 -26.67
N SER D 398 49.92 15.08 -27.08
CA SER D 398 49.84 14.60 -28.45
C SER D 398 49.13 15.63 -29.27
N LEU D 399 49.47 15.64 -30.56
CA LEU D 399 48.80 16.54 -31.50
C LEU D 399 47.36 16.13 -31.57
N LYS D 400 47.13 14.83 -31.50
CA LYS D 400 45.78 14.31 -31.57
C LYS D 400 44.93 14.90 -30.43
N ASP D 401 45.48 14.94 -29.20
CA ASP D 401 44.74 15.47 -28.05
C ASP D 401 44.48 16.96 -28.19
N LEU D 402 45.34 17.63 -28.94
CA LEU D 402 45.12 19.03 -29.29
C LEU D 402 44.15 19.20 -30.42
N GLY D 403 43.66 18.13 -31.04
CA GLY D 403 42.86 18.28 -32.24
C GLY D 403 43.64 18.67 -33.50
N CYS D 404 44.96 18.56 -33.49
CA CYS D 404 45.71 18.77 -34.72
C CYS D 404 45.76 17.49 -35.53
N MET D 405 45.07 17.45 -36.66
CA MET D 405 45.05 16.21 -37.43
C MET D 405 46.27 16.08 -38.36
N GLU D 406 47.22 17.01 -38.31
CA GLU D 406 48.43 16.87 -39.11
C GLU D 406 49.60 17.57 -38.52
N PRO D 407 50.79 17.38 -39.10
CA PRO D 407 51.95 17.92 -38.43
C PRO D 407 51.98 19.44 -38.52
N MET D 408 52.69 20.02 -37.55
CA MET D 408 52.61 21.45 -37.31
C MET D 408 53.97 21.98 -37.02
N LYS D 409 54.16 23.23 -37.40
CA LYS D 409 55.25 24.05 -36.95
C LYS D 409 54.99 24.58 -35.53
N ALA D 410 56.07 24.66 -34.79
CA ALA D 410 56.05 24.96 -33.40
C ALA D 410 57.03 26.09 -33.09
N ARG D 411 56.57 27.03 -32.25
CA ARG D 411 57.42 28.20 -31.85
C ARG D 411 57.28 28.48 -30.35
N ASP D 412 58.41 28.64 -29.69
CA ASP D 412 58.43 28.98 -28.31
C ASP D 412 58.25 30.48 -28.20
N LEU D 413 57.07 30.89 -27.73
CA LEU D 413 56.66 32.29 -27.74
C LEU D 413 57.41 33.22 -26.80
N TRP D 414 57.85 32.72 -25.66
CA TRP D 414 58.53 33.59 -24.71
C TRP D 414 59.94 33.80 -25.20
N ALA D 415 60.63 32.73 -25.57
CA ALA D 415 61.98 32.85 -26.11
C ALA D 415 62.02 33.44 -27.51
N LYS D 416 60.87 33.49 -28.18
CA LYS D 416 60.70 33.88 -29.58
C LYS D 416 61.51 33.08 -30.61
N GLU D 417 61.46 31.75 -30.52
CA GLU D 417 62.39 30.92 -31.27
C GLU D 417 61.65 29.72 -31.84
N ASP D 418 61.84 29.51 -33.15
CA ASP D 418 61.19 28.47 -33.88
C ASP D 418 61.72 27.20 -33.38
N LEU D 419 60.85 26.22 -33.24
CA LEU D 419 61.25 24.96 -32.67
C LEU D 419 61.16 23.89 -33.79
N GLY D 420 60.76 24.30 -34.97
CA GLY D 420 60.66 23.35 -36.05
C GLY D 420 59.39 22.55 -35.96
N LEU D 421 59.39 21.39 -36.58
CA LEU D 421 58.19 20.70 -36.98
C LEU D 421 57.87 19.63 -35.93
N VAL D 422 56.61 19.39 -35.74
CA VAL D 422 56.14 18.49 -34.76
C VAL D 422 55.21 17.56 -35.48
N LYS D 423 55.41 16.26 -35.33
CA LYS D 423 54.62 15.32 -36.16
C LYS D 423 53.64 14.53 -35.34
N HIS D 424 53.99 14.25 -34.08
CA HIS D 424 53.17 13.41 -33.23
C HIS D 424 52.81 14.12 -31.89
N GLN D 425 53.77 14.83 -31.31
CA GLN D 425 53.53 15.42 -30.02
C GLN D 425 54.53 16.48 -29.66
N LEU D 426 54.14 17.33 -28.70
CA LEU D 426 55.04 18.26 -28.04
C LEU D 426 55.52 17.66 -26.77
N ALA D 427 56.76 17.88 -26.40
CA ALA D 427 57.28 17.26 -25.22
C ALA D 427 58.46 18.03 -24.79
N PHE D 428 58.55 18.41 -23.52
CA PHE D 428 59.66 19.25 -23.05
C PHE D 428 59.99 18.86 -21.66
N GLU D 429 61.28 18.90 -21.35
CA GLU D 429 61.70 18.68 -20.02
C GLU D 429 61.55 20.02 -19.28
N LEU D 430 60.86 19.99 -18.15
CA LEU D 430 60.50 21.22 -17.41
C LEU D 430 60.85 20.96 -15.99
N GLY D 431 61.53 21.92 -15.37
CA GLY D 431 61.85 21.79 -13.94
C GLY D 431 60.58 22.03 -13.12
N PRO D 432 60.67 21.77 -11.83
CA PRO D 432 59.50 21.98 -10.97
C PRO D 432 58.99 23.47 -11.05
N HIS D 433 57.69 23.66 -11.27
CA HIS D 433 57.08 25.01 -11.30
C HIS D 433 57.38 25.74 -12.65
N GLN D 434 57.89 25.00 -13.64
CA GLN D 434 58.31 25.60 -14.87
C GLN D 434 57.31 25.27 -15.96
N SER D 435 57.18 26.14 -16.95
CA SER D 435 56.21 26.01 -17.99
C SER D 435 56.86 26.43 -19.30
N ILE D 436 56.09 26.32 -20.40
CA ILE D 436 56.48 26.82 -21.70
C ILE D 436 55.23 27.13 -22.44
N LEU D 437 55.27 28.16 -23.28
CA LEU D 437 54.12 28.48 -24.12
C LEU D 437 54.54 28.36 -25.56
N VAL D 438 53.81 27.56 -26.32
CA VAL D 438 54.09 27.20 -27.66
C VAL D 438 52.94 27.57 -28.59
N LYS D 439 53.31 28.12 -29.74
CA LYS D 439 52.39 28.31 -30.84
C LYS D 439 52.54 27.21 -31.89
N LEU D 440 51.41 26.62 -32.28
CA LEU D 440 51.43 25.66 -33.39
C LEU D 440 50.72 26.26 -34.52
N SER D 441 51.38 26.20 -35.69
CA SER D 441 50.78 26.74 -36.91
C SER D 441 51.00 25.71 -38.05
N PRO D 442 50.10 25.75 -39.07
CA PRO D 442 50.09 24.70 -40.06
C PRO D 442 51.38 24.63 -40.85
N ALA D 443 51.77 23.40 -41.18
CA ALA D 443 52.94 23.11 -41.99
C ALA D 443 52.54 22.76 -43.44
N VAL D 444 51.50 21.97 -43.57
CA VAL D 444 50.97 21.56 -44.85
C VAL D 444 50.39 22.76 -45.58
N GLY D 445 50.73 22.85 -46.87
CA GLY D 445 50.32 23.94 -47.69
C GLY D 445 51.08 25.23 -47.41
N LYS D 446 52.25 25.19 -46.76
CA LYS D 446 53.08 26.38 -46.60
C LYS D 446 54.50 26.19 -47.04
N GLY D 447 55.10 27.31 -47.46
CA GLY D 447 56.48 27.33 -47.93
C GLY D 447 57.48 26.66 -47.00
N LEU D 448 58.71 26.56 -47.48
CA LEU D 448 59.85 26.16 -46.68
C LEU D 448 60.90 27.28 -46.77
N ALA E 14 -33.19 -23.89 30.02
CA ALA E 14 -31.91 -24.07 30.74
C ALA E 14 -31.61 -25.57 30.93
N SER E 15 -31.53 -26.26 29.79
CA SER E 15 -31.21 -27.71 29.69
C SER E 15 -29.70 -28.01 29.58
N MET E 16 -28.96 -26.97 29.18
CA MET E 16 -27.50 -26.97 29.01
C MET E 16 -26.79 -26.21 30.14
N HIS E 17 -25.79 -26.85 30.74
CA HIS E 17 -25.11 -26.23 31.90
C HIS E 17 -24.42 -24.90 31.52
N HIS E 18 -23.75 -24.89 30.37
CA HIS E 18 -23.01 -23.71 29.90
C HIS E 18 -23.90 -22.50 29.61
N TYR E 19 -25.23 -22.69 29.50
CA TYR E 19 -26.10 -21.51 29.47
C TYR E 19 -25.88 -20.66 30.70
N GLN E 20 -25.60 -21.29 31.82
CA GLN E 20 -25.46 -20.52 33.07
C GLN E 20 -24.21 -19.58 32.99
N TRP E 21 -23.28 -19.84 32.05
CA TRP E 21 -22.08 -19.00 31.87
C TRP E 21 -22.37 -17.71 31.11
N ALA E 22 -23.55 -17.57 30.48
CA ALA E 22 -23.94 -16.29 29.87
C ALA E 22 -25.43 -15.96 30.02
N LYS E 23 -25.81 -15.63 31.24
CA LYS E 23 -27.20 -15.47 31.60
C LYS E 23 -27.73 -14.24 30.97
N THR E 24 -26.86 -13.25 30.80
CA THR E 24 -27.16 -12.10 29.97
C THR E 24 -26.20 -12.06 28.75
N PRO E 25 -26.52 -11.28 27.70
CA PRO E 25 -25.60 -11.29 26.53
C PRO E 25 -24.18 -10.73 26.88
N PRO E 26 -23.12 -11.47 26.60
CA PRO E 26 -21.79 -10.97 26.89
C PRO E 26 -21.53 -9.54 26.47
N MET E 27 -20.90 -8.80 27.39
CA MET E 27 -20.50 -7.45 27.13
C MET E 27 -19.02 -7.32 27.32
N GLY E 28 -18.41 -6.63 26.37
CA GLY E 28 -16.97 -6.42 26.41
C GLY E 28 -16.37 -5.54 25.33
N TRP E 29 -15.08 -5.78 25.10
CA TRP E 29 -14.27 -5.13 24.07
C TRP E 29 -13.54 -6.17 23.26
N ASN E 30 -13.30 -5.86 21.98
CA ASN E 30 -12.62 -6.78 21.08
C ASN E 30 -11.66 -6.00 20.15
N SER E 31 -10.46 -6.54 20.00
CA SER E 31 -9.36 -5.83 19.32
C SER E 31 -9.44 -5.70 17.78
N TRP E 32 -10.38 -6.39 17.15
CA TRP E 32 -10.45 -6.56 15.68
C TRP E 32 -10.72 -5.25 14.96
N ASP E 33 -11.75 -4.55 15.36
CA ASP E 33 -12.10 -3.35 14.60
C ASP E 33 -11.02 -2.21 14.64
N CYS E 34 -10.24 -2.12 15.73
CA CYS E 34 -9.21 -1.12 15.87
C CYS E 34 -7.83 -1.63 15.38
N TYR E 35 -7.51 -2.87 15.70
CA TYR E 35 -6.15 -3.38 15.51
C TYR E 35 -5.99 -4.59 14.57
N GLY E 36 -7.06 -5.11 14.00
CA GLY E 36 -6.90 -6.25 13.11
C GLY E 36 -6.41 -7.44 13.86
N ALA E 37 -5.50 -8.15 13.19
CA ALA E 37 -4.79 -9.26 13.70
C ALA E 37 -3.62 -8.90 14.57
N SER E 38 -3.42 -7.62 14.86
CA SER E 38 -2.10 -7.16 15.27
C SER E 38 -2.03 -6.51 16.68
N VAL E 39 -3.05 -6.65 17.56
CA VAL E 39 -3.04 -5.91 18.79
C VAL E 39 -1.83 -6.38 19.63
N THR E 40 -1.30 -5.48 20.45
CA THR E 40 -0.20 -5.80 21.36
C THR E 40 -0.73 -5.83 22.79
N GLU E 41 0.02 -6.49 23.66
CA GLU E 41 -0.28 -6.52 25.07
C GLU E 41 -0.56 -5.14 25.67
N ASP E 42 0.30 -4.16 25.43
CA ASP E 42 0.03 -2.85 26.03
CA ASP E 42 0.10 -2.79 25.91
C ASP E 42 -1.28 -2.23 25.54
N GLU E 43 -1.70 -2.53 24.31
CA GLU E 43 -3.01 -2.05 23.87
C GLU E 43 -4.14 -2.76 24.63
N VAL E 44 -4.02 -4.07 24.81
CA VAL E 44 -5.01 -4.86 25.45
C VAL E 44 -5.19 -4.32 26.88
N LYS E 45 -4.07 -4.03 27.52
CA LYS E 45 -4.05 -3.63 28.93
C LYS E 45 -4.65 -2.25 29.08
N GLY E 46 -4.28 -1.34 28.17
CA GLY E 46 -4.81 0.01 28.24
C GLY E 46 -6.33 -0.08 28.10
N ASN E 47 -6.85 -0.91 27.16
CA ASN E 47 -8.31 -0.94 26.94
C ASN E 47 -9.02 -1.56 28.16
N ALA E 48 -8.45 -2.60 28.71
CA ALA E 48 -8.94 -3.18 29.91
C ALA E 48 -8.96 -2.20 31.10
N GLU E 49 -7.97 -1.33 31.19
CA GLU E 49 -7.88 -0.39 32.33
C GLU E 49 -8.94 0.59 32.06
N TYR E 50 -9.15 0.88 30.79
CA TYR E 50 -10.22 1.84 30.52
C TYR E 50 -11.59 1.19 30.91
N MET E 51 -11.76 -0.09 30.59
CA MET E 51 -13.01 -0.78 30.92
C MET E 51 -13.26 -0.77 32.44
N ALA E 52 -12.23 -1.14 33.20
CA ALA E 52 -12.32 -1.21 34.68
C ALA E 52 -12.74 0.09 35.24
N LYS E 53 -12.20 1.16 34.71
CA LYS E 53 -12.42 2.46 35.27
C LYS E 53 -13.76 3.07 34.84
N TYR E 54 -14.14 2.95 33.58
CA TYR E 54 -15.34 3.68 33.16
C TYR E 54 -16.56 2.79 32.90
N LEU E 55 -16.38 1.50 32.71
CA LEU E 55 -17.41 0.68 32.06
C LEU E 55 -17.84 -0.49 32.92
N LYS E 56 -17.00 -0.99 33.80
CA LYS E 56 -17.38 -2.17 34.55
C LYS E 56 -18.69 -2.02 35.35
N PRO E 57 -18.93 -0.87 35.96
CA PRO E 57 -20.25 -0.73 36.64
C PRO E 57 -21.44 -0.94 35.76
N PHE E 58 -21.30 -0.83 34.45
CA PHE E 58 -22.46 -0.99 33.56
C PHE E 58 -22.60 -2.35 32.86
N GLY E 59 -21.81 -3.32 33.29
CA GLY E 59 -21.86 -4.69 32.76
C GLY E 59 -20.70 -5.06 31.81
N TRP E 60 -19.92 -4.06 31.35
CA TRP E 60 -18.86 -4.35 30.36
C TRP E 60 -17.76 -5.10 31.08
N GLU E 61 -17.44 -6.31 30.67
CA GLU E 61 -16.43 -7.08 31.38
C GLU E 61 -15.40 -7.93 30.57
N TYR E 62 -15.75 -8.34 29.34
CA TYR E 62 -14.86 -9.22 28.53
C TYR E 62 -13.85 -8.41 27.72
N VAL E 63 -12.58 -8.76 27.87
CA VAL E 63 -11.48 -8.10 27.19
C VAL E 63 -10.99 -9.12 26.23
N VAL E 64 -11.38 -8.95 24.96
CA VAL E 64 -11.14 -10.03 24.00
C VAL E 64 -9.99 -9.73 22.96
N VAL E 65 -8.99 -10.63 22.97
CA VAL E 65 -7.89 -10.54 22.03
C VAL E 65 -8.28 -11.29 20.80
N ASP E 66 -8.39 -10.60 19.68
CA ASP E 66 -8.92 -11.22 18.48
C ASP E 66 -7.82 -11.95 17.70
N ILE E 67 -8.04 -12.15 16.41
CA ILE E 67 -7.38 -13.20 15.71
C ILE E 67 -5.84 -13.02 15.58
N GLN E 68 -5.13 -14.13 15.61
CA GLN E 68 -3.73 -14.23 15.15
C GLN E 68 -2.74 -13.64 16.14
N TRP E 69 -3.11 -13.69 17.42
CA TRP E 69 -2.18 -13.43 18.50
C TRP E 69 -0.96 -14.31 18.45
N TYR E 70 -1.01 -15.37 17.68
CA TYR E 70 0.08 -16.29 17.52
C TYR E 70 0.98 -15.99 16.27
N GLU E 71 0.64 -14.91 15.55
CA GLU E 71 1.29 -14.48 14.29
C GLU E 71 2.16 -13.27 14.60
N PRO E 72 3.50 -13.49 14.79
CA PRO E 72 4.32 -12.41 15.36
C PRO E 72 4.47 -11.23 14.44
N GLY E 73 4.29 -11.43 13.16
CA GLY E 73 4.49 -10.33 12.20
C GLY E 73 3.24 -9.68 11.73
N ALA E 74 2.10 -9.97 12.40
CA ALA E 74 0.84 -9.44 11.92
C ALA E 74 0.82 -7.95 12.04
N ASN E 75 0.15 -7.27 11.12
CA ASN E 75 0.20 -5.82 11.11
C ASN E 75 -1.01 -5.18 10.51
N SER E 76 -2.07 -5.95 10.31
CA SER E 76 -3.23 -5.43 9.63
C SER E 76 -4.41 -6.38 9.86
N SER E 77 -5.53 -5.99 9.30
CA SER E 77 -6.63 -6.89 9.02
C SER E 77 -6.37 -7.85 7.87
N ILE E 78 -5.37 -7.56 7.04
CA ILE E 78 -5.05 -8.45 5.93
C ILE E 78 -4.02 -9.41 6.40
N TYR E 79 -4.26 -10.70 6.23
CA TYR E 79 -3.38 -11.67 6.86
C TYR E 79 -2.17 -11.81 5.97
N ARG E 80 -1.05 -12.23 6.58
CA ARG E 80 0.16 -12.58 5.88
C ARG E 80 0.11 -14.05 5.74
N PRO E 81 -0.16 -14.54 4.53
CA PRO E 81 -0.42 -15.95 4.32
C PRO E 81 0.76 -16.86 4.39
N PHE E 82 0.49 -18.07 4.83
CA PHE E 82 1.43 -19.16 4.90
C PHE E 82 2.69 -18.85 5.72
N VAL E 83 2.64 -17.90 6.62
CA VAL E 83 3.80 -17.67 7.49
C VAL E 83 3.83 -18.60 8.66
N PRO E 84 5.05 -18.93 9.17
CA PRO E 84 5.25 -19.67 10.42
C PRO E 84 4.59 -18.97 11.58
N LEU E 85 4.13 -19.79 12.54
CA LEU E 85 3.30 -19.29 13.65
C LEU E 85 3.89 -19.78 14.94
N GLU E 86 3.65 -19.05 15.99
CA GLU E 86 4.19 -19.40 17.30
C GLU E 86 3.38 -20.55 17.83
N MET E 87 4.05 -21.60 18.27
CA MET E 87 3.39 -22.86 18.60
C MET E 87 4.30 -23.59 19.59
N ASP E 88 3.72 -24.39 20.48
CA ASP E 88 4.46 -25.24 21.43
C ASP E 88 4.77 -26.63 20.89
N GLU E 89 5.03 -27.58 21.78
CA GLU E 89 5.51 -28.92 21.39
C GLU E 89 4.39 -29.91 21.24
N TYR E 90 3.14 -29.42 21.30
CA TYR E 90 1.97 -30.29 21.07
C TYR E 90 1.02 -29.66 20.04
N SER E 91 1.61 -29.08 18.99
CA SER E 91 0.88 -28.47 17.94
C SER E 91 -0.14 -27.44 18.42
N ARG E 92 0.11 -26.73 19.52
CA ARG E 92 -0.77 -25.65 19.96
C ARG E 92 -0.20 -24.25 19.77
N LEU E 93 -0.98 -23.39 19.12
CA LEU E 93 -0.63 -22.04 18.88
C LEU E 93 -0.50 -21.30 20.22
N MET E 94 0.55 -20.47 20.30
CA MET E 94 0.93 -19.74 21.49
C MET E 94 1.01 -18.27 21.14
N PRO E 95 0.94 -17.39 22.15
CA PRO E 95 1.10 -16.00 21.83
C PRO E 95 2.49 -15.69 21.40
N ALA E 96 2.55 -14.73 20.50
CA ALA E 96 3.82 -14.19 20.04
C ALA E 96 4.39 -13.26 21.12
N VAL E 97 5.59 -13.58 21.58
CA VAL E 97 6.24 -12.86 22.66
C VAL E 97 6.62 -11.46 22.33
N ASN E 98 6.92 -11.20 21.08
CA ASN E 98 7.24 -9.84 20.72
C ASN E 98 6.07 -8.95 20.95
N ARG E 99 4.91 -9.43 20.58
CA ARG E 99 3.67 -8.68 20.83
C ARG E 99 3.14 -8.78 22.27
N PHE E 100 3.46 -9.88 22.96
CA PHE E 100 2.95 -10.18 24.30
C PHE E 100 4.16 -10.59 25.15
N PRO E 101 4.96 -9.59 25.58
CA PRO E 101 6.21 -9.81 26.32
C PRO E 101 6.00 -10.65 27.58
N SER E 102 4.83 -10.50 28.25
CA SER E 102 4.53 -11.28 29.46
C SER E 102 4.45 -12.75 29.20
N ALA E 103 4.27 -13.12 27.94
CA ALA E 103 4.20 -14.54 27.55
C ALA E 103 5.57 -15.11 27.51
N LYS E 104 6.60 -14.28 27.66
CA LYS E 104 7.98 -14.74 27.66
C LYS E 104 8.18 -16.04 28.49
N GLY E 105 8.84 -17.04 27.91
CA GLY E 105 9.20 -18.28 28.61
C GLY E 105 8.09 -19.32 28.76
N GLY E 106 7.22 -19.41 27.76
CA GLY E 106 6.20 -20.43 27.73
C GLY E 106 4.99 -20.23 28.64
N LYS E 107 4.81 -19.04 29.19
CA LYS E 107 3.69 -18.79 30.09
C LYS E 107 2.38 -18.45 29.38
N GLY E 108 2.41 -18.27 28.07
CA GLY E 108 1.26 -17.98 27.32
C GLY E 108 0.54 -16.80 27.85
N PHE E 109 -0.77 -16.90 27.91
CA PHE E 109 -1.59 -15.78 28.30
C PHE E 109 -1.89 -15.73 29.81
N LYS E 110 -1.34 -16.62 30.61
CA LYS E 110 -1.69 -16.58 32.01
C LYS E 110 -1.41 -15.23 32.67
N PRO E 111 -0.23 -14.66 32.40
CA PRO E 111 0.00 -13.40 33.07
C PRO E 111 -0.95 -12.30 32.67
N LEU E 112 -1.25 -12.20 31.38
CA LEU E 112 -2.17 -11.19 30.91
C LEU E 112 -3.60 -11.43 31.47
N ALA E 113 -4.00 -12.69 31.54
CA ALA E 113 -5.34 -13.05 32.04
C ALA E 113 -5.47 -12.68 33.52
N ASP E 114 -4.41 -13.01 34.26
CA ASP E 114 -4.29 -12.58 35.67
C ASP E 114 -4.43 -11.12 35.80
N TYR E 115 -3.76 -10.36 34.96
CA TYR E 115 -3.84 -8.90 35.13
C TYR E 115 -5.27 -8.43 34.90
N ILE E 116 -5.94 -9.04 33.93
CA ILE E 116 -7.31 -8.64 33.60
C ILE E 116 -8.26 -9.06 34.73
N HIS E 117 -8.06 -10.28 35.24
CA HIS E 117 -8.86 -10.77 36.38
C HIS E 117 -8.70 -9.90 37.61
N ASN E 118 -7.48 -9.48 37.85
CA ASN E 118 -7.24 -8.64 38.99
C ASN E 118 -7.91 -7.24 38.85
N LEU E 119 -8.29 -6.88 37.64
CA LEU E 119 -9.10 -5.69 37.46
C LEU E 119 -10.60 -5.98 37.64
N GLY E 120 -10.98 -7.21 37.92
CA GLY E 120 -12.40 -7.57 38.05
C GLY E 120 -13.04 -7.85 36.68
N LEU E 121 -12.22 -8.24 35.72
CA LEU E 121 -12.67 -8.38 34.35
C LEU E 121 -12.41 -9.77 33.86
N LYS E 122 -12.90 -10.06 32.66
CA LYS E 122 -12.69 -11.39 32.12
C LYS E 122 -11.90 -11.43 30.83
N PHE E 123 -11.31 -12.57 30.52
CA PHE E 123 -10.41 -12.66 29.38
C PHE E 123 -10.89 -13.55 28.25
N GLY E 124 -10.85 -12.98 27.05
CA GLY E 124 -11.20 -13.74 25.85
C GLY E 124 -10.13 -13.78 24.79
N ILE E 125 -10.15 -14.86 24.02
CA ILE E 125 -9.31 -15.06 22.88
C ILE E 125 -10.07 -15.61 21.66
N HIS E 126 -9.51 -15.34 20.49
CA HIS E 126 -9.90 -15.88 19.20
C HIS E 126 -9.10 -17.08 18.87
N ILE E 127 -9.75 -18.09 18.31
CA ILE E 127 -9.07 -19.17 17.64
C ILE E 127 -9.70 -19.43 16.29
N MET E 128 -8.90 -19.97 15.41
CA MET E 128 -9.35 -20.49 14.15
C MET E 128 -9.61 -21.96 14.34
N ARG E 129 -10.75 -22.39 13.84
CA ARG E 129 -11.03 -23.83 13.73
C ARG E 129 -9.82 -24.55 13.22
N GLY E 130 -9.43 -25.59 13.95
CA GLY E 130 -8.74 -26.70 13.38
C GLY E 130 -7.41 -26.83 14.02
N ILE E 131 -6.43 -27.14 13.20
CA ILE E 131 -5.10 -27.43 13.65
C ILE E 131 -4.07 -26.78 12.65
N PRO E 132 -2.90 -26.26 13.16
CA PRO E 132 -2.03 -25.54 12.24
C PRO E 132 -1.56 -26.33 11.08
N ARG E 133 -1.69 -25.76 9.89
CA ARG E 133 -1.04 -26.38 8.70
C ARG E 133 0.40 -26.80 9.01
N GLN E 134 1.12 -25.99 9.76
CA GLN E 134 2.53 -26.34 9.94
C GLN E 134 2.68 -27.58 10.74
N ALA E 135 1.73 -27.84 11.63
CA ALA E 135 1.86 -29.00 12.53
C ALA E 135 1.56 -30.20 11.73
N VAL E 136 0.64 -30.04 10.81
CA VAL E 136 0.33 -31.18 9.91
C VAL E 136 1.51 -31.55 9.01
N HIS E 137 2.13 -30.51 8.43
CA HIS E 137 3.29 -30.68 7.55
C HIS E 137 4.46 -31.24 8.26
N GLN E 138 4.73 -30.74 9.45
CA GLN E 138 5.81 -31.26 10.25
C GLN E 138 5.44 -32.53 10.99
N ASN E 139 4.15 -32.84 11.02
CA ASN E 139 3.61 -33.90 11.82
C ASN E 139 4.02 -33.83 13.26
N THR E 140 3.80 -32.69 13.88
CA THR E 140 4.14 -32.54 15.28
C THR E 140 3.16 -33.30 16.22
N PRO E 141 3.56 -33.42 17.50
CA PRO E 141 2.76 -34.24 18.40
C PRO E 141 1.45 -33.62 18.88
N ILE E 142 0.62 -34.49 19.47
CA ILE E 142 -0.64 -34.13 20.09
C ILE E 142 -0.58 -34.63 21.52
N LEU E 143 -0.93 -33.77 22.48
CA LEU E 143 -0.79 -34.05 23.90
C LEU E 143 -1.68 -35.23 24.29
N GLY E 144 -1.08 -36.22 24.91
CA GLY E 144 -1.83 -37.37 25.46
C GLY E 144 -2.22 -38.46 24.46
N THR E 145 -1.50 -38.55 23.33
CA THR E 145 -1.73 -39.59 22.31
C THR E 145 -0.41 -39.83 21.65
N ASN E 146 -0.26 -40.98 21.04
CA ASN E 146 0.86 -41.24 20.19
C ASN E 146 0.65 -40.71 18.78
N VAL E 147 -0.51 -40.19 18.47
CA VAL E 147 -0.78 -39.89 17.07
C VAL E 147 -0.34 -38.46 16.80
N GLY E 148 0.05 -38.28 15.55
CA GLY E 148 0.58 -37.05 15.10
C GLY E 148 -0.48 -36.16 14.54
N ALA E 149 -0.14 -34.88 14.46
CA ALA E 149 -1.05 -33.88 13.92
C ALA E 149 -1.47 -34.23 12.49
N ARG E 150 -0.52 -34.77 11.73
CA ARG E 150 -0.79 -35.09 10.35
C ARG E 150 -1.92 -36.07 10.30
N ASP E 151 -1.96 -37.07 11.21
CA ASP E 151 -2.99 -38.12 11.27
C ASP E 151 -4.42 -37.65 11.59
N ILE E 152 -4.61 -36.46 12.14
CA ILE E 152 -6.01 -36.00 12.46
C ILE E 152 -6.59 -34.99 11.48
N ALA E 153 -5.75 -34.55 10.56
CA ALA E 153 -6.20 -33.49 9.64
C ALA E 153 -7.11 -34.08 8.53
N ASP E 154 -8.15 -33.34 8.21
CA ASP E 154 -8.86 -33.34 6.94
C ASP E 154 -7.92 -33.03 5.77
N THR E 155 -7.96 -33.85 4.76
CA THR E 155 -7.20 -33.58 3.55
C THR E 155 -7.92 -32.62 2.63
N ASN E 156 -9.16 -32.25 2.92
CA ASN E 156 -9.89 -31.29 2.11
C ASN E 156 -10.79 -30.36 2.93
N SER E 157 -10.17 -29.65 3.88
CA SER E 157 -10.91 -28.68 4.64
C SER E 157 -9.93 -27.58 4.98
N ILE E 158 -10.28 -26.36 4.56
CA ILE E 158 -9.51 -25.18 4.85
C ILE E 158 -10.45 -24.05 5.04
N CYS E 159 -9.93 -22.93 5.54
CA CYS E 159 -10.69 -21.72 5.62
C CYS E 159 -10.35 -20.92 4.36
N PRO E 160 -11.37 -20.39 3.69
CA PRO E 160 -11.11 -19.70 2.43
C PRO E 160 -10.49 -18.32 2.54
N TRP E 161 -10.44 -17.72 3.73
CA TRP E 161 -9.92 -16.38 3.93
C TRP E 161 -8.79 -16.32 4.96
N ASN E 162 -8.30 -17.49 5.36
CA ASN E 162 -7.17 -17.56 6.23
C ASN E 162 -6.47 -18.90 6.10
N THR E 163 -5.15 -18.87 6.04
CA THR E 163 -4.33 -20.00 5.67
C THR E 163 -3.73 -20.79 6.83
N ASP E 164 -4.03 -20.35 8.05
CA ASP E 164 -3.33 -20.81 9.25
C ASP E 164 -3.50 -22.27 9.56
N MET E 165 -4.71 -22.75 9.33
CA MET E 165 -5.08 -24.08 9.79
C MET E 165 -5.59 -24.97 8.63
N TYR E 166 -5.51 -26.29 8.91
CA TYR E 166 -6.43 -27.29 8.37
C TYR E 166 -7.50 -27.69 9.37
N GLY E 167 -8.62 -28.11 8.80
CA GLY E 167 -9.72 -28.67 9.53
C GLY E 167 -9.30 -29.98 10.14
N VAL E 168 -9.96 -30.30 11.27
CA VAL E 168 -9.70 -31.52 11.99
C VAL E 168 -10.89 -32.46 11.72
N ASP E 169 -10.55 -33.71 11.46
CA ASP E 169 -11.50 -34.77 11.12
C ASP E 169 -11.89 -35.58 12.39
N HIS E 170 -13.11 -35.32 12.85
CA HIS E 170 -13.67 -35.94 14.05
C HIS E 170 -13.67 -37.45 14.08
N ARG E 171 -13.71 -38.10 12.91
CA ARG E 171 -13.62 -39.55 12.80
C ARG E 171 -12.25 -40.08 13.15
N LYS E 172 -11.22 -39.23 13.18
CA LYS E 172 -9.85 -39.72 13.42
C LYS E 172 -9.49 -39.86 14.88
N GLU E 173 -8.79 -40.96 15.18
CA GLU E 173 -8.19 -41.13 16.49
C GLU E 173 -7.29 -39.95 16.80
N GLY E 174 -7.53 -39.29 17.93
CA GLY E 174 -6.70 -38.21 18.44
C GLY E 174 -7.29 -36.85 18.14
N ALA E 175 -8.41 -36.81 17.43
CA ALA E 175 -9.00 -35.54 17.04
C ALA E 175 -9.57 -34.78 18.26
N GLN E 176 -10.25 -35.52 19.12
CA GLN E 176 -10.85 -34.92 20.28
C GLN E 176 -9.79 -34.63 21.32
N ALA E 177 -8.80 -35.52 21.44
CA ALA E 177 -7.60 -35.25 22.26
C ALA E 177 -6.96 -33.89 21.94
N TYR E 178 -6.84 -33.58 20.66
CA TYR E 178 -6.28 -32.29 20.24
C TYR E 178 -7.08 -31.14 20.76
N TYR E 179 -8.38 -31.11 20.50
CA TYR E 179 -9.24 -30.01 20.94
C TYR E 179 -9.35 -29.92 22.47
N ASP E 180 -9.31 -31.06 23.15
CA ASP E 180 -9.32 -31.12 24.59
C ASP E 180 -8.04 -30.45 25.06
N SER E 181 -6.93 -30.70 24.36
CA SER E 181 -5.60 -30.19 24.78
C SER E 181 -5.61 -28.68 24.60
N LEU E 182 -6.37 -28.20 23.65
CA LEU E 182 -6.45 -26.76 23.48
C LEU E 182 -7.19 -26.09 24.64
N PHE E 183 -8.29 -26.68 25.07
CA PHE E 183 -9.07 -26.01 26.14
C PHE E 183 -8.42 -26.24 27.53
N GLN E 184 -7.68 -27.31 27.65
CA GLN E 184 -6.82 -27.47 28.81
C GLN E 184 -5.84 -26.31 28.89
N LEU E 185 -5.13 -26.05 27.78
CA LEU E 185 -4.22 -24.90 27.70
C LEU E 185 -4.92 -23.63 28.05
N TYR E 186 -6.08 -23.38 27.49
CA TYR E 186 -6.79 -22.12 27.72
C TYR E 186 -7.29 -21.92 29.17
N ALA E 187 -7.74 -23.02 29.77
CA ALA E 187 -8.18 -23.01 31.17
C ALA E 187 -6.99 -22.74 32.05
N GLN E 188 -5.87 -23.38 31.76
CA GLN E 188 -4.66 -23.14 32.51
C GLN E 188 -4.34 -21.63 32.46
N TRP E 189 -4.55 -20.97 31.32
CA TRP E 189 -4.28 -19.54 31.23
C TRP E 189 -5.28 -18.69 31.94
N GLY E 190 -6.48 -19.20 32.22
CA GLY E 190 -7.59 -18.35 32.78
C GLY E 190 -8.55 -17.75 31.75
N VAL E 191 -8.56 -18.34 30.56
CA VAL E 191 -9.43 -17.84 29.52
C VAL E 191 -10.88 -18.00 29.96
N ASP E 192 -11.71 -17.00 29.70
CA ASP E 192 -13.13 -17.06 30.10
C ASP E 192 -14.12 -17.05 28.95
N PHE E 193 -13.58 -16.95 27.73
CA PHE E 193 -14.38 -16.68 26.55
C PHE E 193 -13.50 -16.97 25.33
N VAL E 194 -14.04 -17.76 24.42
CA VAL E 194 -13.39 -18.11 23.14
C VAL E 194 -14.30 -17.78 21.97
N LYS E 195 -13.78 -16.96 21.06
CA LYS E 195 -14.37 -16.66 19.75
C LYS E 195 -13.68 -17.52 18.70
N VAL E 196 -14.48 -18.44 18.13
CA VAL E 196 -14.00 -19.42 17.16
C VAL E 196 -14.37 -18.89 15.81
N ALA E 197 -13.39 -18.89 14.89
CA ALA E 197 -13.67 -18.50 13.51
C ALA E 197 -13.59 -19.68 12.55
N ASP E 198 -14.07 -19.40 11.34
CA ASP E 198 -14.13 -20.40 10.26
C ASP E 198 -14.97 -21.63 10.67
N ILE E 199 -16.11 -21.35 11.29
CA ILE E 199 -16.87 -22.45 11.86
C ILE E 199 -18.35 -22.45 11.52
N VAL E 200 -18.92 -21.27 11.24
CA VAL E 200 -20.34 -21.12 11.03
C VAL E 200 -20.61 -21.09 9.53
N ALA E 201 -20.26 -19.98 8.91
CA ALA E 201 -20.43 -19.83 7.49
C ALA E 201 -19.09 -20.12 6.89
N SER E 202 -19.15 -20.65 5.69
CA SER E 202 -17.97 -20.83 4.88
C SER E 202 -18.47 -20.97 3.46
N LYS E 203 -18.04 -20.03 2.61
CA LYS E 203 -18.39 -20.05 1.19
C LYS E 203 -18.16 -21.46 0.63
N LEU E 204 -16.97 -22.01 0.88
CA LEU E 204 -16.62 -23.36 0.39
C LEU E 204 -17.35 -24.59 1.02
N TYR E 205 -17.51 -24.63 2.35
CA TYR E 205 -17.96 -25.86 3.04
C TYR E 205 -19.23 -25.69 3.88
N GLY E 206 -19.73 -24.49 4.04
CA GLY E 206 -20.75 -24.25 5.04
C GLY E 206 -20.34 -24.47 6.51
N THR E 207 -21.32 -24.86 7.33
CA THR E 207 -21.17 -24.96 8.78
C THR E 207 -20.33 -26.18 9.17
N HIS E 208 -19.26 -25.95 9.90
CA HIS E 208 -18.52 -27.08 10.42
C HIS E 208 -19.15 -27.55 11.74
N THR E 209 -20.19 -28.36 11.59
CA THR E 209 -20.96 -28.84 12.74
C THR E 209 -20.20 -29.86 13.57
N GLU E 210 -19.42 -30.70 12.95
CA GLU E 210 -18.76 -31.76 13.69
C GLU E 210 -17.74 -31.19 14.65
N GLU E 211 -17.10 -30.10 14.21
CA GLU E 211 -16.08 -29.45 15.04
C GLU E 211 -16.71 -28.58 16.09
N ILE E 212 -17.87 -28.01 15.79
CA ILE E 212 -18.61 -27.33 16.82
C ILE E 212 -18.78 -28.29 18.02
N LYS E 213 -19.08 -29.53 17.75
CA LYS E 213 -19.38 -30.49 18.81
C LYS E 213 -18.15 -30.90 19.51
N MET E 214 -17.07 -31.11 18.76
CA MET E 214 -15.82 -31.41 19.42
C MET E 214 -15.39 -30.28 20.37
N ILE E 215 -15.65 -29.05 19.99
CA ILE E 215 -15.27 -27.93 20.83
C ILE E 215 -16.16 -27.79 22.08
N ARG E 216 -17.47 -28.02 21.95
CA ARG E 216 -18.40 -28.03 23.10
C ARG E 216 -17.87 -28.98 24.17
N LYS E 217 -17.52 -30.13 23.62
CA LYS E 217 -17.04 -31.21 24.42
C LYS E 217 -15.76 -30.83 25.08
N ALA E 218 -14.84 -30.20 24.31
CA ALA E 218 -13.51 -29.91 24.87
C ALA E 218 -13.64 -28.93 26.01
N ILE E 219 -14.56 -27.98 25.88
CA ILE E 219 -14.79 -26.95 26.83
C ILE E 219 -15.41 -27.51 28.10
N ASP E 220 -16.42 -28.35 27.88
CA ASP E 220 -17.08 -29.05 28.98
C ASP E 220 -16.07 -29.93 29.70
N ARG E 221 -15.05 -30.45 29.04
CA ARG E 221 -14.09 -31.28 29.84
C ARG E 221 -13.00 -30.45 30.54
N CYS E 222 -12.85 -29.16 30.21
CA CYS E 222 -11.61 -28.50 30.62
C CYS E 222 -11.75 -28.02 32.06
N GLY E 223 -12.96 -28.07 32.63
CA GLY E 223 -13.17 -27.66 34.03
C GLY E 223 -13.39 -26.15 34.27
N ARG E 224 -13.35 -25.29 33.27
CA ARG E 224 -13.48 -23.88 33.56
C ARG E 224 -14.65 -23.39 32.76
N PRO E 225 -15.42 -22.48 33.33
CA PRO E 225 -16.44 -21.85 32.50
C PRO E 225 -15.75 -21.05 31.37
N ILE E 226 -16.03 -21.45 30.13
CA ILE E 226 -15.62 -20.73 28.92
C ILE E 226 -16.79 -20.51 28.01
N VAL E 227 -17.16 -19.26 27.89
CA VAL E 227 -18.17 -18.87 26.96
C VAL E 227 -17.75 -19.07 25.49
N LEU E 228 -18.62 -19.69 24.69
CA LEU E 228 -18.32 -19.99 23.29
C LEU E 228 -19.04 -19.07 22.30
N SER E 229 -18.28 -18.35 21.50
CA SER E 229 -18.73 -17.41 20.44
C SER E 229 -18.31 -18.00 19.10
N LEU E 230 -19.20 -17.97 18.15
CA LEU E 230 -18.93 -18.52 16.82
C LEU E 230 -19.01 -17.45 15.72
N SER E 231 -18.14 -17.62 14.74
CA SER E 231 -17.95 -16.64 13.69
C SER E 231 -17.29 -17.26 12.48
N PRO E 232 -17.39 -16.57 11.32
CA PRO E 232 -18.23 -15.42 11.08
C PRO E 232 -19.64 -15.95 10.67
N GLY E 233 -20.62 -15.07 10.50
CA GLY E 233 -21.83 -15.47 9.81
C GLY E 233 -21.77 -15.27 8.29
N PRO E 234 -22.91 -15.41 7.62
CA PRO E 234 -24.24 -15.54 8.20
C PRO E 234 -24.51 -16.93 8.72
N ALA E 235 -24.99 -17.02 9.97
CA ALA E 235 -25.35 -18.31 10.56
C ALA E 235 -26.64 -18.84 9.88
N PRO E 236 -26.60 -20.09 9.36
CA PRO E 236 -27.83 -20.66 8.77
C PRO E 236 -28.85 -21.03 9.85
N LEU E 237 -30.05 -20.46 9.71
CA LEU E 237 -31.20 -20.83 10.54
C LEU E 237 -31.43 -22.33 10.52
N ASP E 238 -31.07 -22.97 9.44
CA ASP E 238 -31.08 -24.39 9.41
C ASP E 238 -30.40 -25.10 10.55
N HIS E 239 -29.39 -24.48 11.17
CA HIS E 239 -28.67 -25.13 12.28
C HIS E 239 -28.96 -24.44 13.61
N ALA E 240 -30.07 -23.71 13.64
CA ALA E 240 -30.57 -23.11 14.87
C ALA E 240 -30.42 -24.05 16.09
N THR E 241 -30.85 -25.28 15.95
CA THR E 241 -30.84 -26.17 17.11
C THR E 241 -29.43 -26.36 17.57
N LEU E 242 -28.58 -26.69 16.62
CA LEU E 242 -27.15 -26.86 16.89
C LEU E 242 -26.53 -25.65 17.59
N PHE E 243 -26.79 -24.46 17.12
CA PHE E 243 -26.24 -23.29 17.75
C PHE E 243 -26.83 -23.05 19.10
N VAL E 244 -28.14 -23.21 19.19
CA VAL E 244 -28.81 -22.91 20.44
C VAL E 244 -28.30 -23.81 21.52
N GLU E 245 -28.05 -25.08 21.21
CA GLU E 245 -27.64 -26.01 22.21
C GLU E 245 -26.15 -26.04 22.52
N ASN E 246 -25.30 -25.58 21.58
CA ASN E 246 -23.80 -25.68 21.74
C ASN E 246 -23.06 -24.39 21.92
N ALA E 247 -23.62 -23.26 21.55
CA ALA E 247 -22.92 -22.04 21.61
C ALA E 247 -23.67 -21.03 22.43
N ASN E 248 -22.91 -20.15 23.14
CA ASN E 248 -23.42 -19.01 23.85
C ASN E 248 -23.71 -17.85 22.98
N MET E 249 -22.99 -17.76 21.87
CA MET E 249 -23.25 -16.71 20.83
C MET E 249 -22.74 -17.14 19.46
N TRP E 250 -23.42 -16.66 18.43
CA TRP E 250 -23.16 -17.11 17.07
C TRP E 250 -23.53 -16.03 16.13
N ARG E 251 -22.58 -15.74 15.25
CA ARG E 251 -22.74 -14.58 14.38
C ARG E 251 -23.88 -14.75 13.33
N MET E 252 -24.79 -13.78 13.32
CA MET E 252 -25.92 -13.71 12.36
C MET E 252 -25.49 -13.40 10.91
N THR E 253 -24.33 -12.79 10.77
CA THR E 253 -24.01 -11.93 9.65
C THR E 253 -22.49 -12.01 9.37
N ASP E 254 -22.07 -11.65 8.15
CA ASP E 254 -20.65 -11.50 7.86
C ASP E 254 -20.14 -10.27 8.57
N ASP E 255 -18.82 -10.10 8.63
CA ASP E 255 -18.22 -9.00 9.45
C ASP E 255 -18.95 -7.66 9.35
N PHE E 256 -19.43 -7.12 10.45
CA PHE E 256 -20.18 -5.84 10.47
C PHE E 256 -19.21 -4.65 10.55
N TRP E 257 -19.56 -3.54 9.89
CA TRP E 257 -18.69 -2.40 9.80
C TRP E 257 -19.50 -1.12 9.78
N ASP E 258 -18.79 -0.02 9.92
CA ASP E 258 -19.48 1.24 9.95
C ASP E 258 -19.96 1.72 8.60
N ARG E 259 -20.85 0.93 8.00
CA ARG E 259 -21.56 1.29 6.77
C ARG E 259 -23.09 1.15 6.95
N TRP E 260 -23.86 2.18 6.60
CA TRP E 260 -25.28 2.16 6.79
C TRP E 260 -25.95 0.96 6.16
N GLU E 261 -25.44 0.52 5.04
CA GLU E 261 -26.07 -0.55 4.36
C GLU E 261 -26.08 -1.77 5.25
N LEU E 262 -24.99 -2.00 5.97
CA LEU E 262 -24.92 -3.15 6.86
C LEU E 262 -25.81 -3.05 8.10
N LEU E 263 -26.02 -1.85 8.57
CA LEU E 263 -26.88 -1.62 9.71
C LEU E 263 -28.34 -1.85 9.30
N TYR E 264 -28.71 -1.34 8.14
CA TYR E 264 -29.98 -1.55 7.49
C TYR E 264 -30.28 -3.05 7.40
N ASP E 265 -29.32 -3.81 6.95
CA ASP E 265 -29.51 -5.24 6.78
C ASP E 265 -29.66 -6.01 8.09
N MET E 266 -29.17 -5.45 9.15
CA MET E 266 -29.21 -6.16 10.39
C MET E 266 -30.66 -6.25 10.88
N PHE E 267 -31.53 -5.32 10.50
CA PHE E 267 -32.91 -5.34 10.96
C PHE E 267 -33.54 -6.64 10.56
N GLU E 268 -33.30 -7.07 9.33
CA GLU E 268 -33.90 -8.30 8.88
C GLU E 268 -33.34 -9.52 9.62
N GLN E 269 -32.04 -9.52 9.94
CA GLN E 269 -31.47 -10.70 10.56
C GLN E 269 -32.00 -10.82 11.98
N CYS E 270 -32.20 -9.68 12.64
CA CYS E 270 -32.79 -9.72 13.96
C CYS E 270 -34.20 -10.34 13.89
N TYR E 271 -34.96 -9.89 12.89
CA TYR E 271 -36.30 -10.43 12.62
C TYR E 271 -36.19 -11.93 12.49
N LYS E 272 -35.21 -12.41 11.72
CA LYS E 272 -35.10 -13.83 11.44
C LYS E 272 -34.69 -14.68 12.59
N TRP E 273 -34.01 -14.08 13.56
CA TRP E 273 -33.39 -14.86 14.66
C TRP E 273 -34.07 -14.61 15.98
N CYS E 274 -35.00 -13.67 16.04
CA CYS E 274 -35.59 -13.28 17.34
C CYS E 274 -36.13 -14.41 18.21
N LYS E 275 -36.61 -15.49 17.60
CA LYS E 275 -37.18 -16.63 18.38
C LYS E 275 -36.18 -17.49 18.98
N LEU E 276 -34.92 -17.35 18.59
CA LEU E 276 -33.90 -18.24 19.15
C LEU E 276 -33.10 -17.55 20.27
N VAL E 277 -33.40 -16.28 20.50
CA VAL E 277 -32.77 -15.53 21.56
C VAL E 277 -33.27 -16.03 22.91
N GLY E 278 -32.34 -16.35 23.80
CA GLY E 278 -32.71 -16.62 25.17
C GLY E 278 -31.49 -16.89 26.00
N LEU E 279 -31.75 -17.16 27.28
CA LEU E 279 -30.75 -17.23 28.31
C LEU E 279 -29.69 -18.23 27.95
N GLY E 280 -28.44 -17.79 27.89
CA GLY E 280 -27.34 -18.68 27.54
C GLY E 280 -27.01 -18.86 26.06
N HIS E 281 -27.88 -18.36 25.18
CA HIS E 281 -27.77 -18.65 23.76
C HIS E 281 -28.20 -17.48 22.90
N TRP E 282 -27.21 -16.66 22.44
CA TRP E 282 -27.45 -15.28 21.93
C TRP E 282 -27.03 -15.10 20.47
N PRO E 283 -28.00 -15.15 19.55
CA PRO E 283 -27.61 -14.68 18.21
C PRO E 283 -26.90 -13.33 18.32
N ASP E 284 -25.87 -13.13 17.48
CA ASP E 284 -24.83 -12.06 17.68
C ASP E 284 -24.88 -11.14 16.53
N ALA E 285 -25.22 -9.89 16.82
CA ALA E 285 -25.17 -8.89 15.74
C ALA E 285 -23.74 -8.35 15.46
N ASP E 286 -22.74 -8.90 16.13
CA ASP E 286 -21.33 -8.50 15.90
C ASP E 286 -20.94 -7.24 16.62
N MET E 287 -19.64 -6.95 16.54
CA MET E 287 -18.99 -5.87 17.25
C MET E 287 -19.46 -4.53 16.86
N LEU E 288 -19.42 -3.61 17.80
CA LEU E 288 -19.90 -2.27 17.58
C LEU E 288 -18.76 -1.42 17.01
N PRO E 289 -18.94 -0.88 15.80
CA PRO E 289 -17.86 -0.09 15.21
C PRO E 289 -18.07 1.35 15.55
N LEU E 290 -17.64 1.66 16.77
CA LEU E 290 -17.78 2.94 17.41
C LEU E 290 -16.43 3.54 17.78
N GLY E 291 -16.39 4.85 17.95
CA GLY E 291 -15.18 5.56 18.28
C GLY E 291 -14.08 5.34 17.27
N HIS E 292 -12.89 5.02 17.78
CA HIS E 292 -11.66 5.05 16.97
C HIS E 292 -11.32 3.64 16.51
N ILE E 293 -11.48 3.46 15.21
CA ILE E 293 -11.25 2.18 14.58
C ILE E 293 -10.34 2.38 13.36
N GLY E 294 -9.92 1.25 12.79
CA GLY E 294 -9.14 1.24 11.55
C GLY E 294 -7.73 1.74 11.73
N ILE E 295 -7.18 1.55 12.95
CA ILE E 295 -5.86 2.02 13.31
C ILE E 295 -4.87 1.05 12.71
N ARG E 296 -5.08 -0.26 12.89
CA ARG E 296 -4.39 -1.21 12.06
C ARG E 296 -5.35 -2.24 11.44
N SER E 297 -6.44 -1.69 10.91
CA SER E 297 -7.38 -2.44 10.13
C SER E 297 -7.67 -1.67 8.88
N VAL E 298 -7.86 -2.41 7.83
CA VAL E 298 -8.12 -1.82 6.59
C VAL E 298 -9.48 -2.30 6.06
N ASP E 299 -10.23 -3.02 6.91
CA ASP E 299 -11.49 -3.59 6.49
C ASP E 299 -12.65 -2.59 6.47
N GLY E 300 -13.76 -2.95 5.81
CA GLY E 300 -14.96 -2.10 5.82
C GLY E 300 -14.91 -0.95 4.83
N GLY E 301 -13.88 -0.99 4.00
CA GLY E 301 -13.59 0.07 3.06
C GLY E 301 -13.12 1.32 3.76
N GLY E 302 -12.56 1.17 4.95
CA GLY E 302 -12.07 2.38 5.66
C GLY E 302 -10.60 2.32 6.08
N THR E 303 -10.08 3.46 6.49
CA THR E 303 -8.75 3.49 7.16
C THR E 303 -8.84 4.14 8.57
N ASP E 304 -7.72 4.63 9.10
CA ASP E 304 -7.75 5.17 10.45
C ASP E 304 -8.80 6.24 10.61
N ARG E 305 -9.76 6.03 11.52
CA ARG E 305 -10.92 6.92 11.56
C ARG E 305 -11.73 6.86 12.84
N MET E 306 -12.49 7.93 13.08
CA MET E 306 -13.67 7.84 13.92
C MET E 306 -14.83 7.18 13.15
N THR E 307 -15.69 6.42 13.84
CA THR E 307 -16.74 5.64 13.12
C THR E 307 -17.45 6.53 12.15
N ARG E 308 -17.67 6.00 10.96
CA ARG E 308 -18.39 6.73 9.92
C ARG E 308 -19.94 6.79 10.12
N PHE E 309 -20.49 6.06 11.10
CA PHE E 309 -21.91 6.21 11.49
C PHE E 309 -22.13 7.55 12.08
N THR E 310 -23.14 8.25 11.58
CA THR E 310 -23.60 9.45 12.23
C THR E 310 -24.10 9.15 13.64
N LYS E 311 -24.24 10.15 14.48
CA LYS E 311 -24.71 9.89 15.83
C LYS E 311 -26.06 9.21 15.86
N ASP E 312 -26.95 9.67 14.99
CA ASP E 312 -28.24 9.01 14.81
C ASP E 312 -28.08 7.57 14.44
N GLU E 313 -27.15 7.29 13.53
CA GLU E 313 -26.90 5.90 13.18
C GLU E 313 -26.30 5.12 14.33
N GLN E 314 -25.42 5.74 15.10
CA GLN E 314 -24.78 5.02 16.22
C GLN E 314 -25.86 4.59 17.26
N ARG E 315 -26.76 5.52 17.54
CA ARG E 315 -27.93 5.32 18.43
C ARG E 315 -28.87 4.27 17.88
N THR E 316 -29.15 4.38 16.59
CA THR E 316 -29.96 3.35 15.95
C THR E 316 -29.38 1.95 16.19
N MET E 317 -28.09 1.75 15.88
CA MET E 317 -27.41 0.49 16.14
C MET E 317 -27.46 0.12 17.61
N MET E 318 -27.07 1.03 18.49
CA MET E 318 -27.09 0.67 19.90
C MET E 318 -28.49 0.21 20.31
N THR E 319 -29.49 0.94 19.83
CA THR E 319 -30.86 0.66 20.21
C THR E 319 -31.32 -0.71 19.72
N LEU E 320 -31.00 -1.08 18.49
CA LEU E 320 -31.47 -2.37 18.04
C LEU E 320 -30.74 -3.50 18.75
N TRP E 321 -29.45 -3.36 18.99
CA TRP E 321 -28.69 -4.49 19.57
C TRP E 321 -29.18 -4.70 20.98
N ILE E 322 -29.51 -3.58 21.62
CA ILE E 322 -30.02 -3.53 22.98
C ILE E 322 -31.37 -4.26 23.18
N ILE E 323 -32.36 -3.88 22.40
CA ILE E 323 -33.68 -4.50 22.57
C ILE E 323 -33.71 -5.93 22.09
N PHE E 324 -32.91 -6.21 21.07
CA PHE E 324 -32.80 -7.56 20.56
C PHE E 324 -32.00 -8.41 21.54
N ARG E 325 -31.15 -7.79 22.35
CA ARG E 325 -30.24 -8.53 23.24
C ARG E 325 -29.01 -9.19 22.55
N SER E 326 -28.43 -8.49 21.59
CA SER E 326 -27.17 -8.96 20.99
C SER E 326 -26.12 -8.81 22.05
N PRO E 327 -25.17 -9.73 22.11
CA PRO E 327 -23.90 -9.39 22.75
C PRO E 327 -23.40 -8.00 22.31
N LEU E 328 -22.69 -7.35 23.25
CA LEU E 328 -22.22 -6.00 23.03
C LEU E 328 -20.72 -5.97 23.24
N MET E 329 -20.04 -5.88 22.09
CA MET E 329 -18.56 -5.96 22.02
C MET E 329 -18.04 -4.71 21.29
N PHE E 330 -17.59 -3.77 22.09
CA PHE E 330 -17.10 -2.51 21.59
C PHE E 330 -15.80 -2.75 20.75
N GLY E 331 -15.74 -2.15 19.57
CA GLY E 331 -14.66 -2.42 18.63
C GLY E 331 -13.63 -1.33 18.48
N GLY E 332 -13.91 -0.16 19.05
CA GLY E 332 -13.00 0.97 19.05
C GLY E 332 -11.91 0.88 20.10
N GLU E 333 -10.87 1.72 19.90
CA GLU E 333 -9.84 1.96 20.87
C GLU E 333 -10.46 2.88 21.92
N LEU E 334 -10.70 2.30 23.10
CA LEU E 334 -11.51 2.99 24.16
C LEU E 334 -10.91 4.29 24.64
N ARG E 335 -9.58 4.30 24.72
CA ARG E 335 -8.84 5.42 25.26
C ARG E 335 -8.99 6.65 24.44
N ASP E 336 -9.54 6.51 23.24
CA ASP E 336 -9.74 7.64 22.42
C ASP E 336 -11.15 8.06 22.42
N ASN E 337 -11.98 7.51 23.32
CA ASN E 337 -13.41 7.85 23.29
C ASN E 337 -13.57 9.31 23.55
N ASP E 338 -14.60 9.89 22.98
CA ASP E 338 -15.06 11.21 23.40
C ASP E 338 -16.28 10.97 24.30
N GLU E 339 -16.81 12.05 24.83
CA GLU E 339 -17.88 11.96 25.81
C GLU E 339 -19.11 11.36 25.17
N TRP E 340 -19.41 11.77 23.95
CA TRP E 340 -20.48 11.16 23.18
C TRP E 340 -20.37 9.67 23.13
N THR E 341 -19.23 9.18 22.72
CA THR E 341 -19.10 7.75 22.55
C THR E 341 -19.27 7.04 23.88
N LEU E 342 -18.71 7.58 24.92
CA LEU E 342 -18.84 6.98 26.22
C LEU E 342 -20.26 6.99 26.75
N SER E 343 -21.01 8.03 26.41
CA SER E 343 -22.45 8.09 26.83
C SER E 343 -23.26 6.97 26.23
N LEU E 344 -22.87 6.45 25.08
CA LEU E 344 -23.62 5.34 24.51
C LEU E 344 -23.50 4.05 25.36
N LEU E 345 -22.49 4.01 26.20
CA LEU E 345 -22.10 2.80 26.90
C LEU E 345 -22.52 2.77 28.37
N THR E 346 -22.90 3.91 28.92
CA THR E 346 -23.04 4.04 30.35
C THR E 346 -24.45 4.52 30.80
N ASN E 347 -25.47 4.26 29.96
CA ASN E 347 -26.84 4.64 30.27
C ASN E 347 -27.51 3.43 30.86
N GLU E 348 -27.66 3.44 32.17
CA GLU E 348 -28.26 2.33 32.93
C GLU E 348 -29.67 2.00 32.52
N GLU E 349 -30.41 3.01 32.09
CA GLU E 349 -31.83 2.81 31.82
C GLU E 349 -31.96 2.03 30.51
N VAL E 350 -31.10 2.40 29.55
CA VAL E 350 -31.11 1.74 28.27
C VAL E 350 -30.63 0.31 28.45
N LEU E 351 -29.60 0.17 29.26
CA LEU E 351 -28.95 -1.12 29.44
C LEU E 351 -29.87 -2.11 30.11
N HIS E 352 -30.80 -1.61 30.90
CA HIS E 352 -31.75 -2.48 31.60
C HIS E 352 -32.65 -3.20 30.56
N VAL E 353 -32.92 -2.56 29.43
CA VAL E 353 -33.67 -3.23 28.38
C VAL E 353 -32.98 -4.48 27.87
N HIS E 354 -31.63 -4.46 27.89
CA HIS E 354 -30.78 -5.50 27.35
C HIS E 354 -30.60 -6.59 28.40
N GLN E 355 -30.42 -6.14 29.62
CA GLN E 355 -30.18 -7.03 30.73
C GLN E 355 -31.47 -7.71 31.18
N ASN E 356 -32.60 -7.00 31.19
CA ASN E 356 -33.84 -7.54 31.79
C ASN E 356 -35.04 -7.66 30.89
N GLY E 357 -34.87 -7.28 29.64
CA GLY E 357 -35.93 -7.39 28.72
C GLY E 357 -35.97 -8.81 28.27
N TYR E 358 -37.09 -9.16 27.64
CA TYR E 358 -37.28 -10.42 26.99
C TYR E 358 -38.47 -10.31 26.08
N GLY E 359 -38.65 -11.35 25.29
CA GLY E 359 -39.72 -11.41 24.32
C GLY E 359 -39.57 -10.50 23.12
N ALA E 360 -38.40 -9.90 22.92
CA ALA E 360 -38.21 -8.95 21.83
C ALA E 360 -38.78 -9.46 20.51
N ARG E 361 -39.60 -8.65 19.87
CA ARG E 361 -40.11 -9.02 18.56
C ARG E 361 -40.31 -7.75 17.81
N GLN E 362 -40.27 -7.89 16.50
CA GLN E 362 -40.68 -6.86 15.55
C GLN E 362 -42.21 -6.77 15.50
N VAL E 363 -42.75 -5.61 15.81
CA VAL E 363 -44.19 -5.40 15.78
C VAL E 363 -44.63 -5.27 14.33
N TYR E 364 -43.91 -4.45 13.58
CA TYR E 364 -44.16 -4.31 12.16
C TYR E 364 -42.96 -3.73 11.46
N ARG E 365 -42.92 -3.93 10.15
CA ARG E 365 -41.97 -3.28 9.27
C ARG E 365 -42.66 -2.86 8.00
N GLU E 366 -42.86 -1.56 7.80
CA GLU E 366 -43.48 -1.15 6.54
C GLU E 366 -43.07 0.24 6.08
N ASN E 367 -42.73 0.34 4.80
CA ASN E 367 -42.18 1.57 4.24
C ASN E 367 -40.97 1.96 5.02
N ASP E 368 -40.13 0.98 5.34
CA ASP E 368 -38.92 1.22 6.11
C ASP E 368 -39.12 2.01 7.36
N HIS E 369 -40.29 1.86 7.98
CA HIS E 369 -40.44 2.16 9.38
C HIS E 369 -40.48 0.80 10.06
N VAL E 370 -39.73 0.65 11.16
CA VAL E 370 -39.74 -0.60 11.94
C VAL E 370 -39.95 -0.30 13.41
N VAL E 371 -40.63 -1.22 14.09
CA VAL E 371 -40.95 -1.07 15.50
C VAL E 371 -40.78 -2.39 16.18
N TRP E 372 -40.08 -2.35 17.31
CA TRP E 372 -39.69 -3.57 18.00
C TRP E 372 -40.18 -3.34 19.37
N THR E 373 -40.48 -4.41 20.11
CA THR E 373 -40.84 -4.21 21.50
C THR E 373 -40.50 -5.40 22.32
N SER E 374 -40.28 -5.14 23.60
CA SER E 374 -39.95 -6.18 24.55
C SER E 374 -40.45 -5.72 25.94
N GLN E 375 -40.33 -6.56 26.96
CA GLN E 375 -40.79 -6.15 28.26
C GLN E 375 -39.93 -6.73 29.33
N ASP E 376 -40.13 -6.27 30.56
CA ASP E 376 -39.52 -6.96 31.75
C ASP E 376 -40.57 -7.66 32.68
N ALA E 377 -40.08 -8.29 33.72
CA ALA E 377 -40.87 -8.97 34.72
C ALA E 377 -41.74 -7.98 35.53
N GLU E 378 -41.32 -6.73 35.65
CA GLU E 378 -42.06 -5.74 36.40
C GLU E 378 -43.13 -5.07 35.56
N GLY E 379 -43.43 -5.61 34.38
CA GLY E 379 -44.52 -5.11 33.55
C GLY E 379 -44.23 -3.85 32.78
N ASN E 380 -42.96 -3.47 32.72
CA ASN E 380 -42.58 -2.38 31.84
C ASN E 380 -42.52 -2.88 30.44
N GLN E 381 -42.85 -1.99 29.52
CA GLN E 381 -42.77 -2.31 28.12
C GLN E 381 -41.81 -1.33 27.43
N PHE E 382 -40.98 -1.88 26.54
CA PHE E 382 -39.94 -1.10 25.85
C PHE E 382 -40.22 -1.12 24.41
N VAL E 383 -40.19 0.05 23.80
CA VAL E 383 -40.41 0.11 22.37
C VAL E 383 -39.37 0.96 21.65
N ALA E 384 -38.83 0.36 20.61
CA ALA E 384 -37.76 0.93 19.83
C ALA E 384 -38.33 1.16 18.48
N MET E 385 -38.32 2.42 18.06
CA MET E 385 -38.97 2.83 16.83
C MET E 385 -37.90 3.46 15.92
N PHE E 386 -37.92 3.09 14.64
CA PHE E 386 -36.78 3.21 13.75
C PHE E 386 -37.27 3.68 12.41
N ASN E 387 -36.74 4.80 11.97
CA ASN E 387 -36.88 5.28 10.59
C ASN E 387 -35.64 4.83 9.81
N ILE E 388 -35.73 3.68 9.16
CA ILE E 388 -34.62 3.17 8.33
C ILE E 388 -34.73 3.55 6.84
N SER E 389 -35.48 4.61 6.55
CA SER E 389 -35.71 5.13 5.18
C SER E 389 -34.78 6.29 4.96
N GLU E 390 -34.86 6.89 3.78
CA GLU E 390 -34.06 8.07 3.42
C GLU E 390 -34.75 9.39 3.64
N LYS E 391 -35.86 9.40 4.36
CA LYS E 391 -36.54 10.68 4.64
C LYS E 391 -37.10 10.83 6.07
N ARG E 392 -37.10 12.07 6.56
CA ARG E 392 -37.80 12.44 7.77
C ARG E 392 -39.26 11.95 7.67
N SER E 393 -39.87 11.61 8.79
CA SER E 393 -41.20 11.05 8.77
C SER E 393 -41.65 10.72 10.16
N VAL E 394 -42.94 10.84 10.37
CA VAL E 394 -43.48 10.33 11.60
C VAL E 394 -43.50 8.81 11.53
N VAL E 395 -43.15 8.22 12.66
CA VAL E 395 -43.14 6.78 12.86
C VAL E 395 -44.03 6.51 14.08
N SER E 396 -44.98 5.59 13.96
CA SER E 396 -46.03 5.51 14.96
C SER E 396 -46.36 4.06 15.27
N VAL E 397 -46.94 3.85 16.43
CA VAL E 397 -47.45 2.52 16.77
C VAL E 397 -48.52 2.63 17.85
N SER E 398 -49.69 2.02 17.62
CA SER E 398 -50.79 2.02 18.60
C SER E 398 -50.44 1.21 19.85
N LEU E 399 -50.87 1.70 21.00
CA LEU E 399 -50.82 0.90 22.22
C LEU E 399 -51.53 -0.42 22.10
N LYS E 400 -52.57 -0.47 21.26
CA LYS E 400 -53.21 -1.77 21.05
C LYS E 400 -52.25 -2.80 20.41
N ASP E 401 -51.50 -2.42 19.38
CA ASP E 401 -50.59 -3.39 18.73
C ASP E 401 -49.47 -3.84 19.66
N LEU E 402 -49.16 -3.03 20.66
CA LEU E 402 -48.21 -3.43 21.70
C LEU E 402 -48.87 -4.31 22.74
N GLY E 403 -50.20 -4.37 22.70
CA GLY E 403 -50.96 -5.12 23.69
C GLY E 403 -50.98 -4.39 25.03
N CYS E 404 -50.96 -3.07 25.00
CA CYS E 404 -51.12 -2.30 26.23
C CYS E 404 -52.57 -1.93 26.23
N MET E 405 -53.28 -2.37 27.26
CA MET E 405 -54.72 -2.24 27.27
C MET E 405 -55.20 -0.94 27.91
N GLU E 406 -54.53 -0.52 28.98
CA GLU E 406 -54.78 0.81 29.55
C GLU E 406 -53.70 1.81 29.08
N PRO E 407 -54.00 3.12 29.16
CA PRO E 407 -53.01 4.19 29.00
C PRO E 407 -51.77 4.07 29.90
N MET E 408 -50.63 4.50 29.36
CA MET E 408 -49.32 4.31 30.00
C MET E 408 -48.51 5.61 30.10
N LYS E 409 -47.60 5.65 31.08
CA LYS E 409 -46.54 6.69 31.11
C LYS E 409 -45.44 6.34 30.06
N ALA E 410 -44.99 7.35 29.31
CA ALA E 410 -43.86 7.15 28.44
C ALA E 410 -42.62 7.87 28.95
N ARG E 411 -41.46 7.21 28.76
CA ARG E 411 -40.13 7.75 29.06
C ARG E 411 -39.15 7.53 27.90
N ASP E 412 -38.58 8.60 27.37
CA ASP E 412 -37.42 8.48 26.44
C ASP E 412 -36.17 8.07 27.23
N LEU E 413 -35.70 6.84 26.98
CA LEU E 413 -34.66 6.26 27.81
C LEU E 413 -33.25 6.84 27.53
N TRP E 414 -32.95 7.15 26.26
CA TRP E 414 -31.63 7.75 25.95
C TRP E 414 -31.59 9.15 26.45
N ALA E 415 -32.68 9.90 26.30
CA ALA E 415 -32.77 11.27 26.84
C ALA E 415 -32.94 11.33 28.36
N LYS E 416 -33.32 10.21 29.00
CA LYS E 416 -33.63 10.21 30.41
C LYS E 416 -34.66 11.30 30.70
N GLU E 417 -35.77 11.22 30.00
CA GLU E 417 -36.73 12.30 29.95
C GLU E 417 -38.15 11.76 29.86
N ASP E 418 -38.98 12.12 30.83
CA ASP E 418 -40.38 11.75 30.81
C ASP E 418 -41.13 12.45 29.70
N LEU E 419 -42.04 11.71 29.10
CA LEU E 419 -42.81 12.20 27.97
C LEU E 419 -44.30 12.44 28.33
N GLY E 420 -44.69 12.12 29.56
CA GLY E 420 -46.08 12.23 29.94
C GLY E 420 -46.90 11.00 29.61
N LEU E 421 -48.18 11.23 29.42
CA LEU E 421 -49.10 10.13 29.41
C LEU E 421 -49.42 9.84 27.99
N VAL E 422 -49.62 8.57 27.69
CA VAL E 422 -50.03 8.21 26.36
C VAL E 422 -51.25 7.29 26.45
N LYS E 423 -52.35 7.70 25.79
CA LYS E 423 -53.66 7.03 25.82
C LYS E 423 -53.87 6.00 24.70
N HIS E 424 -53.47 6.39 23.47
CA HIS E 424 -53.79 5.66 22.21
C HIS E 424 -52.57 5.10 21.49
N GLN E 425 -51.56 5.95 21.27
CA GLN E 425 -50.39 5.56 20.48
C GLN E 425 -49.11 6.37 20.73
N LEU E 426 -47.97 5.85 20.26
CA LEU E 426 -46.70 6.55 20.27
C LEU E 426 -46.39 7.01 18.86
N ALA E 427 -45.96 8.26 18.74
CA ALA E 427 -45.58 8.77 17.44
C ALA E 427 -44.54 9.83 17.62
N PHE E 428 -43.50 9.71 16.78
CA PHE E 428 -42.38 10.63 16.81
C PHE E 428 -41.96 10.96 15.41
N GLU E 429 -41.66 12.24 15.18
CA GLU E 429 -41.00 12.62 13.93
C GLU E 429 -39.55 12.14 14.05
N LEU E 430 -39.04 11.50 13.00
CA LEU E 430 -37.72 10.85 13.05
C LEU E 430 -36.97 11.07 11.73
N GLY E 431 -35.79 11.66 11.82
CA GLY E 431 -34.95 11.89 10.64
C GLY E 431 -34.67 10.56 10.00
N PRO E 432 -34.21 10.57 8.75
CA PRO E 432 -33.82 9.28 8.17
C PRO E 432 -32.72 8.63 9.01
N HIS E 433 -32.88 7.35 9.29
CA HIS E 433 -31.87 6.55 10.05
C HIS E 433 -31.90 6.82 11.55
N GLN E 434 -32.87 7.60 11.98
CA GLN E 434 -32.98 7.93 13.34
C GLN E 434 -33.99 7.00 14.09
N SER E 435 -33.81 6.90 15.41
CA SER E 435 -34.53 6.00 16.24
C SER E 435 -34.86 6.63 17.63
N ILE E 436 -35.80 6.05 18.37
CA ILE E 436 -36.08 6.44 19.74
C ILE E 436 -36.30 5.16 20.58
N LEU E 437 -35.89 5.18 21.85
CA LEU E 437 -36.11 4.05 22.71
C LEU E 437 -36.98 4.51 23.87
N VAL E 438 -38.16 3.91 23.97
CA VAL E 438 -39.22 4.40 24.88
C VAL E 438 -39.62 3.29 25.87
N LYS E 439 -39.78 3.71 27.14
CA LYS E 439 -40.37 2.88 28.16
C LYS E 439 -41.79 3.33 28.49
N LEU E 440 -42.69 2.39 28.34
CA LEU E 440 -44.06 2.50 28.76
C LEU E 440 -44.13 1.79 30.09
N SER E 441 -44.69 2.46 31.08
CA SER E 441 -45.05 1.82 32.32
C SER E 441 -46.52 2.13 32.68
N PRO E 442 -47.08 1.40 33.65
CA PRO E 442 -48.45 1.65 34.04
C PRO E 442 -48.71 3.08 34.58
N ALA E 443 -49.78 3.71 34.11
CA ALA E 443 -50.27 5.02 34.61
C ALA E 443 -50.22 5.25 36.17
N VAL E 444 -49.62 6.38 36.57
CA VAL E 444 -49.28 6.73 37.99
C VAL E 444 -50.50 6.83 38.91
N SER F 15 -48.73 -12.21 22.62
CA SER F 15 -48.41 -11.29 21.48
C SER F 15 -49.43 -11.39 20.31
N MET F 16 -49.53 -12.60 19.74
CA MET F 16 -50.42 -12.92 18.64
C MET F 16 -51.69 -13.59 19.20
N HIS F 17 -52.82 -12.94 18.97
CA HIS F 17 -54.04 -13.39 19.58
C HIS F 17 -54.40 -14.85 19.20
N HIS F 18 -54.20 -15.16 17.91
CA HIS F 18 -54.48 -16.48 17.39
C HIS F 18 -53.72 -17.66 17.99
N TYR F 19 -52.68 -17.40 18.75
CA TYR F 19 -52.01 -18.48 19.50
C TYR F 19 -53.06 -19.16 20.40
N GLN F 20 -54.00 -18.35 20.93
CA GLN F 20 -55.00 -18.86 21.88
C GLN F 20 -55.93 -19.87 21.25
N TRP F 21 -55.99 -19.90 19.92
CA TRP F 21 -56.83 -20.82 19.19
C TRP F 21 -56.27 -22.21 19.13
N ALA F 22 -55.04 -22.40 19.61
CA ALA F 22 -54.41 -23.73 19.56
C ALA F 22 -53.38 -23.84 20.63
N LYS F 23 -53.90 -23.78 21.85
CA LYS F 23 -53.07 -23.82 23.03
C LYS F 23 -52.39 -25.15 23.15
N THR F 24 -52.97 -26.17 22.51
CA THR F 24 -52.30 -27.47 22.50
C THR F 24 -52.29 -27.83 21.00
N PRO F 25 -51.51 -28.81 20.60
CA PRO F 25 -51.36 -29.09 19.14
C PRO F 25 -52.65 -29.69 18.62
N PRO F 26 -53.23 -29.14 17.54
CA PRO F 26 -54.46 -29.67 17.03
C PRO F 26 -54.46 -31.17 16.85
N MET F 27 -55.61 -31.76 17.21
CA MET F 27 -55.86 -33.20 17.05
C MET F 27 -57.15 -33.43 16.27
N GLY F 28 -57.11 -34.41 15.37
CA GLY F 28 -58.20 -34.61 14.49
C GLY F 28 -57.99 -35.69 13.46
N TRP F 29 -58.80 -35.61 12.43
CA TRP F 29 -58.83 -36.58 11.32
C TRP F 29 -58.79 -35.78 10.05
N ASN F 30 -58.09 -36.33 9.07
CA ASN F 30 -58.05 -35.70 7.76
C ASN F 30 -58.27 -36.71 6.61
N SER F 31 -59.04 -36.33 5.60
CA SER F 31 -59.43 -37.27 4.49
C SER F 31 -58.35 -37.66 3.45
N TRP F 32 -57.19 -36.98 3.47
CA TRP F 32 -56.15 -37.21 2.42
C TRP F 32 -55.66 -38.62 2.29
N ASP F 33 -55.12 -39.20 3.36
CA ASP F 33 -54.48 -40.50 3.23
C ASP F 33 -55.39 -41.65 2.88
N CYS F 34 -56.68 -41.53 3.26
CA CYS F 34 -57.67 -42.58 2.94
C CYS F 34 -58.38 -42.31 1.60
N TYR F 35 -58.74 -41.06 1.32
CA TYR F 35 -59.65 -40.75 0.18
C TYR F 35 -59.08 -39.80 -0.83
N GLY F 36 -57.80 -39.46 -0.68
CA GLY F 36 -57.16 -38.59 -1.65
C GLY F 36 -57.91 -37.28 -1.72
N ALA F 37 -58.23 -36.88 -2.93
CA ALA F 37 -58.96 -35.65 -3.13
C ALA F 37 -60.46 -35.88 -3.22
N SER F 38 -60.91 -37.12 -2.95
CA SER F 38 -62.26 -37.58 -3.40
C SER F 38 -63.34 -37.85 -2.32
N VAL F 39 -63.13 -37.32 -1.11
CA VAL F 39 -63.95 -37.70 0.02
C VAL F 39 -65.37 -37.18 -0.18
N THR F 40 -66.31 -38.00 0.28
CA THR F 40 -67.78 -37.67 0.26
C THR F 40 -68.33 -37.28 1.63
N GLU F 41 -69.45 -36.59 1.64
CA GLU F 41 -70.10 -36.19 2.86
C GLU F 41 -70.30 -37.36 3.85
N ASP F 42 -70.74 -38.49 3.34
CA ASP F 42 -70.98 -39.61 4.23
C ASP F 42 -69.73 -40.19 4.83
N GLU F 43 -68.64 -40.17 4.08
CA GLU F 43 -67.36 -40.58 4.63
C GLU F 43 -66.95 -39.64 5.75
N VAL F 44 -67.10 -38.34 5.50
CA VAL F 44 -66.74 -37.33 6.49
C VAL F 44 -67.55 -37.56 7.77
N LYS F 45 -68.87 -37.65 7.66
CA LYS F 45 -69.75 -37.81 8.85
C LYS F 45 -69.46 -39.10 9.59
N GLY F 46 -69.19 -40.15 8.84
CA GLY F 46 -68.80 -41.42 9.40
C GLY F 46 -67.58 -41.34 10.27
N ASN F 47 -66.60 -40.56 9.82
CA ASN F 47 -65.36 -40.45 10.56
C ASN F 47 -65.63 -39.58 11.79
N ALA F 48 -66.39 -38.52 11.59
CA ALA F 48 -66.79 -37.71 12.66
C ALA F 48 -67.55 -38.50 13.81
N GLU F 49 -68.44 -39.40 13.41
CA GLU F 49 -69.27 -40.09 14.37
C GLU F 49 -68.37 -41.08 15.08
N TYR F 50 -67.42 -41.63 14.37
CA TYR F 50 -66.46 -42.51 15.04
C TYR F 50 -65.69 -41.70 16.11
N MET F 51 -65.37 -40.46 15.82
CA MET F 51 -64.60 -39.68 16.77
C MET F 51 -65.43 -39.43 18.05
N ALA F 52 -66.72 -39.14 17.85
CA ALA F 52 -67.66 -38.83 18.96
C ALA F 52 -67.82 -40.01 19.90
N LYS F 53 -67.74 -41.20 19.35
CA LYS F 53 -67.83 -42.42 20.04
C LYS F 53 -66.58 -42.73 20.80
N TYR F 54 -65.44 -42.74 20.08
CA TYR F 54 -64.21 -43.36 20.64
C TYR F 54 -63.01 -42.46 20.92
N LEU F 55 -63.07 -41.19 20.48
CA LEU F 55 -61.89 -40.33 20.45
C LEU F 55 -62.03 -38.96 21.07
N LYS F 56 -63.17 -38.32 20.91
CA LYS F 56 -63.33 -36.96 21.38
C LYS F 56 -62.94 -36.74 22.86
N PRO F 57 -63.11 -37.74 23.72
CA PRO F 57 -62.78 -37.43 25.11
C PRO F 57 -61.31 -37.30 25.33
N PHE F 58 -60.53 -37.73 24.34
CA PHE F 58 -59.10 -37.75 24.51
C PHE F 58 -58.41 -36.61 23.73
N GLY F 59 -59.19 -35.65 23.25
CA GLY F 59 -58.66 -34.49 22.54
C GLY F 59 -58.85 -34.44 21.03
N TRP F 60 -59.20 -35.55 20.40
CA TRP F 60 -59.42 -35.58 18.96
C TRP F 60 -60.69 -34.85 18.64
N GLU F 61 -60.58 -33.72 17.93
CA GLU F 61 -61.75 -32.92 17.68
C GLU F 61 -61.92 -32.38 16.28
N TYR F 62 -60.86 -32.28 15.45
CA TYR F 62 -60.98 -31.69 14.12
C TYR F 62 -61.33 -32.74 13.09
N VAL F 63 -62.21 -32.36 12.19
CA VAL F 63 -62.72 -33.26 11.14
C VAL F 63 -62.42 -32.50 9.86
N VAL F 64 -61.38 -32.95 9.14
CA VAL F 64 -60.80 -32.09 8.11
C VAL F 64 -61.03 -32.62 6.73
N VAL F 65 -61.78 -31.85 5.96
CA VAL F 65 -62.01 -32.22 4.58
C VAL F 65 -60.79 -31.74 3.77
N ASP F 66 -60.00 -32.69 3.31
CA ASP F 66 -58.81 -32.36 2.57
C ASP F 66 -59.11 -31.89 1.12
N ILE F 67 -58.14 -32.06 0.27
CA ILE F 67 -58.02 -31.22 -0.92
C ILE F 67 -59.13 -31.53 -1.93
N GLN F 68 -59.67 -30.49 -2.52
CA GLN F 68 -60.42 -30.63 -3.77
C GLN F 68 -61.89 -31.02 -3.61
N TRP F 69 -62.45 -30.65 -2.49
CA TRP F 69 -63.87 -30.63 -2.30
C TRP F 69 -64.67 -29.78 -3.29
N TYR F 70 -64.01 -28.95 -4.10
CA TYR F 70 -64.68 -28.15 -5.12
C TYR F 70 -64.60 -28.82 -6.53
N GLU F 71 -64.04 -30.01 -6.62
CA GLU F 71 -63.84 -30.70 -7.89
C GLU F 71 -64.79 -31.92 -8.07
N PRO F 72 -65.89 -31.77 -8.84
CA PRO F 72 -66.92 -32.85 -8.84
C PRO F 72 -66.45 -34.23 -9.16
N GLY F 73 -65.47 -34.33 -10.06
CA GLY F 73 -65.04 -35.66 -10.56
C GLY F 73 -63.81 -36.18 -9.87
N ALA F 74 -63.39 -35.49 -8.83
CA ALA F 74 -62.18 -35.90 -8.19
C ALA F 74 -62.42 -37.31 -7.74
N ASN F 75 -61.47 -38.19 -7.98
CA ASN F 75 -61.64 -39.60 -7.76
C ASN F 75 -60.38 -40.30 -7.28
N SER F 76 -59.36 -39.56 -6.90
CA SER F 76 -58.07 -40.20 -6.54
C SER F 76 -57.21 -39.18 -5.77
N SER F 77 -55.98 -39.58 -5.43
CA SER F 77 -54.92 -38.61 -5.00
C SER F 77 -54.27 -37.92 -6.21
N ILE F 78 -54.42 -38.51 -7.40
CA ILE F 78 -54.01 -37.88 -8.69
C ILE F 78 -55.04 -36.89 -9.18
N TYR F 79 -54.66 -35.61 -9.25
CA TYR F 79 -55.58 -34.56 -9.68
C TYR F 79 -55.95 -34.67 -11.16
N ARG F 80 -57.07 -34.07 -11.52
CA ARG F 80 -57.57 -34.08 -12.89
C ARG F 80 -57.41 -32.65 -13.40
N PRO F 81 -56.43 -32.43 -14.28
CA PRO F 81 -55.94 -31.09 -14.64
C PRO F 81 -56.80 -30.23 -15.58
N PHE F 82 -56.82 -28.94 -15.29
CA PHE F 82 -57.50 -27.93 -16.08
C PHE F 82 -59.03 -28.15 -16.22
N VAL F 83 -59.59 -29.04 -15.40
CA VAL F 83 -61.03 -29.33 -15.40
C VAL F 83 -61.71 -28.23 -14.66
N PRO F 84 -62.99 -28.04 -14.92
CA PRO F 84 -63.62 -26.93 -14.24
C PRO F 84 -63.99 -27.35 -12.85
N LEU F 85 -64.47 -26.38 -12.08
CA LEU F 85 -64.49 -26.42 -10.64
C LEU F 85 -65.66 -25.62 -10.16
N GLU F 86 -66.26 -26.08 -9.07
CA GLU F 86 -67.41 -25.44 -8.55
C GLU F 86 -67.04 -24.10 -7.96
N MET F 87 -67.82 -23.06 -8.30
CA MET F 87 -67.50 -21.72 -7.89
C MET F 87 -68.72 -20.87 -7.84
N ASP F 88 -68.75 -19.93 -6.89
CA ASP F 88 -69.85 -19.03 -6.75
C ASP F 88 -69.75 -17.79 -7.70
N GLU F 89 -70.57 -16.75 -7.43
CA GLU F 89 -70.68 -15.47 -8.21
C GLU F 89 -69.56 -14.44 -7.93
N TYR F 90 -68.57 -14.85 -7.14
CA TYR F 90 -67.55 -13.97 -6.62
C TYR F 90 -66.15 -14.61 -6.60
N SER F 91 -65.92 -15.55 -7.53
CA SER F 91 -64.66 -16.18 -7.70
C SER F 91 -64.22 -17.11 -6.54
N ARG F 92 -65.11 -17.38 -5.59
CA ARG F 92 -64.78 -18.34 -4.50
C ARG F 92 -65.18 -19.76 -4.88
N LEU F 93 -64.29 -20.70 -4.66
CA LEU F 93 -64.62 -22.12 -4.83
C LEU F 93 -65.70 -22.64 -3.87
N MET F 94 -66.51 -23.57 -4.35
CA MET F 94 -67.64 -24.07 -3.56
C MET F 94 -67.64 -25.59 -3.63
N PRO F 95 -68.23 -26.23 -2.63
CA PRO F 95 -68.22 -27.68 -2.64
C PRO F 95 -69.12 -28.31 -3.72
N ALA F 96 -68.66 -29.45 -4.18
CA ALA F 96 -69.28 -30.21 -5.21
C ALA F 96 -70.45 -30.98 -4.59
N VAL F 97 -71.66 -30.56 -4.98
CA VAL F 97 -72.91 -31.15 -4.49
C VAL F 97 -73.09 -32.67 -4.75
N ASN F 98 -72.51 -33.23 -5.81
CA ASN F 98 -72.58 -34.66 -5.96
C ASN F 98 -71.89 -35.39 -4.81
N ARG F 99 -70.88 -34.76 -4.26
CA ARG F 99 -70.08 -35.39 -3.23
C ARG F 99 -70.55 -34.93 -1.87
N PHE F 100 -71.17 -33.74 -1.83
CA PHE F 100 -71.63 -33.12 -0.61
C PHE F 100 -73.10 -32.69 -0.79
N PRO F 101 -74.05 -33.66 -0.74
CA PRO F 101 -75.44 -33.36 -1.01
C PRO F 101 -76.02 -32.24 -0.20
N SER F 102 -75.69 -32.16 1.08
CA SER F 102 -76.20 -31.02 1.89
C SER F 102 -75.83 -29.65 1.35
N ALA F 103 -74.88 -29.58 0.42
CA ALA F 103 -74.37 -28.29 0.01
C ALA F 103 -75.28 -27.62 -1.01
N LYS F 104 -76.18 -28.38 -1.62
CA LYS F 104 -77.10 -27.87 -2.64
C LYS F 104 -77.81 -26.57 -2.27
N GLY F 105 -78.17 -25.81 -3.29
CA GLY F 105 -78.79 -24.53 -3.08
C GLY F 105 -77.82 -23.55 -2.44
N GLY F 106 -76.55 -23.66 -2.80
CA GLY F 106 -75.50 -22.70 -2.38
C GLY F 106 -75.24 -22.53 -0.89
N LYS F 107 -75.41 -23.61 -0.15
CA LYS F 107 -75.39 -23.55 1.28
C LYS F 107 -73.99 -23.83 1.79
N GLY F 108 -73.19 -24.35 0.87
CA GLY F 108 -71.77 -24.65 1.08
C GLY F 108 -71.59 -25.75 2.08
N PHE F 109 -70.72 -25.51 3.05
CA PHE F 109 -70.43 -26.50 4.04
C PHE F 109 -71.16 -26.29 5.36
N LYS F 110 -71.96 -25.22 5.46
CA LYS F 110 -72.61 -24.92 6.73
C LYS F 110 -73.33 -26.11 7.37
N PRO F 111 -74.08 -26.89 6.56
CA PRO F 111 -74.81 -28.01 7.14
C PRO F 111 -73.96 -29.13 7.62
N LEU F 112 -72.94 -29.47 6.85
CA LEU F 112 -72.01 -30.48 7.29
C LEU F 112 -71.28 -29.99 8.56
N ALA F 113 -70.98 -28.70 8.59
CA ALA F 113 -70.27 -28.15 9.74
C ALA F 113 -71.16 -28.15 10.98
N ASP F 114 -72.40 -27.68 10.81
CA ASP F 114 -73.41 -27.74 11.91
C ASP F 114 -73.52 -29.19 12.44
N TYR F 115 -73.42 -30.16 11.55
CA TYR F 115 -73.53 -31.53 11.94
C TYR F 115 -72.37 -31.93 12.84
N ILE F 116 -71.17 -31.49 12.43
CA ILE F 116 -69.95 -31.86 13.12
C ILE F 116 -69.94 -31.13 14.43
N HIS F 117 -70.35 -29.89 14.40
CA HIS F 117 -70.41 -29.16 15.63
C HIS F 117 -71.36 -29.81 16.65
N ASN F 118 -72.55 -30.22 16.19
CA ASN F 118 -73.54 -30.85 17.07
C ASN F 118 -73.03 -32.16 17.60
N LEU F 119 -71.98 -32.70 16.99
CA LEU F 119 -71.26 -33.81 17.64
C LEU F 119 -70.24 -33.40 18.68
N GLY F 120 -70.17 -32.11 18.95
CA GLY F 120 -69.16 -31.57 19.84
C GLY F 120 -67.77 -31.52 19.21
N LEU F 121 -67.70 -31.58 17.89
CA LEU F 121 -66.44 -31.63 17.19
C LEU F 121 -66.16 -30.29 16.42
N LYS F 122 -65.04 -30.20 15.67
CA LYS F 122 -64.76 -29.03 14.83
C LYS F 122 -64.55 -29.31 13.35
N PHE F 123 -64.80 -28.29 12.54
CA PHE F 123 -64.73 -28.47 11.11
C PHE F 123 -63.55 -27.76 10.45
N GLY F 124 -62.89 -28.51 9.60
CA GLY F 124 -61.76 -27.99 8.85
C GLY F 124 -61.84 -28.31 7.40
N ILE F 125 -61.26 -27.43 6.61
CA ILE F 125 -61.13 -27.63 5.15
C ILE F 125 -59.73 -27.29 4.67
N HIS F 126 -59.43 -27.74 3.49
CA HIS F 126 -58.18 -27.53 2.84
C HIS F 126 -58.49 -26.51 1.75
N ILE F 127 -57.60 -25.53 1.56
CA ILE F 127 -57.63 -24.68 0.39
C ILE F 127 -56.26 -24.59 -0.28
N MET F 128 -56.29 -24.48 -1.59
CA MET F 128 -55.09 -24.16 -2.39
C MET F 128 -54.85 -22.68 -2.31
N ARG F 129 -53.57 -22.31 -2.37
CA ARG F 129 -53.21 -20.88 -2.39
C ARG F 129 -53.73 -20.32 -3.68
N GLY F 130 -54.28 -19.14 -3.61
CA GLY F 130 -54.46 -18.35 -4.79
C GLY F 130 -55.92 -18.17 -5.05
N ILE F 131 -56.19 -18.14 -6.36
CA ILE F 131 -57.44 -17.74 -6.94
C ILE F 131 -57.54 -18.63 -8.14
N PRO F 132 -58.73 -19.15 -8.41
CA PRO F 132 -58.85 -20.15 -9.45
C PRO F 132 -58.52 -19.57 -10.80
N ARG F 133 -57.88 -20.38 -11.63
CA ARG F 133 -57.47 -19.96 -12.93
C ARG F 133 -58.69 -19.55 -13.77
N GLN F 134 -59.64 -20.48 -13.86
CA GLN F 134 -60.92 -20.26 -14.56
C GLN F 134 -61.48 -18.90 -14.18
N ALA F 135 -61.38 -18.48 -12.92
CA ALA F 135 -61.80 -17.11 -12.55
C ALA F 135 -60.98 -15.99 -13.20
N VAL F 136 -59.74 -16.30 -13.56
CA VAL F 136 -58.79 -15.25 -13.95
C VAL F 136 -59.05 -14.98 -15.40
N HIS F 137 -59.10 -16.07 -16.17
CA HIS F 137 -59.59 -16.07 -17.55
C HIS F 137 -60.95 -15.39 -17.77
N GLN F 138 -61.98 -15.70 -16.99
CA GLN F 138 -63.26 -15.11 -17.24
C GLN F 138 -63.34 -13.74 -16.59
N ASN F 139 -62.35 -13.42 -15.78
CA ASN F 139 -62.38 -12.18 -15.03
C ASN F 139 -63.71 -11.96 -14.26
N THR F 140 -64.07 -12.99 -13.50
CA THR F 140 -65.20 -12.94 -12.60
C THR F 140 -65.05 -11.89 -11.51
N PRO F 141 -66.13 -11.57 -10.84
CA PRO F 141 -66.02 -10.51 -9.84
C PRO F 141 -65.34 -10.97 -8.57
N ILE F 142 -65.33 -10.07 -7.58
CA ILE F 142 -64.74 -10.28 -6.28
C ILE F 142 -65.63 -9.53 -5.36
N LEU F 143 -66.06 -10.17 -4.28
CA LEU F 143 -66.92 -9.50 -3.36
C LEU F 143 -66.16 -8.29 -2.81
N GLY F 144 -66.89 -7.21 -2.65
CA GLY F 144 -66.39 -6.06 -1.94
C GLY F 144 -65.81 -4.96 -2.79
N THR F 145 -65.64 -5.19 -4.09
CA THR F 145 -64.89 -4.27 -4.95
C THR F 145 -65.29 -4.39 -6.43
N ASN F 146 -65.06 -3.33 -7.22
CA ASN F 146 -65.23 -3.37 -8.69
C ASN F 146 -64.15 -4.10 -9.43
N VAL F 147 -63.01 -4.32 -8.80
CA VAL F 147 -61.90 -4.91 -9.55
C VAL F 147 -62.22 -6.35 -9.78
N GLY F 148 -61.73 -6.88 -10.89
CA GLY F 148 -62.04 -8.22 -11.28
C GLY F 148 -60.93 -9.09 -10.81
N ALA F 149 -61.05 -10.39 -11.07
CA ALA F 149 -60.14 -11.41 -10.59
C ALA F 149 -58.97 -11.59 -11.52
N ARG F 150 -59.00 -10.92 -12.64
CA ARG F 150 -57.91 -11.02 -13.55
C ARG F 150 -56.86 -10.02 -13.09
N ASP F 151 -57.32 -8.85 -12.63
CA ASP F 151 -56.46 -7.74 -12.23
C ASP F 151 -55.86 -7.87 -10.83
N ILE F 152 -55.98 -9.03 -10.20
CA ILE F 152 -55.26 -9.31 -8.96
C ILE F 152 -54.41 -10.52 -9.12
N ALA F 153 -54.57 -11.28 -10.18
CA ALA F 153 -53.72 -12.45 -10.35
C ALA F 153 -52.24 -12.13 -10.46
N ASP F 154 -51.43 -13.18 -10.28
CA ASP F 154 -50.03 -13.06 -10.39
C ASP F 154 -49.76 -13.64 -11.73
N THR F 155 -49.00 -12.89 -12.52
CA THR F 155 -48.63 -13.24 -13.88
C THR F 155 -47.74 -14.44 -13.93
N ASN F 156 -47.01 -14.66 -12.85
CA ASN F 156 -46.04 -15.75 -12.78
C ASN F 156 -45.98 -16.36 -11.36
N SER F 157 -47.03 -17.08 -11.04
CA SER F 157 -47.11 -17.91 -9.83
C SER F 157 -48.17 -18.99 -10.05
N ILE F 158 -47.72 -20.22 -10.23
CA ILE F 158 -48.58 -21.34 -10.20
C ILE F 158 -48.10 -22.31 -9.11
N CYS F 159 -48.85 -23.39 -8.92
CA CYS F 159 -48.47 -24.50 -8.09
C CYS F 159 -47.99 -25.50 -9.06
N PRO F 160 -46.89 -26.20 -8.78
CA PRO F 160 -46.30 -27.12 -9.78
C PRO F 160 -46.84 -28.52 -9.83
N TRP F 161 -47.70 -28.85 -8.89
CA TRP F 161 -48.28 -30.19 -8.81
C TRP F 161 -49.83 -30.08 -8.83
N ASN F 162 -50.37 -28.86 -9.02
CA ASN F 162 -51.79 -28.72 -9.17
C ASN F 162 -52.15 -27.44 -9.90
N THR F 163 -53.13 -27.58 -10.80
CA THR F 163 -53.46 -26.60 -11.80
C THR F 163 -54.63 -25.70 -11.51
N ASP F 164 -55.24 -25.80 -10.33
CA ASP F 164 -56.53 -25.17 -10.15
C ASP F 164 -56.38 -23.66 -9.99
N MET F 165 -55.29 -23.19 -9.37
CA MET F 165 -55.21 -21.75 -9.11
C MET F 165 -54.02 -21.03 -9.76
N TYR F 166 -54.12 -19.70 -9.72
CA TYR F 166 -52.98 -18.82 -9.81
C TYR F 166 -52.74 -18.12 -8.49
N GLY F 167 -51.51 -17.68 -8.29
CA GLY F 167 -51.16 -16.84 -7.17
C GLY F 167 -51.89 -15.53 -7.23
N VAL F 168 -51.92 -14.86 -6.10
CA VAL F 168 -52.58 -13.58 -5.96
C VAL F 168 -51.47 -12.60 -5.62
N ASP F 169 -51.38 -11.50 -6.37
CA ASP F 169 -50.37 -10.47 -6.14
C ASP F 169 -50.76 -9.44 -5.07
N HIS F 170 -50.15 -9.56 -3.89
CA HIS F 170 -50.50 -8.66 -2.78
C HIS F 170 -50.37 -7.17 -3.14
N ARG F 171 -49.52 -6.81 -4.11
CA ARG F 171 -49.47 -5.42 -4.58
C ARG F 171 -50.80 -4.97 -5.21
N LYS F 172 -51.51 -5.86 -5.92
CA LYS F 172 -52.69 -5.38 -6.63
C LYS F 172 -53.86 -5.07 -5.78
N GLU F 173 -54.46 -3.91 -6.07
CA GLU F 173 -55.71 -3.53 -5.46
C GLU F 173 -56.76 -4.59 -5.77
N GLY F 174 -57.53 -4.90 -4.74
CA GLY F 174 -58.50 -6.00 -4.79
C GLY F 174 -58.05 -7.34 -4.23
N ALA F 175 -56.73 -7.53 -4.02
CA ALA F 175 -56.18 -8.83 -3.58
C ALA F 175 -56.49 -9.20 -2.14
N GLN F 176 -56.41 -8.24 -1.20
CA GLN F 176 -56.73 -8.54 0.19
C GLN F 176 -58.25 -8.75 0.37
N ALA F 177 -59.03 -7.89 -0.28
CA ALA F 177 -60.47 -7.98 -0.27
C ALA F 177 -60.98 -9.33 -0.80
N TYR F 178 -60.20 -9.98 -1.65
CA TYR F 178 -60.53 -11.35 -2.05
C TYR F 178 -60.29 -12.39 -0.96
N TYR F 179 -59.16 -12.29 -0.27
CA TYR F 179 -58.83 -13.34 0.69
C TYR F 179 -59.74 -13.12 1.85
N ASP F 180 -59.98 -11.85 2.10
CA ASP F 180 -60.95 -11.47 3.06
C ASP F 180 -62.29 -12.22 2.79
N SER F 181 -62.71 -12.28 1.52
CA SER F 181 -64.02 -12.82 1.14
C SER F 181 -64.01 -14.32 1.38
N LEU F 182 -62.93 -14.98 1.02
CA LEU F 182 -62.84 -16.40 1.30
C LEU F 182 -63.18 -16.71 2.75
N PHE F 183 -62.53 -16.01 3.66
CA PHE F 183 -62.68 -16.33 5.07
C PHE F 183 -63.93 -15.80 5.75
N GLN F 184 -64.58 -14.82 5.14
CA GLN F 184 -65.93 -14.47 5.48
C GLN F 184 -66.78 -15.69 5.15
N LEU F 185 -66.56 -16.21 3.96
CA LEU F 185 -67.32 -17.34 3.47
C LEU F 185 -67.11 -18.47 4.42
N TYR F 186 -65.84 -18.78 4.71
CA TYR F 186 -65.53 -19.96 5.54
C TYR F 186 -66.06 -19.76 6.95
N ALA F 187 -66.01 -18.53 7.43
CA ALA F 187 -66.59 -18.24 8.71
C ALA F 187 -68.12 -18.43 8.72
N GLN F 188 -68.79 -18.28 7.59
CA GLN F 188 -70.26 -18.34 7.66
C GLN F 188 -70.64 -19.80 7.71
N TRP F 189 -69.90 -20.59 6.97
CA TRP F 189 -70.01 -22.02 7.11
C TRP F 189 -69.69 -22.59 8.50
N GLY F 190 -68.99 -21.84 9.34
CA GLY F 190 -68.52 -22.34 10.63
C GLY F 190 -67.23 -23.14 10.59
N VAL F 191 -66.45 -22.94 9.53
CA VAL F 191 -65.08 -23.43 9.50
C VAL F 191 -64.28 -22.96 10.72
N ASP F 192 -63.60 -23.93 11.34
CA ASP F 192 -62.82 -23.70 12.53
C ASP F 192 -61.29 -23.88 12.26
N PHE F 193 -60.94 -24.32 11.06
CA PHE F 193 -59.59 -24.80 10.77
C PHE F 193 -59.37 -24.87 9.26
N VAL F 194 -58.31 -24.22 8.77
CA VAL F 194 -57.92 -24.26 7.33
C VAL F 194 -56.50 -24.75 7.14
N LYS F 195 -56.36 -25.69 6.24
CA LYS F 195 -55.11 -26.20 5.86
C LYS F 195 -54.85 -25.65 4.46
N VAL F 196 -53.93 -24.70 4.36
CA VAL F 196 -53.55 -24.09 3.10
C VAL F 196 -52.47 -24.87 2.45
N ALA F 197 -52.62 -25.14 1.15
CA ALA F 197 -51.62 -25.88 0.37
C ALA F 197 -50.85 -24.96 -0.62
N ASP F 198 -49.71 -25.46 -1.11
CA ASP F 198 -48.83 -24.75 -2.06
C ASP F 198 -48.36 -23.44 -1.46
N ILE F 199 -47.88 -23.47 -0.23
CA ILE F 199 -47.62 -22.16 0.37
C ILE F 199 -46.37 -22.10 1.18
N VAL F 200 -45.72 -23.22 1.36
CA VAL F 200 -44.57 -23.26 2.21
C VAL F 200 -43.36 -23.61 1.38
N ALA F 201 -43.50 -24.66 0.61
CA ALA F 201 -42.42 -25.05 -0.22
C ALA F 201 -43.04 -25.11 -1.59
N SER F 202 -42.19 -25.16 -2.59
CA SER F 202 -42.61 -25.26 -3.99
C SER F 202 -41.34 -25.25 -4.78
N LYS F 203 -41.15 -26.24 -5.63
CA LYS F 203 -39.92 -26.35 -6.43
C LYS F 203 -39.60 -25.01 -7.12
N LEU F 204 -40.62 -24.40 -7.70
CA LEU F 204 -40.50 -23.28 -8.59
C LEU F 204 -40.17 -21.97 -7.90
N TYR F 205 -40.88 -21.68 -6.80
CA TYR F 205 -40.90 -20.35 -6.13
C TYR F 205 -40.54 -20.35 -4.64
N GLY F 206 -40.38 -21.52 -4.02
CA GLY F 206 -40.27 -21.58 -2.55
C GLY F 206 -41.48 -21.02 -1.79
N THR F 207 -41.25 -20.28 -0.71
CA THR F 207 -42.29 -19.94 0.26
C THR F 207 -42.99 -18.67 -0.12
N HIS F 208 -44.33 -18.66 -0.04
CA HIS F 208 -45.12 -17.50 -0.45
C HIS F 208 -45.50 -16.72 0.74
N THR F 209 -44.52 -15.95 1.18
CA THR F 209 -44.62 -15.22 2.43
C THR F 209 -45.75 -14.21 2.35
N GLU F 210 -45.99 -13.61 1.19
CA GLU F 210 -46.92 -12.46 1.13
C GLU F 210 -48.37 -12.94 1.22
N GLU F 211 -48.59 -14.09 0.60
CA GLU F 211 -49.85 -14.80 0.69
C GLU F 211 -50.10 -15.33 2.11
N ILE F 212 -49.09 -15.87 2.79
CA ILE F 212 -49.25 -16.14 4.24
C ILE F 212 -49.70 -14.92 5.02
N LYS F 213 -49.08 -13.79 4.75
CA LYS F 213 -49.41 -12.58 5.45
C LYS F 213 -50.89 -12.19 5.16
N MET F 214 -51.30 -12.41 3.92
CA MET F 214 -52.66 -11.99 3.52
C MET F 214 -53.75 -12.87 4.15
N ILE F 215 -53.49 -14.15 4.13
CA ILE F 215 -54.32 -15.15 4.78
C ILE F 215 -54.42 -14.83 6.26
N ARG F 216 -53.29 -14.62 6.92
CA ARG F 216 -53.31 -14.21 8.36
C ARG F 216 -54.29 -13.07 8.61
N LYS F 217 -54.25 -12.08 7.73
CA LYS F 217 -55.05 -10.90 7.93
C LYS F 217 -56.54 -11.18 7.69
N ALA F 218 -56.84 -12.05 6.72
CA ALA F 218 -58.20 -12.38 6.30
C ALA F 218 -58.88 -13.16 7.43
N ILE F 219 -58.15 -14.11 7.99
CA ILE F 219 -58.55 -14.81 9.21
C ILE F 219 -58.85 -13.86 10.35
N ASP F 220 -57.94 -12.94 10.67
CA ASP F 220 -58.16 -12.08 11.84
C ASP F 220 -59.31 -11.10 11.63
N ARG F 221 -59.62 -10.82 10.38
CA ARG F 221 -60.77 -10.00 10.03
C ARG F 221 -62.11 -10.77 9.97
N CYS F 222 -62.08 -12.08 9.81
CA CYS F 222 -63.34 -12.78 9.58
C CYS F 222 -64.15 -12.89 10.86
N GLY F 223 -63.55 -12.56 12.00
CA GLY F 223 -64.24 -12.54 13.27
C GLY F 223 -64.49 -13.91 13.91
N ARG F 224 -63.90 -14.97 13.36
CA ARG F 224 -64.05 -16.30 13.89
C ARG F 224 -62.68 -16.95 14.12
N PRO F 225 -62.55 -17.73 15.20
CA PRO F 225 -61.35 -18.49 15.42
C PRO F 225 -61.20 -19.56 14.37
N ILE F 226 -60.16 -19.45 13.56
CA ILE F 226 -59.87 -20.41 12.54
C ILE F 226 -58.42 -20.65 12.65
N VAL F 227 -58.07 -21.90 12.91
CA VAL F 227 -56.69 -22.29 13.15
C VAL F 227 -56.06 -22.38 11.79
N LEU F 228 -54.81 -21.93 11.64
CA LEU F 228 -54.17 -21.90 10.30
C LEU F 228 -53.05 -22.90 10.21
N SER F 229 -53.15 -23.76 9.22
CA SER F 229 -52.20 -24.85 8.98
C SER F 229 -51.58 -24.70 7.61
N LEU F 230 -50.34 -25.14 7.47
CA LEU F 230 -49.57 -24.89 6.22
C LEU F 230 -48.83 -26.08 5.71
N SER F 231 -48.86 -26.19 4.38
CA SER F 231 -48.37 -27.35 3.64
C SER F 231 -48.05 -26.99 2.20
N PRO F 232 -47.33 -27.85 1.52
CA PRO F 232 -46.57 -29.03 2.04
C PRO F 232 -45.25 -28.50 2.59
N GLY F 233 -44.48 -29.34 3.24
CA GLY F 233 -43.11 -28.97 3.52
C GLY F 233 -42.20 -29.48 2.44
N PRO F 234 -40.87 -29.37 2.65
CA PRO F 234 -40.21 -28.92 3.91
C PRO F 234 -40.33 -27.46 4.17
N ALA F 235 -40.69 -27.08 5.38
CA ALA F 235 -40.73 -25.68 5.67
C ALA F 235 -39.30 -25.29 5.95
N PRO F 236 -38.85 -24.13 5.43
CA PRO F 236 -37.45 -23.80 5.68
C PRO F 236 -37.24 -23.01 6.93
N LEU F 237 -36.18 -23.37 7.64
CA LEU F 237 -35.88 -22.67 8.89
C LEU F 237 -35.70 -21.20 8.71
N ASP F 238 -35.28 -20.80 7.51
CA ASP F 238 -35.01 -19.39 7.25
C ASP F 238 -36.27 -18.58 7.47
N HIS F 239 -37.42 -19.23 7.37
CA HIS F 239 -38.70 -18.51 7.63
C HIS F 239 -39.37 -18.80 8.97
N ALA F 240 -38.61 -19.34 9.92
CA ALA F 240 -39.12 -19.70 11.24
C ALA F 240 -39.91 -18.63 11.86
N THR F 241 -39.43 -17.40 11.83
CA THR F 241 -40.12 -16.30 12.50
C THR F 241 -41.48 -16.01 11.85
N LEU F 242 -41.52 -16.13 10.54
CA LEU F 242 -42.73 -15.88 9.78
C LEU F 242 -43.81 -16.87 10.22
N PHE F 243 -43.44 -18.14 10.23
CA PHE F 243 -44.28 -19.22 10.57
C PHE F 243 -44.74 -19.09 12.01
N VAL F 244 -43.79 -18.95 12.92
CA VAL F 244 -44.11 -18.82 14.30
C VAL F 244 -45.10 -17.74 14.55
N GLU F 245 -44.95 -16.63 13.84
CA GLU F 245 -45.81 -15.50 14.15
C GLU F 245 -47.14 -15.54 13.37
N ASN F 246 -47.26 -16.37 12.34
CA ASN F 246 -48.38 -16.28 11.44
C ASN F 246 -49.28 -17.52 11.38
N ALA F 247 -48.71 -18.68 11.66
CA ALA F 247 -49.30 -19.96 11.37
C ALA F 247 -49.46 -20.69 12.67
N ASN F 248 -50.48 -21.56 12.76
CA ASN F 248 -50.68 -22.34 13.96
C ASN F 248 -49.96 -23.61 13.78
N MET F 249 -49.85 -24.09 12.56
CA MET F 249 -49.04 -25.26 12.28
C MET F 249 -48.39 -25.14 10.90
N TRP F 250 -47.26 -25.79 10.70
CA TRP F 250 -46.58 -25.68 9.36
C TRP F 250 -45.77 -26.90 9.18
N ARG F 251 -45.97 -27.52 8.03
CA ARG F 251 -45.41 -28.85 7.73
C ARG F 251 -43.88 -28.85 7.62
N MET F 252 -43.24 -29.79 8.31
CA MET F 252 -41.80 -29.81 8.35
C MET F 252 -41.27 -30.54 7.13
N THR F 253 -42.04 -31.47 6.58
CA THR F 253 -41.59 -32.26 5.49
C THR F 253 -42.59 -32.25 4.33
N ASP F 254 -42.22 -32.97 3.27
CA ASP F 254 -43.12 -33.27 2.17
C ASP F 254 -44.05 -34.35 2.73
N ASP F 255 -45.01 -34.70 1.91
CA ASP F 255 -46.13 -35.59 2.29
C ASP F 255 -45.66 -36.84 2.98
N PHE F 256 -46.08 -37.03 4.22
CA PHE F 256 -45.61 -38.22 4.95
C PHE F 256 -46.50 -39.41 4.62
N TRP F 257 -45.93 -40.61 4.63
CA TRP F 257 -46.56 -41.86 4.27
C TRP F 257 -45.95 -43.01 5.05
N ASP F 258 -46.63 -44.14 4.95
CA ASP F 258 -46.24 -45.32 5.69
C ASP F 258 -45.03 -45.99 5.09
N ARG F 259 -43.88 -45.33 5.23
CA ARG F 259 -42.59 -45.91 4.77
C ARG F 259 -41.55 -45.63 5.86
N TRP F 260 -40.83 -46.67 6.30
CA TRP F 260 -39.84 -46.49 7.32
C TRP F 260 -38.87 -45.33 7.05
N GLU F 261 -38.37 -45.29 5.83
CA GLU F 261 -37.49 -44.24 5.41
C GLU F 261 -37.96 -42.84 5.87
N LEU F 262 -39.23 -42.50 5.67
CA LEU F 262 -39.71 -41.13 5.96
C LEU F 262 -39.87 -40.86 7.47
N LEU F 263 -40.10 -41.97 8.19
CA LEU F 263 -40.21 -41.96 9.63
C LEU F 263 -38.84 -41.75 10.21
N TYR F 264 -37.89 -42.61 9.82
CA TYR F 264 -36.46 -42.40 10.09
C TYR F 264 -36.06 -40.91 9.93
N ASP F 265 -36.42 -40.31 8.79
CA ASP F 265 -36.09 -38.90 8.44
C ASP F 265 -36.70 -37.85 9.34
N MET F 266 -37.85 -38.17 9.96
CA MET F 266 -38.56 -37.17 10.72
C MET F 266 -37.79 -36.87 11.99
N PHE F 267 -37.05 -37.82 12.49
CA PHE F 267 -36.20 -37.56 13.60
C PHE F 267 -35.35 -36.32 13.46
N GLU F 268 -34.78 -36.15 12.28
CA GLU F 268 -33.89 -35.01 12.05
C GLU F 268 -34.69 -33.75 11.97
N GLN F 269 -35.84 -33.81 11.33
CA GLN F 269 -36.65 -32.58 11.21
C GLN F 269 -37.15 -32.14 12.57
N CYS F 270 -37.44 -33.09 13.46
CA CYS F 270 -37.90 -32.73 14.79
C CYS F 270 -36.76 -31.95 15.54
N TYR F 271 -35.57 -32.57 15.57
CA TYR F 271 -34.36 -31.93 16.07
C TYR F 271 -34.20 -30.51 15.53
N LYS F 272 -34.46 -30.31 14.25
CA LYS F 272 -34.20 -29.05 13.63
C LYS F 272 -35.19 -28.04 14.01
N TRP F 273 -36.41 -28.48 14.33
CA TRP F 273 -37.46 -27.53 14.67
C TRP F 273 -37.81 -27.42 16.14
N CYS F 274 -37.22 -28.26 16.98
CA CYS F 274 -37.63 -28.33 18.38
C CYS F 274 -37.67 -27.00 19.16
N LYS F 275 -37.02 -25.94 18.66
CA LYS F 275 -36.92 -24.74 19.45
C LYS F 275 -37.95 -23.80 19.05
N LEU F 276 -38.70 -24.13 18.00
CA LEU F 276 -39.82 -23.25 17.58
C LEU F 276 -41.24 -23.73 18.02
N VAL F 277 -41.26 -24.85 18.72
CA VAL F 277 -42.48 -25.52 19.20
C VAL F 277 -42.96 -24.71 20.36
N GLY F 278 -44.17 -24.22 20.29
CA GLY F 278 -44.72 -23.60 21.47
C GLY F 278 -46.17 -23.29 21.38
N LEU F 279 -46.75 -22.88 22.50
CA LEU F 279 -48.19 -22.63 22.60
C LEU F 279 -48.62 -21.84 21.41
N GLY F 280 -49.51 -22.41 20.60
CA GLY F 280 -50.09 -21.64 19.46
C GLY F 280 -49.38 -21.86 18.14
N HIS F 281 -48.19 -22.49 18.16
CA HIS F 281 -47.36 -22.54 16.95
C HIS F 281 -46.55 -23.82 16.88
N TRP F 282 -46.99 -24.72 16.00
CA TRP F 282 -46.66 -26.13 16.06
C TRP F 282 -46.06 -26.69 14.74
N PRO F 283 -44.72 -26.74 14.68
CA PRO F 283 -44.17 -27.52 13.61
C PRO F 283 -44.90 -28.83 13.48
N ASP F 284 -45.18 -29.19 12.25
CA ASP F 284 -46.08 -30.31 11.92
C ASP F 284 -45.38 -31.48 11.27
N ALA F 285 -45.39 -32.64 11.93
CA ALA F 285 -44.81 -33.81 11.36
C ALA F 285 -45.72 -34.58 10.39
N ASP F 286 -46.84 -33.92 10.05
CA ASP F 286 -47.87 -34.46 9.15
C ASP F 286 -48.73 -35.62 9.74
N MET F 287 -49.72 -35.98 8.95
CA MET F 287 -50.81 -36.87 9.28
C MET F 287 -50.27 -38.24 9.55
N LEU F 288 -50.96 -38.96 10.41
CA LEU F 288 -50.56 -40.30 10.79
C LEU F 288 -51.12 -41.34 9.78
N PRO F 289 -50.27 -42.01 9.03
CA PRO F 289 -50.72 -43.06 8.10
C PRO F 289 -50.93 -44.36 8.85
N LEU F 290 -52.03 -44.40 9.59
CA LEU F 290 -52.36 -45.56 10.38
C LEU F 290 -53.69 -46.11 9.95
N GLY F 291 -53.96 -47.32 10.37
CA GLY F 291 -55.15 -48.01 9.96
C GLY F 291 -55.29 -48.14 8.44
N HIS F 292 -56.53 -47.97 7.97
CA HIS F 292 -56.91 -48.31 6.61
C HIS F 292 -56.78 -47.04 5.78
N ILE F 293 -55.85 -47.10 4.82
CA ILE F 293 -55.57 -45.95 3.98
C ILE F 293 -55.54 -46.36 2.53
N GLY F 294 -55.40 -45.42 1.60
CA GLY F 294 -55.19 -45.74 0.17
C GLY F 294 -56.38 -46.39 -0.50
N ILE F 295 -57.57 -46.00 -0.04
CA ILE F 295 -58.82 -46.50 -0.57
C ILE F 295 -59.08 -45.76 -1.88
N ARG F 296 -59.06 -44.44 -1.85
CA ARG F 296 -58.98 -43.69 -3.12
C ARG F 296 -57.72 -42.79 -3.18
N SER F 297 -56.60 -43.40 -2.82
CA SER F 297 -55.31 -42.72 -2.85
C SER F 297 -54.34 -43.70 -3.37
N VAL F 298 -53.46 -43.17 -4.19
CA VAL F 298 -52.46 -44.00 -4.78
C VAL F 298 -51.04 -43.47 -4.45
N ASP F 299 -50.96 -42.44 -3.60
CA ASP F 299 -49.67 -41.89 -3.17
C ASP F 299 -48.97 -42.78 -2.18
N GLY F 300 -47.70 -42.48 -1.93
CA GLY F 300 -46.86 -43.16 -0.95
C GLY F 300 -46.41 -44.49 -1.47
N GLY F 301 -46.72 -44.77 -2.72
CA GLY F 301 -46.32 -46.05 -3.27
C GLY F 301 -47.14 -47.26 -2.88
N GLY F 302 -48.38 -47.04 -2.48
CA GLY F 302 -49.28 -48.12 -2.07
C GLY F 302 -50.67 -47.88 -2.66
N THR F 303 -51.49 -48.92 -2.51
CA THR F 303 -52.90 -48.87 -2.85
C THR F 303 -53.68 -49.22 -1.57
N ASP F 304 -54.85 -49.84 -1.70
CA ASP F 304 -55.79 -49.96 -0.63
C ASP F 304 -55.22 -50.87 0.41
N ARG F 305 -55.00 -50.36 1.62
CA ARG F 305 -54.22 -51.15 2.54
C ARG F 305 -54.42 -50.64 3.95
N MET F 306 -54.11 -51.53 4.89
CA MET F 306 -53.78 -51.17 6.25
C MET F 306 -52.35 -50.67 6.20
N THR F 307 -52.01 -49.72 7.05
CA THR F 307 -50.64 -49.13 7.12
C THR F 307 -49.57 -50.18 7.06
N ARG F 308 -48.54 -49.91 6.28
CA ARG F 308 -47.45 -50.87 6.17
C ARG F 308 -46.48 -50.76 7.35
N PHE F 309 -46.52 -49.64 8.07
CA PHE F 309 -45.80 -49.59 9.39
C PHE F 309 -46.10 -50.79 10.25
N THR F 310 -45.09 -51.41 10.82
CA THR F 310 -45.26 -52.47 11.83
C THR F 310 -45.76 -51.82 13.13
N LYS F 311 -46.12 -52.64 14.11
CA LYS F 311 -46.70 -52.12 15.32
C LYS F 311 -45.66 -51.30 16.04
N ASP F 312 -44.45 -51.87 16.18
CA ASP F 312 -43.23 -51.15 16.65
C ASP F 312 -43.02 -49.76 16.01
N GLU F 313 -43.16 -49.74 14.71
CA GLU F 313 -43.00 -48.51 13.95
C GLU F 313 -44.10 -47.52 14.22
N GLN F 314 -45.33 -48.03 14.30
CA GLN F 314 -46.52 -47.25 14.66
C GLN F 314 -46.35 -46.59 16.03
N ARG F 315 -45.89 -47.36 16.97
CA ARG F 315 -45.57 -46.87 18.29
C ARG F 315 -44.46 -45.83 18.25
N THR F 316 -43.44 -46.04 17.39
CA THR F 316 -42.29 -45.15 17.29
C THR F 316 -42.79 -43.84 16.76
N MET F 317 -43.59 -43.92 15.71
CA MET F 317 -44.18 -42.71 15.15
C MET F 317 -44.97 -41.93 16.22
N MET F 318 -45.80 -42.67 16.95
CA MET F 318 -46.74 -42.01 17.84
C MET F 318 -45.90 -41.42 18.93
N THR F 319 -44.94 -42.22 19.41
CA THR F 319 -44.10 -41.76 20.51
C THR F 319 -43.39 -40.42 20.14
N LEU F 320 -42.82 -40.35 18.92
CA LEU F 320 -42.06 -39.17 18.53
C LEU F 320 -42.96 -37.96 18.38
N TRP F 321 -44.09 -38.15 17.71
CA TRP F 321 -45.03 -37.05 17.49
C TRP F 321 -45.58 -36.52 18.83
N ILE F 322 -45.82 -37.44 19.75
CA ILE F 322 -46.36 -37.07 21.04
C ILE F 322 -45.36 -36.16 21.79
N ILE F 323 -44.16 -36.69 22.01
CA ILE F 323 -43.17 -35.97 22.82
C ILE F 323 -42.72 -34.66 22.19
N PHE F 324 -42.54 -34.67 20.89
CA PHE F 324 -42.20 -33.46 20.16
C PHE F 324 -43.33 -32.48 20.20
N ARG F 325 -44.55 -33.00 20.28
CA ARG F 325 -45.78 -32.20 20.24
C ARG F 325 -46.18 -31.81 18.89
N SER F 326 -46.04 -32.74 17.94
CA SER F 326 -46.65 -32.48 16.60
C SER F 326 -48.16 -32.45 16.76
N PRO F 327 -48.88 -31.63 15.96
CA PRO F 327 -50.28 -31.88 15.76
C PRO F 327 -50.50 -33.33 15.39
N LEU F 328 -51.69 -33.89 15.75
CA LEU F 328 -52.03 -35.27 15.44
C LEU F 328 -53.30 -35.34 14.61
N MET F 329 -53.15 -35.83 13.36
CA MET F 329 -54.23 -35.83 12.40
C MET F 329 -54.28 -37.19 11.82
N PHE F 330 -55.29 -37.95 12.25
CA PHE F 330 -55.38 -39.38 11.88
C PHE F 330 -55.83 -39.41 10.43
N GLY F 331 -55.18 -40.25 9.64
CA GLY F 331 -55.33 -40.25 8.19
C GLY F 331 -56.01 -41.48 7.56
N GLY F 332 -56.11 -42.56 8.35
CA GLY F 332 -56.94 -43.75 8.00
C GLY F 332 -58.46 -43.54 8.06
N GLU F 333 -59.19 -44.47 7.47
CA GLU F 333 -60.68 -44.47 7.56
C GLU F 333 -60.97 -45.03 8.96
N LEU F 334 -61.40 -44.16 9.86
CA LEU F 334 -61.43 -44.55 11.29
C LEU F 334 -62.37 -45.74 11.58
N ARG F 335 -63.45 -45.81 10.81
CA ARG F 335 -64.45 -46.91 10.99
C ARG F 335 -63.91 -48.26 10.76
N ASP F 336 -62.81 -48.38 10.04
CA ASP F 336 -62.19 -49.71 9.94
C ASP F 336 -61.09 -49.95 10.98
N ASN F 337 -60.99 -49.12 12.02
CA ASN F 337 -59.97 -49.44 13.06
C ASN F 337 -60.15 -50.75 13.76
N ASP F 338 -59.07 -51.48 13.91
CA ASP F 338 -59.06 -52.61 14.81
C ASP F 338 -58.77 -52.13 16.25
N GLU F 339 -58.56 -53.06 17.15
CA GLU F 339 -58.38 -52.70 18.55
C GLU F 339 -57.02 -52.08 18.80
N TRP F 340 -55.99 -52.73 18.27
CA TRP F 340 -54.63 -52.14 18.23
C TRP F 340 -54.66 -50.65 17.83
N THR F 341 -55.25 -50.35 16.70
CA THR F 341 -55.14 -49.02 16.15
C THR F 341 -55.74 -48.01 17.13
N LEU F 342 -56.92 -48.36 17.66
CA LEU F 342 -57.62 -47.47 18.56
C LEU F 342 -56.80 -47.27 19.83
N SER F 343 -56.16 -48.32 20.33
CA SER F 343 -55.36 -48.20 21.54
C SER F 343 -54.28 -47.11 21.44
N LEU F 344 -53.83 -46.85 20.21
CA LEU F 344 -52.79 -45.84 20.01
C LEU F 344 -53.34 -44.48 20.30
N LEU F 345 -54.67 -44.35 20.27
CA LEU F 345 -55.25 -42.99 20.26
C LEU F 345 -55.95 -42.62 21.56
N THR F 346 -55.99 -43.56 22.48
CA THR F 346 -56.84 -43.41 23.67
C THR F 346 -56.14 -43.59 24.99
N ASN F 347 -54.79 -43.57 24.95
CA ASN F 347 -53.98 -43.81 26.15
C ASN F 347 -53.69 -42.44 26.69
N GLU F 348 -54.44 -42.02 27.71
CA GLU F 348 -54.30 -40.68 28.29
C GLU F 348 -53.00 -40.36 29.00
N GLU F 349 -52.33 -41.37 29.50
CA GLU F 349 -51.05 -41.19 30.12
C GLU F 349 -49.98 -40.76 29.05
N VAL F 350 -50.10 -41.28 27.83
CA VAL F 350 -49.22 -40.95 26.74
C VAL F 350 -49.60 -39.56 26.29
N LEU F 351 -50.89 -39.30 26.17
CA LEU F 351 -51.35 -38.03 25.67
C LEU F 351 -51.04 -36.87 26.60
N HIS F 352 -50.87 -37.19 27.88
CA HIS F 352 -50.49 -36.19 28.85
C HIS F 352 -49.13 -35.57 28.41
N VAL F 353 -48.23 -36.39 27.87
CA VAL F 353 -46.92 -35.87 27.37
C VAL F 353 -47.05 -34.77 26.30
N HIS F 354 -48.05 -34.96 25.45
CA HIS F 354 -48.31 -34.13 24.32
C HIS F 354 -49.06 -32.90 24.71
N GLN F 355 -49.96 -33.07 25.66
CA GLN F 355 -50.82 -31.99 26.08
C GLN F 355 -50.13 -31.12 27.14
N ASN F 356 -49.39 -31.70 28.05
CA ASN F 356 -48.82 -30.91 29.11
C ASN F 356 -47.31 -30.95 29.23
N GLY F 357 -46.64 -31.70 28.37
CA GLY F 357 -45.16 -31.66 28.36
C GLY F 357 -44.66 -30.37 27.69
N TYR F 358 -43.44 -29.98 28.00
CA TYR F 358 -42.80 -28.87 27.28
C TYR F 358 -41.28 -29.06 27.37
N GLY F 359 -40.55 -28.36 26.49
CA GLY F 359 -39.08 -28.40 26.44
C GLY F 359 -38.50 -29.58 25.71
N ALA F 360 -39.28 -30.21 24.79
CA ALA F 360 -38.85 -31.47 24.27
C ALA F 360 -37.51 -31.21 23.59
N ARG F 361 -36.54 -32.09 23.79
CA ARG F 361 -35.26 -31.97 23.15
C ARG F 361 -34.71 -33.33 22.94
N GLN F 362 -33.93 -33.44 21.88
CA GLN F 362 -33.08 -34.61 21.66
C GLN F 362 -31.92 -34.56 22.65
N VAL F 363 -31.81 -35.57 23.48
CA VAL F 363 -30.77 -35.66 24.44
C VAL F 363 -29.49 -36.13 23.80
N TYR F 364 -29.61 -37.15 22.95
CA TYR F 364 -28.50 -37.49 22.09
C TYR F 364 -29.01 -38.23 20.90
N ARG F 365 -28.14 -38.40 19.90
CA ARG F 365 -28.37 -39.25 18.74
C ARG F 365 -27.03 -39.86 18.34
N GLU F 366 -26.89 -41.18 18.43
CA GLU F 366 -25.64 -41.84 18.25
C GLU F 366 -25.90 -43.29 17.83
N ASN F 367 -25.30 -43.74 16.72
CA ASN F 367 -25.46 -45.11 16.20
C ASN F 367 -26.91 -45.50 15.99
N ASP F 368 -27.65 -44.58 15.44
CA ASP F 368 -29.05 -44.80 15.17
C ASP F 368 -29.88 -45.14 16.44
N HIS F 369 -29.37 -44.70 17.62
CA HIS F 369 -30.09 -44.65 18.88
C HIS F 369 -30.35 -43.20 19.21
N VAL F 370 -31.58 -42.88 19.59
CA VAL F 370 -32.02 -41.53 19.88
C VAL F 370 -32.84 -41.49 21.14
N VAL F 371 -32.56 -40.49 21.96
CA VAL F 371 -33.34 -40.28 23.17
C VAL F 371 -33.77 -38.86 23.18
N TRP F 372 -35.05 -38.67 23.50
CA TRP F 372 -35.69 -37.37 23.59
C TRP F 372 -36.26 -37.23 25.03
N THR F 373 -36.39 -36.01 25.52
CA THR F 373 -36.99 -35.77 26.81
C THR F 373 -37.70 -34.45 26.88
N SER F 374 -38.78 -34.44 27.66
CA SER F 374 -39.55 -33.25 27.97
C SER F 374 -40.01 -33.39 29.45
N GLN F 375 -40.77 -32.43 29.93
CA GLN F 375 -41.24 -32.50 31.28
C GLN F 375 -42.58 -31.83 31.43
N ASP F 376 -43.28 -32.04 32.56
CA ASP F 376 -44.45 -31.21 32.85
C ASP F 376 -44.20 -30.25 34.02
N ALA F 377 -45.15 -29.35 34.27
CA ALA F 377 -45.07 -28.42 35.38
C ALA F 377 -45.12 -29.05 36.79
N GLU F 378 -45.48 -30.32 36.93
CA GLU F 378 -45.42 -31.03 38.19
C GLU F 378 -44.09 -31.71 38.38
N GLY F 379 -43.11 -31.48 37.50
CA GLY F 379 -41.81 -32.13 37.66
C GLY F 379 -41.68 -33.62 37.32
N ASN F 380 -42.63 -34.15 36.58
CA ASN F 380 -42.44 -35.43 35.86
C ASN F 380 -41.59 -35.20 34.64
N GLN F 381 -40.79 -36.20 34.33
CA GLN F 381 -39.98 -36.16 33.18
C GLN F 381 -40.27 -37.33 32.26
N PHE F 382 -40.50 -37.01 30.99
CA PHE F 382 -40.78 -38.01 29.99
C PHE F 382 -39.57 -38.26 29.13
N VAL F 383 -39.16 -39.51 29.03
CA VAL F 383 -38.09 -39.89 28.18
C VAL F 383 -38.50 -40.94 27.11
N ALA F 384 -38.36 -40.53 25.83
CA ALA F 384 -38.58 -41.41 24.67
C ALA F 384 -37.30 -41.93 24.13
N MET F 385 -37.17 -43.24 24.08
CA MET F 385 -35.93 -43.86 23.70
C MET F 385 -36.24 -44.70 22.48
N PHE F 386 -35.42 -44.54 21.47
CA PHE F 386 -35.70 -45.13 20.14
C PHE F 386 -34.50 -45.87 19.56
N ASN F 387 -34.69 -47.10 19.15
CA ASN F 387 -33.75 -47.74 18.27
C ASN F 387 -34.18 -47.56 16.83
N ILE F 388 -33.63 -46.56 16.11
CA ILE F 388 -33.88 -46.39 14.68
C ILE F 388 -32.85 -47.08 13.77
N SER F 389 -32.17 -48.07 14.33
CA SER F 389 -31.14 -48.78 13.60
C SER F 389 -31.77 -50.02 13.02
N GLU F 390 -30.97 -50.84 12.33
CA GLU F 390 -31.50 -52.09 11.76
C GLU F 390 -31.21 -53.29 12.66
N LYS F 391 -30.68 -53.09 13.87
CA LYS F 391 -30.53 -54.24 14.78
C LYS F 391 -30.95 -54.02 16.23
N ARG F 392 -31.34 -55.14 16.83
CA ARG F 392 -31.79 -55.20 18.21
C ARG F 392 -30.69 -54.66 19.02
N SER F 393 -31.00 -53.84 20.01
CA SER F 393 -29.93 -53.23 20.75
C SER F 393 -30.37 -52.67 22.08
N VAL F 394 -29.43 -52.56 23.00
CA VAL F 394 -29.72 -51.84 24.20
C VAL F 394 -29.63 -50.35 23.92
N VAL F 395 -30.61 -49.59 24.38
CA VAL F 395 -30.59 -48.15 24.32
C VAL F 395 -30.72 -47.61 25.76
N SER F 396 -29.80 -46.73 26.13
CA SER F 396 -29.69 -46.30 27.48
C SER F 396 -29.42 -44.82 27.52
N VAL F 397 -29.75 -44.26 28.67
CA VAL F 397 -29.49 -42.88 28.94
C VAL F 397 -29.31 -42.77 30.46
N SER F 398 -28.33 -41.98 30.86
CA SER F 398 -28.04 -41.76 32.26
C SER F 398 -29.03 -40.74 32.80
N LEU F 399 -29.43 -40.94 34.05
CA LEU F 399 -30.16 -39.91 34.78
C LEU F 399 -29.51 -38.53 34.75
N LYS F 400 -28.18 -38.50 34.81
CA LYS F 400 -27.48 -37.21 34.80
C LYS F 400 -27.81 -36.45 33.51
N ASP F 401 -27.72 -37.14 32.39
CA ASP F 401 -27.97 -36.51 31.07
C ASP F 401 -29.36 -35.98 30.91
N LEU F 402 -30.27 -36.57 31.67
CA LEU F 402 -31.65 -36.10 31.72
C LEU F 402 -31.80 -34.89 32.59
N GLY F 403 -30.90 -34.76 33.55
CA GLY F 403 -30.95 -33.71 34.59
C GLY F 403 -31.63 -34.18 35.88
N CYS F 404 -31.52 -35.46 36.21
CA CYS F 404 -32.18 -36.03 37.38
C CYS F 404 -31.13 -36.29 38.42
N MET F 405 -31.15 -35.52 39.50
CA MET F 405 -30.03 -35.55 40.44
C MET F 405 -30.25 -36.57 41.55
N GLU F 406 -31.34 -37.34 41.46
CA GLU F 406 -31.49 -38.51 42.30
C GLU F 406 -32.38 -39.56 41.66
N PRO F 407 -32.44 -40.75 42.27
CA PRO F 407 -33.38 -41.82 41.97
C PRO F 407 -34.82 -41.41 41.74
N MET F 408 -35.37 -41.99 40.67
CA MET F 408 -36.68 -41.69 40.17
C MET F 408 -37.46 -42.98 40.08
N LYS F 409 -38.77 -42.89 40.22
CA LYS F 409 -39.62 -44.02 39.85
C LYS F 409 -39.81 -43.89 38.33
N ALA F 410 -39.73 -45.01 37.64
CA ALA F 410 -39.97 -45.14 36.21
C ALA F 410 -41.28 -45.84 35.86
N ARG F 411 -42.05 -45.32 34.92
CA ARG F 411 -43.26 -46.00 34.51
C ARG F 411 -43.36 -46.04 32.99
N ASP F 412 -43.62 -47.21 32.44
CA ASP F 412 -43.81 -47.39 30.98
C ASP F 412 -45.20 -46.99 30.59
N LEU F 413 -45.34 -45.85 29.94
CA LEU F 413 -46.61 -45.23 29.67
C LEU F 413 -47.54 -45.97 28.69
N TRP F 414 -46.97 -46.61 27.67
CA TRP F 414 -47.80 -47.24 26.68
C TRP F 414 -48.39 -48.46 27.33
N ALA F 415 -47.55 -49.25 27.97
CA ALA F 415 -47.97 -50.46 28.69
C ALA F 415 -48.71 -50.20 30.01
N LYS F 416 -48.62 -48.98 30.52
CA LYS F 416 -49.21 -48.56 31.80
C LYS F 416 -48.69 -49.43 32.91
N GLU F 417 -47.39 -49.48 33.06
CA GLU F 417 -46.78 -50.41 33.98
C GLU F 417 -45.56 -49.82 34.69
N ASP F 418 -45.59 -49.87 36.02
CA ASP F 418 -44.53 -49.39 36.89
C ASP F 418 -43.32 -50.23 36.71
N LEU F 419 -42.21 -49.56 36.48
CA LEU F 419 -40.98 -50.25 36.20
C LEU F 419 -40.12 -50.33 37.45
N GLY F 420 -40.45 -49.53 38.45
CA GLY F 420 -39.70 -49.51 39.67
C GLY F 420 -38.81 -48.27 39.75
N LEU F 421 -37.81 -48.39 40.59
CA LEU F 421 -36.98 -47.30 40.98
C LEU F 421 -35.72 -47.39 40.15
N VAL F 422 -35.31 -46.27 39.57
CA VAL F 422 -34.04 -46.24 38.83
C VAL F 422 -33.07 -45.25 39.56
N LYS F 423 -31.83 -45.68 39.81
CA LYS F 423 -30.79 -44.84 40.49
C LYS F 423 -29.76 -44.11 39.57
N HIS F 424 -29.36 -44.75 38.46
CA HIS F 424 -28.29 -44.24 37.55
C HIS F 424 -28.80 -43.94 36.11
N GLN F 425 -29.49 -44.92 35.49
CA GLN F 425 -29.88 -44.81 34.08
C GLN F 425 -31.11 -45.62 33.73
N LEU F 426 -31.84 -45.16 32.73
CA LEU F 426 -32.73 -46.00 31.99
C LEU F 426 -31.98 -46.79 30.92
N ALA F 427 -32.20 -48.09 30.88
CA ALA F 427 -31.69 -48.90 29.78
C ALA F 427 -32.71 -49.97 29.38
N PHE F 428 -32.86 -50.21 28.07
CA PHE F 428 -33.85 -51.17 27.58
C PHE F 428 -33.42 -51.83 26.29
N GLU F 429 -33.73 -53.10 26.11
CA GLU F 429 -33.54 -53.75 24.81
C GLU F 429 -34.68 -53.40 23.88
N LEU F 430 -34.35 -52.98 22.68
CA LEU F 430 -35.25 -52.45 21.72
C LEU F 430 -34.92 -53.03 20.37
N GLY F 431 -35.87 -53.74 19.78
CA GLY F 431 -35.68 -54.32 18.47
C GLY F 431 -35.52 -53.22 17.44
N PRO F 432 -35.20 -53.59 16.23
CA PRO F 432 -35.03 -52.53 15.24
C PRO F 432 -36.29 -51.72 15.02
N HIS F 433 -36.19 -50.41 15.07
CA HIS F 433 -37.35 -49.50 14.82
C HIS F 433 -38.29 -49.40 16.06
N GLN F 434 -37.87 -50.06 17.13
CA GLN F 434 -38.61 -50.13 18.37
C GLN F 434 -38.32 -48.96 19.28
N SER F 435 -39.35 -48.58 20.04
CA SER F 435 -39.26 -47.52 21.00
C SER F 435 -40.04 -47.75 22.29
N ILE F 436 -39.76 -46.89 23.27
CA ILE F 436 -40.39 -46.96 24.58
C ILE F 436 -40.53 -45.56 25.08
N LEU F 437 -41.66 -45.32 25.77
CA LEU F 437 -41.95 -44.02 26.34
C LEU F 437 -42.10 -44.18 27.86
N VAL F 438 -41.21 -43.50 28.61
CA VAL F 438 -41.14 -43.62 30.04
C VAL F 438 -41.40 -42.31 30.76
N LYS F 439 -42.12 -42.44 31.86
CA LYS F 439 -42.25 -41.33 32.77
C LYS F 439 -41.42 -41.56 34.03
N LEU F 440 -40.69 -40.52 34.40
CA LEU F 440 -39.86 -40.53 35.57
C LEU F 440 -40.42 -39.52 36.55
N SER F 441 -40.50 -39.92 37.82
CA SER F 441 -41.02 -39.02 38.84
C SER F 441 -40.35 -39.30 40.13
N PRO F 442 -40.36 -38.29 41.02
CA PRO F 442 -39.64 -38.42 42.29
C PRO F 442 -40.00 -39.71 43.09
N ALA F 443 -38.99 -40.39 43.63
CA ALA F 443 -39.20 -41.37 44.69
C ALA F 443 -39.93 -40.81 45.97
N VAL F 444 -40.02 -39.48 46.14
CA VAL F 444 -40.92 -38.80 47.13
C VAL F 444 -42.37 -38.70 46.60
N ALA G 14 -3.73 -24.16 -38.25
CA ALA G 14 -2.47 -23.38 -38.03
C ALA G 14 -2.76 -21.91 -37.69
N SER G 15 -3.83 -21.68 -36.90
CA SER G 15 -4.07 -20.38 -36.21
C SER G 15 -3.26 -20.38 -34.91
N MET G 16 -3.57 -21.37 -34.08
CA MET G 16 -2.73 -21.78 -32.97
C MET G 16 -1.68 -22.73 -33.48
N HIS G 17 -0.42 -22.33 -33.38
CA HIS G 17 0.68 -23.12 -33.89
C HIS G 17 0.73 -24.47 -33.23
N HIS G 18 0.36 -24.54 -31.94
CA HIS G 18 0.45 -25.81 -31.18
C HIS G 18 -0.44 -26.96 -31.78
N TYR G 19 -1.54 -26.63 -32.46
CA TYR G 19 -2.34 -27.68 -33.15
C TYR G 19 -1.50 -28.66 -33.94
N GLN G 20 -0.47 -28.13 -34.58
CA GLN G 20 0.41 -28.90 -35.45
C GLN G 20 1.20 -29.94 -34.73
N TRP G 21 1.17 -29.88 -33.41
CA TRP G 21 1.85 -30.93 -32.63
C TRP G 21 0.89 -32.09 -32.35
N ALA G 22 -0.42 -31.88 -32.56
CA ALA G 22 -1.42 -32.99 -32.40
C ALA G 22 -2.41 -33.02 -33.60
N LYS G 23 -1.85 -33.30 -34.79
CA LYS G 23 -2.59 -33.27 -36.08
C LYS G 23 -3.70 -34.30 -36.10
N THR G 24 -3.33 -35.48 -35.63
CA THR G 24 -4.26 -36.48 -35.15
C THR G 24 -4.22 -36.73 -33.65
N PRO G 25 -5.33 -37.28 -33.10
CA PRO G 25 -5.38 -37.45 -31.66
C PRO G 25 -4.23 -38.31 -31.13
N PRO G 26 -3.55 -37.83 -30.06
CA PRO G 26 -2.42 -38.59 -29.57
C PRO G 26 -2.79 -40.01 -29.13
N MET G 27 -1.78 -40.84 -29.19
CA MET G 27 -1.88 -42.26 -29.00
C MET G 27 -0.66 -42.68 -28.22
N GLY G 28 -0.87 -43.45 -27.16
CA GLY G 28 0.19 -44.12 -26.42
C GLY G 28 -0.39 -44.79 -25.19
N TRP G 29 0.48 -44.90 -24.19
CA TRP G 29 0.24 -45.57 -22.92
C TRP G 29 0.38 -44.65 -21.69
N ASN G 30 -0.51 -44.79 -20.72
CA ASN G 30 -0.40 -44.08 -19.44
C ASN G 30 -0.47 -45.03 -18.22
N SER G 31 0.50 -44.86 -17.33
CA SER G 31 0.73 -45.69 -16.16
C SER G 31 -0.35 -45.68 -15.07
N TRP G 32 -1.33 -44.80 -15.09
CA TRP G 32 -2.27 -44.70 -13.99
C TRP G 32 -3.24 -45.88 -13.70
N ASP G 33 -3.94 -46.33 -14.74
CA ASP G 33 -4.93 -47.41 -14.65
C ASP G 33 -4.25 -48.64 -14.02
N CYS G 34 -3.00 -48.90 -14.33
CA CYS G 34 -2.32 -50.12 -13.86
C CYS G 34 -1.40 -49.96 -12.67
N TYR G 35 -0.95 -48.73 -12.39
CA TYR G 35 0.00 -48.57 -11.31
C TYR G 35 -0.29 -47.38 -10.46
N GLY G 36 -1.42 -46.73 -10.70
CA GLY G 36 -1.77 -45.50 -9.98
C GLY G 36 -0.56 -44.57 -9.99
N ALA G 37 -0.22 -44.09 -8.80
CA ALA G 37 0.78 -43.06 -8.60
C ALA G 37 2.18 -43.58 -8.43
N SER G 38 2.42 -44.86 -8.69
CA SER G 38 3.58 -45.56 -8.15
C SER G 38 4.53 -46.31 -9.11
N VAL G 39 4.29 -46.16 -10.41
CA VAL G 39 5.19 -46.76 -11.44
C VAL G 39 6.66 -46.47 -11.24
N THR G 40 7.49 -47.46 -11.53
CA THR G 40 8.92 -47.35 -11.50
C THR G 40 9.51 -47.14 -12.93
N GLU G 41 10.81 -46.85 -12.97
CA GLU G 41 11.55 -46.71 -14.19
C GLU G 41 11.44 -47.99 -15.04
N ASP G 42 11.83 -49.14 -14.50
CA ASP G 42 11.79 -50.44 -15.25
C ASP G 42 10.40 -50.81 -15.80
N GLU G 43 9.38 -50.44 -15.08
CA GLU G 43 8.05 -50.64 -15.56
C GLU G 43 7.77 -49.70 -16.72
N VAL G 44 8.43 -48.56 -16.76
CA VAL G 44 8.12 -47.61 -17.80
C VAL G 44 8.82 -48.05 -19.08
N LYS G 45 10.04 -48.52 -18.91
CA LYS G 45 10.85 -49.03 -19.98
C LYS G 45 10.33 -50.34 -20.54
N GLY G 46 9.59 -51.08 -19.71
CA GLY G 46 8.97 -52.30 -20.13
C GLY G 46 7.91 -51.94 -21.10
N ASN G 47 7.01 -51.04 -20.72
CA ASN G 47 5.94 -50.76 -21.63
C ASN G 47 6.44 -50.03 -22.88
N ALA G 48 7.53 -49.29 -22.76
CA ALA G 48 8.05 -48.52 -23.87
C ALA G 48 8.47 -49.52 -24.95
N GLU G 49 9.33 -50.48 -24.60
CA GLU G 49 9.78 -51.53 -25.54
CA GLU G 49 9.79 -51.54 -25.52
C GLU G 49 8.63 -52.27 -26.22
N TYR G 50 7.62 -52.67 -25.47
CA TYR G 50 6.46 -53.27 -26.10
C TYR G 50 5.79 -52.30 -27.06
N MET G 51 5.64 -51.03 -26.68
CA MET G 51 5.06 -50.05 -27.58
C MET G 51 5.86 -50.02 -28.89
N ALA G 52 7.19 -50.11 -28.72
CA ALA G 52 8.12 -49.96 -29.78
C ALA G 52 7.99 -51.09 -30.78
N LYS G 53 7.78 -52.30 -30.27
CA LYS G 53 7.82 -53.50 -31.10
C LYS G 53 6.52 -53.85 -31.77
N TYR G 54 5.41 -53.60 -31.11
CA TYR G 54 4.13 -54.10 -31.56
C TYR G 54 3.18 -52.98 -31.85
N LEU G 55 3.39 -51.77 -31.30
CA LEU G 55 2.35 -50.77 -31.49
C LEU G 55 2.71 -49.60 -32.38
N LYS G 56 4.01 -49.43 -32.54
CA LYS G 56 4.53 -48.20 -33.11
C LYS G 56 4.04 -48.02 -34.57
N PRO G 57 4.16 -49.09 -35.40
CA PRO G 57 3.64 -49.01 -36.75
C PRO G 57 2.25 -48.50 -36.83
N PHE G 58 1.47 -48.60 -35.77
CA PHE G 58 0.07 -48.24 -35.84
C PHE G 58 -0.15 -46.86 -35.27
N GLY G 59 0.92 -46.24 -34.79
CA GLY G 59 0.84 -44.84 -34.38
C GLY G 59 0.94 -44.60 -32.88
N TRP G 60 1.30 -45.62 -32.13
CA TRP G 60 1.28 -45.54 -30.69
C TRP G 60 2.66 -45.06 -30.42
N GLU G 61 2.73 -43.84 -29.90
CA GLU G 61 4.04 -43.25 -29.61
C GLU G 61 4.26 -42.68 -28.21
N TYR G 62 3.21 -42.22 -27.53
CA TYR G 62 3.45 -41.51 -26.24
C TYR G 62 3.52 -42.45 -25.02
N VAL G 63 4.65 -42.40 -24.33
CA VAL G 63 4.88 -43.13 -23.09
C VAL G 63 4.74 -42.11 -21.89
N VAL G 64 3.57 -42.08 -21.27
CA VAL G 64 3.19 -41.08 -20.28
C VAL G 64 3.27 -41.56 -18.80
N VAL G 65 4.35 -41.19 -18.10
CA VAL G 65 4.47 -41.45 -16.64
C VAL G 65 3.47 -40.59 -15.86
N ASP G 66 2.50 -41.20 -15.16
CA ASP G 66 1.35 -40.44 -14.64
C ASP G 66 1.71 -39.92 -13.23
N ILE G 67 0.70 -39.45 -12.51
CA ILE G 67 0.87 -38.72 -11.23
C ILE G 67 1.92 -39.17 -10.21
N GLN G 68 2.47 -38.18 -9.53
CA GLN G 68 3.33 -38.37 -8.37
C GLN G 68 4.57 -39.12 -8.57
N TRP G 69 5.17 -38.99 -9.75
CA TRP G 69 6.53 -39.53 -9.98
C TRP G 69 7.52 -38.87 -9.02
N TYR G 70 7.10 -37.75 -8.44
CA TYR G 70 7.87 -37.03 -7.43
C TYR G 70 7.66 -37.45 -5.96
N GLU G 71 6.89 -38.50 -5.70
CA GLU G 71 6.49 -38.89 -4.35
C GLU G 71 7.08 -40.25 -4.10
N PRO G 72 8.23 -40.31 -3.43
CA PRO G 72 9.01 -41.53 -3.39
C PRO G 72 8.34 -42.70 -2.75
N GLY G 73 7.40 -42.49 -1.85
CA GLY G 73 6.72 -43.61 -1.19
C GLY G 73 5.36 -43.94 -1.81
N ALA G 74 5.02 -43.31 -2.92
CA ALA G 74 3.74 -43.61 -3.53
C ALA G 74 3.61 -45.10 -3.69
N ASN G 75 2.42 -45.62 -3.38
CA ASN G 75 2.25 -47.09 -3.41
CA ASN G 75 2.19 -47.07 -3.28
C ASN G 75 0.96 -47.57 -4.01
N SER G 76 0.09 -46.67 -4.44
CA SER G 76 -1.25 -47.05 -4.85
C SER G 76 -1.93 -45.93 -5.68
N SER G 77 -3.25 -45.98 -5.87
CA SER G 77 -3.97 -44.89 -6.45
C SER G 77 -4.48 -43.95 -5.37
N ILE G 78 -4.24 -44.34 -4.11
CA ILE G 78 -4.60 -43.57 -2.94
C ILE G 78 -3.33 -42.77 -2.51
N TYR G 79 -3.44 -41.45 -2.48
CA TYR G 79 -2.27 -40.59 -2.24
C TYR G 79 -1.96 -40.59 -0.75
N ARG G 80 -0.68 -40.56 -0.41
CA ARG G 80 -0.28 -40.29 0.96
C ARG G 80 -0.26 -38.77 1.25
N PRO G 81 -1.26 -38.26 1.97
CA PRO G 81 -1.38 -36.81 2.15
C PRO G 81 -0.30 -36.12 2.98
N PHE G 82 -0.04 -34.86 2.63
CA PHE G 82 0.88 -34.02 3.41
C PHE G 82 2.32 -34.54 3.59
N VAL G 83 2.79 -35.40 2.71
CA VAL G 83 4.14 -35.92 2.79
C VAL G 83 5.13 -35.09 1.94
N PRO G 84 6.41 -35.10 2.33
CA PRO G 84 7.45 -34.45 1.60
C PRO G 84 7.65 -35.01 0.17
N LEU G 85 7.93 -34.09 -0.73
CA LEU G 85 7.96 -34.33 -2.17
C LEU G 85 9.34 -34.03 -2.66
N GLU G 86 9.86 -34.82 -3.58
CA GLU G 86 11.18 -34.59 -4.20
C GLU G 86 11.11 -33.28 -5.02
N MET G 87 12.08 -32.39 -4.78
CA MET G 87 12.03 -31.02 -5.33
C MET G 87 13.42 -30.45 -5.50
N ASP G 88 13.56 -29.55 -6.50
CA ASP G 88 14.86 -28.91 -6.73
C ASP G 88 14.98 -27.65 -5.88
N GLU G 89 15.97 -26.83 -6.20
CA GLU G 89 16.28 -25.63 -5.47
C GLU G 89 15.48 -24.47 -5.94
N TYR G 90 14.54 -24.74 -6.84
CA TYR G 90 13.72 -23.69 -7.46
C TYR G 90 12.28 -24.07 -7.38
N SER G 91 11.87 -24.82 -6.36
CA SER G 91 10.40 -25.11 -6.17
C SER G 91 9.80 -26.04 -7.27
N ARG G 92 10.66 -26.81 -7.93
CA ARG G 92 10.21 -27.63 -9.02
C ARG G 92 10.32 -29.05 -8.61
N LEU G 93 9.18 -29.72 -8.68
CA LEU G 93 9.14 -31.14 -8.38
C LEU G 93 9.98 -31.95 -9.38
N MET G 94 10.66 -32.96 -8.81
CA MET G 94 11.66 -33.79 -9.45
C MET G 94 11.33 -35.26 -9.26
N PRO G 95 11.88 -36.13 -10.10
CA PRO G 95 11.61 -37.57 -9.93
C PRO G 95 12.19 -38.20 -8.69
N ALA G 96 11.38 -39.04 -8.06
CA ALA G 96 11.87 -39.84 -6.95
C ALA G 96 12.96 -40.83 -7.39
N VAL G 97 14.17 -40.70 -6.84
CA VAL G 97 15.31 -41.50 -7.30
C VAL G 97 15.18 -43.00 -6.96
N ASN G 98 14.45 -43.32 -5.88
CA ASN G 98 14.23 -44.73 -5.53
C ASN G 98 13.38 -45.33 -6.67
N ARG G 99 12.37 -44.63 -7.15
CA ARG G 99 11.51 -45.17 -8.19
C ARG G 99 12.14 -45.01 -9.55
N PHE G 100 13.10 -44.08 -9.68
CA PHE G 100 13.71 -43.78 -11.02
C PHE G 100 15.20 -43.62 -10.94
N PRO G 101 15.91 -44.74 -10.85
CA PRO G 101 17.31 -44.64 -10.51
C PRO G 101 18.12 -43.79 -11.49
N SER G 102 17.69 -43.63 -12.73
CA SER G 102 18.48 -42.90 -13.74
C SER G 102 18.49 -41.37 -13.40
N ALA G 103 17.52 -40.94 -12.60
CA ALA G 103 17.46 -39.54 -12.15
C ALA G 103 18.57 -39.19 -11.15
N LYS G 104 19.26 -40.16 -10.59
CA LYS G 104 20.34 -39.85 -9.71
C LYS G 104 21.11 -38.60 -10.13
N GLY G 105 21.71 -37.89 -9.16
CA GLY G 105 22.60 -36.81 -9.49
C GLY G 105 21.98 -35.61 -10.20
N GLY G 106 20.67 -35.43 -10.09
CA GLY G 106 20.03 -34.25 -10.58
C GLY G 106 19.60 -34.32 -12.00
N LYS G 107 19.69 -35.49 -12.62
CA LYS G 107 19.42 -35.63 -14.08
C LYS G 107 17.95 -35.60 -14.45
N GLY G 108 17.08 -35.75 -13.46
CA GLY G 108 15.66 -35.71 -13.76
C GLY G 108 15.28 -36.84 -14.70
N PHE G 109 14.36 -36.55 -15.61
CA PHE G 109 13.84 -37.56 -16.53
C PHE G 109 14.68 -37.65 -17.81
N LYS G 110 15.80 -36.94 -17.90
CA LYS G 110 16.42 -36.85 -19.17
C LYS G 110 16.88 -38.21 -19.66
N PRO G 111 17.53 -39.01 -18.81
CA PRO G 111 17.96 -40.35 -19.26
C PRO G 111 16.77 -41.22 -19.66
N LEU G 112 15.72 -41.23 -18.86
CA LEU G 112 14.57 -41.98 -19.28
C LEU G 112 13.93 -41.48 -20.60
N ALA G 113 13.83 -40.17 -20.79
CA ALA G 113 13.20 -39.69 -21.98
C ALA G 113 14.12 -40.01 -23.19
N ASP G 114 15.45 -39.98 -23.00
CA ASP G 114 16.40 -40.24 -24.06
C ASP G 114 16.14 -41.65 -24.56
N TYR G 115 16.08 -42.61 -23.62
CA TYR G 115 15.74 -44.02 -23.89
C TYR G 115 14.46 -44.15 -24.72
N ILE G 116 13.42 -43.56 -24.23
CA ILE G 116 12.20 -43.61 -24.98
C ILE G 116 12.26 -43.00 -26.41
N HIS G 117 13.11 -41.97 -26.60
CA HIS G 117 13.23 -41.31 -27.90
C HIS G 117 14.07 -42.21 -28.83
N ASN G 118 15.10 -42.76 -28.25
CA ASN G 118 15.95 -43.77 -28.81
C ASN G 118 15.23 -44.99 -29.47
N LEU G 119 13.93 -45.17 -29.21
CA LEU G 119 13.11 -46.26 -29.70
C LEU G 119 12.02 -45.72 -30.61
N GLY G 120 12.11 -44.47 -30.99
CA GLY G 120 11.14 -43.92 -31.91
C GLY G 120 9.89 -43.44 -31.21
N LEU G 121 9.96 -43.31 -29.90
CA LEU G 121 8.81 -42.98 -29.12
C LEU G 121 8.95 -41.57 -28.50
N LYS G 122 7.85 -41.07 -27.96
CA LYS G 122 7.77 -39.81 -27.25
C LYS G 122 7.44 -39.98 -25.76
N PHE G 123 7.57 -38.89 -25.01
CA PHE G 123 7.64 -38.98 -23.56
C PHE G 123 6.70 -37.95 -22.98
N GLY G 124 5.88 -38.43 -22.05
CA GLY G 124 4.85 -37.66 -21.42
C GLY G 124 5.01 -37.71 -19.91
N ILE G 125 4.63 -36.64 -19.23
CA ILE G 125 4.53 -36.68 -17.78
C ILE G 125 3.26 -36.08 -17.32
N HIS G 126 2.86 -36.47 -16.11
CA HIS G 126 1.66 -35.89 -15.48
C HIS G 126 2.16 -34.77 -14.60
N ILE G 127 1.44 -33.65 -14.53
CA ILE G 127 1.71 -32.74 -13.41
C ILE G 127 0.45 -32.28 -12.75
N MET G 128 0.55 -31.99 -11.45
CA MET G 128 -0.51 -31.23 -10.73
C MET G 128 -0.48 -29.74 -10.95
N ARG G 129 -1.60 -29.13 -11.18
CA ARG G 129 -1.67 -27.71 -11.26
C ARG G 129 -1.05 -27.07 -10.04
N GLY G 130 -0.36 -25.95 -10.30
CA GLY G 130 0.06 -25.03 -9.26
C GLY G 130 1.48 -25.21 -8.83
N ILE G 131 1.75 -24.88 -7.57
CA ILE G 131 3.12 -25.02 -6.98
C ILE G 131 3.09 -25.83 -5.70
N PRO G 132 4.18 -26.53 -5.35
CA PRO G 132 4.10 -27.32 -4.15
C PRO G 132 3.87 -26.57 -2.81
N ARG G 133 3.15 -27.19 -1.91
CA ARG G 133 2.79 -26.58 -0.68
C ARG G 133 4.03 -26.42 0.15
N GLN G 134 4.90 -27.40 0.10
CA GLN G 134 6.09 -27.32 0.88
C GLN G 134 6.91 -26.12 0.40
N ALA G 135 6.90 -25.81 -0.89
CA ALA G 135 7.64 -24.65 -1.41
C ALA G 135 7.10 -23.34 -0.87
N VAL G 136 5.76 -23.22 -0.87
CA VAL G 136 5.11 -22.06 -0.35
C VAL G 136 5.39 -21.92 1.16
N HIS G 137 5.37 -23.03 1.92
CA HIS G 137 5.56 -22.95 3.39
C HIS G 137 7.02 -22.62 3.73
N GLN G 138 7.96 -23.16 2.98
CA GLN G 138 9.36 -22.79 3.14
C GLN G 138 9.76 -21.49 2.41
N ASN G 139 8.92 -20.99 1.53
CA ASN G 139 9.28 -19.86 0.67
C ASN G 139 10.59 -20.04 -0.16
N THR G 140 10.70 -21.20 -0.78
CA THR G 140 11.82 -21.54 -1.59
C THR G 140 11.80 -20.69 -2.89
N PRO G 141 12.95 -20.57 -3.56
CA PRO G 141 13.07 -19.70 -4.74
C PRO G 141 12.31 -20.19 -5.99
N ILE G 142 11.98 -19.23 -6.84
CA ILE G 142 11.52 -19.39 -8.18
C ILE G 142 12.71 -19.02 -9.11
N LEU G 143 12.90 -19.81 -10.15
CA LEU G 143 14.00 -19.56 -11.08
C LEU G 143 13.67 -18.33 -11.88
N GLY G 144 14.64 -17.40 -12.03
CA GLY G 144 14.46 -16.21 -12.90
C GLY G 144 13.74 -15.05 -12.27
N THR G 145 13.49 -15.15 -10.99
CA THR G 145 12.94 -14.00 -10.28
C THR G 145 13.36 -14.04 -8.83
N ASN G 146 13.08 -12.93 -8.15
CA ASN G 146 13.48 -12.79 -6.78
C ASN G 146 12.31 -12.73 -5.80
N VAL G 147 11.12 -13.08 -6.22
CA VAL G 147 10.03 -13.36 -5.23
C VAL G 147 10.07 -14.85 -4.88
N GLY G 148 9.60 -15.22 -3.72
CA GLY G 148 9.66 -16.65 -3.37
C GLY G 148 8.37 -17.32 -3.79
N ALA G 149 8.35 -18.63 -3.63
CA ALA G 149 7.19 -19.41 -3.89
C ALA G 149 5.96 -18.92 -3.13
N ARG G 150 6.17 -18.38 -1.95
CA ARG G 150 5.05 -18.03 -1.10
C ARG G 150 4.33 -16.87 -1.65
N ASP G 151 5.01 -16.03 -2.44
CA ASP G 151 4.43 -14.76 -2.95
C ASP G 151 3.67 -14.90 -4.24
N ILE G 152 3.66 -16.10 -4.80
CA ILE G 152 2.86 -16.41 -5.98
C ILE G 152 1.65 -17.36 -5.74
N ALA G 153 1.57 -18.00 -4.58
CA ALA G 153 0.44 -18.92 -4.33
C ALA G 153 -0.86 -18.17 -4.18
N ASP G 154 -1.92 -18.73 -4.75
CA ASP G 154 -3.29 -18.33 -4.38
CA ASP G 154 -3.31 -18.43 -4.39
C ASP G 154 -3.48 -18.69 -2.92
N THR G 155 -4.17 -17.82 -2.21
CA THR G 155 -4.48 -18.13 -0.78
C THR G 155 -5.69 -19.07 -0.61
N ASN G 156 -6.52 -19.18 -1.65
CA ASN G 156 -7.73 -19.98 -1.56
C ASN G 156 -7.86 -20.83 -2.80
N SER G 157 -6.90 -21.72 -3.00
CA SER G 157 -6.97 -22.63 -4.10
C SER G 157 -6.20 -23.87 -3.82
N ILE G 158 -6.92 -24.99 -3.79
CA ILE G 158 -6.36 -26.29 -3.57
C ILE G 158 -7.03 -27.28 -4.49
N CYS G 159 -6.42 -28.43 -4.61
CA CYS G 159 -7.10 -29.56 -5.23
C CYS G 159 -7.90 -30.30 -4.08
N PRO G 160 -9.24 -30.53 -4.27
CA PRO G 160 -10.02 -31.27 -3.27
C PRO G 160 -9.54 -32.68 -3.02
N TRP G 161 -8.75 -33.31 -3.91
CA TRP G 161 -8.45 -34.73 -3.83
C TRP G 161 -6.99 -35.02 -3.77
N ASN G 162 -6.15 -34.00 -3.63
CA ASN G 162 -4.71 -34.27 -3.50
C ASN G 162 -4.12 -33.09 -2.83
N THR G 163 -3.18 -33.32 -1.91
CA THR G 163 -2.70 -32.23 -1.06
C THR G 163 -1.34 -31.62 -1.45
N ASP G 164 -0.85 -31.99 -2.63
CA ASP G 164 0.54 -31.72 -3.01
C ASP G 164 0.83 -30.23 -3.26
N MET G 165 -0.14 -29.51 -3.83
CA MET G 165 0.07 -28.16 -4.30
C MET G 165 -0.89 -27.12 -3.76
N TYR G 166 -0.48 -25.88 -3.93
CA TYR G 166 -1.39 -24.80 -4.00
C TYR G 166 -1.56 -24.22 -5.42
N GLY G 167 -2.73 -23.70 -5.68
CA GLY G 167 -2.90 -22.93 -6.87
C GLY G 167 -1.93 -21.75 -7.00
N VAL G 168 -1.58 -21.42 -8.24
CA VAL G 168 -0.78 -20.25 -8.50
C VAL G 168 -1.67 -19.15 -8.98
N ASP G 169 -1.39 -17.95 -8.47
CA ASP G 169 -2.19 -16.74 -8.73
C ASP G 169 -1.48 -15.88 -9.77
N HIS G 170 -2.12 -15.83 -10.92
CA HIS G 170 -1.57 -15.23 -12.13
C HIS G 170 -1.46 -13.75 -11.98
N ARG G 171 -2.14 -13.22 -10.97
CA ARG G 171 -2.08 -11.78 -10.68
C ARG G 171 -0.77 -11.40 -10.04
N LYS G 172 -0.02 -12.36 -9.50
CA LYS G 172 1.22 -12.09 -8.79
C LYS G 172 2.47 -12.16 -9.67
N GLU G 173 3.32 -11.15 -9.51
CA GLU G 173 4.58 -11.22 -10.17
C GLU G 173 5.26 -12.51 -9.76
N GLY G 174 5.81 -13.24 -10.73
CA GLY G 174 6.52 -14.51 -10.51
C GLY G 174 5.73 -15.76 -10.86
N ALA G 175 4.42 -15.60 -11.09
CA ALA G 175 3.54 -16.75 -11.38
C ALA G 175 3.91 -17.29 -12.76
N GLN G 176 3.88 -16.44 -13.78
CA GLN G 176 4.25 -16.87 -15.12
C GLN G 176 5.68 -17.32 -15.15
N ALA G 177 6.57 -16.61 -14.45
CA ALA G 177 7.99 -17.06 -14.36
C ALA G 177 8.11 -18.47 -13.81
N TYR G 178 7.28 -18.80 -12.81
CA TYR G 178 7.35 -20.17 -12.27
C TYR G 178 6.95 -21.24 -13.32
N TYR G 179 5.80 -21.01 -13.95
CA TYR G 179 5.30 -21.93 -14.99
C TYR G 179 6.29 -22.03 -16.18
N ASP G 180 6.82 -20.90 -16.66
CA ASP G 180 7.93 -20.91 -17.62
C ASP G 180 9.08 -21.81 -17.15
N SER G 181 9.48 -21.72 -15.87
CA SER G 181 10.60 -22.54 -15.37
C SER G 181 10.30 -24.02 -15.37
N LEU G 182 9.04 -24.36 -15.17
CA LEU G 182 8.65 -25.78 -15.24
C LEU G 182 8.82 -26.29 -16.66
N PHE G 183 8.36 -25.52 -17.61
CA PHE G 183 8.45 -26.00 -18.99
C PHE G 183 9.83 -25.89 -19.58
N GLN G 184 10.69 -25.07 -18.98
CA GLN G 184 12.12 -25.12 -19.33
C GLN G 184 12.70 -26.38 -18.88
N LEU G 185 12.41 -26.76 -17.63
CA LEU G 185 12.93 -28.01 -17.09
C LEU G 185 12.42 -29.20 -17.95
N TYR G 186 11.14 -29.14 -18.29
CA TYR G 186 10.56 -30.28 -18.95
C TYR G 186 11.17 -30.36 -20.36
N ALA G 187 11.33 -29.23 -21.04
CA ALA G 187 11.98 -29.23 -22.36
C ALA G 187 13.41 -29.78 -22.25
N GLN G 188 14.12 -29.43 -21.21
CA GLN G 188 15.49 -29.89 -21.01
CA GLN G 188 15.49 -29.88 -21.11
C GLN G 188 15.54 -31.40 -20.88
N TRP G 189 14.49 -31.95 -20.25
CA TRP G 189 14.38 -33.40 -20.08
C TRP G 189 14.05 -34.07 -21.43
N GLY G 190 13.46 -33.32 -22.36
CA GLY G 190 12.97 -33.93 -23.56
C GLY G 190 11.53 -34.40 -23.49
N VAL G 191 10.73 -33.74 -22.68
CA VAL G 191 9.35 -34.10 -22.55
C VAL G 191 8.60 -33.63 -23.77
N ASP G 192 7.66 -34.46 -24.25
CA ASP G 192 6.93 -34.18 -25.49
C ASP G 192 5.47 -34.03 -25.25
N PHE G 193 5.00 -34.28 -24.01
CA PHE G 193 3.57 -34.34 -23.70
C PHE G 193 3.43 -34.09 -22.18
N VAL G 194 2.49 -33.25 -21.83
CA VAL G 194 2.16 -33.02 -20.43
C VAL G 194 0.69 -33.20 -20.16
N LYS G 195 0.38 -34.05 -19.20
CA LYS G 195 -1.03 -34.14 -18.69
C LYS G 195 -1.17 -33.36 -17.41
N VAL G 196 -2.06 -32.38 -17.40
CA VAL G 196 -2.15 -31.52 -16.24
C VAL G 196 -3.39 -31.87 -15.46
N ALA G 197 -3.22 -32.13 -14.16
CA ALA G 197 -4.38 -32.39 -13.29
C ALA G 197 -4.79 -31.22 -12.44
N ASP G 198 -6.03 -31.34 -11.94
CA ASP G 198 -6.72 -30.35 -11.12
C ASP G 198 -6.93 -29.08 -11.89
N ILE G 199 -7.21 -29.24 -13.17
CA ILE G 199 -7.33 -28.03 -13.97
C ILE G 199 -8.68 -27.77 -14.62
N VAL G 200 -9.39 -28.84 -14.98
CA VAL G 200 -10.63 -28.66 -15.77
C VAL G 200 -11.88 -28.57 -14.93
N ALA G 201 -12.03 -29.50 -14.02
CA ALA G 201 -13.24 -29.47 -13.14
C ALA G 201 -12.79 -29.52 -11.70
N SER G 202 -13.54 -28.86 -10.84
CA SER G 202 -13.23 -28.91 -9.43
C SER G 202 -14.54 -28.74 -8.68
N LYS G 203 -14.83 -29.75 -7.86
CA LYS G 203 -15.98 -29.68 -6.98
C LYS G 203 -16.00 -28.30 -6.29
N LEU G 204 -14.83 -27.87 -5.83
CA LEU G 204 -14.65 -26.61 -5.11
C LEU G 204 -14.59 -25.34 -5.97
N TYR G 205 -13.84 -25.35 -7.08
CA TYR G 205 -13.55 -24.09 -7.80
C TYR G 205 -13.94 -24.08 -9.28
N GLY G 206 -14.34 -25.22 -9.81
CA GLY G 206 -14.51 -25.33 -11.26
C GLY G 206 -13.19 -25.18 -12.02
N THR G 207 -13.25 -24.52 -13.17
CA THR G 207 -12.16 -24.63 -14.17
C THR G 207 -11.10 -23.57 -13.88
N HIS G 208 -9.89 -24.01 -13.81
CA HIS G 208 -8.80 -23.04 -13.59
C HIS G 208 -8.29 -22.33 -14.87
N THR G 209 -9.03 -21.36 -15.33
CA THR G 209 -8.82 -20.85 -16.66
C THR G 209 -7.50 -20.09 -16.78
N GLU G 210 -7.24 -19.24 -15.80
CA GLU G 210 -6.04 -18.46 -15.77
C GLU G 210 -4.80 -19.34 -15.79
N GLU G 211 -4.82 -20.45 -15.07
CA GLU G 211 -3.62 -21.27 -15.08
C GLU G 211 -3.36 -22.01 -16.42
N ILE G 212 -4.46 -22.32 -17.09
CA ILE G 212 -4.42 -22.96 -18.38
C ILE G 212 -3.65 -21.98 -19.26
N LYS G 213 -4.07 -20.73 -19.23
CA LYS G 213 -3.45 -19.71 -20.07
C LYS G 213 -1.96 -19.59 -19.79
N MET G 214 -1.62 -19.68 -18.49
CA MET G 214 -0.24 -19.54 -18.09
C MET G 214 0.53 -20.69 -18.58
N ILE G 215 -0.05 -21.88 -18.51
CA ILE G 215 0.67 -23.10 -18.97
C ILE G 215 0.87 -23.13 -20.54
N ARG G 216 -0.14 -22.67 -21.29
CA ARG G 216 -0.07 -22.50 -22.74
C ARG G 216 1.13 -21.62 -23.12
N LYS G 217 1.21 -20.48 -22.44
CA LYS G 217 2.32 -19.52 -22.58
C LYS G 217 3.67 -20.09 -22.16
N ALA G 218 3.71 -20.80 -21.04
CA ALA G 218 4.95 -21.46 -20.69
C ALA G 218 5.43 -22.48 -21.75
N ILE G 219 4.48 -23.19 -22.36
CA ILE G 219 4.89 -24.21 -23.29
C ILE G 219 5.42 -23.48 -24.52
N ASP G 220 4.71 -22.45 -24.98
CA ASP G 220 5.07 -21.73 -26.16
C ASP G 220 6.43 -21.05 -26.07
N ARG G 221 6.80 -20.60 -24.88
CA ARG G 221 8.14 -20.08 -24.65
C ARG G 221 9.20 -21.06 -24.49
N CYS G 222 8.90 -22.31 -24.21
CA CYS G 222 9.97 -23.20 -23.82
C CYS G 222 10.78 -23.67 -25.01
N GLY G 223 10.29 -23.40 -26.22
CA GLY G 223 11.03 -23.77 -27.45
C GLY G 223 10.98 -25.29 -27.78
N ARG G 224 10.02 -26.03 -27.26
CA ARG G 224 9.95 -27.47 -27.57
C ARG G 224 8.50 -27.79 -27.72
N PRO G 225 8.15 -28.61 -28.76
CA PRO G 225 6.72 -28.95 -28.89
C PRO G 225 6.32 -29.84 -27.71
N ILE G 226 5.30 -29.45 -26.99
CA ILE G 226 4.83 -30.29 -25.87
C ILE G 226 3.32 -30.35 -25.94
N VAL G 227 2.77 -31.55 -26.11
CA VAL G 227 1.30 -31.65 -26.24
C VAL G 227 0.70 -31.39 -24.87
N LEU G 228 -0.41 -30.65 -24.83
CA LEU G 228 -1.03 -30.24 -23.59
C LEU G 228 -2.37 -31.01 -23.36
N SER G 229 -2.34 -31.91 -22.35
CA SER G 229 -3.53 -32.65 -21.85
C SER G 229 -4.03 -32.08 -20.50
N LEU G 230 -5.34 -31.85 -20.39
CA LEU G 230 -5.99 -31.26 -19.24
C LEU G 230 -6.91 -32.30 -18.59
N SER G 231 -6.89 -32.31 -17.26
CA SER G 231 -7.64 -33.27 -16.47
C SER G 231 -8.03 -32.70 -15.08
N PRO G 232 -9.00 -33.36 -14.39
CA PRO G 232 -9.87 -34.47 -14.85
C PRO G 232 -11.19 -33.82 -15.39
N GLY G 233 -12.06 -34.55 -16.06
CA GLY G 233 -13.36 -33.94 -16.40
C GLY G 233 -14.31 -33.94 -15.21
N PRO G 234 -15.56 -33.47 -15.42
CA PRO G 234 -16.03 -33.16 -16.76
C PRO G 234 -15.84 -31.72 -17.15
N ALA G 235 -15.43 -31.54 -18.41
CA ALA G 235 -15.13 -30.24 -18.96
C ALA G 235 -16.40 -29.57 -19.24
N PRO G 236 -16.62 -28.39 -18.69
CA PRO G 236 -17.74 -27.53 -19.02
C PRO G 236 -17.67 -26.92 -20.43
N LEU G 237 -18.84 -26.82 -21.05
CA LEU G 237 -18.91 -26.41 -22.43
C LEU G 237 -18.91 -24.92 -22.45
N ASP G 238 -19.21 -24.32 -21.32
CA ASP G 238 -19.09 -22.89 -21.21
C ASP G 238 -17.64 -22.45 -21.57
N HIS G 239 -16.70 -23.39 -21.56
CA HIS G 239 -15.31 -23.07 -21.75
C HIS G 239 -14.77 -23.70 -23.02
N ALA G 240 -15.66 -23.95 -23.97
CA ALA G 240 -15.25 -24.64 -25.22
C ALA G 240 -14.13 -23.90 -25.98
N THR G 241 -14.36 -22.62 -26.23
CA THR G 241 -13.39 -21.73 -26.91
C THR G 241 -12.00 -21.78 -26.23
N LEU G 242 -11.99 -21.56 -24.92
CA LEU G 242 -10.79 -21.75 -24.12
C LEU G 242 -10.09 -23.04 -24.36
N PHE G 243 -10.77 -24.16 -24.30
CA PHE G 243 -10.02 -25.42 -24.43
C PHE G 243 -9.62 -25.63 -25.86
N VAL G 244 -10.44 -25.13 -26.79
CA VAL G 244 -10.15 -25.37 -28.21
C VAL G 244 -8.89 -24.58 -28.60
N GLU G 245 -8.88 -23.29 -28.25
CA GLU G 245 -7.74 -22.41 -28.52
C GLU G 245 -6.48 -22.79 -27.70
N ASN G 246 -6.62 -23.36 -26.50
CA ASN G 246 -5.42 -23.57 -25.61
C ASN G 246 -4.86 -24.96 -25.40
N ALA G 247 -5.71 -25.96 -25.45
CA ALA G 247 -5.25 -27.30 -25.14
C ALA G 247 -5.42 -28.20 -26.37
N ASN G 248 -4.54 -29.18 -26.42
CA ASN G 248 -4.58 -30.21 -27.40
C ASN G 248 -5.60 -31.32 -27.05
N MET G 249 -5.77 -31.59 -25.73
CA MET G 249 -6.79 -32.54 -25.28
C MET G 249 -7.34 -32.12 -23.94
N TRP G 250 -8.66 -32.29 -23.78
CA TRP G 250 -9.33 -32.03 -22.55
C TRP G 250 -10.45 -33.02 -22.23
N ARG G 251 -10.29 -33.63 -21.05
CA ARG G 251 -11.25 -34.58 -20.46
C ARG G 251 -12.70 -34.13 -20.35
N MET G 252 -13.56 -34.86 -21.06
CA MET G 252 -15.04 -34.61 -21.00
C MET G 252 -15.65 -35.19 -19.72
N THR G 253 -14.87 -36.04 -19.07
CA THR G 253 -15.40 -36.95 -18.08
C THR G 253 -14.47 -37.12 -16.85
N ASP G 254 -15.05 -37.16 -15.64
CA ASP G 254 -14.30 -37.57 -14.42
C ASP G 254 -13.74 -38.88 -14.74
N ASP G 255 -12.86 -39.44 -13.91
CA ASP G 255 -12.07 -40.62 -14.29
C ASP G 255 -12.87 -41.78 -14.83
N PHE G 256 -12.25 -42.49 -15.76
CA PHE G 256 -12.97 -43.49 -16.50
C PHE G 256 -12.38 -44.85 -16.21
N TRP G 257 -13.29 -45.81 -15.97
CA TRP G 257 -12.95 -47.19 -15.62
C TRP G 257 -13.89 -48.23 -16.27
N ASP G 258 -13.54 -49.52 -16.13
CA ASP G 258 -14.36 -50.67 -16.57
C ASP G 258 -15.74 -50.81 -15.91
N ARG G 259 -16.68 -49.99 -16.34
CA ARG G 259 -18.03 -49.93 -15.75
C ARG G 259 -19.05 -49.33 -16.77
N TRP G 260 -19.97 -50.20 -17.18
CA TRP G 260 -20.91 -49.90 -18.20
C TRP G 260 -21.50 -48.54 -17.92
N GLU G 261 -21.79 -48.24 -16.66
CA GLU G 261 -22.50 -47.01 -16.36
C GLU G 261 -21.79 -45.72 -16.99
N LEU G 262 -20.45 -45.74 -16.95
CA LEU G 262 -19.63 -44.59 -17.32
C LEU G 262 -19.60 -44.57 -18.84
N LEU G 263 -19.24 -45.71 -19.42
CA LEU G 263 -19.45 -45.96 -20.85
C LEU G 263 -20.84 -45.50 -21.45
N TYR G 264 -21.92 -45.99 -20.90
CA TYR G 264 -23.22 -45.60 -21.43
C TYR G 264 -23.29 -44.02 -21.44
N ASP G 265 -22.77 -43.43 -20.34
CA ASP G 265 -22.88 -41.97 -20.11
C ASP G 265 -22.08 -41.23 -21.15
N MET G 266 -21.03 -41.89 -21.70
CA MET G 266 -20.10 -41.19 -22.59
C MET G 266 -20.83 -40.64 -23.83
N PHE G 267 -21.65 -41.54 -24.38
CA PHE G 267 -22.34 -41.31 -25.59
C PHE G 267 -22.93 -39.94 -25.47
N GLU G 268 -23.44 -39.62 -24.27
CA GLU G 268 -24.01 -38.29 -24.05
C GLU G 268 -22.99 -37.14 -24.14
N GLN G 269 -21.78 -37.42 -23.64
CA GLN G 269 -20.73 -36.40 -23.52
C GLN G 269 -20.19 -36.06 -24.95
N CYS G 270 -19.62 -37.06 -25.63
CA CYS G 270 -19.50 -37.07 -27.09
C CYS G 270 -20.62 -36.33 -27.86
N TYR G 271 -21.86 -36.65 -27.62
CA TYR G 271 -22.86 -35.96 -28.36
C TYR G 271 -22.67 -34.41 -28.06
N LYS G 272 -22.41 -34.11 -26.79
CA LYS G 272 -22.37 -32.72 -26.35
C LYS G 272 -21.14 -31.96 -26.85
N TRP G 273 -20.05 -32.70 -27.13
CA TRP G 273 -18.72 -32.17 -27.53
C TRP G 273 -18.30 -32.31 -29.00
N CYS G 274 -19.19 -32.77 -29.90
CA CYS G 274 -18.78 -33.32 -31.23
C CYS G 274 -18.37 -32.18 -32.18
N LYS G 275 -19.11 -31.09 -32.16
CA LYS G 275 -18.78 -29.92 -32.89
C LYS G 275 -17.43 -29.25 -32.54
N LEU G 276 -16.69 -29.72 -31.52
CA LEU G 276 -15.46 -29.02 -31.08
C LEU G 276 -14.28 -29.88 -31.36
N VAL G 277 -14.51 -31.09 -31.85
CA VAL G 277 -13.41 -32.00 -32.22
C VAL G 277 -12.68 -31.45 -33.46
N GLY G 278 -11.41 -31.75 -33.67
CA GLY G 278 -10.67 -30.94 -34.66
C GLY G 278 -9.19 -31.18 -34.69
N LEU G 279 -8.56 -30.78 -35.79
CA LEU G 279 -7.11 -30.95 -35.91
C LEU G 279 -6.41 -30.11 -34.78
N GLY G 280 -5.55 -30.79 -33.99
CA GLY G 280 -4.89 -30.20 -32.81
C GLY G 280 -5.63 -30.07 -31.46
N HIS G 281 -6.95 -30.15 -31.46
CA HIS G 281 -7.77 -29.89 -30.29
C HIS G 281 -8.84 -30.99 -30.09
N TRP G 282 -8.45 -32.08 -29.40
CA TRP G 282 -9.22 -33.31 -29.18
C TRP G 282 -10.03 -33.50 -27.85
N PRO G 283 -11.37 -33.37 -27.86
CA PRO G 283 -12.05 -33.75 -26.61
C PRO G 283 -11.73 -35.10 -26.19
N ASP G 284 -11.55 -35.31 -24.88
CA ASP G 284 -10.94 -36.54 -24.45
C ASP G 284 -11.95 -37.37 -23.63
N ALA G 285 -11.88 -38.67 -23.85
CA ALA G 285 -12.83 -39.63 -23.29
C ALA G 285 -12.03 -40.53 -22.36
N ASP G 286 -10.80 -40.10 -22.14
CA ASP G 286 -9.97 -40.63 -21.08
C ASP G 286 -9.51 -41.99 -21.49
N MET G 287 -8.56 -42.47 -20.72
CA MET G 287 -7.80 -43.65 -20.97
C MET G 287 -8.64 -44.94 -21.07
N LEU G 288 -7.96 -45.97 -21.53
CA LEU G 288 -8.58 -47.21 -21.98
C LEU G 288 -8.24 -48.26 -20.96
N PRO G 289 -9.23 -48.63 -20.15
CA PRO G 289 -8.96 -49.60 -19.12
C PRO G 289 -9.11 -50.95 -19.74
N LEU G 290 -8.01 -51.51 -20.24
CA LEU G 290 -8.06 -52.75 -20.96
C LEU G 290 -6.86 -53.50 -20.50
N GLY G 291 -6.78 -54.79 -20.83
CA GLY G 291 -5.64 -55.66 -20.46
C GLY G 291 -5.50 -55.77 -18.95
N HIS G 292 -4.27 -55.99 -18.48
CA HIS G 292 -3.94 -56.09 -17.04
C HIS G 292 -3.87 -54.71 -16.31
N ILE G 293 -4.94 -54.35 -15.61
CA ILE G 293 -5.01 -53.19 -14.77
C ILE G 293 -5.04 -53.49 -13.25
N GLY G 294 -5.20 -52.44 -12.43
CA GLY G 294 -5.26 -52.53 -10.97
C GLY G 294 -4.05 -53.14 -10.26
N ILE G 295 -2.91 -53.29 -10.90
CA ILE G 295 -1.78 -53.94 -10.22
C ILE G 295 -1.23 -53.17 -8.97
N ARG G 296 -1.36 -51.83 -8.97
CA ARG G 296 -1.18 -50.95 -7.79
C ARG G 296 -2.13 -49.74 -7.89
N SER G 297 -3.31 -49.99 -8.45
CA SER G 297 -4.40 -49.09 -8.33
C SER G 297 -5.45 -49.90 -7.59
N VAL G 298 -6.39 -49.18 -7.08
CA VAL G 298 -7.42 -49.69 -6.25
C VAL G 298 -8.63 -48.88 -6.67
N ASP G 299 -8.50 -48.13 -7.76
CA ASP G 299 -9.60 -47.31 -8.21
C ASP G 299 -10.41 -48.18 -9.14
N GLY G 300 -11.59 -47.69 -9.45
CA GLY G 300 -12.56 -48.34 -10.30
C GLY G 300 -13.62 -49.11 -9.52
N GLY G 301 -13.38 -49.27 -8.23
CA GLY G 301 -14.10 -50.22 -7.44
C GLY G 301 -13.54 -51.59 -7.71
N GLY G 302 -12.29 -51.67 -8.14
CA GLY G 302 -11.70 -52.99 -8.42
C GLY G 302 -10.30 -53.08 -7.89
N THR G 303 -9.65 -54.22 -8.12
CA THR G 303 -8.29 -54.48 -7.65
C THR G 303 -7.55 -55.26 -8.73
N ASP G 304 -6.47 -56.00 -8.40
CA ASP G 304 -5.57 -56.47 -9.46
C ASP G 304 -6.29 -57.42 -10.41
N ARG G 305 -6.77 -56.86 -11.54
CA ARG G 305 -7.65 -57.55 -12.46
C ARG G 305 -7.18 -57.50 -13.94
N MET G 306 -8.04 -58.01 -14.83
CA MET G 306 -7.95 -57.81 -16.29
C MET G 306 -9.21 -57.06 -16.53
N THR G 307 -9.28 -56.23 -17.56
CA THR G 307 -10.50 -55.43 -17.55
C THR G 307 -11.71 -56.34 -17.33
N ARG G 308 -12.71 -55.78 -16.68
CA ARG G 308 -13.96 -56.44 -16.38
C ARG G 308 -14.94 -56.13 -17.53
N PHE G 309 -14.45 -55.40 -18.54
CA PHE G 309 -15.34 -54.87 -19.61
C PHE G 309 -15.64 -56.09 -20.49
N THR G 310 -16.90 -56.27 -20.90
CA THR G 310 -17.10 -57.37 -21.89
C THR G 310 -16.50 -56.93 -23.21
N LYS G 311 -16.20 -57.92 -24.03
CA LYS G 311 -15.75 -57.67 -25.38
C LYS G 311 -16.76 -56.87 -26.17
N ASP G 312 -18.04 -57.24 -26.19
CA ASP G 312 -19.06 -56.36 -26.90
C ASP G 312 -18.88 -54.91 -26.47
N GLU G 313 -18.75 -54.77 -25.15
CA GLU G 313 -18.44 -53.51 -24.44
C GLU G 313 -17.09 -52.86 -24.78
N GLN G 314 -16.02 -53.65 -24.84
CA GLN G 314 -14.74 -53.14 -25.22
C GLN G 314 -14.81 -52.48 -26.63
N ARG G 315 -15.33 -53.31 -27.56
CA ARG G 315 -15.45 -52.93 -28.95
C ARG G 315 -16.36 -51.76 -28.86
N THR G 316 -17.48 -51.87 -28.15
CA THR G 316 -18.33 -50.67 -28.06
C THR G 316 -17.51 -49.38 -27.69
N MET G 317 -16.51 -49.50 -26.81
CA MET G 317 -15.71 -48.34 -26.31
C MET G 317 -14.79 -47.86 -27.40
N MET G 318 -13.81 -48.70 -27.73
CA MET G 318 -12.97 -48.47 -28.87
C MET G 318 -13.75 -47.81 -30.04
N THR G 319 -14.77 -48.49 -30.51
CA THR G 319 -15.55 -47.97 -31.57
C THR G 319 -16.08 -46.56 -31.36
N LEU G 320 -16.54 -46.23 -30.16
CA LEU G 320 -16.98 -44.85 -29.86
C LEU G 320 -15.77 -43.87 -29.89
N TRP G 321 -14.58 -44.36 -29.50
CA TRP G 321 -13.38 -43.55 -29.26
C TRP G 321 -12.81 -43.15 -30.64
N ILE G 322 -12.76 -44.16 -31.49
CA ILE G 322 -12.34 -44.01 -32.87
C ILE G 322 -13.25 -43.09 -33.66
N ILE G 323 -14.51 -43.39 -33.76
CA ILE G 323 -15.25 -42.59 -34.67
C ILE G 323 -15.30 -41.13 -34.15
N PHE G 324 -15.28 -40.98 -32.83
CA PHE G 324 -15.33 -39.65 -32.21
C PHE G 324 -13.97 -38.96 -32.38
N ARG G 325 -12.94 -39.79 -32.42
CA ARG G 325 -11.54 -39.33 -32.49
C ARG G 325 -11.08 -38.75 -31.14
N SER G 326 -11.26 -39.57 -30.11
CA SER G 326 -10.73 -39.27 -28.81
C SER G 326 -9.30 -39.75 -28.93
N PRO G 327 -8.40 -39.11 -28.19
CA PRO G 327 -7.08 -39.67 -28.04
C PRO G 327 -7.24 -41.00 -27.45
N LEU G 328 -6.19 -41.77 -27.59
CA LEU G 328 -6.25 -43.14 -27.27
C LEU G 328 -5.10 -43.43 -26.41
N MET G 329 -5.38 -43.59 -25.12
CA MET G 329 -4.30 -43.82 -24.18
C MET G 329 -4.54 -45.11 -23.44
N PHE G 330 -3.60 -46.02 -23.56
CA PHE G 330 -3.82 -47.35 -23.09
C PHE G 330 -3.51 -47.46 -21.62
N GLY G 331 -4.53 -47.76 -20.82
CA GLY G 331 -4.39 -47.84 -19.35
C GLY G 331 -3.72 -49.07 -18.74
N GLY G 332 -3.63 -50.13 -19.55
CA GLY G 332 -3.11 -51.40 -19.07
C GLY G 332 -1.62 -51.54 -19.01
N GLU G 333 -1.17 -52.55 -18.28
CA GLU G 333 0.19 -53.00 -18.37
C GLU G 333 0.30 -53.76 -19.68
N LEU G 334 1.10 -53.21 -20.59
CA LEU G 334 1.11 -53.69 -21.97
C LEU G 334 1.74 -55.06 -22.09
N ARG G 335 2.81 -55.33 -21.36
CA ARG G 335 3.43 -56.66 -21.45
C ARG G 335 2.56 -57.87 -20.96
N ASP G 336 1.35 -57.60 -20.48
CA ASP G 336 0.45 -58.65 -20.06
C ASP G 336 -0.72 -58.69 -21.01
N ASN G 337 -0.58 -58.27 -22.26
CA ASN G 337 -1.75 -58.42 -23.15
C ASN G 337 -1.90 -59.83 -23.69
N ASP G 338 -3.17 -60.17 -23.94
CA ASP G 338 -3.54 -61.29 -24.81
C ASP G 338 -3.87 -60.73 -26.22
N GLU G 339 -3.86 -61.65 -27.18
CA GLU G 339 -4.00 -61.28 -28.55
C GLU G 339 -5.32 -60.59 -28.70
N TRP G 340 -6.34 -61.04 -28.00
CA TRP G 340 -7.58 -60.29 -28.19
C TRP G 340 -7.40 -58.79 -27.86
N THR G 341 -6.75 -58.50 -26.72
CA THR G 341 -6.55 -57.11 -26.26
C THR G 341 -5.65 -56.40 -27.33
N LEU G 342 -4.47 -56.95 -27.56
CA LEU G 342 -3.64 -56.45 -28.59
C LEU G 342 -4.41 -56.13 -29.95
N SER G 343 -5.27 -57.03 -30.41
CA SER G 343 -5.89 -56.92 -31.75
C SER G 343 -6.76 -55.67 -31.81
N LEU G 344 -7.21 -55.25 -30.62
CA LEU G 344 -7.97 -54.03 -30.47
C LEU G 344 -7.19 -52.76 -30.91
N LEU G 345 -5.85 -52.91 -30.94
CA LEU G 345 -4.91 -51.83 -31.07
C LEU G 345 -4.30 -51.76 -32.46
N THR G 346 -4.62 -52.70 -33.32
CA THR G 346 -3.81 -52.93 -34.53
C THR G 346 -4.69 -53.12 -35.77
N ASN G 347 -5.88 -52.53 -35.71
CA ASN G 347 -6.79 -52.52 -36.81
C ASN G 347 -6.56 -51.23 -37.60
N GLU G 348 -5.65 -51.34 -38.56
CA GLU G 348 -5.43 -50.23 -39.50
C GLU G 348 -6.71 -49.59 -40.04
N GLU G 349 -7.66 -50.41 -40.46
CA GLU G 349 -8.88 -49.91 -41.13
C GLU G 349 -9.82 -49.22 -40.14
N VAL G 350 -9.76 -49.72 -38.92
CA VAL G 350 -10.46 -49.09 -37.81
C VAL G 350 -9.74 -47.75 -37.54
N LEU G 351 -8.38 -47.83 -37.42
CA LEU G 351 -7.48 -46.64 -37.14
C LEU G 351 -7.69 -45.49 -38.16
N HIS G 352 -7.65 -45.84 -39.45
CA HIS G 352 -7.94 -44.92 -40.50
C HIS G 352 -9.19 -44.10 -40.16
N VAL G 353 -10.20 -44.65 -39.47
CA VAL G 353 -11.35 -43.79 -39.12
C VAL G 353 -11.04 -42.66 -38.08
N HIS G 354 -9.90 -42.84 -37.42
CA HIS G 354 -9.47 -42.03 -36.26
C HIS G 354 -8.48 -40.97 -36.80
N GLN G 355 -7.43 -41.48 -37.45
CA GLN G 355 -6.50 -40.67 -38.28
C GLN G 355 -7.22 -39.79 -39.36
N ASN G 356 -8.00 -40.40 -40.26
CA ASN G 356 -8.49 -39.68 -41.44
C ASN G 356 -9.93 -39.33 -41.45
N GLY G 357 -10.66 -39.80 -40.47
CA GLY G 357 -12.04 -39.44 -40.43
C GLY G 357 -12.21 -38.01 -40.02
N TYR G 358 -13.42 -37.53 -40.19
CA TYR G 358 -13.76 -36.22 -39.71
C TYR G 358 -15.24 -36.02 -39.82
N GLY G 359 -15.74 -35.02 -39.11
CA GLY G 359 -17.16 -34.68 -39.12
C GLY G 359 -18.02 -35.59 -38.27
N ALA G 360 -17.46 -36.57 -37.55
CA ALA G 360 -18.26 -37.42 -36.61
C ALA G 360 -19.47 -36.71 -36.04
N ARG G 361 -20.63 -37.40 -36.11
CA ARG G 361 -21.88 -36.87 -35.58
C ARG G 361 -22.79 -38.01 -35.08
N GLN G 362 -23.67 -37.69 -34.13
CA GLN G 362 -24.73 -38.61 -33.71
C GLN G 362 -25.90 -38.40 -34.65
N VAL G 363 -26.19 -39.40 -35.47
CA VAL G 363 -27.35 -39.28 -36.38
C VAL G 363 -28.75 -39.41 -35.64
N TYR G 364 -28.86 -40.33 -34.68
CA TYR G 364 -30.03 -40.34 -33.78
C TYR G 364 -29.74 -41.18 -32.53
N ARG G 365 -30.40 -40.76 -31.46
CA ARG G 365 -30.48 -41.54 -30.22
C ARG G 365 -31.99 -41.78 -29.94
N GLU G 366 -32.44 -43.02 -30.08
CA GLU G 366 -33.83 -43.35 -29.65
C GLU G 366 -33.97 -44.81 -29.18
N ASN G 367 -34.65 -44.92 -28.02
CA ASN G 367 -34.80 -46.17 -27.24
C ASN G 367 -33.51 -46.88 -27.01
N ASP G 368 -32.51 -46.12 -26.53
CA ASP G 368 -31.14 -46.62 -26.34
C ASP G 368 -30.57 -47.41 -27.55
N HIS G 369 -30.97 -46.88 -28.71
CA HIS G 369 -30.35 -47.11 -30.00
C HIS G 369 -29.82 -45.74 -30.54
N VAL G 370 -28.54 -45.79 -30.93
CA VAL G 370 -27.70 -44.59 -31.21
C VAL G 370 -26.76 -44.86 -32.44
N VAL G 371 -26.87 -43.98 -33.45
CA VAL G 371 -25.88 -44.12 -34.56
C VAL G 371 -25.01 -42.87 -34.83
N TRP G 372 -23.73 -43.14 -34.99
CA TRP G 372 -22.69 -42.13 -35.22
C TRP G 372 -22.18 -42.25 -36.65
N THR G 373 -22.05 -41.13 -37.35
CA THR G 373 -21.29 -41.18 -38.62
C THR G 373 -20.22 -40.10 -38.88
N SER G 374 -19.09 -40.57 -39.46
CA SER G 374 -17.99 -39.74 -39.98
C SER G 374 -17.74 -40.04 -41.48
N GLN G 375 -16.65 -39.48 -42.04
CA GLN G 375 -16.19 -39.73 -43.42
C GLN G 375 -14.74 -39.37 -43.54
N ASP G 376 -14.10 -39.87 -44.57
CA ASP G 376 -12.80 -39.34 -44.98
C ASP G 376 -12.95 -38.46 -46.25
N ALA G 377 -11.82 -38.12 -46.87
CA ALA G 377 -11.79 -37.14 -47.98
C ALA G 377 -12.06 -37.82 -49.33
N GLU G 378 -11.80 -39.12 -49.43
CA GLU G 378 -12.24 -39.98 -50.54
C GLU G 378 -13.68 -40.48 -50.30
N GLY G 379 -14.56 -39.53 -49.94
CA GLY G 379 -15.97 -39.77 -49.59
C GLY G 379 -16.43 -41.15 -49.14
N ASN G 380 -15.57 -41.94 -48.49
CA ASN G 380 -16.03 -43.07 -47.66
C ASN G 380 -16.84 -42.53 -46.53
N GLN G 381 -17.95 -43.18 -46.23
CA GLN G 381 -18.73 -42.82 -45.08
C GLN G 381 -18.31 -43.88 -44.05
N PHE G 382 -18.33 -43.49 -42.77
CA PHE G 382 -18.11 -44.42 -41.67
C PHE G 382 -19.23 -44.26 -40.71
N VAL G 383 -19.60 -45.40 -40.17
CA VAL G 383 -20.85 -45.49 -39.45
C VAL G 383 -20.64 -46.49 -38.33
N ALA G 384 -20.99 -45.99 -37.15
CA ALA G 384 -20.93 -46.71 -35.88
C ALA G 384 -22.34 -46.70 -35.35
N MET G 385 -22.84 -47.90 -35.11
CA MET G 385 -24.23 -48.04 -34.67
C MET G 385 -24.24 -48.83 -33.37
N PHE G 386 -25.13 -48.32 -32.49
CA PHE G 386 -25.16 -48.68 -31.08
C PHE G 386 -26.50 -49.15 -30.51
N ASN G 387 -26.40 -50.34 -29.89
CA ASN G 387 -27.32 -50.87 -28.85
C ASN G 387 -26.71 -50.75 -27.41
N ILE G 388 -27.11 -49.64 -26.81
CA ILE G 388 -26.74 -49.25 -25.44
C ILE G 388 -27.96 -49.47 -24.52
N SER G 389 -28.96 -50.18 -25.03
CA SER G 389 -30.07 -50.63 -24.21
C SER G 389 -29.73 -51.98 -23.54
N GLU G 390 -30.69 -52.44 -22.70
CA GLU G 390 -30.60 -53.68 -21.90
C GLU G 390 -31.06 -54.98 -22.57
N LYS G 391 -31.90 -54.88 -23.61
CA LYS G 391 -32.26 -56.05 -24.46
C LYS G 391 -31.72 -56.00 -25.90
N ARG G 392 -31.39 -57.16 -26.44
CA ARG G 392 -30.99 -57.23 -27.86
C ARG G 392 -32.15 -56.83 -28.82
N SER G 393 -31.79 -56.25 -29.95
CA SER G 393 -32.78 -55.71 -30.88
C SER G 393 -32.02 -55.49 -32.18
N VAL G 394 -32.74 -55.04 -33.23
CA VAL G 394 -32.11 -54.68 -34.52
C VAL G 394 -32.03 -53.18 -34.56
N VAL G 395 -30.83 -52.67 -34.79
CA VAL G 395 -30.63 -51.24 -34.94
C VAL G 395 -30.37 -50.93 -36.41
N SER G 396 -31.19 -49.99 -36.92
CA SER G 396 -31.15 -49.61 -38.32
C SER G 396 -30.93 -48.09 -38.50
N VAL G 397 -30.77 -47.69 -39.77
CA VAL G 397 -30.57 -46.30 -40.19
C VAL G 397 -30.54 -46.24 -41.72
N SER G 398 -31.33 -45.30 -42.24
CA SER G 398 -31.45 -45.16 -43.69
C SER G 398 -30.29 -44.35 -44.29
N LEU G 399 -29.88 -44.70 -45.50
CA LEU G 399 -28.77 -43.97 -46.11
C LEU G 399 -29.27 -42.56 -46.37
N LYS G 400 -30.56 -42.39 -46.62
CA LYS G 400 -31.17 -41.03 -46.67
C LYS G 400 -30.75 -40.16 -45.44
N ASP G 401 -31.05 -40.67 -44.22
CA ASP G 401 -30.65 -40.05 -42.92
C ASP G 401 -29.15 -39.79 -42.83
N LEU G 402 -28.39 -40.84 -43.16
CA LEU G 402 -26.97 -40.77 -43.38
C LEU G 402 -26.55 -39.51 -44.17
N GLY G 403 -26.96 -39.44 -45.44
CA GLY G 403 -26.46 -38.40 -46.35
C GLY G 403 -26.02 -38.90 -47.72
N CYS G 404 -26.10 -40.23 -47.95
CA CYS G 404 -25.87 -40.89 -49.26
C CYS G 404 -27.10 -40.94 -50.19
N MET G 405 -26.87 -40.63 -51.46
CA MET G 405 -27.94 -40.60 -52.46
C MET G 405 -27.79 -41.72 -53.48
N GLU G 406 -26.83 -42.61 -53.28
CA GLU G 406 -26.63 -43.69 -54.22
C GLU G 406 -26.47 -44.98 -53.42
N PRO G 407 -26.77 -46.16 -54.03
CA PRO G 407 -26.25 -47.44 -53.58
C PRO G 407 -24.78 -47.40 -53.23
N MET G 408 -24.42 -47.91 -52.06
CA MET G 408 -23.02 -47.97 -51.57
C MET G 408 -22.64 -49.41 -51.22
N LYS G 409 -21.41 -49.77 -51.56
CA LYS G 409 -20.78 -50.94 -51.04
C LYS G 409 -20.63 -50.68 -49.53
N ALA G 410 -20.61 -51.72 -48.70
CA ALA G 410 -20.44 -51.58 -47.22
C ALA G 410 -19.41 -52.60 -46.61
N ARG G 411 -18.74 -52.22 -45.52
CA ARG G 411 -17.85 -53.16 -44.85
C ARG G 411 -17.69 -52.94 -43.31
N ASP G 412 -17.66 -54.11 -42.64
CA ASP G 412 -17.48 -54.27 -41.21
C ASP G 412 -15.97 -54.24 -41.00
N LEU G 413 -15.55 -53.20 -40.29
CA LEU G 413 -14.15 -52.85 -40.33
C LEU G 413 -13.38 -53.68 -39.33
N TRP G 414 -14.07 -53.91 -38.22
CA TRP G 414 -13.51 -54.66 -37.12
C TRP G 414 -13.30 -56.07 -37.62
N ALA G 415 -14.40 -56.64 -38.11
CA ALA G 415 -14.45 -57.97 -38.74
C ALA G 415 -13.61 -58.09 -40.03
N LYS G 416 -13.32 -56.94 -40.71
CA LYS G 416 -12.68 -56.91 -42.05
C LYS G 416 -13.34 -57.87 -43.08
N GLU G 417 -14.58 -57.52 -43.43
CA GLU G 417 -15.51 -58.40 -44.15
C GLU G 417 -16.57 -57.64 -44.96
N ASP G 418 -16.44 -57.74 -46.29
CA ASP G 418 -17.42 -57.16 -47.16
C ASP G 418 -18.79 -57.76 -46.92
N LEU G 419 -19.77 -56.98 -47.27
CA LEU G 419 -21.16 -57.17 -46.99
C LEU G 419 -21.97 -56.87 -48.27
N GLY G 420 -21.32 -56.27 -49.30
CA GLY G 420 -21.93 -55.97 -50.60
C GLY G 420 -22.78 -54.73 -50.55
N LEU G 421 -23.41 -54.44 -51.67
CA LEU G 421 -24.12 -53.18 -51.83
C LEU G 421 -25.16 -53.05 -50.75
N VAL G 422 -25.71 -51.86 -50.64
CA VAL G 422 -26.86 -51.64 -49.78
C VAL G 422 -27.66 -50.54 -50.47
N LYS G 423 -28.91 -50.82 -50.80
CA LYS G 423 -29.64 -49.87 -51.64
C LYS G 423 -30.39 -48.76 -50.91
N HIS G 424 -30.92 -49.04 -49.71
CA HIS G 424 -31.83 -48.09 -49.07
C HIS G 424 -31.56 -47.71 -47.61
N GLN G 425 -30.79 -48.54 -46.89
CA GLN G 425 -30.76 -48.45 -45.43
C GLN G 425 -29.80 -49.48 -44.78
N LEU G 426 -29.20 -49.12 -43.64
CA LEU G 426 -28.34 -50.06 -42.87
C LEU G 426 -28.87 -50.53 -41.48
N ALA G 427 -28.96 -51.87 -41.26
CA ALA G 427 -29.52 -52.48 -40.01
C ALA G 427 -28.85 -53.79 -39.49
N PHE G 428 -28.65 -53.83 -38.15
CA PHE G 428 -28.11 -55.04 -37.50
C PHE G 428 -28.79 -55.38 -36.16
N GLU G 429 -29.20 -56.64 -36.00
CA GLU G 429 -29.58 -57.19 -34.70
C GLU G 429 -28.30 -57.23 -33.93
N LEU G 430 -28.36 -56.72 -32.71
CA LEU G 430 -27.18 -56.27 -31.92
C LEU G 430 -27.48 -56.55 -30.43
N GLY G 431 -26.60 -57.22 -29.69
CA GLY G 431 -26.86 -57.44 -28.26
C GLY G 431 -27.15 -56.18 -27.43
N PRO G 432 -27.62 -56.35 -26.12
CA PRO G 432 -27.50 -55.26 -25.12
C PRO G 432 -26.01 -54.90 -25.03
N HIS G 433 -25.67 -53.61 -25.06
CA HIS G 433 -24.22 -53.21 -25.08
C HIS G 433 -23.47 -53.69 -26.35
N GLN G 434 -24.10 -53.58 -27.53
CA GLN G 434 -23.43 -54.05 -28.72
C GLN G 434 -23.54 -53.02 -29.88
N SER G 435 -22.41 -52.95 -30.58
CA SER G 435 -22.12 -51.85 -31.53
C SER G 435 -21.43 -52.38 -32.79
N ILE G 436 -21.65 -51.65 -33.87
CA ILE G 436 -20.85 -52.00 -35.02
C ILE G 436 -20.32 -50.77 -35.76
N LEU G 437 -19.09 -50.95 -36.30
CA LEU G 437 -18.40 -49.95 -37.13
C LEU G 437 -18.21 -50.36 -38.64
N VAL G 438 -19.00 -49.66 -39.48
CA VAL G 438 -19.04 -49.97 -40.94
C VAL G 438 -18.63 -48.78 -41.88
N LYS G 439 -17.67 -49.13 -42.78
CA LYS G 439 -17.26 -48.37 -44.02
C LYS G 439 -18.10 -48.60 -45.29
N LEU G 440 -18.93 -47.64 -45.59
CA LEU G 440 -19.54 -47.51 -46.89
C LEU G 440 -18.63 -46.79 -47.92
N SER G 441 -18.05 -47.51 -48.89
CA SER G 441 -17.48 -46.89 -50.11
C SER G 441 -18.48 -46.77 -51.28
N PRO G 442 -17.95 -46.49 -52.49
CA PRO G 442 -18.95 -46.41 -53.55
C PRO G 442 -18.98 -47.64 -54.47
N ALA G 443 -20.17 -47.81 -55.09
CA ALA G 443 -20.46 -48.82 -56.12
C ALA G 443 -19.28 -49.10 -57.08
N VAL G 444 -18.52 -50.16 -56.78
CA VAL G 444 -17.35 -50.57 -57.59
C VAL G 444 -17.60 -50.47 -59.08
N SER H 15 -25.32 -31.82 -42.25
CA SER H 15 -25.95 -33.00 -42.95
C SER H 15 -27.48 -33.03 -42.81
N MET H 16 -28.03 -32.07 -42.07
CA MET H 16 -29.44 -31.88 -42.16
C MET H 16 -29.73 -30.68 -43.11
N HIS H 17 -30.54 -31.06 -44.10
CA HIS H 17 -30.99 -30.23 -45.18
C HIS H 17 -31.36 -28.81 -44.79
N HIS H 18 -31.79 -28.59 -43.55
CA HIS H 18 -32.24 -27.24 -43.15
C HIS H 18 -31.10 -26.17 -43.10
N TYR H 19 -29.86 -26.64 -43.11
CA TYR H 19 -28.69 -25.72 -43.20
C TYR H 19 -28.78 -24.83 -44.47
N GLN H 20 -29.21 -25.45 -45.57
CA GLN H 20 -29.21 -24.79 -46.84
C GLN H 20 -30.17 -23.63 -46.86
N TRP H 21 -31.11 -23.58 -45.92
CA TRP H 21 -32.07 -22.47 -45.96
C TRP H 21 -31.47 -21.22 -45.32
N ALA H 22 -30.28 -21.37 -44.74
CA ALA H 22 -29.57 -20.17 -44.24
C ALA H 22 -28.05 -20.27 -44.36
N LYS H 23 -27.60 -20.61 -45.57
CA LYS H 23 -26.19 -20.60 -45.97
C LYS H 23 -25.41 -19.41 -45.45
N THR H 24 -26.08 -18.26 -45.32
CA THR H 24 -25.57 -17.08 -44.64
C THR H 24 -26.52 -16.45 -43.58
N PRO H 25 -25.94 -15.80 -42.60
CA PRO H 25 -26.80 -15.35 -41.56
C PRO H 25 -28.00 -14.57 -42.09
N PRO H 26 -29.17 -14.91 -41.60
CA PRO H 26 -30.33 -14.18 -42.00
C PRO H 26 -30.31 -12.66 -41.81
N MET H 27 -30.84 -11.94 -42.80
CA MET H 27 -30.95 -10.49 -42.67
C MET H 27 -32.39 -10.08 -42.78
N GLY H 28 -32.82 -9.10 -42.00
CA GLY H 28 -34.20 -8.72 -42.07
C GLY H 28 -34.64 -7.55 -41.25
N TRP H 29 -35.91 -7.56 -40.95
CA TRP H 29 -36.45 -6.56 -40.07
C TRP H 29 -37.39 -7.28 -39.10
N ASN H 30 -37.66 -6.63 -37.94
CA ASN H 30 -38.52 -7.16 -36.88
C ASN H 30 -39.24 -6.04 -36.12
N SER H 31 -40.53 -6.28 -35.85
CA SER H 31 -41.41 -5.23 -35.25
C SER H 31 -41.19 -4.89 -33.76
N TRP H 32 -40.41 -5.76 -33.10
CA TRP H 32 -40.33 -5.75 -31.61
C TRP H 32 -39.83 -4.42 -31.07
N ASP H 33 -38.67 -3.92 -31.55
CA ASP H 33 -37.99 -2.78 -30.90
C ASP H 33 -38.73 -1.45 -31.16
N CYS H 34 -39.46 -1.41 -32.28
CA CYS H 34 -40.22 -0.20 -32.68
C CYS H 34 -41.64 -0.14 -32.11
N TYR H 35 -42.33 -1.28 -32.21
CA TYR H 35 -43.77 -1.39 -31.91
C TYR H 35 -44.14 -2.38 -30.79
N GLY H 36 -43.26 -3.32 -30.49
CA GLY H 36 -43.49 -4.22 -29.39
C GLY H 36 -44.38 -5.33 -29.86
N ALA H 37 -45.48 -5.50 -29.12
CA ALA H 37 -46.51 -6.49 -29.43
C ALA H 37 -47.47 -6.04 -30.57
N SER H 38 -47.55 -4.71 -30.76
CA SER H 38 -48.65 -4.02 -31.41
C SER H 38 -48.48 -3.60 -32.88
N VAL H 39 -47.89 -4.42 -33.73
CA VAL H 39 -47.59 -3.94 -35.07
C VAL H 39 -48.81 -4.07 -35.95
N THR H 40 -49.20 -2.97 -36.63
CA THR H 40 -50.35 -2.93 -37.59
C THR H 40 -49.92 -3.54 -38.93
N GLU H 41 -50.85 -3.92 -39.77
CA GLU H 41 -50.44 -4.40 -41.10
C GLU H 41 -49.74 -3.31 -41.95
N ASP H 42 -50.21 -2.07 -41.82
CA ASP H 42 -49.70 -0.91 -42.59
C ASP H 42 -48.26 -0.57 -42.28
N GLU H 43 -47.94 -0.70 -40.99
CA GLU H 43 -46.57 -0.66 -40.46
C GLU H 43 -45.67 -1.74 -41.05
N VAL H 44 -46.14 -2.98 -41.09
CA VAL H 44 -45.34 -4.08 -41.60
C VAL H 44 -45.05 -3.85 -43.06
N LYS H 45 -45.94 -3.09 -43.71
CA LYS H 45 -45.93 -2.93 -45.15
C LYS H 45 -44.93 -1.84 -45.55
N GLY H 46 -45.13 -0.65 -44.93
CA GLY H 46 -44.25 0.54 -44.99
C GLY H 46 -42.79 0.32 -44.63
N ASN H 47 -42.54 -0.77 -43.88
CA ASN H 47 -41.21 -1.32 -43.61
C ASN H 47 -40.79 -2.36 -44.66
N ALA H 48 -41.71 -3.15 -45.17
CA ALA H 48 -41.38 -4.05 -46.28
C ALA H 48 -41.13 -3.31 -47.62
N GLU H 49 -41.77 -2.14 -47.79
CA GLU H 49 -41.59 -1.38 -49.05
C GLU H 49 -40.26 -0.70 -49.04
N TYR H 50 -40.00 0.04 -47.96
CA TYR H 50 -38.64 0.53 -47.67
C TYR H 50 -37.61 -0.58 -47.91
N MET H 51 -37.86 -1.75 -47.32
CA MET H 51 -36.87 -2.81 -47.43
C MET H 51 -36.67 -3.01 -48.89
N ALA H 52 -37.77 -3.37 -49.57
CA ALA H 52 -37.81 -3.78 -51.00
C ALA H 52 -36.94 -2.93 -51.98
N LYS H 53 -37.24 -1.63 -51.98
CA LYS H 53 -36.43 -0.61 -52.60
C LYS H 53 -34.97 -0.64 -52.09
N TYR H 54 -34.75 -0.05 -50.91
CA TYR H 54 -33.42 0.38 -50.47
C TYR H 54 -32.38 -0.69 -50.09
N LEU H 55 -32.80 -1.90 -49.74
CA LEU H 55 -31.91 -2.81 -49.00
C LEU H 55 -31.71 -4.20 -49.54
N LYS H 56 -32.65 -4.73 -50.32
CA LYS H 56 -32.54 -6.14 -50.80
C LYS H 56 -31.38 -6.42 -51.72
N PRO H 57 -30.94 -5.40 -52.47
CA PRO H 57 -29.78 -5.76 -53.30
C PRO H 57 -28.67 -6.35 -52.44
N PHE H 58 -28.52 -5.77 -51.23
CA PHE H 58 -27.47 -6.11 -50.27
C PHE H 58 -27.76 -7.34 -49.37
N GLY H 59 -28.90 -8.00 -49.56
CA GLY H 59 -29.21 -9.23 -48.82
C GLY H 59 -30.32 -9.05 -47.80
N TRP H 60 -30.60 -7.81 -47.40
CA TRP H 60 -31.70 -7.52 -46.48
C TRP H 60 -33.08 -7.97 -46.99
N GLU H 61 -33.47 -9.19 -46.65
CA GLU H 61 -34.69 -9.77 -47.18
C GLU H 61 -35.87 -10.03 -46.19
N TYR H 62 -35.66 -10.71 -45.03
CA TYR H 62 -36.76 -11.21 -44.12
C TYR H 62 -37.63 -10.15 -43.46
N VAL H 63 -38.95 -10.27 -43.60
CA VAL H 63 -39.89 -9.37 -42.93
C VAL H 63 -40.55 -10.20 -41.86
N VAL H 64 -40.56 -9.66 -40.63
CA VAL H 64 -40.83 -10.51 -39.45
C VAL H 64 -41.79 -9.86 -38.47
N VAL H 65 -42.99 -10.45 -38.44
CA VAL H 65 -44.03 -9.98 -37.53
C VAL H 65 -43.65 -10.53 -36.18
N ASP H 66 -43.47 -9.62 -35.22
CA ASP H 66 -43.16 -10.04 -33.87
C ASP H 66 -44.46 -10.19 -33.00
N ILE H 67 -44.20 -10.24 -31.71
CA ILE H 67 -45.02 -10.96 -30.77
C ILE H 67 -46.47 -10.46 -30.63
N GLN H 68 -47.32 -11.48 -30.40
CA GLN H 68 -48.73 -11.30 -30.09
C GLN H 68 -49.44 -10.65 -31.28
N TRP H 69 -49.16 -11.15 -32.47
CA TRP H 69 -49.97 -10.79 -33.61
C TRP H 69 -51.43 -11.24 -33.41
N TYR H 70 -51.65 -12.13 -32.45
CA TYR H 70 -52.97 -12.65 -32.17
C TYR H 70 -53.66 -11.87 -31.02
N GLU H 71 -53.09 -10.79 -30.53
CA GLU H 71 -53.67 -10.18 -29.35
C GLU H 71 -54.21 -8.80 -29.77
N PRO H 72 -55.45 -8.78 -30.29
CA PRO H 72 -56.07 -7.60 -30.88
C PRO H 72 -55.87 -6.35 -30.06
N GLY H 73 -55.75 -6.53 -28.73
CA GLY H 73 -55.69 -5.39 -27.81
C GLY H 73 -54.27 -4.95 -27.50
N ALA H 74 -53.28 -5.66 -28.08
CA ALA H 74 -51.82 -5.41 -27.85
C ALA H 74 -51.44 -3.99 -28.21
N ASN H 75 -50.68 -3.33 -27.35
CA ASN H 75 -50.38 -1.92 -27.56
C ASN H 75 -49.08 -1.49 -26.92
N SER H 76 -48.10 -2.40 -26.86
CA SER H 76 -46.93 -2.15 -26.01
C SER H 76 -46.01 -3.36 -26.08
N SER H 77 -44.91 -3.27 -25.35
CA SER H 77 -44.02 -4.39 -25.09
C SER H 77 -44.48 -5.05 -23.79
N ILE H 78 -45.19 -4.28 -22.96
CA ILE H 78 -45.93 -4.82 -21.81
C ILE H 78 -47.19 -5.55 -22.32
N TYR H 79 -47.14 -6.88 -22.31
CA TYR H 79 -48.33 -7.71 -22.51
C TYR H 79 -49.50 -7.45 -21.56
N ARG H 80 -50.72 -7.62 -22.10
CA ARG H 80 -51.91 -7.68 -21.29
C ARG H 80 -52.07 -9.15 -21.00
N PRO H 81 -51.98 -9.51 -19.71
CA PRO H 81 -52.03 -10.92 -19.34
C PRO H 81 -53.51 -11.39 -19.26
N PHE H 82 -53.69 -12.68 -19.56
CA PHE H 82 -54.93 -13.44 -19.31
C PHE H 82 -56.11 -13.04 -20.18
N VAL H 83 -55.77 -12.49 -21.34
CA VAL H 83 -56.78 -11.94 -22.24
C VAL H 83 -57.13 -12.97 -23.32
N PRO H 84 -58.36 -12.85 -23.88
CA PRO H 84 -58.74 -13.79 -24.93
C PRO H 84 -57.94 -13.47 -26.21
N LEU H 85 -57.51 -14.54 -26.88
CA LEU H 85 -56.68 -14.46 -28.05
C LEU H 85 -57.38 -14.99 -29.31
N GLU H 86 -57.30 -14.24 -30.42
CA GLU H 86 -57.67 -14.79 -31.75
C GLU H 86 -57.05 -16.15 -31.99
N MET H 87 -57.85 -17.05 -32.52
CA MET H 87 -57.56 -18.46 -32.56
C MET H 87 -58.66 -19.09 -33.40
N ASP H 88 -58.37 -20.25 -33.98
CA ASP H 88 -59.26 -20.85 -34.93
C ASP H 88 -59.97 -22.09 -34.32
N GLU H 89 -60.15 -23.12 -35.14
CA GLU H 89 -60.99 -24.25 -34.83
C GLU H 89 -60.18 -25.38 -34.28
N TYR H 90 -58.86 -25.30 -34.45
CA TYR H 90 -58.01 -26.38 -33.95
C TYR H 90 -56.95 -25.83 -32.98
N SER H 91 -57.38 -24.83 -32.20
CA SER H 91 -56.60 -24.26 -31.07
C SER H 91 -55.39 -23.43 -31.55
N ARG H 92 -55.41 -22.98 -32.81
CA ARG H 92 -54.22 -22.38 -33.41
C ARG H 92 -54.41 -20.91 -33.46
N LEU H 93 -53.37 -20.18 -33.12
CA LEU H 93 -53.56 -18.75 -32.99
C LEU H 93 -53.64 -18.13 -34.40
N MET H 94 -54.28 -16.97 -34.47
CA MET H 94 -54.61 -16.33 -35.74
C MET H 94 -54.47 -14.84 -35.63
N PRO H 95 -54.35 -14.15 -36.75
CA PRO H 95 -54.13 -12.72 -36.70
C PRO H 95 -55.30 -11.81 -36.29
N ALA H 96 -55.09 -10.95 -35.30
CA ALA H 96 -56.04 -9.80 -35.00
C ALA H 96 -56.48 -8.94 -36.20
N VAL H 97 -57.66 -9.27 -36.72
CA VAL H 97 -58.14 -8.69 -37.94
C VAL H 97 -58.19 -7.17 -37.80
N ASN H 98 -58.45 -6.66 -36.59
CA ASN H 98 -58.53 -5.19 -36.37
C ASN H 98 -57.17 -4.53 -36.61
N ARG H 99 -56.11 -5.30 -36.36
CA ARG H 99 -54.74 -4.86 -36.58
C ARG H 99 -54.25 -5.31 -37.97
N PHE H 100 -54.68 -6.50 -38.41
CA PHE H 100 -54.30 -7.04 -39.74
C PHE H 100 -55.49 -7.23 -40.73
N PRO H 101 -56.07 -6.10 -41.24
CA PRO H 101 -57.35 -6.18 -41.97
C PRO H 101 -57.39 -7.19 -43.12
N SER H 102 -56.24 -7.50 -43.72
CA SER H 102 -56.15 -8.57 -44.73
C SER H 102 -56.50 -9.93 -44.21
N ALA H 103 -56.42 -10.12 -42.90
CA ALA H 103 -56.61 -11.45 -42.30
C ALA H 103 -58.07 -12.00 -42.33
N LYS H 104 -59.05 -11.08 -42.46
CA LYS H 104 -60.49 -11.37 -42.38
C LYS H 104 -60.98 -12.58 -43.20
N GLY H 105 -62.00 -13.24 -42.65
CA GLY H 105 -62.55 -14.47 -43.22
C GLY H 105 -61.58 -15.62 -43.15
N GLY H 106 -60.83 -15.69 -42.05
CA GLY H 106 -59.85 -16.77 -41.82
C GLY H 106 -58.71 -16.81 -42.82
N LYS H 107 -58.42 -15.66 -43.43
CA LYS H 107 -57.38 -15.63 -44.47
C LYS H 107 -56.08 -16.05 -43.82
N GLY H 108 -55.80 -15.36 -42.71
CA GLY H 108 -54.58 -15.57 -41.98
C GLY H 108 -53.61 -14.55 -42.49
N PHE H 109 -52.35 -15.00 -42.62
CA PHE H 109 -51.25 -14.11 -43.07
C PHE H 109 -50.96 -14.29 -44.58
N LYS H 110 -51.61 -15.23 -45.25
CA LYS H 110 -51.39 -15.37 -46.70
C LYS H 110 -51.58 -14.09 -47.51
N PRO H 111 -52.62 -13.28 -47.24
CA PRO H 111 -52.74 -11.94 -47.84
C PRO H 111 -51.50 -11.06 -47.63
N LEU H 112 -51.03 -11.00 -46.39
CA LEU H 112 -49.79 -10.27 -46.07
C LEU H 112 -48.54 -10.96 -46.59
N ALA H 113 -48.50 -12.30 -46.57
CA ALA H 113 -47.32 -13.05 -47.04
C ALA H 113 -47.12 -12.95 -48.52
N ASP H 114 -48.24 -13.05 -49.23
CA ASP H 114 -48.26 -12.91 -50.69
C ASP H 114 -47.70 -11.53 -51.11
N TYR H 115 -48.21 -10.45 -50.54
CA TYR H 115 -47.71 -9.07 -50.77
C TYR H 115 -46.23 -8.84 -50.53
N ILE H 116 -45.49 -9.92 -50.16
CA ILE H 116 -44.11 -9.87 -49.66
C ILE H 116 -43.20 -10.69 -50.55
N HIS H 117 -43.58 -11.91 -50.91
CA HIS H 117 -42.78 -12.67 -51.91
C HIS H 117 -42.93 -11.97 -53.25
N ASN H 118 -44.14 -11.45 -53.46
CA ASN H 118 -44.43 -10.42 -54.44
C ASN H 118 -43.27 -9.43 -54.51
N LEU H 119 -42.90 -8.85 -53.37
CA LEU H 119 -41.84 -7.86 -53.32
C LEU H 119 -40.40 -8.42 -53.44
N GLY H 120 -40.23 -9.72 -53.73
CA GLY H 120 -38.90 -10.40 -53.80
C GLY H 120 -38.38 -10.93 -52.45
N LEU H 121 -38.72 -10.16 -51.41
CA LEU H 121 -38.60 -10.45 -49.95
C LEU H 121 -39.10 -11.83 -49.41
N LYS H 122 -39.09 -11.95 -48.07
CA LYS H 122 -39.65 -13.11 -47.34
C LYS H 122 -40.36 -12.80 -46.01
N PHE H 123 -41.16 -13.78 -45.58
CA PHE H 123 -42.06 -13.66 -44.44
C PHE H 123 -41.66 -14.45 -43.22
N GLY H 124 -41.58 -13.73 -42.10
CA GLY H 124 -41.37 -14.34 -40.79
C GLY H 124 -42.38 -13.96 -39.74
N ILE H 125 -42.60 -14.92 -38.82
CA ILE H 125 -43.41 -14.69 -37.60
C ILE H 125 -42.80 -15.15 -36.28
N HIS H 126 -43.16 -14.38 -35.28
CA HIS H 126 -42.93 -14.67 -33.88
C HIS H 126 -43.91 -15.70 -33.37
N ILE H 127 -43.49 -16.89 -32.98
CA ILE H 127 -44.39 -17.67 -32.13
C ILE H 127 -43.90 -17.80 -30.69
N MET H 128 -44.83 -18.13 -29.79
CA MET H 128 -44.54 -18.61 -28.41
C MET H 128 -44.59 -20.14 -28.40
N ARG H 129 -43.71 -20.75 -27.62
CA ARG H 129 -43.71 -22.19 -27.44
C ARG H 129 -45.08 -22.60 -26.83
N GLY H 130 -45.47 -23.82 -27.10
CA GLY H 130 -46.67 -24.36 -26.47
C GLY H 130 -48.03 -24.03 -27.10
N ILE H 131 -49.07 -24.41 -26.37
CA ILE H 131 -50.42 -24.42 -26.89
C ILE H 131 -51.21 -23.47 -26.05
N PRO H 132 -52.14 -22.74 -26.66
CA PRO H 132 -52.66 -21.69 -25.81
C PRO H 132 -53.43 -22.22 -24.59
N ARG H 133 -53.45 -21.39 -23.57
CA ARG H 133 -54.03 -21.73 -22.30
C ARG H 133 -55.55 -21.80 -22.47
N GLN H 134 -56.11 -20.73 -23.04
CA GLN H 134 -57.54 -20.66 -23.38
C GLN H 134 -58.01 -21.91 -24.14
N ALA H 135 -57.13 -22.53 -24.95
CA ALA H 135 -57.45 -23.81 -25.60
C ALA H 135 -57.53 -24.93 -24.61
N VAL H 136 -56.54 -25.02 -23.73
CA VAL H 136 -56.47 -26.12 -22.79
C VAL H 136 -57.64 -26.08 -21.78
N HIS H 137 -57.95 -24.90 -21.28
CA HIS H 137 -59.11 -24.72 -20.45
C HIS H 137 -60.46 -24.97 -21.17
N GLN H 138 -60.56 -24.78 -22.49
CA GLN H 138 -61.79 -25.14 -23.23
C GLN H 138 -61.68 -26.52 -23.80
N ASN H 139 -60.53 -27.15 -23.73
CA ASN H 139 -60.30 -28.45 -24.43
C ASN H 139 -60.67 -28.58 -25.94
N THR H 140 -60.48 -27.46 -26.65
CA THR H 140 -60.60 -27.38 -28.12
C THR H 140 -59.79 -28.46 -28.79
N PRO H 141 -60.14 -28.79 -30.05
CA PRO H 141 -59.53 -30.00 -30.65
C PRO H 141 -58.17 -29.76 -31.37
N ILE H 142 -57.56 -30.86 -31.77
CA ILE H 142 -56.29 -30.85 -32.43
C ILE H 142 -56.45 -31.52 -33.76
N LEU H 143 -56.36 -30.71 -34.81
CA LEU H 143 -56.41 -31.18 -36.19
C LEU H 143 -55.52 -32.46 -36.43
N GLY H 144 -56.10 -33.50 -37.00
CA GLY H 144 -55.39 -34.76 -37.25
C GLY H 144 -55.58 -35.82 -36.18
N THR H 145 -56.31 -35.45 -35.12
CA THR H 145 -56.50 -36.39 -34.03
C THR H 145 -57.75 -36.10 -33.21
N ASN H 146 -58.28 -37.17 -32.66
CA ASN H 146 -59.40 -37.11 -31.73
C ASN H 146 -59.02 -36.64 -30.31
N VAL H 147 -57.72 -36.64 -29.94
CA VAL H 147 -57.32 -36.07 -28.63
C VAL H 147 -57.44 -34.55 -28.65
N GLY H 148 -57.68 -33.96 -27.48
CA GLY H 148 -57.91 -32.50 -27.35
C GLY H 148 -56.68 -31.80 -26.79
N ALA H 149 -56.65 -30.47 -26.91
CA ALA H 149 -55.58 -29.65 -26.31
C ALA H 149 -55.21 -30.28 -24.93
N ARG H 150 -56.16 -30.10 -23.99
CA ARG H 150 -55.99 -30.47 -22.59
C ARG H 150 -55.14 -31.72 -22.39
N ASP H 151 -55.34 -32.76 -23.18
CA ASP H 151 -54.56 -34.00 -23.00
C ASP H 151 -53.10 -33.95 -23.45
N ILE H 152 -52.67 -32.91 -24.16
CA ILE H 152 -51.22 -32.84 -24.56
C ILE H 152 -50.48 -31.81 -23.72
N ALA H 153 -51.24 -30.95 -23.05
CA ALA H 153 -50.70 -29.83 -22.31
C ALA H 153 -49.86 -30.31 -21.17
N ASP H 154 -48.95 -29.45 -20.75
CA ASP H 154 -48.04 -29.77 -19.67
C ASP H 154 -48.67 -29.13 -18.44
N THR H 155 -48.72 -29.90 -17.36
CA THR H 155 -49.34 -29.45 -16.09
C THR H 155 -48.45 -28.49 -15.31
N ASN H 156 -47.16 -28.64 -15.56
CA ASN H 156 -46.14 -27.81 -14.95
C ASN H 156 -45.14 -27.30 -16.01
N SER H 157 -45.60 -26.32 -16.78
CA SER H 157 -44.77 -25.63 -17.78
C SER H 157 -45.43 -24.36 -18.24
N ILE H 158 -44.97 -23.22 -17.77
CA ILE H 158 -45.35 -21.93 -18.32
C ILE H 158 -44.17 -21.11 -18.88
N CYS H 159 -44.49 -19.84 -19.18
CA CYS H 159 -43.62 -18.74 -19.46
C CYS H 159 -43.77 -17.72 -18.36
N PRO H 160 -42.62 -17.37 -17.73
CA PRO H 160 -42.53 -16.48 -16.60
C PRO H 160 -42.94 -15.09 -16.96
N TRP H 161 -42.69 -14.74 -18.22
CA TRP H 161 -42.83 -13.33 -18.62
C TRP H 161 -44.02 -13.17 -19.60
N ASN H 162 -44.61 -14.29 -20.03
CA ASN H 162 -45.82 -14.28 -20.89
C ASN H 162 -46.97 -15.31 -20.60
N THR H 163 -48.18 -14.82 -20.38
CA THR H 163 -49.34 -15.67 -19.93
C THR H 163 -50.13 -16.38 -21.02
N ASP H 164 -49.67 -16.34 -22.28
CA ASP H 164 -50.50 -16.73 -23.45
C ASP H 164 -50.64 -18.24 -23.53
N MET H 165 -49.62 -19.00 -23.15
CA MET H 165 -49.56 -20.47 -23.45
C MET H 165 -49.21 -21.38 -22.27
N TYR H 166 -49.21 -22.69 -22.55
CA TYR H 166 -48.80 -23.74 -21.66
C TYR H 166 -47.97 -24.58 -22.54
N GLY H 167 -47.01 -25.29 -21.94
CA GLY H 167 -46.09 -26.08 -22.68
C GLY H 167 -46.80 -27.29 -23.09
N VAL H 168 -46.10 -28.14 -23.86
CA VAL H 168 -46.71 -29.25 -24.55
C VAL H 168 -45.89 -30.45 -24.19
N ASP H 169 -46.51 -31.47 -23.59
CA ASP H 169 -45.79 -32.69 -23.20
C ASP H 169 -45.59 -33.54 -24.41
N HIS H 170 -44.35 -33.61 -24.84
CA HIS H 170 -43.94 -34.50 -25.94
C HIS H 170 -44.31 -35.97 -25.73
N ARG H 171 -44.67 -36.40 -24.53
CA ARG H 171 -44.85 -37.84 -24.35
C ARG H 171 -46.30 -38.19 -24.57
N LYS H 172 -47.14 -37.20 -24.75
CA LYS H 172 -48.53 -37.42 -25.03
C LYS H 172 -48.78 -37.70 -26.53
N GLU H 173 -49.85 -38.45 -26.80
CA GLU H 173 -50.39 -38.61 -28.15
C GLU H 173 -51.01 -37.32 -28.57
N GLY H 174 -50.79 -36.92 -29.83
CA GLY H 174 -51.28 -35.59 -30.30
C GLY H 174 -50.49 -34.31 -29.99
N ALA H 175 -49.37 -34.42 -29.26
CA ALA H 175 -48.45 -33.26 -29.07
C ALA H 175 -47.80 -32.86 -30.42
N GLN H 176 -46.99 -33.75 -30.99
CA GLN H 176 -46.49 -33.63 -32.35
C GLN H 176 -47.57 -33.10 -33.32
N ALA H 177 -48.65 -33.89 -33.38
CA ALA H 177 -49.76 -33.58 -34.20
C ALA H 177 -50.05 -32.09 -34.15
N TYR H 178 -50.03 -31.52 -32.95
CA TYR H 178 -50.34 -30.09 -32.84
C TYR H 178 -49.27 -29.14 -33.38
N TYR H 179 -48.01 -29.58 -33.28
CA TYR H 179 -46.88 -28.75 -33.78
C TYR H 179 -46.95 -28.82 -35.34
N ASP H 180 -47.06 -30.05 -35.88
CA ASP H 180 -47.37 -30.25 -37.32
C ASP H 180 -48.50 -29.37 -37.78
N SER H 181 -49.60 -29.37 -37.09
CA SER H 181 -50.72 -28.52 -37.44
C SER H 181 -50.34 -27.02 -37.43
N LEU H 182 -49.50 -26.62 -36.47
CA LEU H 182 -49.00 -25.25 -36.43
C LEU H 182 -48.18 -24.93 -37.71
N PHE H 183 -47.35 -25.88 -38.13
CA PHE H 183 -46.48 -25.61 -39.27
C PHE H 183 -47.12 -25.93 -40.65
N GLN H 184 -48.25 -26.66 -40.66
CA GLN H 184 -49.08 -26.65 -41.85
C GLN H 184 -49.67 -25.26 -41.99
N LEU H 185 -50.42 -24.78 -41.01
CA LEU H 185 -50.97 -23.40 -41.16
C LEU H 185 -49.96 -22.30 -41.58
N TYR H 186 -48.69 -22.53 -41.23
CA TYR H 186 -47.64 -21.55 -41.48
C TYR H 186 -47.13 -21.67 -42.94
N ALA H 187 -46.66 -22.86 -43.38
CA ALA H 187 -46.49 -23.16 -44.81
C ALA H 187 -47.63 -22.57 -45.67
N GLN H 188 -48.86 -23.02 -45.40
CA GLN H 188 -50.08 -22.51 -46.04
C GLN H 188 -50.00 -21.02 -46.24
N TRP H 189 -49.76 -20.25 -45.16
CA TRP H 189 -49.68 -18.79 -45.29
C TRP H 189 -48.50 -18.30 -46.17
N GLY H 190 -47.57 -19.22 -46.49
CA GLY H 190 -46.24 -18.88 -47.00
C GLY H 190 -45.33 -18.16 -46.00
N VAL H 191 -44.99 -18.80 -44.87
CA VAL H 191 -44.04 -18.25 -43.87
C VAL H 191 -42.66 -18.87 -44.16
N ASP H 192 -41.62 -18.02 -44.08
CA ASP H 192 -40.22 -18.45 -44.39
C ASP H 192 -39.30 -18.55 -43.17
N PHE H 193 -39.67 -17.79 -42.14
CA PHE H 193 -38.91 -17.59 -40.93
C PHE H 193 -39.84 -17.63 -39.70
N VAL H 194 -39.50 -18.51 -38.75
CA VAL H 194 -40.16 -18.51 -37.44
C VAL H 194 -39.16 -18.40 -36.28
N LYS H 195 -39.43 -17.36 -35.49
CA LYS H 195 -38.77 -17.06 -34.22
C LYS H 195 -39.58 -17.69 -33.04
N VAL H 196 -39.18 -18.87 -32.62
CA VAL H 196 -39.77 -19.42 -31.39
C VAL H 196 -39.22 -18.77 -30.11
N ALA H 197 -40.12 -18.18 -29.34
CA ALA H 197 -39.87 -17.65 -28.00
C ALA H 197 -40.10 -18.66 -26.84
N ASP H 198 -39.66 -18.24 -25.65
CA ASP H 198 -39.76 -19.00 -24.43
C ASP H 198 -39.32 -20.45 -24.60
N ILE H 199 -38.17 -20.68 -25.26
CA ILE H 199 -37.71 -22.06 -25.53
C ILE H 199 -36.22 -22.39 -25.24
N VAL H 200 -35.45 -21.36 -24.92
CA VAL H 200 -33.99 -21.46 -24.78
C VAL H 200 -33.63 -21.30 -23.31
N ALA H 201 -34.03 -20.15 -22.77
CA ALA H 201 -33.70 -19.81 -21.41
C ALA H 201 -34.98 -19.46 -20.68
N SER H 202 -35.26 -20.19 -19.62
CA SER H 202 -36.30 -19.75 -18.70
C SER H 202 -35.68 -19.83 -17.33
N LYS H 203 -35.92 -18.79 -16.53
CA LYS H 203 -35.58 -18.79 -15.13
C LYS H 203 -36.07 -20.12 -14.52
N LEU H 204 -37.40 -20.33 -14.59
CA LEU H 204 -38.11 -21.49 -14.01
C LEU H 204 -37.67 -22.88 -14.50
N TYR H 205 -37.59 -23.09 -15.83
CA TYR H 205 -37.45 -24.45 -16.41
C TYR H 205 -36.18 -24.66 -17.22
N GLY H 206 -35.48 -23.56 -17.51
CA GLY H 206 -34.29 -23.61 -18.35
C GLY H 206 -34.63 -23.84 -19.80
N THR H 207 -33.97 -24.82 -20.42
CA THR H 207 -34.03 -25.00 -21.87
C THR H 207 -34.98 -26.12 -22.28
N HIS H 208 -36.07 -25.70 -22.92
CA HIS H 208 -37.09 -26.63 -23.43
C HIS H 208 -36.67 -27.45 -24.61
N THR H 209 -35.77 -28.37 -24.35
CA THR H 209 -35.16 -29.20 -25.35
C THR H 209 -36.10 -30.08 -26.12
N GLU H 210 -37.24 -30.42 -25.53
CA GLU H 210 -38.03 -31.49 -26.12
C GLU H 210 -38.91 -30.91 -27.17
N GLU H 211 -39.56 -29.83 -26.82
CA GLU H 211 -40.30 -29.06 -27.78
C GLU H 211 -39.44 -28.35 -28.87
N ILE H 212 -38.10 -28.30 -28.73
CA ILE H 212 -37.22 -28.00 -29.89
C ILE H 212 -37.26 -29.16 -30.88
N LYS H 213 -37.07 -30.39 -30.40
CA LYS H 213 -36.97 -31.53 -31.32
C LYS H 213 -38.30 -31.83 -32.03
N MET H 214 -39.40 -31.35 -31.45
CA MET H 214 -40.72 -31.44 -32.05
C MET H 214 -40.97 -30.30 -33.02
N ILE H 215 -40.47 -29.11 -32.68
CA ILE H 215 -40.58 -28.03 -33.62
C ILE H 215 -39.68 -28.25 -34.80
N ARG H 216 -38.60 -29.04 -34.67
CA ARG H 216 -37.78 -29.43 -35.80
C ARG H 216 -38.64 -30.24 -36.73
N LYS H 217 -39.19 -31.32 -36.20
CA LYS H 217 -39.98 -32.29 -36.98
C LYS H 217 -41.15 -31.59 -37.65
N ALA H 218 -41.92 -30.86 -36.87
CA ALA H 218 -43.02 -30.08 -37.42
C ALA H 218 -42.65 -29.08 -38.55
N ILE H 219 -41.41 -28.54 -38.52
CA ILE H 219 -40.93 -27.77 -39.67
C ILE H 219 -40.54 -28.75 -40.77
N ASP H 220 -39.71 -29.73 -40.45
CA ASP H 220 -39.26 -30.64 -41.48
C ASP H 220 -40.44 -31.15 -42.32
N ARG H 221 -41.48 -31.64 -41.64
CA ARG H 221 -42.68 -32.18 -42.26
C ARG H 221 -43.60 -31.20 -42.99
N CYS H 222 -43.44 -29.88 -42.88
CA CYS H 222 -44.43 -29.01 -43.52
C CYS H 222 -44.29 -28.74 -45.05
N GLY H 223 -43.29 -29.35 -45.71
CA GLY H 223 -42.95 -29.01 -47.11
C GLY H 223 -41.96 -27.85 -47.25
N ARG H 224 -42.45 -26.64 -47.00
CA ARG H 224 -41.79 -25.34 -47.27
C ARG H 224 -40.55 -25.05 -46.41
N PRO H 225 -39.47 -24.47 -47.01
CA PRO H 225 -38.33 -24.08 -46.19
C PRO H 225 -38.71 -23.00 -45.18
N ILE H 226 -38.51 -23.35 -43.92
CA ILE H 226 -38.72 -22.39 -42.85
C ILE H 226 -37.52 -22.34 -41.94
N VAL H 227 -37.16 -21.10 -41.61
CA VAL H 227 -35.98 -20.79 -40.84
C VAL H 227 -36.41 -20.73 -39.36
N LEU H 228 -35.64 -21.44 -38.50
CA LEU H 228 -35.90 -21.53 -37.04
C LEU H 228 -34.96 -20.63 -36.25
N SER H 229 -35.46 -19.51 -35.75
CA SER H 229 -34.77 -18.64 -34.80
C SER H 229 -35.39 -18.91 -33.40
N LEU H 230 -34.51 -18.97 -32.37
CA LEU H 230 -34.82 -19.27 -30.96
C LEU H 230 -34.51 -18.09 -30.09
N SER H 231 -35.48 -17.75 -29.24
CA SER H 231 -35.28 -16.81 -28.22
C SER H 231 -35.95 -17.40 -26.96
N PRO H 232 -35.81 -16.70 -25.78
CA PRO H 232 -34.83 -15.65 -25.61
C PRO H 232 -33.56 -16.36 -25.24
N GLY H 233 -32.48 -15.65 -24.96
CA GLY H 233 -31.30 -16.30 -24.38
C GLY H 233 -31.20 -15.75 -22.98
N PRO H 234 -30.06 -16.00 -22.32
CA PRO H 234 -28.85 -16.59 -22.87
C PRO H 234 -28.95 -18.03 -23.05
N ALA H 235 -28.35 -18.50 -24.11
CA ALA H 235 -28.43 -19.86 -24.50
C ALA H 235 -27.31 -20.66 -23.85
N PRO H 236 -27.65 -21.65 -22.98
CA PRO H 236 -26.63 -22.60 -22.47
C PRO H 236 -25.76 -23.07 -23.56
N LEU H 237 -24.45 -23.13 -23.32
CA LEU H 237 -23.55 -23.84 -24.19
C LEU H 237 -23.56 -25.30 -24.00
N ASP H 238 -24.13 -25.74 -22.90
CA ASP H 238 -24.15 -27.18 -22.61
C ASP H 238 -24.87 -27.97 -23.74
N HIS H 239 -25.88 -27.24 -24.25
CA HIS H 239 -26.76 -27.67 -25.32
C HIS H 239 -26.20 -27.16 -26.67
N ALA H 240 -24.94 -27.50 -26.96
CA ALA H 240 -24.29 -26.77 -28.05
C ALA H 240 -24.75 -27.43 -29.34
N THR H 241 -24.50 -28.73 -29.36
CA THR H 241 -24.95 -29.58 -30.42
C THR H 241 -26.46 -29.50 -30.71
N LEU H 242 -27.26 -29.54 -29.69
CA LEU H 242 -28.64 -29.56 -29.93
C LEU H 242 -28.96 -28.31 -30.72
N PHE H 243 -28.48 -27.17 -30.27
CA PHE H 243 -28.79 -25.91 -30.88
C PHE H 243 -28.27 -25.81 -32.31
N VAL H 244 -27.12 -26.43 -32.54
CA VAL H 244 -26.52 -26.39 -33.84
C VAL H 244 -27.32 -27.20 -34.82
N GLU H 245 -27.49 -28.46 -34.48
CA GLU H 245 -28.19 -29.44 -35.34
C GLU H 245 -29.69 -29.20 -35.55
N ASN H 246 -30.30 -28.23 -34.89
CA ASN H 246 -31.72 -28.11 -34.98
C ASN H 246 -32.17 -26.71 -35.17
N ALA H 247 -31.35 -25.71 -34.86
CA ALA H 247 -31.76 -24.36 -35.18
C ALA H 247 -30.84 -23.86 -36.29
N ASN H 248 -31.24 -22.69 -36.77
CA ASN H 248 -30.46 -21.89 -37.67
C ASN H 248 -30.03 -20.60 -36.93
N MET H 249 -30.86 -20.08 -36.04
CA MET H 249 -30.38 -19.06 -35.15
C MET H 249 -30.96 -19.12 -33.73
N TRP H 250 -30.08 -18.86 -32.76
CA TRP H 250 -30.41 -18.95 -31.34
C TRP H 250 -29.80 -17.85 -30.55
N ARG H 251 -30.62 -17.16 -29.80
CA ARG H 251 -30.16 -15.99 -29.05
C ARG H 251 -29.09 -16.42 -28.02
N MET H 252 -28.01 -15.62 -27.96
CA MET H 252 -26.91 -15.87 -27.03
CA MET H 252 -26.89 -15.81 -27.02
C MET H 252 -27.24 -15.10 -25.75
N THR H 253 -28.25 -14.27 -25.82
CA THR H 253 -28.42 -13.24 -24.86
C THR H 253 -29.90 -12.96 -24.64
N ASP H 254 -30.20 -12.31 -23.56
CA ASP H 254 -31.50 -11.84 -23.33
C ASP H 254 -31.73 -10.55 -24.14
N ASP H 255 -32.98 -10.17 -24.24
CA ASP H 255 -33.31 -9.07 -25.09
C ASP H 255 -32.21 -7.97 -25.15
N PHE H 256 -31.56 -7.85 -26.32
CA PHE H 256 -30.64 -6.72 -26.64
C PHE H 256 -31.35 -5.40 -26.84
N TRP H 257 -30.80 -4.35 -26.28
CA TRP H 257 -31.29 -2.99 -26.45
C TRP H 257 -30.15 -1.92 -26.59
N ASP H 258 -30.55 -0.70 -26.92
CA ASP H 258 -29.62 0.41 -27.10
C ASP H 258 -28.94 0.83 -25.80
N ARG H 259 -28.10 -0.05 -25.26
CA ARG H 259 -27.40 0.28 -24.01
C ARG H 259 -25.99 -0.25 -24.10
N TRP H 260 -25.03 0.64 -23.87
CA TRP H 260 -23.60 0.30 -24.00
C TRP H 260 -23.25 -0.96 -23.23
N GLU H 261 -23.69 -0.96 -21.96
CA GLU H 261 -23.48 -2.11 -21.08
C GLU H 261 -23.73 -3.42 -21.77
N LEU H 262 -24.80 -3.52 -22.53
CA LEU H 262 -25.14 -4.80 -23.27
C LEU H 262 -24.33 -5.02 -24.51
N LEU H 263 -23.94 -3.93 -25.17
CA LEU H 263 -23.00 -4.07 -26.27
C LEU H 263 -21.68 -4.57 -25.72
N TYR H 264 -21.25 -3.96 -24.61
CA TYR H 264 -19.98 -4.34 -24.00
C TYR H 264 -20.02 -5.84 -23.75
N ASP H 265 -21.10 -6.32 -23.10
CA ASP H 265 -21.26 -7.78 -22.76
C ASP H 265 -21.21 -8.74 -23.90
N MET H 266 -21.65 -8.32 -25.09
CA MET H 266 -21.73 -9.25 -26.25
CA MET H 266 -21.75 -9.20 -26.27
C MET H 266 -20.40 -9.78 -26.72
N PHE H 267 -19.35 -9.02 -26.48
CA PHE H 267 -18.03 -9.47 -26.89
C PHE H 267 -17.67 -10.80 -26.24
N GLU H 268 -18.03 -10.95 -24.97
CA GLU H 268 -17.72 -12.25 -24.32
C GLU H 268 -18.56 -13.38 -24.89
N GLN H 269 -19.83 -13.09 -25.21
CA GLN H 269 -20.73 -14.13 -25.81
C GLN H 269 -20.25 -14.55 -27.20
N CYS H 270 -19.86 -13.56 -28.04
CA CYS H 270 -19.27 -13.97 -29.35
C CYS H 270 -18.06 -14.86 -29.12
N TYR H 271 -17.22 -14.50 -28.15
CA TYR H 271 -15.99 -15.30 -27.85
C TYR H 271 -16.40 -16.73 -27.45
N LYS H 272 -17.32 -16.83 -26.49
CA LYS H 272 -17.81 -18.15 -26.04
C LYS H 272 -18.41 -19.02 -27.14
N TRP H 273 -19.16 -18.37 -28.05
CA TRP H 273 -19.95 -19.10 -29.10
C TRP H 273 -19.25 -19.31 -30.46
N CYS H 274 -18.07 -18.70 -30.59
CA CYS H 274 -17.37 -18.50 -31.87
C CYS H 274 -17.09 -19.76 -32.63
N LYS H 275 -16.90 -20.88 -31.96
CA LYS H 275 -16.55 -22.15 -32.64
C LYS H 275 -17.77 -22.99 -33.09
N LEU H 276 -19.00 -22.53 -32.83
CA LEU H 276 -20.17 -23.21 -33.36
C LEU H 276 -20.84 -22.34 -34.43
N VAL H 277 -20.17 -21.26 -34.87
CA VAL H 277 -20.69 -20.39 -35.93
C VAL H 277 -20.37 -21.06 -37.24
N GLY H 278 -21.35 -21.21 -38.11
CA GLY H 278 -21.20 -22.06 -39.30
C GLY H 278 -22.39 -22.01 -40.24
N LEU H 279 -22.21 -22.57 -41.42
CA LEU H 279 -23.22 -22.56 -42.48
C LEU H 279 -24.45 -23.33 -42.05
N GLY H 280 -25.57 -22.61 -41.98
CA GLY H 280 -26.80 -23.20 -41.54
C GLY H 280 -27.15 -22.91 -40.10
N HIS H 281 -26.16 -22.52 -39.27
CA HIS H 281 -26.35 -22.42 -37.81
C HIS H 281 -25.64 -21.28 -37.11
N TRP H 282 -26.38 -20.24 -36.83
CA TRP H 282 -25.84 -18.97 -36.45
C TRP H 282 -26.20 -18.61 -35.02
N PRO H 283 -25.22 -18.64 -34.14
CA PRO H 283 -25.40 -17.96 -32.88
C PRO H 283 -25.85 -16.52 -33.11
N ASP H 284 -26.90 -16.08 -32.41
CA ASP H 284 -27.61 -14.86 -32.74
C ASP H 284 -27.41 -13.80 -31.64
N ALA H 285 -26.95 -12.63 -32.05
CA ALA H 285 -26.54 -11.62 -31.11
C ALA H 285 -27.68 -10.75 -30.94
N ASP H 286 -28.83 -11.17 -31.49
CA ASP H 286 -30.09 -10.41 -31.45
C ASP H 286 -30.17 -9.13 -32.36
N MET H 287 -31.26 -8.40 -32.24
CA MET H 287 -31.66 -7.42 -33.20
C MET H 287 -31.05 -6.05 -32.89
N LEU H 288 -31.11 -5.15 -33.88
CA LEU H 288 -30.33 -3.94 -33.86
C LEU H 288 -31.13 -2.72 -33.52
N PRO H 289 -30.98 -2.20 -32.30
CA PRO H 289 -31.63 -0.94 -31.91
C PRO H 289 -31.03 0.30 -32.62
N LEU H 290 -31.31 0.35 -33.93
CA LEU H 290 -30.89 1.39 -34.86
C LEU H 290 -32.09 2.24 -35.35
N GLY H 291 -31.94 3.56 -35.33
CA GLY H 291 -32.94 4.47 -35.87
C GLY H 291 -34.07 4.79 -34.91
N HIS H 292 -35.32 4.70 -35.41
CA HIS H 292 -36.55 4.98 -34.64
C HIS H 292 -37.04 3.72 -34.02
N ILE H 293 -37.05 3.74 -32.69
CA ILE H 293 -37.45 2.57 -31.88
C ILE H 293 -38.23 3.04 -30.67
N GLY H 294 -38.87 2.03 -30.05
CA GLY H 294 -39.77 2.23 -28.92
C GLY H 294 -40.87 3.26 -29.21
N ILE H 295 -41.53 3.11 -30.36
CA ILE H 295 -42.67 4.00 -30.64
C ILE H 295 -43.89 3.49 -29.91
N ARG H 296 -44.06 2.16 -29.90
CA ARG H 296 -45.02 1.47 -29.03
C ARG H 296 -44.34 0.29 -28.28
N SER H 297 -43.07 0.47 -27.91
CA SER H 297 -42.39 -0.34 -26.93
C SER H 297 -41.88 0.56 -25.84
N VAL H 298 -41.87 -0.04 -24.66
CA VAL H 298 -41.48 0.66 -23.45
C VAL H 298 -40.21 0.00 -22.84
N ASP H 299 -39.75 -1.08 -23.47
CA ASP H 299 -38.57 -1.83 -23.09
C ASP H 299 -37.17 -1.05 -23.20
N GLY H 300 -36.11 -1.72 -22.68
CA GLY H 300 -34.74 -1.19 -22.52
C GLY H 300 -34.58 0.14 -21.79
N GLY H 301 -35.57 0.54 -21.04
CA GLY H 301 -35.52 1.80 -20.29
C GLY H 301 -35.84 3.08 -21.05
N GLY H 302 -36.45 2.96 -22.21
CA GLY H 302 -36.76 4.16 -22.96
C GLY H 302 -38.06 4.10 -23.70
N THR H 303 -38.52 5.28 -24.07
CA THR H 303 -39.70 5.45 -24.86
C THR H 303 -39.30 5.77 -26.28
N ASP H 304 -40.20 6.45 -26.98
CA ASP H 304 -40.09 6.78 -28.38
C ASP H 304 -38.80 7.55 -28.58
N ARG H 305 -37.91 7.04 -29.42
CA ARG H 305 -36.57 7.62 -29.49
C ARG H 305 -35.81 7.16 -30.70
N MET H 306 -34.83 8.00 -31.09
CA MET H 306 -33.72 7.55 -31.94
C MET H 306 -32.71 6.78 -31.04
N THR H 307 -32.22 5.66 -31.55
CA THR H 307 -31.32 4.83 -30.76
C THR H 307 -30.40 5.67 -29.89
N ARG H 308 -30.15 5.22 -28.66
CA ARG H 308 -29.31 5.96 -27.75
C ARG H 308 -27.81 5.62 -27.95
N PHE H 309 -27.53 4.56 -28.70
CA PHE H 309 -26.20 4.30 -29.22
C PHE H 309 -25.60 5.55 -29.97
N THR H 310 -24.37 5.91 -29.64
CA THR H 310 -23.63 6.94 -30.40
C THR H 310 -23.35 6.32 -31.78
N LYS H 311 -22.98 7.18 -32.73
CA LYS H 311 -22.49 6.64 -34.01
C LYS H 311 -21.29 5.66 -33.84
N ASP H 312 -20.32 5.97 -32.99
CA ASP H 312 -19.22 4.98 -32.75
C ASP H 312 -19.81 3.66 -32.22
N GLU H 313 -20.74 3.78 -31.28
CA GLU H 313 -21.38 2.57 -30.71
C GLU H 313 -22.09 1.77 -31.78
N GLN H 314 -22.85 2.44 -32.63
CA GLN H 314 -23.53 1.68 -33.71
C GLN H 314 -22.60 1.05 -34.64
N ARG H 315 -21.52 1.74 -35.00
CA ARG H 315 -20.53 1.08 -35.86
C ARG H 315 -19.90 -0.13 -35.23
N THR H 316 -19.53 -0.01 -33.92
CA THR H 316 -18.81 -1.14 -33.28
C THR H 316 -19.85 -2.22 -33.11
N MET H 317 -21.10 -1.88 -32.76
CA MET H 317 -22.15 -2.97 -32.89
C MET H 317 -22.16 -3.65 -34.28
N MET H 318 -22.42 -2.86 -35.32
CA MET H 318 -22.45 -3.49 -36.67
C MET H 318 -21.21 -4.29 -36.94
N THR H 319 -20.04 -3.77 -36.55
CA THR H 319 -18.79 -4.43 -36.93
C THR H 319 -18.61 -5.78 -36.25
N LEU H 320 -18.99 -5.84 -34.98
CA LEU H 320 -18.92 -7.12 -34.27
C LEU H 320 -19.96 -8.11 -34.83
N TRP H 321 -21.20 -7.66 -34.99
CA TRP H 321 -22.21 -8.62 -35.58
C TRP H 321 -21.73 -9.06 -36.97
N ILE H 322 -21.24 -8.08 -37.77
CA ILE H 322 -20.72 -8.41 -39.12
C ILE H 322 -19.66 -9.47 -39.12
N ILE H 323 -18.60 -9.21 -38.37
CA ILE H 323 -17.47 -10.11 -38.47
C ILE H 323 -17.73 -11.40 -37.74
N PHE H 324 -18.51 -11.33 -36.63
CA PHE H 324 -18.91 -12.55 -35.91
C PHE H 324 -19.79 -13.43 -36.82
N ARG H 325 -20.76 -12.77 -37.46
CA ARG H 325 -21.80 -13.43 -38.29
C ARG H 325 -23.16 -13.66 -37.64
N SER H 326 -23.43 -12.81 -36.67
CA SER H 326 -24.77 -12.62 -36.18
C SER H 326 -25.76 -12.28 -37.33
N PRO H 327 -26.85 -13.03 -37.40
CA PRO H 327 -28.01 -12.58 -38.05
C PRO H 327 -28.28 -11.08 -37.86
N LEU H 328 -28.53 -10.43 -38.99
CA LEU H 328 -28.83 -9.02 -38.91
C LEU H 328 -30.32 -8.86 -39.02
N MET H 329 -30.89 -8.09 -38.07
CA MET H 329 -32.32 -7.90 -37.94
C MET H 329 -32.59 -6.52 -37.44
N PHE H 330 -32.97 -5.66 -38.37
CA PHE H 330 -33.04 -4.26 -38.04
C PHE H 330 -34.31 -4.14 -37.23
N GLY H 331 -34.38 -3.26 -36.24
CA GLY H 331 -35.53 -3.25 -35.39
C GLY H 331 -36.08 -1.88 -35.22
N GLY H 332 -35.60 -0.91 -36.00
CA GLY H 332 -36.23 0.42 -36.04
C GLY H 332 -37.32 0.53 -37.10
N GLU H 333 -38.09 1.62 -37.02
CA GLU H 333 -39.03 2.00 -38.08
C GLU H 333 -38.26 2.58 -39.28
N LEU H 334 -37.92 1.69 -40.22
CA LEU H 334 -37.12 2.04 -41.43
C LEU H 334 -37.48 3.41 -42.04
N ARG H 335 -38.74 3.59 -42.41
CA ARG H 335 -39.19 4.87 -42.94
C ARG H 335 -38.64 6.10 -42.19
N ASP H 336 -38.37 6.04 -40.87
CA ASP H 336 -37.79 7.21 -40.20
C ASP H 336 -36.26 7.23 -40.20
N ASN H 337 -35.62 6.28 -40.88
CA ASN H 337 -34.17 6.33 -41.12
C ASN H 337 -33.69 7.66 -41.59
N ASP H 338 -32.43 7.91 -41.29
CA ASP H 338 -31.68 8.99 -41.92
C ASP H 338 -30.64 8.38 -42.83
N GLU H 339 -29.92 9.23 -43.55
CA GLU H 339 -28.96 8.74 -44.53
C GLU H 339 -27.86 8.00 -43.77
N TRP H 340 -27.47 8.60 -42.64
CA TRP H 340 -26.58 7.92 -41.66
C TRP H 340 -27.04 6.49 -41.30
N THR H 341 -28.25 6.32 -40.76
CA THR H 341 -28.67 4.96 -40.40
C THR H 341 -28.57 4.04 -41.61
N LEU H 342 -29.06 4.51 -42.75
CA LEU H 342 -29.07 3.71 -44.01
C LEU H 342 -27.66 3.33 -44.49
N SER H 343 -26.73 4.29 -44.35
CA SER H 343 -25.29 4.02 -44.59
C SER H 343 -24.78 2.80 -43.86
N LEU H 344 -25.20 2.64 -42.59
CA LEU H 344 -24.83 1.38 -41.86
C LEU H 344 -25.26 0.11 -42.58
N LEU H 345 -26.30 0.17 -43.41
CA LEU H 345 -26.97 -1.03 -43.96
C LEU H 345 -26.58 -1.46 -45.39
N THR H 346 -26.04 -0.50 -46.13
CA THR H 346 -25.91 -0.62 -47.58
C THR H 346 -24.47 -0.95 -48.03
N ASN H 347 -23.50 -0.65 -47.18
CA ASN H 347 -22.10 -0.92 -47.52
C ASN H 347 -21.79 -2.37 -47.92
N GLU H 348 -21.56 -2.54 -49.22
CA GLU H 348 -21.27 -3.85 -49.76
C GLU H 348 -19.95 -4.37 -49.24
N GLU H 349 -19.03 -3.48 -48.88
CA GLU H 349 -17.68 -3.94 -48.58
C GLU H 349 -17.65 -4.62 -47.18
N VAL H 350 -18.23 -3.91 -46.22
CA VAL H 350 -18.49 -4.40 -44.87
C VAL H 350 -19.22 -5.76 -44.96
N LEU H 351 -20.29 -5.86 -45.76
CA LEU H 351 -21.10 -7.09 -45.85
C LEU H 351 -20.40 -8.29 -46.48
N HIS H 352 -19.28 -8.11 -47.16
CA HIS H 352 -18.58 -9.29 -47.73
C HIS H 352 -17.94 -10.14 -46.62
N VAL H 353 -17.76 -9.51 -45.46
CA VAL H 353 -17.16 -10.25 -44.36
C VAL H 353 -18.24 -11.15 -43.77
N HIS H 354 -19.40 -10.53 -43.46
CA HIS H 354 -20.64 -11.21 -42.96
C HIS H 354 -21.21 -12.24 -43.91
N GLN H 355 -20.92 -12.13 -45.24
CA GLN H 355 -21.36 -13.11 -46.28
C GLN H 355 -20.38 -14.22 -46.66
N ASN H 356 -19.11 -13.89 -46.79
CA ASN H 356 -18.08 -14.84 -47.29
C ASN H 356 -16.95 -15.05 -46.26
N GLY H 357 -16.94 -14.25 -45.20
CA GLY H 357 -16.01 -14.45 -44.10
C GLY H 357 -16.15 -15.82 -43.44
N TYR H 358 -15.07 -16.28 -42.84
CA TYR H 358 -15.13 -17.47 -41.99
C TYR H 358 -13.92 -17.57 -41.03
N GLY H 359 -14.09 -18.32 -39.93
CA GLY H 359 -13.07 -18.46 -38.87
C GLY H 359 -13.01 -17.29 -37.91
N ALA H 360 -14.04 -16.46 -37.84
CA ALA H 360 -14.03 -15.32 -36.93
C ALA H 360 -13.58 -15.76 -35.55
N ARG H 361 -12.45 -15.20 -35.09
CA ARG H 361 -11.85 -15.57 -33.82
C ARG H 361 -11.36 -14.32 -33.10
N GLN H 362 -11.41 -14.40 -31.77
CA GLN H 362 -10.84 -13.37 -30.93
C GLN H 362 -9.36 -13.60 -31.00
N VAL H 363 -8.64 -12.56 -31.44
CA VAL H 363 -7.18 -12.63 -31.45
C VAL H 363 -6.71 -12.32 -30.06
N TYR H 364 -7.26 -11.31 -29.44
CA TYR H 364 -6.94 -11.06 -28.05
C TYR H 364 -7.91 -10.07 -27.50
N ARG H 365 -7.97 -10.10 -26.18
CA ARG H 365 -8.68 -9.13 -25.42
C ARG H 365 -7.78 -8.79 -24.23
N GLU H 366 -7.46 -7.52 -24.07
CA GLU H 366 -6.51 -7.05 -23.08
C GLU H 366 -6.84 -5.64 -22.89
N ASN H 367 -6.93 -5.24 -21.62
CA ASN H 367 -7.26 -3.88 -21.23
C ASN H 367 -8.46 -3.28 -21.94
N ASP H 368 -9.45 -4.11 -22.25
CA ASP H 368 -10.65 -3.63 -22.94
C ASP H 368 -10.36 -3.12 -24.37
N HIS H 369 -9.43 -3.84 -25.00
CA HIS H 369 -9.10 -3.66 -26.39
C HIS H 369 -9.20 -5.04 -26.89
N VAL H 370 -9.95 -5.19 -27.99
CA VAL H 370 -10.22 -6.49 -28.58
C VAL H 370 -9.99 -6.47 -30.07
N VAL H 371 -9.49 -7.59 -30.54
CA VAL H 371 -9.20 -7.75 -31.94
C VAL H 371 -9.72 -9.10 -32.36
N TRP H 372 -10.60 -9.04 -33.35
CA TRP H 372 -11.14 -10.20 -34.04
C TRP H 372 -10.58 -10.24 -35.47
N THR H 373 -10.38 -11.43 -35.98
CA THR H 373 -10.10 -11.58 -37.37
C THR H 373 -10.78 -12.82 -37.97
N SER H 374 -11.30 -12.65 -39.17
CA SER H 374 -11.66 -13.76 -40.05
C SER H 374 -10.99 -13.60 -41.44
N GLN H 375 -11.39 -14.46 -42.36
CA GLN H 375 -10.90 -14.42 -43.73
C GLN H 375 -11.92 -14.85 -44.75
N ASP H 376 -11.58 -14.66 -46.03
CA ASP H 376 -12.33 -15.33 -47.09
C ASP H 376 -11.50 -16.38 -47.76
N ALA H 377 -12.06 -16.96 -48.81
CA ALA H 377 -11.41 -18.04 -49.54
C ALA H 377 -10.40 -17.53 -50.59
N GLU H 378 -10.49 -16.25 -50.95
CA GLU H 378 -9.54 -15.56 -51.83
C GLU H 378 -8.27 -15.11 -51.08
N GLY H 379 -8.04 -15.58 -49.86
CA GLY H 379 -6.88 -15.15 -49.08
C GLY H 379 -6.88 -13.72 -48.52
N ASN H 380 -7.97 -12.97 -48.67
CA ASN H 380 -8.13 -11.76 -47.88
C ASN H 380 -8.20 -12.15 -46.40
N GLN H 381 -8.05 -11.14 -45.54
CA GLN H 381 -8.13 -11.34 -44.10
C GLN H 381 -8.76 -10.11 -43.47
N PHE H 382 -9.80 -10.33 -42.67
CA PHE H 382 -10.53 -9.19 -42.17
C PHE H 382 -10.15 -9.02 -40.73
N VAL H 383 -10.09 -7.76 -40.27
CA VAL H 383 -9.72 -7.56 -38.91
C VAL H 383 -10.46 -6.44 -38.36
N ALA H 384 -11.10 -6.76 -37.22
CA ALA H 384 -11.90 -5.78 -36.48
C ALA H 384 -11.18 -5.52 -35.18
N MET H 385 -11.10 -4.25 -34.82
CA MET H 385 -10.24 -3.83 -33.76
C MET H 385 -11.09 -2.91 -32.99
N PHE H 386 -11.17 -3.10 -31.67
CA PHE H 386 -12.16 -2.36 -30.88
C PHE H 386 -11.53 -1.86 -29.60
N ASN H 387 -11.93 -0.69 -29.18
CA ASN H 387 -11.59 -0.18 -27.93
C ASN H 387 -12.93 -0.14 -27.21
N ILE H 388 -13.09 -1.04 -26.23
CA ILE H 388 -14.34 -1.06 -25.44
C ILE H 388 -14.17 -0.49 -24.03
N SER H 389 -13.16 0.37 -23.90
CA SER H 389 -12.76 0.93 -22.64
C SER H 389 -13.37 2.28 -22.63
N GLU H 390 -13.11 3.02 -21.57
CA GLU H 390 -13.58 4.38 -21.45
C GLU H 390 -12.45 5.35 -21.85
N LYS H 391 -11.36 4.87 -22.42
CA LYS H 391 -10.22 5.73 -22.65
C LYS H 391 -9.73 5.66 -24.06
N ARG H 392 -9.50 6.82 -24.65
CA ARG H 392 -8.76 6.91 -25.92
C ARG H 392 -7.44 6.15 -25.78
N SER H 393 -7.18 5.24 -26.71
CA SER H 393 -5.89 4.60 -26.82
C SER H 393 -5.63 4.07 -28.23
N VAL H 394 -4.37 3.78 -28.50
CA VAL H 394 -3.96 3.16 -29.74
C VAL H 394 -4.18 1.69 -29.54
N VAL H 395 -4.85 1.03 -30.49
CA VAL H 395 -5.09 -0.40 -30.39
C VAL H 395 -4.29 -1.06 -31.51
N SER H 396 -3.53 -2.07 -31.18
CA SER H 396 -2.63 -2.63 -32.16
C SER H 396 -2.62 -4.14 -32.19
N VAL H 397 -2.21 -4.67 -33.32
CA VAL H 397 -2.01 -6.09 -33.45
C VAL H 397 -0.94 -6.37 -34.49
N SER H 398 -0.16 -7.42 -34.27
CA SER H 398 0.90 -7.71 -35.20
C SER H 398 0.41 -8.67 -36.29
N LEU H 399 0.92 -8.51 -37.51
CA LEU H 399 0.61 -9.45 -38.61
C LEU H 399 0.96 -10.88 -38.24
N LYS H 400 2.03 -11.08 -37.49
CA LYS H 400 2.36 -12.42 -36.99
C LYS H 400 1.14 -13.01 -36.24
N ASP H 401 0.67 -12.34 -35.21
CA ASP H 401 -0.47 -12.80 -34.44
C ASP H 401 -1.69 -13.05 -35.30
N LEU H 402 -1.76 -12.38 -36.45
CA LEU H 402 -2.85 -12.54 -37.37
C LEU H 402 -2.71 -13.77 -38.29
N GLY H 403 -1.56 -14.44 -38.26
CA GLY H 403 -1.22 -15.44 -39.29
C GLY H 403 -0.53 -14.90 -40.55
N CYS H 404 -0.78 -13.64 -40.94
CA CYS H 404 -0.22 -13.06 -42.19
C CYS H 404 1.30 -13.05 -42.25
N MET H 405 1.85 -13.96 -43.03
CA MET H 405 3.28 -14.23 -43.07
C MET H 405 4.12 -13.10 -43.74
N GLU H 406 3.60 -12.42 -44.77
CA GLU H 406 4.33 -11.32 -45.43
C GLU H 406 3.49 -10.03 -45.41
N PRO H 407 4.05 -8.89 -45.93
CA PRO H 407 3.30 -7.63 -45.83
C PRO H 407 2.13 -7.52 -46.75
N MET H 408 1.19 -6.68 -46.35
CA MET H 408 -0.15 -6.65 -46.88
C MET H 408 -0.58 -5.22 -47.05
N LYS H 409 -1.54 -5.01 -47.94
CA LYS H 409 -2.14 -3.73 -48.11
C LYS H 409 -3.36 -3.73 -47.18
N ALA H 410 -3.95 -2.59 -46.90
CA ALA H 410 -5.01 -2.53 -45.96
C ALA H 410 -5.99 -1.49 -46.38
N ARG H 411 -7.27 -1.75 -46.08
CA ARG H 411 -8.38 -0.93 -46.56
C ARG H 411 -9.40 -0.84 -45.41
N ASP H 412 -9.74 0.39 -45.01
CA ASP H 412 -10.82 0.66 -44.10
C ASP H 412 -12.18 0.54 -44.85
N LEU H 413 -12.92 -0.53 -44.53
CA LEU H 413 -14.15 -0.90 -45.21
C LEU H 413 -15.32 0.02 -44.93
N TRP H 414 -15.42 0.57 -43.74
CA TRP H 414 -16.45 1.53 -43.49
C TRP H 414 -16.19 2.79 -44.30
N ALA H 415 -14.99 3.35 -44.24
CA ALA H 415 -14.68 4.55 -45.01
C ALA H 415 -14.46 4.29 -46.52
N LYS H 416 -14.27 3.02 -46.89
CA LYS H 416 -14.06 2.58 -48.28
C LYS H 416 -12.88 3.34 -48.79
N GLU H 417 -11.70 2.98 -48.31
CA GLU H 417 -10.57 3.90 -48.37
C GLU H 417 -9.26 3.19 -48.03
N ASP H 418 -8.53 2.83 -49.09
CA ASP H 418 -7.19 2.20 -49.00
C ASP H 418 -6.29 2.97 -48.02
N LEU H 419 -5.43 2.24 -47.32
CA LEU H 419 -4.68 2.77 -46.15
C LEU H 419 -3.17 2.74 -46.32
N GLY H 420 -2.71 1.78 -47.13
CA GLY H 420 -1.35 1.68 -47.52
C GLY H 420 -0.87 0.31 -47.12
N LEU H 421 0.42 0.12 -47.30
CA LEU H 421 1.06 -1.14 -47.04
C LEU H 421 1.22 -1.24 -45.51
N VAL H 422 1.25 -2.46 -45.03
CA VAL H 422 1.40 -2.73 -43.62
C VAL H 422 2.44 -3.78 -43.54
N LYS H 423 3.55 -3.42 -42.91
CA LYS H 423 4.74 -4.26 -42.88
C LYS H 423 4.79 -5.20 -41.69
N HIS H 424 4.31 -4.74 -40.53
CA HIS H 424 4.56 -5.42 -39.24
C HIS H 424 3.43 -5.37 -38.20
N GLN H 425 2.77 -4.23 -38.09
CA GLN H 425 1.69 -4.11 -37.13
CA GLN H 425 1.77 -3.95 -37.05
C GLN H 425 0.62 -3.19 -37.65
N LEU H 426 -0.63 -3.60 -37.44
CA LEU H 426 -1.77 -2.74 -37.68
C LEU H 426 -2.05 -1.98 -36.43
N ALA H 427 -2.15 -0.66 -36.46
CA ALA H 427 -2.41 0.09 -35.25
C ALA H 427 -3.20 1.29 -35.64
N PHE H 428 -4.17 1.66 -34.79
CA PHE H 428 -4.97 2.88 -34.94
C PHE H 428 -5.24 3.52 -33.59
N GLU H 429 -5.51 4.82 -33.60
CA GLU H 429 -6.08 5.50 -32.48
C GLU H 429 -7.57 5.27 -32.55
N LEU H 430 -8.19 5.06 -31.41
CA LEU H 430 -9.57 4.61 -31.34
C LEU H 430 -10.12 5.18 -30.08
N GLY H 431 -11.14 6.00 -30.19
CA GLY H 431 -11.74 6.57 -29.00
C GLY H 431 -12.43 5.47 -28.20
N PRO H 432 -12.96 5.85 -27.05
CA PRO H 432 -13.69 4.87 -26.24
C PRO H 432 -14.97 4.46 -26.93
N HIS H 433 -15.16 3.16 -27.02
CA HIS H 433 -16.31 2.52 -27.69
C HIS H 433 -16.20 2.70 -29.20
N GLN H 434 -15.01 3.06 -29.69
CA GLN H 434 -14.83 3.17 -31.14
C GLN H 434 -14.11 1.95 -31.67
N SER H 435 -14.37 1.65 -32.95
CA SER H 435 -13.82 0.44 -33.62
C SER H 435 -13.42 0.77 -35.05
N ILE H 436 -12.69 -0.11 -35.70
CA ILE H 436 -12.38 0.04 -37.11
C ILE H 436 -12.43 -1.34 -37.70
N LEU H 437 -12.80 -1.46 -39.00
CA LEU H 437 -12.85 -2.76 -39.71
C LEU H 437 -12.02 -2.67 -40.97
N VAL H 438 -11.18 -3.65 -41.22
CA VAL H 438 -10.05 -3.47 -42.11
C VAL H 438 -9.88 -4.73 -42.88
N LYS H 439 -9.65 -4.59 -44.19
CA LYS H 439 -9.32 -5.74 -45.00
C LYS H 439 -7.84 -5.75 -45.31
N LEU H 440 -7.16 -6.85 -45.02
CA LEU H 440 -5.82 -7.04 -45.50
C LEU H 440 -5.87 -7.83 -46.76
N SER H 441 -5.06 -7.44 -47.75
CA SER H 441 -4.84 -8.22 -49.00
C SER H 441 -3.36 -8.19 -49.34
N PRO H 442 -2.80 -9.27 -49.91
CA PRO H 442 -1.35 -9.25 -50.18
C PRO H 442 -0.96 -8.13 -51.17
N ALA H 443 0.32 -7.74 -51.21
CA ALA H 443 0.80 -6.66 -52.12
C ALA H 443 1.55 -7.23 -53.37
N VAL H 444 1.58 -6.56 -54.54
CA VAL H 444 1.16 -5.15 -54.78
C VAL H 444 -0.35 -5.05 -55.02
#